data_2OTK
#
_entry.id   2OTK
#
loop_
_entity.id
_entity.type
_entity.pdbx_description
1 polymer 'Amyloid beta A4 protein'
2 polymer 'ZAb3 Affibody dimer'
#
loop_
_entity_poly.entity_id
_entity_poly.type
_entity_poly.pdbx_seq_one_letter_code
_entity_poly.pdbx_strand_id
1 'polypeptide(L)' DAEFRHDSGYEVHHQKLVFFAEDVGSNKGAIIGLMVGGVV C
2 'polypeptide(L)' GSSHHHHHHLQVDNKFNKEMASAGGEIVYLPNLNPDQLCAFIHSLHDDPSQSANLLAEAKKLNDAQAPKVD E,F
#
# COMPACT_ATOMS: atom_id res chain seq x y z
N LYS A 16 -1.26 -14.53 -4.03
CA LYS A 16 -1.72 -13.56 -3.05
C LYS A 16 -0.98 -12.22 -3.18
N LEU A 17 -1.67 -11.15 -2.78
CA LEU A 17 -1.10 -9.81 -2.80
C LEU A 17 -1.26 -9.18 -1.42
N VAL A 18 -0.30 -8.36 -1.03
CA VAL A 18 -0.32 -7.73 0.29
C VAL A 18 0.18 -6.29 0.21
N PHE A 19 -0.53 -5.37 0.88
CA PHE A 19 -0.14 -3.96 0.90
C PHE A 19 0.60 -3.65 2.19
N PHE A 20 1.75 -3.02 2.04
CA PHE A 20 2.56 -2.64 3.20
C PHE A 20 3.18 -1.25 3.03
N ALA A 21 3.50 -0.61 4.15
CA ALA A 21 4.12 0.71 4.12
C ALA A 21 5.52 0.63 4.72
N GLU A 22 6.50 1.19 4.00
CA GLU A 22 7.88 1.19 4.44
C GLU A 22 8.24 2.54 5.03
N ASP A 23 8.81 2.54 6.24
CA ASP A 23 9.23 3.78 6.89
C ASP A 23 10.52 4.24 6.24
N VAL A 24 10.46 5.40 5.59
CA VAL A 24 11.61 5.95 4.87
C VAL A 24 11.99 7.33 5.40
N GLY A 25 11.22 7.83 6.38
CA GLY A 25 11.48 9.15 6.95
C GLY A 25 11.26 10.20 5.87
N SER A 26 12.17 11.19 5.81
CA SER A 26 12.09 12.26 4.80
C SER A 26 10.73 12.96 4.80
N ASN A 27 10.48 13.75 3.76
CA ASN A 27 9.20 14.44 3.61
C ASN A 27 8.19 13.47 2.98
N LYS A 28 8.65 12.24 2.76
CA LYS A 28 7.84 11.18 2.16
C LYS A 28 7.14 10.35 3.23
N GLY A 29 7.59 10.46 4.49
CA GLY A 29 7.01 9.69 5.58
C GLY A 29 7.29 8.21 5.33
N ALA A 30 6.31 7.50 4.78
CA ALA A 30 6.45 6.09 4.43
C ALA A 30 6.12 5.90 2.95
N ILE A 31 6.53 4.75 2.39
CA ILE A 31 6.27 4.44 0.98
C ILE A 31 5.34 3.25 0.86
N ILE A 32 4.33 3.39 -0.01
CA ILE A 32 3.38 2.33 -0.24
C ILE A 32 3.95 1.33 -1.25
N GLY A 33 4.13 0.10 -0.79
CA GLY A 33 4.63 -0.98 -1.60
C GLY A 33 3.79 -2.22 -1.34
N LEU A 34 3.65 -3.07 -2.34
CA LEU A 34 2.86 -4.28 -2.19
C LEU A 34 3.66 -5.49 -2.63
N MET A 35 3.32 -6.61 -2.01
CA MET A 35 3.97 -7.88 -2.30
C MET A 35 3.13 -8.65 -3.30
N VAL A 36 3.80 -9.39 -4.19
CA VAL A 36 3.10 -10.16 -5.21
C VAL A 36 3.51 -11.64 -5.20
N GLY A 37 2.57 -12.49 -4.80
CA GLY A 37 2.76 -13.93 -4.80
C GLY A 37 3.70 -14.47 -3.73
N GLY A 38 3.24 -15.56 -3.10
CA GLY A 38 4.00 -16.28 -2.06
C GLY A 38 4.56 -15.36 -0.99
N VAL A 39 5.77 -15.70 -0.51
CA VAL A 39 6.43 -14.92 0.55
C VAL A 39 7.87 -14.60 0.15
N VAL A 40 8.31 -13.38 0.45
CA VAL A 40 9.67 -12.95 0.13
C VAL A 40 10.67 -13.50 1.17
N GLY B 25 8.66 -13.96 -3.43
CA GLY B 25 7.59 -13.03 -3.80
C GLY B 25 8.14 -11.75 -4.45
N GLU B 26 7.51 -11.34 -5.56
CA GLU B 26 7.90 -10.11 -6.26
C GLU B 26 7.25 -8.94 -5.54
N ILE B 27 8.07 -7.97 -5.12
CA ILE B 27 7.54 -6.82 -4.39
C ILE B 27 7.59 -5.55 -5.23
N VAL B 28 6.44 -4.87 -5.26
CA VAL B 28 6.23 -3.63 -6.03
C VAL B 28 6.13 -2.39 -5.12
N TYR B 29 6.64 -1.27 -5.62
CA TYR B 29 6.58 0.02 -4.91
C TYR B 29 5.94 1.07 -5.82
N LEU B 30 4.93 1.78 -5.29
CA LEU B 30 4.22 2.82 -6.08
C LEU B 30 4.23 4.17 -5.33
N PRO B 31 5.40 4.73 -5.08
CA PRO B 31 5.52 6.06 -4.38
C PRO B 31 5.01 7.20 -5.26
N ASN B 32 5.04 6.96 -6.57
CA ASN B 32 4.64 7.96 -7.56
C ASN B 32 3.12 8.05 -7.69
N LEU B 33 2.38 7.02 -7.25
CA LEU B 33 0.92 7.03 -7.37
C LEU B 33 0.29 7.82 -6.23
N ASN B 34 -0.63 8.71 -6.59
CA ASN B 34 -1.33 9.55 -5.61
C ASN B 34 -2.32 8.68 -4.80
N PRO B 35 -2.73 9.13 -3.62
CA PRO B 35 -3.68 8.36 -2.77
C PRO B 35 -4.94 7.92 -3.51
N ASP B 36 -5.45 8.80 -4.38
CA ASP B 36 -6.66 8.49 -5.15
C ASP B 36 -6.37 7.31 -6.09
N GLN B 37 -5.21 7.35 -6.74
CA GLN B 37 -4.80 6.31 -7.66
C GLN B 37 -4.58 4.99 -6.91
N LEU B 38 -3.84 5.06 -5.79
CA LEU B 38 -3.58 3.87 -4.97
C LEU B 38 -4.91 3.29 -4.45
N CYS B 39 -5.84 4.18 -4.12
CA CYS B 39 -7.16 3.76 -3.63
C CYS B 39 -7.92 3.07 -4.76
N ALA B 40 -7.85 3.66 -5.96
CA ALA B 40 -8.52 3.09 -7.14
C ALA B 40 -7.94 1.71 -7.44
N PHE B 41 -6.62 1.65 -7.43
CA PHE B 41 -5.88 0.43 -7.69
C PHE B 41 -6.23 -0.64 -6.65
N ILE B 42 -6.12 -0.26 -5.37
CA ILE B 42 -6.41 -1.18 -4.27
C ILE B 42 -7.84 -1.71 -4.30
N HIS B 43 -8.80 -0.89 -4.75
CA HIS B 43 -10.20 -1.33 -4.82
C HIS B 43 -10.35 -2.34 -5.96
N SER B 44 -9.80 -1.97 -7.11
CA SER B 44 -9.86 -2.83 -8.30
C SER B 44 -9.06 -4.12 -8.06
N LEU B 45 -7.92 -3.97 -7.38
CA LEU B 45 -7.05 -5.10 -7.07
C LEU B 45 -7.78 -6.09 -6.16
N HIS B 46 -8.51 -5.54 -5.18
CA HIS B 46 -9.27 -6.35 -4.24
C HIS B 46 -10.50 -6.97 -4.91
N ASP B 47 -11.27 -6.13 -5.62
CA ASP B 47 -12.50 -6.57 -6.30
C ASP B 47 -12.23 -7.67 -7.33
N ASP B 48 -11.10 -7.56 -8.05
CA ASP B 48 -10.74 -8.54 -9.08
C ASP B 48 -9.38 -9.19 -8.76
N PRO B 49 -9.34 -10.17 -7.88
CA PRO B 49 -8.08 -10.87 -7.50
C PRO B 49 -7.51 -11.68 -8.67
N SER B 50 -8.40 -12.22 -9.50
CA SER B 50 -7.99 -13.01 -10.66
C SER B 50 -7.18 -12.14 -11.64
N GLN B 51 -7.58 -10.86 -11.73
CA GLN B 51 -6.90 -9.91 -12.61
C GLN B 51 -5.82 -9.13 -11.87
N SER B 52 -5.49 -9.57 -10.64
CA SER B 52 -4.47 -8.88 -9.83
C SER B 52 -3.15 -8.68 -10.57
N ALA B 53 -2.72 -9.70 -11.33
CA ALA B 53 -1.47 -9.59 -12.09
C ALA B 53 -1.58 -8.57 -13.22
N ASN B 54 -2.66 -8.66 -14.00
CA ASN B 54 -2.89 -7.74 -15.12
C ASN B 54 -3.04 -6.31 -14.60
N LEU B 55 -3.87 -6.14 -13.56
CA LEU B 55 -4.12 -4.83 -12.97
C LEU B 55 -2.82 -4.22 -12.46
N LEU B 56 -1.97 -5.06 -11.87
CA LEU B 56 -0.68 -4.59 -11.36
C LEU B 56 0.18 -4.07 -12.51
N ALA B 57 0.09 -4.74 -13.66
CA ALA B 57 0.84 -4.33 -14.84
C ALA B 57 0.53 -2.86 -15.14
N GLU B 58 -0.74 -2.49 -14.90
CA GLU B 58 -1.19 -1.12 -15.13
C GLU B 58 -0.64 -0.19 -14.08
N ALA B 59 -0.56 -0.68 -12.84
CA ALA B 59 -0.05 0.15 -11.77
C ALA B 59 1.44 0.35 -11.99
N LYS B 60 2.07 -0.67 -12.56
CA LYS B 60 3.48 -0.59 -12.90
C LYS B 60 3.60 0.43 -14.03
N LYS B 61 2.60 0.42 -14.94
CA LYS B 61 2.54 1.39 -16.02
C LYS B 61 2.38 2.78 -15.38
N LEU B 62 1.55 2.83 -14.31
CA LEU B 62 1.36 4.09 -13.59
C LEU B 62 2.65 4.49 -12.91
N ASN B 63 3.37 3.48 -12.41
CA ASN B 63 4.63 3.74 -11.74
C ASN B 63 5.55 4.51 -12.68
N ASP B 64 5.46 4.15 -13.97
CA ASP B 64 6.22 4.82 -15.01
C ASP B 64 5.51 6.10 -15.48
N ALA B 65 4.17 6.04 -15.52
CA ALA B 65 3.35 7.18 -15.99
C ALA B 65 3.34 8.34 -14.98
N GLN B 66 3.56 8.01 -13.72
CA GLN B 66 3.57 9.00 -12.64
C GLN B 66 5.02 9.29 -12.22
N ALA B 67 5.94 8.59 -12.89
CA ALA B 67 7.36 8.68 -12.63
C ALA B 67 7.87 10.13 -12.61
N GLY C 25 13.77 1.78 6.77
CA GLY C 25 13.20 1.88 8.11
C GLY C 25 12.28 0.70 8.42
N GLU C 26 11.44 0.88 9.44
CA GLU C 26 10.51 -0.15 9.85
C GLU C 26 9.46 -0.35 8.76
N ILE C 27 9.03 -1.60 8.61
CA ILE C 27 8.03 -1.94 7.61
C ILE C 27 6.77 -2.49 8.29
N VAL C 28 5.62 -2.15 7.71
CA VAL C 28 4.32 -2.58 8.23
C VAL C 28 3.48 -3.20 7.12
N TYR C 29 3.09 -4.48 7.30
CA TYR C 29 2.27 -5.19 6.32
C TYR C 29 0.80 -5.19 6.74
N LEU C 30 -0.08 -4.98 5.75
CA LEU C 30 -1.54 -4.93 6.00
C LEU C 30 -2.25 -6.09 5.27
N PRO C 31 -2.10 -7.32 5.73
CA PRO C 31 -2.77 -8.51 5.11
C PRO C 31 -4.25 -8.66 5.50
N ASN C 32 -4.51 -8.69 6.81
CA ASN C 32 -5.88 -8.87 7.32
C ASN C 32 -6.65 -7.54 7.40
N LEU C 33 -6.04 -6.46 6.91
CA LEU C 33 -6.68 -5.14 6.93
C LEU C 33 -7.78 -5.08 5.86
N ASN C 34 -8.76 -4.18 6.04
CA ASN C 34 -9.84 -4.04 5.06
C ASN C 34 -9.40 -3.05 3.97
N PRO C 35 -9.76 -3.30 2.71
CA PRO C 35 -9.35 -2.41 1.58
C PRO C 35 -9.72 -0.95 1.79
N ASP C 36 -10.91 -0.69 2.34
CA ASP C 36 -11.34 0.68 2.61
C ASP C 36 -10.40 1.29 3.65
N GLN C 37 -9.97 0.45 4.61
CA GLN C 37 -9.03 0.88 5.63
C GLN C 37 -7.70 1.26 4.97
N LEU C 38 -7.31 0.47 3.95
CA LEU C 38 -6.07 0.74 3.20
C LEU C 38 -6.15 2.12 2.55
N CYS C 39 -7.30 2.41 1.92
CA CYS C 39 -7.48 3.71 1.27
C CYS C 39 -7.36 4.84 2.28
N ALA C 40 -8.03 4.68 3.42
CA ALA C 40 -7.98 5.67 4.50
C ALA C 40 -6.56 5.77 5.04
N PHE C 41 -5.89 4.62 5.11
CA PHE C 41 -4.51 4.56 5.59
C PHE C 41 -3.59 5.36 4.67
N ILE C 42 -3.63 5.05 3.37
CA ILE C 42 -2.79 5.75 2.39
C ILE C 42 -3.09 7.25 2.40
N HIS C 43 -4.36 7.59 2.62
CA HIS C 43 -4.77 8.99 2.70
C HIS C 43 -4.07 9.67 3.87
N SER C 44 -4.05 8.99 5.03
CA SER C 44 -3.42 9.53 6.23
C SER C 44 -1.89 9.67 6.04
N LEU C 45 -1.26 8.73 5.31
CA LEU C 45 0.18 8.80 5.06
C LEU C 45 0.51 10.09 4.30
N HIS C 46 -0.38 10.46 3.37
CA HIS C 46 -0.20 11.66 2.54
C HIS C 46 -0.53 12.96 3.31
N ASP C 47 -1.53 12.90 4.19
CA ASP C 47 -1.96 14.09 4.94
C ASP C 47 -0.79 14.73 5.71
N ASP C 48 0.08 13.90 6.28
CA ASP C 48 1.23 14.41 7.03
C ASP C 48 2.34 13.34 7.07
N PRO C 49 3.46 13.58 6.38
CA PRO C 49 4.60 12.60 6.35
C PRO C 49 5.08 12.17 7.74
N SER C 50 5.12 13.10 8.68
CA SER C 50 5.57 12.79 10.04
C SER C 50 4.64 11.78 10.70
N GLN C 51 3.33 11.90 10.42
CA GLN C 51 2.33 11.00 11.00
C GLN C 51 2.43 9.58 10.45
N SER C 52 2.98 9.41 9.24
CA SER C 52 3.08 8.08 8.62
C SER C 52 3.61 7.03 9.59
N ALA C 53 4.63 7.40 10.36
CA ALA C 53 5.23 6.50 11.34
C ALA C 53 4.20 6.10 12.42
N ASN C 54 3.50 7.10 12.98
CA ASN C 54 2.49 6.82 14.00
C ASN C 54 1.33 6.04 13.39
N LEU C 55 0.94 6.43 12.18
CA LEU C 55 -0.14 5.78 11.45
C LEU C 55 0.22 4.33 11.19
N LEU C 56 1.51 4.09 10.96
CA LEU C 56 2.01 2.74 10.71
C LEU C 56 1.74 1.85 11.93
N ALA C 57 1.88 2.43 13.12
CA ALA C 57 1.63 1.69 14.35
C ALA C 57 0.17 1.26 14.42
N GLU C 58 -0.74 2.24 14.38
CA GLU C 58 -2.18 1.96 14.43
C GLU C 58 -2.60 1.06 13.28
N ALA C 59 -2.12 1.37 12.07
CA ALA C 59 -2.44 0.59 10.88
C ALA C 59 -2.00 -0.85 11.09
N LYS C 60 -0.81 -1.01 11.65
CA LYS C 60 -0.29 -2.32 11.92
C LYS C 60 -1.14 -3.00 13.00
N LYS C 61 -1.61 -2.21 13.99
CA LYS C 61 -2.46 -2.76 15.05
C LYS C 61 -3.77 -3.29 14.47
N LEU C 62 -4.28 -2.61 13.43
CA LEU C 62 -5.52 -3.04 12.78
C LEU C 62 -5.36 -4.43 12.19
N ASN C 63 -4.19 -4.68 11.62
CA ASN C 63 -3.92 -6.00 11.03
C ASN C 63 -4.12 -7.06 12.12
N ASP C 64 -3.74 -6.70 13.35
CA ASP C 64 -3.90 -7.58 14.52
C ASP C 64 -5.34 -7.53 15.05
N ALA C 65 -5.93 -6.33 15.02
CA ALA C 65 -7.30 -6.11 15.49
C ALA C 65 -8.33 -6.76 14.56
N GLN C 66 -8.01 -6.79 13.27
CA GLN C 66 -8.89 -7.36 12.25
C GLN C 66 -8.46 -8.78 11.89
N ALA C 67 -7.36 -9.22 12.49
CA ALA C 67 -6.81 -10.54 12.26
C ALA C 67 -7.81 -11.63 12.67
N LYS A 16 -1.20 -14.34 -4.33
CA LYS A 16 -1.41 -13.38 -3.24
C LYS A 16 -0.61 -12.09 -3.39
N LEU A 17 -1.27 -10.99 -2.99
CA LEU A 17 -0.68 -9.66 -3.00
C LEU A 17 -0.83 -9.06 -1.60
N VAL A 18 0.13 -8.24 -1.18
CA VAL A 18 0.06 -7.64 0.17
C VAL A 18 0.50 -6.18 0.15
N PHE A 19 -0.33 -5.30 0.71
CA PHE A 19 -0.01 -3.88 0.78
C PHE A 19 0.76 -3.60 2.06
N PHE A 20 1.84 -2.86 1.92
CA PHE A 20 2.69 -2.53 3.06
C PHE A 20 3.30 -1.14 2.89
N ALA A 21 3.68 -0.54 4.02
CA ALA A 21 4.31 0.77 4.03
C ALA A 21 5.71 0.66 4.63
N GLU A 22 6.69 1.26 3.94
CA GLU A 22 8.07 1.23 4.37
C GLU A 22 8.46 2.58 4.97
N ASP A 23 9.01 2.56 6.19
CA ASP A 23 9.44 3.79 6.86
C ASP A 23 10.74 4.24 6.22
N VAL A 24 10.71 5.42 5.61
CA VAL A 24 11.88 5.95 4.91
C VAL A 24 12.29 7.34 5.43
N GLY A 25 11.40 7.97 6.21
CA GLY A 25 11.66 9.31 6.73
C GLY A 25 11.89 10.25 5.56
N SER A 26 13.04 10.93 5.55
CA SER A 26 13.40 11.85 4.47
C SER A 26 12.27 12.84 4.14
N ASN A 27 11.45 13.15 5.16
CA ASN A 27 10.30 14.05 5.02
C ASN A 27 9.24 13.46 4.09
N LYS A 28 9.47 12.20 3.69
CA LYS A 28 8.53 11.47 2.83
C LYS A 28 7.65 10.54 3.67
N GLY A 29 7.94 10.48 4.97
CA GLY A 29 7.20 9.61 5.88
C GLY A 29 7.49 8.16 5.51
N ALA A 30 6.51 7.51 4.89
CA ALA A 30 6.66 6.12 4.45
C ALA A 30 6.33 5.99 2.96
N ILE A 31 6.73 4.86 2.37
CA ILE A 31 6.49 4.59 0.94
C ILE A 31 5.54 3.42 0.79
N ILE A 32 4.52 3.61 -0.06
CA ILE A 32 3.55 2.55 -0.31
C ILE A 32 4.12 1.54 -1.28
N GLY A 33 4.01 0.27 -0.90
CA GLY A 33 4.49 -0.82 -1.73
C GLY A 33 3.56 -2.01 -1.56
N LEU A 34 3.54 -2.88 -2.57
CA LEU A 34 2.70 -4.07 -2.52
C LEU A 34 3.45 -5.28 -3.04
N MET A 35 3.39 -6.33 -2.23
CA MET A 35 4.06 -7.60 -2.49
C MET A 35 3.26 -8.42 -3.48
N VAL A 36 3.97 -9.18 -4.31
CA VAL A 36 3.34 -10.04 -5.31
C VAL A 36 3.90 -11.46 -5.15
N GLY A 37 3.02 -12.42 -4.83
CA GLY A 37 3.44 -13.81 -4.65
C GLY A 37 4.47 -13.93 -3.54
N GLY A 38 3.99 -13.78 -2.30
CA GLY A 38 4.87 -13.86 -1.13
C GLY A 38 4.16 -14.54 0.03
N VAL A 39 4.77 -14.46 1.21
CA VAL A 39 4.21 -15.08 2.41
C VAL A 39 4.25 -14.10 3.59
N VAL A 40 3.21 -14.15 4.43
CA VAL A 40 3.13 -13.29 5.61
C VAL A 40 2.38 -14.01 6.74
N GLY B 25 9.31 -13.20 -3.52
CA GLY B 25 8.18 -12.59 -4.23
C GLY B 25 8.54 -11.24 -4.83
N GLU B 26 7.89 -10.89 -5.94
CA GLU B 26 8.14 -9.60 -6.59
C GLU B 26 7.47 -8.51 -5.76
N ILE B 27 8.24 -7.47 -5.41
CA ILE B 27 7.72 -6.38 -4.59
C ILE B 27 7.66 -5.09 -5.40
N VAL B 28 6.48 -4.48 -5.38
CA VAL B 28 6.18 -3.24 -6.13
C VAL B 28 6.07 -2.03 -5.21
N TYR B 29 6.47 -0.87 -5.73
CA TYR B 29 6.39 0.40 -4.99
C TYR B 29 5.66 1.43 -5.86
N LEU B 30 4.58 2.02 -5.33
CA LEU B 30 3.78 3.00 -6.09
C LEU B 30 3.67 4.36 -5.35
N PRO B 31 4.77 4.96 -4.92
CA PRO B 31 4.74 6.29 -4.24
C PRO B 31 4.40 7.40 -5.23
N ASN B 32 4.59 7.09 -6.51
CA ASN B 32 4.34 8.06 -7.58
C ASN B 32 2.85 8.15 -7.89
N LEU B 33 2.03 7.27 -7.27
CA LEU B 33 0.60 7.27 -7.51
C LEU B 33 -0.12 8.07 -6.45
N ASN B 34 -1.06 8.89 -6.89
CA ASN B 34 -1.86 9.73 -5.98
C ASN B 34 -2.75 8.84 -5.11
N PRO B 35 -3.21 9.34 -3.96
CA PRO B 35 -4.10 8.53 -3.06
C PRO B 35 -5.31 7.98 -3.81
N ASP B 36 -5.81 8.77 -4.76
CA ASP B 36 -6.94 8.37 -5.58
C ASP B 36 -6.54 7.18 -6.46
N GLN B 37 -5.40 7.34 -7.12
CA GLN B 37 -4.87 6.31 -8.00
C GLN B 37 -4.56 5.03 -7.22
N LEU B 38 -3.97 5.19 -6.02
CA LEU B 38 -3.65 4.02 -5.19
C LEU B 38 -4.93 3.33 -4.74
N CYS B 39 -5.89 4.11 -4.21
CA CYS B 39 -7.17 3.54 -3.77
C CYS B 39 -7.89 2.87 -4.95
N ALA B 40 -7.79 3.49 -6.12
CA ALA B 40 -8.42 2.96 -7.33
C ALA B 40 -7.82 1.61 -7.68
N PHE B 41 -6.52 1.46 -7.42
CA PHE B 41 -5.79 0.23 -7.70
C PHE B 41 -6.03 -0.80 -6.60
N ILE B 42 -5.93 -0.33 -5.37
CA ILE B 42 -6.09 -1.17 -4.19
C ILE B 42 -7.46 -1.86 -4.17
N HIS B 43 -8.48 -1.16 -4.65
CA HIS B 43 -9.83 -1.73 -4.68
C HIS B 43 -9.93 -2.74 -5.83
N SER B 44 -9.22 -2.45 -6.92
CA SER B 44 -9.22 -3.32 -8.09
C SER B 44 -8.61 -4.70 -7.77
N LEU B 45 -7.49 -4.71 -7.05
CA LEU B 45 -6.85 -5.98 -6.68
C LEU B 45 -7.79 -6.84 -5.85
N HIS B 46 -8.52 -6.18 -4.95
CA HIS B 46 -9.48 -6.84 -4.07
C HIS B 46 -10.78 -7.20 -4.79
N ASP B 47 -11.11 -6.44 -5.85
CA ASP B 47 -12.34 -6.68 -6.61
C ASP B 47 -12.33 -8.08 -7.24
N ASP B 48 -11.16 -8.47 -7.78
CA ASP B 48 -11.01 -9.79 -8.42
C ASP B 48 -9.52 -10.14 -8.56
N PRO B 49 -8.96 -10.88 -7.62
CA PRO B 49 -7.51 -11.28 -7.65
C PRO B 49 -7.12 -12.05 -8.93
N SER B 50 -8.11 -12.57 -9.66
CA SER B 50 -7.83 -13.32 -10.89
C SER B 50 -7.07 -12.45 -11.90
N GLN B 51 -7.44 -11.16 -11.94
CA GLN B 51 -6.81 -10.19 -12.84
C GLN B 51 -5.71 -9.40 -12.12
N SER B 52 -5.30 -9.87 -10.94
CA SER B 52 -4.27 -9.16 -10.14
C SER B 52 -3.01 -8.81 -10.94
N ALA B 53 -2.56 -9.74 -11.80
CA ALA B 53 -1.37 -9.49 -12.62
C ALA B 53 -1.61 -8.42 -13.66
N ASN B 54 -2.73 -8.54 -14.39
CA ASN B 54 -3.08 -7.55 -15.41
C ASN B 54 -3.32 -6.19 -14.77
N LEU B 55 -4.06 -6.20 -13.67
CA LEU B 55 -4.37 -4.97 -12.93
C LEU B 55 -3.09 -4.30 -12.44
N LEU B 56 -2.14 -5.11 -11.96
CA LEU B 56 -0.87 -4.56 -11.47
C LEU B 56 -0.13 -3.89 -12.61
N ALA B 57 -0.18 -4.49 -13.80
CA ALA B 57 0.49 -3.94 -14.98
C ALA B 57 0.04 -2.50 -15.21
N GLU B 58 -1.24 -2.25 -14.94
CA GLU B 58 -1.81 -0.92 -15.10
C GLU B 58 -1.20 0.04 -14.12
N ALA B 59 -1.03 -0.44 -12.88
CA ALA B 59 -0.48 0.37 -11.84
C ALA B 59 1.02 0.53 -12.04
N LYS B 60 1.66 -0.50 -12.60
CA LYS B 60 3.09 -0.44 -12.88
C LYS B 60 3.30 0.60 -13.98
N LYS B 61 2.39 0.58 -14.96
CA LYS B 61 2.43 1.55 -16.04
C LYS B 61 2.18 2.94 -15.46
N LEU B 62 1.30 2.99 -14.44
CA LEU B 62 1.01 4.25 -13.74
C LEU B 62 2.27 4.71 -13.00
N ASN B 63 3.01 3.73 -12.45
CA ASN B 63 4.24 4.01 -11.73
C ASN B 63 5.17 4.82 -12.64
N ASP B 64 5.18 4.42 -13.91
CA ASP B 64 5.97 5.12 -14.93
C ASP B 64 5.24 6.37 -15.43
N ALA B 65 3.90 6.27 -15.47
CA ALA B 65 3.05 7.37 -15.95
C ALA B 65 3.12 8.59 -15.03
N GLN B 66 3.37 8.35 -13.73
CA GLN B 66 3.43 9.43 -12.73
C GLN B 66 4.82 9.51 -12.11
N ALA B 67 5.74 8.73 -12.67
CA ALA B 67 7.11 8.67 -12.20
C ALA B 67 7.77 10.05 -12.20
N GLY C 25 13.97 1.89 6.92
CA GLY C 25 13.33 1.98 8.22
C GLY C 25 12.45 0.78 8.51
N GLU C 26 11.54 0.95 9.47
CA GLU C 26 10.62 -0.11 9.84
C GLU C 26 9.62 -0.34 8.72
N ILE C 27 9.24 -1.60 8.54
CA ILE C 27 8.28 -1.97 7.52
C ILE C 27 7.03 -2.55 8.16
N VAL C 28 5.88 -2.25 7.54
CA VAL C 28 4.58 -2.70 8.03
C VAL C 28 3.77 -3.34 6.90
N TYR C 29 3.48 -4.65 7.03
CA TYR C 29 2.68 -5.37 6.03
C TYR C 29 1.24 -5.50 6.51
N LEU C 30 0.31 -5.20 5.61
CA LEU C 30 -1.13 -5.23 5.95
C LEU C 30 -1.92 -6.19 5.04
N PRO C 31 -1.97 -7.47 5.37
CA PRO C 31 -2.71 -8.50 4.58
C PRO C 31 -4.19 -8.60 4.99
N ASN C 32 -4.43 -8.90 6.28
CA ASN C 32 -5.78 -9.04 6.82
C ASN C 32 -6.60 -7.76 6.65
N LEU C 33 -5.92 -6.62 6.63
CA LEU C 33 -6.57 -5.31 6.51
C LEU C 33 -7.46 -5.25 5.26
N ASN C 34 -8.54 -4.47 5.33
CA ASN C 34 -9.46 -4.32 4.21
C ASN C 34 -8.98 -3.21 3.27
N PRO C 35 -9.32 -3.27 2.00
CA PRO C 35 -8.87 -2.23 1.02
C PRO C 35 -9.39 -0.85 1.42
N ASP C 36 -10.60 -0.83 1.99
CA ASP C 36 -11.19 0.42 2.45
C ASP C 36 -10.30 1.02 3.52
N GLN C 37 -9.83 0.14 4.41
CA GLN C 37 -8.94 0.54 5.48
C GLN C 37 -7.60 1.00 4.90
N LEU C 38 -7.15 0.33 3.83
CA LEU C 38 -5.89 0.70 3.18
C LEU C 38 -6.02 2.09 2.54
N CYS C 39 -7.18 2.36 1.91
CA CYS C 39 -7.39 3.66 1.27
C CYS C 39 -7.28 4.79 2.29
N ALA C 40 -7.96 4.62 3.43
CA ALA C 40 -7.92 5.60 4.50
C ALA C 40 -6.49 5.71 5.03
N PHE C 41 -5.82 4.56 5.13
CA PHE C 41 -4.45 4.50 5.61
C PHE C 41 -3.51 5.28 4.69
N ILE C 42 -3.56 4.98 3.38
CA ILE C 42 -2.71 5.66 2.41
C ILE C 42 -2.98 7.17 2.41
N HIS C 43 -4.25 7.54 2.57
CA HIS C 43 -4.63 8.95 2.64
C HIS C 43 -3.95 9.63 3.83
N SER C 44 -3.90 8.90 4.95
CA SER C 44 -3.27 9.40 6.17
C SER C 44 -1.75 9.58 5.96
N LEU C 45 -1.12 8.62 5.27
CA LEU C 45 0.33 8.69 5.01
C LEU C 45 0.65 9.95 4.21
N HIS C 46 -0.24 10.30 3.28
CA HIS C 46 -0.07 11.48 2.44
C HIS C 46 -0.53 12.76 3.15
N ASP C 47 -1.44 12.60 4.12
CA ASP C 47 -1.97 13.75 4.88
C ASP C 47 -0.85 14.46 5.65
N ASP C 48 0.07 13.66 6.20
CA ASP C 48 1.20 14.21 6.97
C ASP C 48 2.34 13.18 7.03
N PRO C 49 3.50 13.49 6.45
CA PRO C 49 4.67 12.55 6.46
C PRO C 49 5.11 12.15 7.88
N SER C 50 5.04 13.10 8.82
CA SER C 50 5.45 12.83 10.20
C SER C 50 4.54 11.79 10.85
N GLN C 51 3.25 11.83 10.51
CA GLN C 51 2.27 10.90 11.07
C GLN C 51 2.40 9.48 10.50
N SER C 52 2.99 9.34 9.32
CA SER C 52 3.12 8.02 8.67
C SER C 52 3.64 6.95 9.65
N ALA C 53 4.66 7.30 10.41
CA ALA C 53 5.25 6.37 11.39
C ALA C 53 4.20 5.95 12.42
N ASN C 54 3.52 6.93 13.02
CA ASN C 54 2.48 6.65 14.02
C ASN C 54 1.33 5.87 13.38
N LEU C 55 0.99 6.26 12.15
CA LEU C 55 -0.08 5.59 11.42
C LEU C 55 0.28 4.14 11.16
N LEU C 56 1.58 3.91 10.90
CA LEU C 56 2.08 2.56 10.65
C LEU C 56 1.83 1.66 11.85
N ALA C 57 2.02 2.22 13.04
CA ALA C 57 1.82 1.47 14.27
C ALA C 57 0.36 1.04 14.42
N GLU C 58 -0.57 2.00 14.36
CA GLU C 58 -2.00 1.68 14.49
C GLU C 58 -2.49 0.85 13.31
N ALA C 59 -2.01 1.16 12.09
CA ALA C 59 -2.40 0.43 10.89
C ALA C 59 -1.97 -1.03 11.03
N LYS C 60 -0.71 -1.20 11.44
CA LYS C 60 -0.16 -2.51 11.66
C LYS C 60 -0.92 -3.20 12.80
N LYS C 61 -1.31 -2.40 13.81
CA LYS C 61 -2.07 -2.91 14.95
C LYS C 61 -3.46 -3.30 14.47
N LEU C 62 -3.96 -2.54 13.51
CA LEU C 62 -5.27 -2.77 12.93
C LEU C 62 -5.28 -4.13 12.23
N ASN C 63 -4.17 -4.44 11.56
CA ASN C 63 -4.01 -5.72 10.89
C ASN C 63 -4.18 -6.83 11.93
N ASP C 64 -3.59 -6.59 13.12
CA ASP C 64 -3.67 -7.53 14.24
C ASP C 64 -5.10 -7.54 14.81
N ALA C 65 -5.72 -6.35 14.85
CA ALA C 65 -7.06 -6.19 15.38
C ALA C 65 -8.12 -6.82 14.45
N GLN C 66 -7.85 -6.81 13.14
CA GLN C 66 -8.77 -7.37 12.16
C GLN C 66 -8.39 -8.81 11.82
N ALA C 67 -7.25 -9.24 12.35
CA ALA C 67 -6.74 -10.58 12.11
C ALA C 67 -7.70 -11.66 12.58
N LYS A 16 -1.10 -14.52 -3.98
CA LYS A 16 -1.47 -13.62 -2.90
C LYS A 16 -0.75 -12.28 -2.99
N LEU A 17 -1.49 -11.22 -2.71
CA LEU A 17 -0.96 -9.85 -2.73
C LEU A 17 -1.09 -9.24 -1.35
N VAL A 18 -0.15 -8.37 -0.99
CA VAL A 18 -0.16 -7.73 0.32
C VAL A 18 0.26 -6.27 0.22
N PHE A 19 -0.49 -5.38 0.87
CA PHE A 19 -0.16 -3.96 0.87
C PHE A 19 0.57 -3.62 2.15
N PHE A 20 1.73 -3.01 1.99
CA PHE A 20 2.56 -2.63 3.14
C PHE A 20 3.14 -1.23 2.97
N ALA A 21 3.56 -0.65 4.09
CA ALA A 21 4.16 0.68 4.08
C ALA A 21 5.57 0.60 4.65
N GLU A 22 6.52 1.23 3.96
CA GLU A 22 7.91 1.24 4.37
C GLU A 22 8.25 2.62 4.91
N ASP A 23 8.76 2.66 6.15
CA ASP A 23 9.14 3.93 6.76
C ASP A 23 10.45 4.38 6.15
N VAL A 24 10.38 5.50 5.43
CA VAL A 24 11.55 6.04 4.71
C VAL A 24 11.95 7.43 5.20
N GLY A 25 11.13 8.01 6.08
CA GLY A 25 11.40 9.36 6.58
C GLY A 25 11.51 10.33 5.41
N SER A 26 12.65 11.03 5.32
CA SER A 26 12.91 11.97 4.22
C SER A 26 11.73 12.91 3.97
N ASN A 27 10.96 13.20 5.04
CA ASN A 27 9.78 14.07 4.95
C ASN A 27 8.68 13.44 4.09
N LYS A 28 8.92 12.19 3.66
CA LYS A 28 7.96 11.44 2.85
C LYS A 28 7.16 10.48 3.74
N GLY A 29 7.53 10.41 5.01
CA GLY A 29 6.88 9.52 5.95
C GLY A 29 7.19 8.07 5.57
N ALA A 30 6.25 7.43 4.88
CA ALA A 30 6.44 6.05 4.43
C ALA A 30 6.07 5.91 2.95
N ILE A 31 6.46 4.78 2.36
CA ILE A 31 6.18 4.50 0.94
C ILE A 31 5.26 3.31 0.82
N ILE A 32 4.24 3.44 -0.03
CA ILE A 32 3.30 2.35 -0.25
C ILE A 32 3.88 1.38 -1.28
N GLY A 33 4.10 0.16 -0.83
CA GLY A 33 4.61 -0.90 -1.68
C GLY A 33 3.79 -2.16 -1.40
N LEU A 34 3.61 -2.99 -2.42
CA LEU A 34 2.85 -4.23 -2.26
C LEU A 34 3.65 -5.42 -2.70
N MET A 35 3.28 -6.55 -2.14
CA MET A 35 3.92 -7.83 -2.45
C MET A 35 3.07 -8.56 -3.47
N VAL A 36 3.72 -9.27 -4.39
CA VAL A 36 2.99 -10.02 -5.42
C VAL A 36 3.41 -11.49 -5.39
N GLY A 37 2.48 -12.35 -4.97
CA GLY A 37 2.70 -13.79 -4.90
C GLY A 37 3.78 -14.20 -3.90
N GLY A 38 3.49 -15.28 -3.16
CA GLY A 38 4.43 -15.81 -2.18
C GLY A 38 4.29 -15.11 -0.83
N VAL A 39 5.21 -15.43 0.09
CA VAL A 39 5.20 -14.84 1.44
C VAL A 39 6.61 -14.50 1.91
N VAL A 40 6.70 -13.51 2.80
CA VAL A 40 7.98 -13.05 3.37
C VAL A 40 8.75 -14.23 4.00
N GLY B 25 8.81 -13.71 -3.86
CA GLY B 25 7.69 -12.89 -4.33
C GLY B 25 8.17 -11.56 -4.92
N GLU B 26 7.51 -11.14 -6.01
CA GLU B 26 7.83 -9.88 -6.65
C GLU B 26 7.18 -8.76 -5.85
N ILE B 27 7.99 -7.82 -5.36
CA ILE B 27 7.47 -6.73 -4.55
C ILE B 27 7.51 -5.40 -5.34
N VAL B 28 6.34 -4.76 -5.41
CA VAL B 28 6.14 -3.51 -6.14
C VAL B 28 6.06 -2.29 -5.22
N TYR B 29 6.58 -1.16 -5.72
CA TYR B 29 6.55 0.11 -5.01
C TYR B 29 5.93 1.18 -5.92
N LEU B 30 4.90 1.89 -5.41
CA LEU B 30 4.22 2.93 -6.20
C LEU B 30 4.29 4.29 -5.45
N PRO B 31 5.48 4.79 -5.19
CA PRO B 31 5.68 6.10 -4.51
C PRO B 31 5.25 7.27 -5.39
N ASN B 32 5.21 6.99 -6.70
CA ASN B 32 4.86 7.99 -7.70
C ASN B 32 3.35 8.13 -7.87
N LEU B 33 2.57 7.28 -7.19
CA LEU B 33 1.11 7.33 -7.29
C LEU B 33 0.52 8.11 -6.13
N ASN B 34 -0.53 8.88 -6.42
CA ASN B 34 -1.22 9.68 -5.40
C ASN B 34 -2.31 8.82 -4.73
N PRO B 35 -2.83 9.25 -3.59
CA PRO B 35 -3.88 8.47 -2.86
C PRO B 35 -5.04 8.08 -3.75
N ASP B 36 -5.36 8.94 -4.72
CA ASP B 36 -6.44 8.66 -5.67
C ASP B 36 -6.08 7.43 -6.51
N GLN B 37 -4.85 7.42 -7.01
CA GLN B 37 -4.35 6.33 -7.83
C GLN B 37 -4.20 5.04 -7.03
N LEU B 38 -3.58 5.14 -5.84
CA LEU B 38 -3.38 3.96 -4.99
C LEU B 38 -4.73 3.39 -4.55
N CYS B 39 -5.65 4.28 -4.14
CA CYS B 39 -6.98 3.84 -3.70
C CYS B 39 -7.75 3.21 -4.87
N ALA B 40 -7.67 3.86 -6.05
CA ALA B 40 -8.33 3.35 -7.25
C ALA B 40 -7.79 1.97 -7.60
N PHE B 41 -6.46 1.87 -7.55
CA PHE B 41 -5.77 0.63 -7.83
C PHE B 41 -6.13 -0.45 -6.81
N ILE B 42 -6.08 -0.08 -5.53
CA ILE B 42 -6.40 -1.00 -4.43
C ILE B 42 -7.85 -1.50 -4.53
N HIS B 43 -8.77 -0.61 -4.92
CA HIS B 43 -10.16 -1.00 -5.03
C HIS B 43 -10.33 -2.05 -6.13
N SER B 44 -9.76 -1.75 -7.29
CA SER B 44 -9.81 -2.66 -8.44
C SER B 44 -9.05 -3.96 -8.16
N LEU B 45 -7.86 -3.81 -7.57
CA LEU B 45 -7.00 -4.94 -7.21
C LEU B 45 -7.74 -5.93 -6.32
N HIS B 46 -8.56 -5.38 -5.42
CA HIS B 46 -9.33 -6.19 -4.48
C HIS B 46 -10.64 -6.71 -5.10
N ASP B 47 -11.18 -5.99 -6.09
CA ASP B 47 -12.43 -6.40 -6.74
C ASP B 47 -12.30 -7.76 -7.44
N ASP B 48 -11.17 -7.96 -8.14
CA ASP B 48 -10.93 -9.21 -8.87
C ASP B 48 -9.48 -9.68 -8.67
N PRO B 49 -9.19 -10.35 -7.57
CA PRO B 49 -7.83 -10.87 -7.27
C PRO B 49 -7.26 -11.73 -8.39
N SER B 50 -8.16 -12.35 -9.16
CA SER B 50 -7.75 -13.22 -10.28
C SER B 50 -6.95 -12.42 -11.32
N GLN B 51 -7.37 -11.16 -11.54
CA GLN B 51 -6.69 -10.28 -12.50
C GLN B 51 -5.63 -9.42 -11.82
N SER B 52 -5.34 -9.71 -10.54
CA SER B 52 -4.35 -8.91 -9.77
C SER B 52 -3.03 -8.72 -10.51
N ALA B 53 -2.61 -9.71 -11.31
CA ALA B 53 -1.35 -9.60 -12.06
C ALA B 53 -1.49 -8.61 -13.21
N ASN B 54 -2.57 -8.77 -13.99
CA ASN B 54 -2.83 -7.87 -15.12
C ASN B 54 -3.05 -6.44 -14.62
N LEU B 55 -3.87 -6.33 -13.59
CA LEU B 55 -4.20 -5.04 -12.97
C LEU B 55 -2.93 -4.36 -12.48
N LEU B 56 -2.01 -5.14 -11.90
CA LEU B 56 -0.76 -4.58 -11.41
C LEU B 56 0.04 -4.01 -12.57
N ALA B 57 0.00 -4.71 -13.71
CA ALA B 57 0.71 -4.28 -14.90
C ALA B 57 0.32 -2.83 -15.22
N GLU B 58 -0.96 -2.53 -15.01
CA GLU B 58 -1.48 -1.19 -15.24
C GLU B 58 -0.93 -0.21 -14.23
N ALA B 59 -0.81 -0.66 -12.98
CA ALA B 59 -0.31 0.19 -11.94
C ALA B 59 1.17 0.45 -12.16
N LYS B 60 1.85 -0.55 -12.72
CA LYS B 60 3.27 -0.41 -13.02
C LYS B 60 3.41 0.63 -14.14
N LYS B 61 2.49 0.57 -15.12
CA LYS B 61 2.47 1.56 -16.20
C LYS B 61 2.22 2.92 -15.56
N LEU B 62 1.37 2.92 -14.52
CA LEU B 62 1.07 4.13 -13.76
C LEU B 62 2.33 4.60 -13.05
N ASN B 63 3.10 3.64 -12.54
CA ASN B 63 4.36 3.93 -11.85
C ASN B 63 5.26 4.73 -12.78
N ASP B 64 5.25 4.34 -14.06
CA ASP B 64 6.03 5.03 -15.09
C ASP B 64 5.29 6.28 -15.56
N ALA B 65 3.95 6.24 -15.47
CA ALA B 65 3.09 7.35 -15.90
C ALA B 65 3.25 8.57 -15.01
N GLN B 66 3.57 8.34 -13.73
CA GLN B 66 3.73 9.43 -12.76
C GLN B 66 5.16 9.45 -12.21
N ALA B 67 6.00 8.63 -12.81
CA ALA B 67 7.39 8.50 -12.43
C ALA B 67 8.12 9.84 -12.47
N GLY C 25 12.82 3.11 8.45
CA GLY C 25 13.41 1.83 8.07
C GLY C 25 12.52 0.67 8.49
N GLU C 26 11.40 0.98 9.11
CA GLU C 26 10.47 -0.04 9.57
C GLU C 26 9.40 -0.27 8.51
N ILE C 27 9.05 -1.53 8.34
CA ILE C 27 8.03 -1.92 7.38
C ILE C 27 6.81 -2.51 8.09
N VAL C 28 5.63 -2.25 7.54
CA VAL C 28 4.37 -2.72 8.10
C VAL C 28 3.52 -3.40 7.02
N TYR C 29 3.27 -4.70 7.17
CA TYR C 29 2.45 -5.45 6.21
C TYR C 29 1.00 -5.48 6.67
N LEU C 30 0.09 -5.21 5.72
CA LEU C 30 -1.35 -5.16 6.02
C LEU C 30 -2.15 -6.15 5.16
N PRO C 31 -2.14 -7.43 5.49
CA PRO C 31 -2.90 -8.47 4.74
C PRO C 31 -4.35 -8.60 5.22
N ASN C 32 -4.51 -8.88 6.52
CA ASN C 32 -5.84 -9.04 7.12
C ASN C 32 -6.68 -7.76 7.01
N LEU C 33 -6.00 -6.60 6.91
CA LEU C 33 -6.67 -5.30 6.82
C LEU C 33 -7.69 -5.28 5.67
N ASN C 34 -8.72 -4.43 5.82
CA ASN C 34 -9.76 -4.30 4.79
C ASN C 34 -9.33 -3.26 3.76
N PRO C 35 -9.76 -3.38 2.51
CA PRO C 35 -9.39 -2.39 1.45
C PRO C 35 -9.84 -0.99 1.84
N ASP C 36 -10.99 -0.91 2.51
CA ASP C 36 -11.53 0.37 2.98
C ASP C 36 -10.52 1.02 3.91
N GLN C 37 -9.96 0.19 4.79
CA GLN C 37 -8.96 0.65 5.74
C GLN C 37 -7.68 1.06 5.01
N LEU C 38 -7.34 0.33 3.93
CA LEU C 38 -6.13 0.65 3.15
C LEU C 38 -6.25 2.04 2.52
N CYS C 39 -7.42 2.34 1.93
CA CYS C 39 -7.64 3.66 1.30
C CYS C 39 -7.49 4.77 2.34
N ALA C 40 -8.13 4.59 3.50
CA ALA C 40 -8.05 5.57 4.58
C ALA C 40 -6.61 5.67 5.08
N PHE C 41 -5.95 4.50 5.15
CA PHE C 41 -4.56 4.42 5.61
C PHE C 41 -3.64 5.22 4.69
N ILE C 42 -3.72 4.94 3.38
CA ILE C 42 -2.89 5.64 2.40
C ILE C 42 -3.14 7.15 2.44
N HIS C 43 -4.42 7.53 2.57
CA HIS C 43 -4.79 8.94 2.63
C HIS C 43 -4.13 9.61 3.83
N SER C 44 -4.10 8.89 4.96
CA SER C 44 -3.49 9.40 6.18
C SER C 44 -1.98 9.60 6.01
N LEU C 45 -1.32 8.62 5.36
CA LEU C 45 0.13 8.68 5.13
C LEU C 45 0.47 9.92 4.26
N HIS C 46 -0.28 10.08 3.16
CA HIS C 46 -0.06 11.20 2.24
C HIS C 46 -0.45 12.55 2.87
N ASP C 47 -1.60 12.57 3.55
CA ASP C 47 -2.12 13.79 4.19
C ASP C 47 -1.09 14.39 5.15
N ASP C 48 -0.35 13.52 5.83
CA ASP C 48 0.67 13.96 6.78
C ASP C 48 1.80 12.90 6.86
N PRO C 49 2.99 13.21 6.36
CA PRO C 49 4.13 12.24 6.37
C PRO C 49 4.84 12.13 7.72
N SER C 50 4.81 13.20 8.52
CA SER C 50 5.48 13.19 9.82
C SER C 50 4.83 12.19 10.78
N GLN C 51 3.54 11.91 10.59
CA GLN C 51 2.81 10.97 11.47
C GLN C 51 2.66 9.59 10.83
N SER C 52 3.15 9.44 9.60
CA SER C 52 3.05 8.16 8.88
C SER C 52 3.60 7.01 9.74
N ALA C 53 4.69 7.27 10.44
CA ALA C 53 5.29 6.27 11.32
C ALA C 53 4.29 5.87 12.42
N ASN C 54 3.56 6.86 12.94
CA ASN C 54 2.55 6.60 13.97
C ASN C 54 1.38 5.84 13.36
N LEU C 55 1.00 6.24 12.13
CA LEU C 55 -0.10 5.60 11.41
C LEU C 55 0.23 4.13 11.18
N LEU C 56 1.51 3.85 10.93
CA LEU C 56 1.96 2.49 10.71
C LEU C 56 1.70 1.63 11.95
N ALA C 57 1.92 2.21 13.13
CA ALA C 57 1.70 1.50 14.38
C ALA C 57 0.23 1.11 14.53
N GLU C 58 -0.67 2.08 14.40
CA GLU C 58 -2.11 1.80 14.54
C GLU C 58 -2.62 0.95 13.38
N ALA C 59 -2.15 1.25 12.16
CA ALA C 59 -2.56 0.48 10.96
C ALA C 59 -2.15 -0.96 11.12
N LYS C 60 -0.90 -1.15 11.53
CA LYS C 60 -0.37 -2.47 11.79
C LYS C 60 -1.12 -3.10 12.96
N LYS C 61 -1.42 -2.27 13.97
CA LYS C 61 -2.16 -2.72 15.16
C LYS C 61 -3.55 -3.15 14.73
N LEU C 62 -4.06 -2.44 13.71
CA LEU C 62 -5.36 -2.72 13.15
C LEU C 62 -5.31 -4.07 12.45
N ASN C 63 -4.19 -4.33 11.77
CA ASN C 63 -3.99 -5.61 11.09
C ASN C 63 -4.09 -6.73 12.15
N ASP C 64 -3.49 -6.45 13.32
CA ASP C 64 -3.52 -7.39 14.44
C ASP C 64 -4.92 -7.44 15.05
N ALA C 65 -5.60 -6.28 15.09
CA ALA C 65 -6.96 -6.17 15.65
C ALA C 65 -7.98 -6.86 14.74
N GLN C 66 -7.72 -6.84 13.44
CA GLN C 66 -8.61 -7.45 12.44
C GLN C 66 -8.22 -8.89 12.16
N ALA C 67 -7.04 -9.26 12.66
CA ALA C 67 -6.49 -10.59 12.48
C ALA C 67 -7.39 -11.67 13.05
N LYS A 16 -1.34 -13.60 -4.51
CA LYS A 16 -1.69 -12.84 -3.30
C LYS A 16 -1.04 -11.47 -3.29
N LEU A 17 -1.83 -10.47 -2.88
CA LEU A 17 -1.36 -9.09 -2.80
C LEU A 17 -1.34 -8.63 -1.34
N VAL A 18 -0.25 -7.98 -0.97
CA VAL A 18 -0.09 -7.45 0.39
C VAL A 18 0.38 -6.01 0.32
N PHE A 19 -0.34 -5.10 0.98
CA PHE A 19 0.03 -3.70 0.98
C PHE A 19 0.79 -3.40 2.25
N PHE A 20 1.96 -2.79 2.08
CA PHE A 20 2.81 -2.44 3.20
C PHE A 20 3.44 -1.06 3.03
N ALA A 21 3.80 -0.46 4.16
CA ALA A 21 4.44 0.84 4.17
C ALA A 21 5.81 0.72 4.84
N GLU A 22 6.84 1.29 4.22
CA GLU A 22 8.20 1.23 4.78
C GLU A 22 8.67 2.60 5.21
N ASP A 23 9.06 2.72 6.48
CA ASP A 23 9.55 3.99 7.00
C ASP A 23 10.90 4.27 6.34
N VAL A 24 10.94 5.38 5.64
CA VAL A 24 12.14 5.78 4.89
C VAL A 24 12.85 7.02 5.48
N GLY A 25 12.43 7.43 6.69
CA GLY A 25 13.06 8.56 7.40
C GLY A 25 12.81 9.93 6.75
N SER A 26 12.99 10.01 5.43
CA SER A 26 12.81 11.27 4.69
C SER A 26 11.42 11.86 4.90
N ASN A 27 11.20 13.07 4.37
CA ASN A 27 9.91 13.78 4.48
C ASN A 27 8.76 12.90 4.00
N LYS A 28 9.10 11.95 3.14
CA LYS A 28 8.14 11.00 2.59
C LYS A 28 7.45 10.20 3.70
N GLY A 29 8.14 10.09 4.85
CA GLY A 29 7.63 9.34 5.99
C GLY A 29 7.80 7.86 5.71
N ALA A 30 6.86 7.32 4.94
CA ALA A 30 6.90 5.92 4.53
C ALA A 30 6.53 5.80 3.05
N ILE A 31 6.86 4.67 2.44
CA ILE A 31 6.55 4.44 1.02
C ILE A 31 5.57 3.29 0.87
N ILE A 32 4.51 3.53 0.10
CA ILE A 32 3.53 2.48 -0.15
C ILE A 32 4.06 1.56 -1.22
N GLY A 33 4.22 0.31 -0.84
CA GLY A 33 4.69 -0.73 -1.73
C GLY A 33 3.90 -1.99 -1.43
N LEU A 34 3.72 -2.84 -2.43
CA LEU A 34 2.96 -4.06 -2.23
C LEU A 34 3.73 -5.29 -2.68
N MET A 35 3.34 -6.41 -2.12
CA MET A 35 3.95 -7.70 -2.42
C MET A 35 3.04 -8.47 -3.37
N VAL A 36 3.64 -9.28 -4.26
CA VAL A 36 2.87 -10.03 -5.25
C VAL A 36 3.26 -11.52 -5.25
N GLY A 37 2.26 -12.39 -5.10
CA GLY A 37 2.46 -13.84 -5.14
C GLY A 37 3.28 -14.36 -3.96
N GLY A 38 2.73 -15.40 -3.29
CA GLY A 38 3.42 -16.02 -2.17
C GLY A 38 3.45 -15.11 -0.95
N VAL A 39 3.92 -15.65 0.17
CA VAL A 39 4.01 -14.87 1.40
C VAL A 39 5.43 -14.96 1.99
N VAL A 40 5.87 -13.85 2.60
CA VAL A 40 7.20 -13.78 3.21
C VAL A 40 7.16 -14.13 4.70
N GLY B 25 8.66 -13.55 -3.51
CA GLY B 25 7.64 -12.94 -4.36
C GLY B 25 8.12 -11.61 -4.93
N GLU B 26 7.39 -11.10 -5.93
CA GLU B 26 7.72 -9.83 -6.56
C GLU B 26 7.12 -8.69 -5.72
N ILE B 27 7.94 -7.69 -5.39
CA ILE B 27 7.49 -6.56 -4.59
C ILE B 27 7.50 -5.28 -5.43
N VAL B 28 6.34 -4.62 -5.47
CA VAL B 28 6.11 -3.39 -6.24
C VAL B 28 6.05 -2.14 -5.35
N TYR B 29 6.53 -1.02 -5.91
CA TYR B 29 6.50 0.28 -5.22
C TYR B 29 5.87 1.32 -6.14
N LEU B 30 4.85 2.04 -5.62
CA LEU B 30 4.15 3.07 -6.40
C LEU B 30 4.21 4.44 -5.69
N PRO B 31 5.39 4.92 -5.33
CA PRO B 31 5.55 6.24 -4.65
C PRO B 31 5.07 7.39 -5.53
N ASN B 32 5.00 7.13 -6.84
CA ASN B 32 4.59 8.13 -7.81
C ASN B 32 3.07 8.19 -7.97
N LEU B 33 2.34 7.32 -7.27
CA LEU B 33 0.87 7.30 -7.37
C LEU B 33 0.24 8.10 -6.24
N ASN B 34 -0.74 8.91 -6.60
CA ASN B 34 -1.47 9.75 -5.64
C ASN B 34 -2.43 8.89 -4.82
N PRO B 35 -2.98 9.40 -3.73
CA PRO B 35 -3.94 8.62 -2.88
C PRO B 35 -5.11 8.09 -3.72
N ASP B 36 -5.51 8.89 -4.70
CA ASP B 36 -6.59 8.51 -5.60
C ASP B 36 -6.18 7.29 -6.40
N GLN B 37 -4.95 7.32 -6.92
CA GLN B 37 -4.40 6.23 -7.72
C GLN B 37 -4.19 4.98 -6.87
N LEU B 38 -3.59 5.15 -5.67
CA LEU B 38 -3.37 4.00 -4.78
C LEU B 38 -4.70 3.41 -4.33
N CYS B 39 -5.63 4.28 -3.94
CA CYS B 39 -6.95 3.83 -3.49
C CYS B 39 -7.70 3.14 -4.64
N ALA B 40 -7.62 3.73 -5.84
CA ALA B 40 -8.28 3.18 -7.02
C ALA B 40 -7.70 1.81 -7.35
N PHE B 41 -6.37 1.73 -7.34
CA PHE B 41 -5.67 0.49 -7.62
C PHE B 41 -6.01 -0.55 -6.55
N ILE B 42 -5.88 -0.16 -5.29
CA ILE B 42 -6.17 -1.04 -4.16
C ILE B 42 -7.61 -1.55 -4.19
N HIS B 43 -8.54 -0.73 -4.70
CA HIS B 43 -9.94 -1.14 -4.76
C HIS B 43 -10.12 -2.25 -5.81
N SER B 44 -9.60 -1.99 -7.02
CA SER B 44 -9.70 -2.95 -8.12
C SER B 44 -8.88 -4.23 -7.84
N LEU B 45 -7.66 -4.02 -7.35
CA LEU B 45 -6.73 -5.11 -7.02
C LEU B 45 -7.40 -6.13 -6.10
N HIS B 46 -8.20 -5.61 -5.15
CA HIS B 46 -8.91 -6.46 -4.20
C HIS B 46 -10.22 -7.00 -4.81
N ASP B 47 -10.88 -6.16 -5.62
CA ASP B 47 -12.17 -6.55 -6.24
C ASP B 47 -12.02 -7.79 -7.13
N ASP B 48 -10.93 -7.85 -7.92
CA ASP B 48 -10.69 -8.99 -8.82
C ASP B 48 -9.26 -9.55 -8.64
N PRO B 49 -9.01 -10.36 -7.61
CA PRO B 49 -7.65 -10.94 -7.37
C PRO B 49 -7.21 -11.84 -8.52
N SER B 50 -8.17 -12.34 -9.30
CA SER B 50 -7.88 -13.20 -10.45
C SER B 50 -6.97 -12.47 -11.45
N GLN B 51 -7.19 -11.16 -11.56
CA GLN B 51 -6.41 -10.30 -12.46
C GLN B 51 -5.31 -9.57 -11.66
N SER B 52 -4.87 -10.20 -10.58
CA SER B 52 -3.84 -9.62 -9.70
C SER B 52 -2.65 -9.07 -10.49
N ALA B 53 -2.07 -9.88 -11.37
CA ALA B 53 -0.92 -9.46 -12.17
C ALA B 53 -1.33 -8.46 -13.25
N ASN B 54 -2.47 -8.70 -13.89
CA ASN B 54 -2.96 -7.83 -14.97
C ASN B 54 -3.21 -6.41 -14.46
N LEU B 55 -4.00 -6.29 -13.39
CA LEU B 55 -4.32 -4.98 -12.79
C LEU B 55 -3.03 -4.28 -12.36
N LEU B 56 -2.13 -5.05 -11.75
CA LEU B 56 -0.86 -4.52 -11.29
C LEU B 56 -0.05 -4.05 -12.49
N ALA B 57 -0.16 -4.77 -13.62
CA ALA B 57 0.54 -4.37 -14.85
C ALA B 57 0.18 -2.92 -15.18
N GLU B 58 -1.09 -2.59 -14.95
CA GLU B 58 -1.61 -1.24 -15.21
C GLU B 58 -1.03 -0.27 -14.20
N ALA B 59 -0.89 -0.73 -12.95
CA ALA B 59 -0.37 0.10 -11.90
C ALA B 59 1.10 0.37 -12.15
N LYS B 60 1.79 -0.64 -12.68
CA LYS B 60 3.20 -0.49 -12.99
C LYS B 60 3.34 0.56 -14.08
N LYS B 61 2.48 0.44 -15.10
CA LYS B 61 2.44 1.41 -16.18
C LYS B 61 2.07 2.78 -15.60
N LEU B 62 1.24 2.74 -14.55
CA LEU B 62 0.83 3.96 -13.84
C LEU B 62 2.05 4.54 -13.13
N ASN B 63 2.88 3.64 -12.58
CA ASN B 63 4.10 4.02 -11.87
C ASN B 63 4.99 4.83 -12.81
N ASP B 64 5.03 4.39 -14.07
CA ASP B 64 5.79 5.08 -15.11
C ASP B 64 5.01 6.29 -15.63
N ALA B 65 3.68 6.18 -15.57
CA ALA B 65 2.78 7.25 -16.02
C ALA B 65 2.91 8.50 -15.16
N GLN B 66 3.35 8.31 -13.91
CA GLN B 66 3.50 9.43 -12.96
C GLN B 66 4.94 9.48 -12.43
N ALA B 67 5.80 8.67 -13.04
CA ALA B 67 7.20 8.58 -12.67
C ALA B 67 7.89 9.94 -12.69
N GLY C 25 13.24 2.92 8.66
CA GLY C 25 13.62 1.56 8.27
C GLY C 25 12.63 0.52 8.74
N GLU C 26 11.58 0.97 9.43
CA GLU C 26 10.58 0.06 9.92
C GLU C 26 9.53 -0.18 8.85
N ILE C 27 9.18 -1.44 8.66
CA ILE C 27 8.18 -1.82 7.67
C ILE C 27 6.94 -2.37 8.34
N VAL C 28 5.80 -2.11 7.71
CA VAL C 28 4.51 -2.54 8.22
C VAL C 28 3.70 -3.22 7.11
N TYR C 29 3.46 -4.54 7.27
CA TYR C 29 2.69 -5.30 6.28
C TYR C 29 1.23 -5.36 6.70
N LEU C 30 0.34 -5.09 5.74
CA LEU C 30 -1.11 -5.08 6.02
C LEU C 30 -1.87 -6.06 5.10
N PRO C 31 -1.81 -7.35 5.38
CA PRO C 31 -2.52 -8.38 4.57
C PRO C 31 -3.99 -8.54 4.99
N ASN C 32 -4.19 -8.85 6.28
CA ASN C 32 -5.55 -9.04 6.82
C ASN C 32 -6.39 -7.77 6.69
N LEU C 33 -5.73 -6.61 6.66
CA LEU C 33 -6.41 -5.31 6.57
C LEU C 33 -7.38 -5.26 5.38
N ASN C 34 -8.43 -4.43 5.50
CA ASN C 34 -9.41 -4.28 4.44
C ASN C 34 -9.00 -3.14 3.50
N PRO C 35 -9.37 -3.19 2.23
CA PRO C 35 -9.01 -2.11 1.27
C PRO C 35 -9.52 -0.75 1.73
N ASP C 36 -10.69 -0.76 2.38
CA ASP C 36 -11.28 0.47 2.91
C ASP C 36 -10.30 1.09 3.89
N GLN C 37 -9.76 0.22 4.75
CA GLN C 37 -8.79 0.63 5.75
C GLN C 37 -7.50 1.09 5.07
N LEU C 38 -7.13 0.41 3.96
CA LEU C 38 -5.92 0.79 3.21
C LEU C 38 -6.09 2.19 2.62
N CYS C 39 -7.29 2.48 2.11
CA CYS C 39 -7.56 3.78 1.50
C CYS C 39 -7.46 4.88 2.58
N ALA C 40 -8.10 4.64 3.72
CA ALA C 40 -8.06 5.59 4.83
C ALA C 40 -6.63 5.73 5.35
N PHE C 41 -5.93 4.58 5.39
CA PHE C 41 -4.54 4.54 5.85
C PHE C 41 -3.65 5.38 4.94
N ILE C 42 -3.74 5.11 3.64
CA ILE C 42 -2.93 5.84 2.65
C ILE C 42 -3.33 7.31 2.57
N HIS C 43 -4.61 7.61 2.80
CA HIS C 43 -5.10 8.99 2.74
C HIS C 43 -4.38 9.86 3.77
N SER C 44 -4.33 9.39 5.03
CA SER C 44 -3.66 10.13 6.10
C SER C 44 -2.14 10.05 5.94
N LEU C 45 -1.67 8.86 5.54
CA LEU C 45 -0.25 8.60 5.32
C LEU C 45 0.34 9.58 4.30
N HIS C 46 -0.41 9.86 3.24
CA HIS C 46 0.04 10.77 2.19
C HIS C 46 -0.19 12.24 2.55
N ASP C 47 -1.43 12.58 2.91
CA ASP C 47 -1.79 13.97 3.27
C ASP C 47 -0.97 14.49 4.46
N ASP C 48 -0.66 13.60 5.41
CA ASP C 48 0.11 13.99 6.60
C ASP C 48 1.30 13.04 6.80
N PRO C 49 2.41 13.29 6.13
CA PRO C 49 3.63 12.43 6.25
C PRO C 49 4.12 12.33 7.70
N SER C 50 3.89 13.41 8.46
CA SER C 50 4.28 13.44 9.86
C SER C 50 3.55 12.37 10.67
N GLN C 51 2.33 12.02 10.24
CA GLN C 51 1.51 11.03 10.92
C GLN C 51 1.72 9.63 10.35
N SER C 52 2.40 9.52 9.20
CA SER C 52 2.62 8.21 8.56
C SER C 52 3.20 7.18 9.54
N ALA C 53 4.19 7.61 10.31
CA ALA C 53 4.85 6.75 11.29
C ALA C 53 3.85 6.26 12.34
N ASN C 54 3.11 7.21 12.94
CA ASN C 54 2.11 6.86 13.95
C ASN C 54 1.00 6.01 13.33
N LEU C 55 0.64 6.36 12.10
CA LEU C 55 -0.39 5.62 11.37
C LEU C 55 0.07 4.21 11.13
N LEU C 56 1.38 4.05 10.87
CA LEU C 56 1.97 2.73 10.63
C LEU C 56 1.77 1.82 11.83
N ALA C 57 1.92 2.39 13.02
CA ALA C 57 1.75 1.64 14.25
C ALA C 57 0.32 1.14 14.39
N GLU C 58 -0.65 2.07 14.43
CA GLU C 58 -2.05 1.69 14.57
C GLU C 58 -2.51 0.83 13.40
N ALA C 59 -2.06 1.16 12.19
CA ALA C 59 -2.43 0.39 10.99
C ALA C 59 -1.94 -1.04 11.15
N LYS C 60 -0.69 -1.17 11.57
CA LYS C 60 -0.09 -2.45 11.80
C LYS C 60 -0.84 -3.19 12.93
N LYS C 61 -1.28 -2.43 13.95
CA LYS C 61 -2.03 -3.03 15.05
C LYS C 61 -3.39 -3.46 14.54
N LEU C 62 -3.91 -2.65 13.60
CA LEU C 62 -5.21 -2.91 12.99
C LEU C 62 -5.18 -4.24 12.25
N ASN C 63 -4.04 -4.50 11.61
CA ASN C 63 -3.85 -5.76 10.89
C ASN C 63 -4.02 -6.91 11.89
N ASP C 64 -3.45 -6.73 13.09
CA ASP C 64 -3.55 -7.72 14.16
C ASP C 64 -4.97 -7.74 14.73
N ALA C 65 -5.61 -6.57 14.76
CA ALA C 65 -6.97 -6.42 15.29
C ALA C 65 -8.00 -7.05 14.35
N GLN C 66 -7.71 -7.00 13.04
CA GLN C 66 -8.63 -7.55 12.02
C GLN C 66 -8.22 -8.98 11.65
N ALA C 67 -7.10 -9.40 12.20
CA ALA C 67 -6.55 -10.72 11.94
C ALA C 67 -7.52 -11.84 12.35
N LYS A 16 -1.41 -14.57 -3.67
CA LYS A 16 -1.49 -13.66 -2.54
C LYS A 16 -0.74 -12.34 -2.77
N LEU A 17 -1.43 -11.23 -2.45
CA LEU A 17 -0.85 -9.89 -2.56
C LEU A 17 -0.98 -9.19 -1.20
N VAL A 18 0.02 -8.36 -0.86
CA VAL A 18 0.01 -7.66 0.44
C VAL A 18 0.42 -6.20 0.28
N PHE A 19 -0.29 -5.30 0.99
CA PHE A 19 0.03 -3.87 0.95
C PHE A 19 0.75 -3.51 2.23
N PHE A 20 1.92 -2.91 2.09
CA PHE A 20 2.71 -2.52 3.26
C PHE A 20 3.31 -1.13 3.09
N ALA A 21 3.71 -0.53 4.20
CA ALA A 21 4.31 0.79 4.19
C ALA A 21 5.72 0.71 4.80
N GLU A 22 6.70 1.29 4.10
CA GLU A 22 8.07 1.29 4.54
C GLU A 22 8.42 2.67 5.09
N ASP A 23 8.81 2.74 6.36
CA ASP A 23 9.16 4.01 6.98
C ASP A 23 10.46 4.50 6.38
N VAL A 24 10.37 5.62 5.67
CA VAL A 24 11.52 6.22 4.97
C VAL A 24 11.89 7.59 5.57
N GLY A 25 10.88 8.31 6.06
CA GLY A 25 11.09 9.63 6.68
C GLY A 25 11.82 10.62 5.77
N SER A 26 11.97 10.27 4.49
CA SER A 26 12.66 11.14 3.53
C SER A 26 11.66 12.11 2.90
N ASN A 27 11.03 12.91 3.78
CA ASN A 27 10.01 13.89 3.35
C ASN A 27 8.83 13.14 2.72
N LYS A 28 8.54 11.96 3.28
CA LYS A 28 7.44 11.11 2.79
C LYS A 28 6.77 10.36 3.95
N GLY A 29 7.50 10.19 5.06
CA GLY A 29 7.01 9.45 6.21
C GLY A 29 7.24 7.97 5.94
N ALA A 30 6.39 7.42 5.07
CA ALA A 30 6.50 6.02 4.66
C ALA A 30 6.16 5.88 3.17
N ILE A 31 6.63 4.79 2.55
CA ILE A 31 6.37 4.53 1.12
C ILE A 31 5.45 3.33 0.98
N ILE A 32 4.43 3.49 0.13
CA ILE A 32 3.50 2.40 -0.13
C ILE A 32 4.11 1.45 -1.14
N GLY A 33 4.31 0.22 -0.68
CA GLY A 33 4.84 -0.85 -1.50
C GLY A 33 4.04 -2.10 -1.22
N LEU A 34 3.88 -2.94 -2.24
CA LEU A 34 3.10 -4.16 -2.07
C LEU A 34 3.91 -5.37 -2.49
N MET A 35 3.53 -6.51 -1.94
CA MET A 35 4.19 -7.77 -2.24
C MET A 35 3.29 -8.61 -3.15
N VAL A 36 3.91 -9.35 -4.06
CA VAL A 36 3.21 -10.22 -4.99
C VAL A 36 3.66 -11.66 -4.75
N GLY A 37 2.73 -12.56 -4.44
CA GLY A 37 3.06 -13.96 -4.18
C GLY A 37 2.91 -14.33 -2.71
N GLY A 38 2.55 -15.61 -2.48
CA GLY A 38 2.38 -16.17 -1.13
C GLY A 38 3.48 -15.71 -0.18
N VAL A 39 4.73 -16.00 -0.54
CA VAL A 39 5.87 -15.60 0.29
C VAL A 39 7.05 -15.17 -0.57
N VAL A 40 7.83 -14.23 -0.03
CA VAL A 40 9.01 -13.70 -0.72
C VAL A 40 10.00 -14.85 -1.01
N GLY B 25 8.12 -14.58 -4.13
CA GLY B 25 7.31 -13.38 -4.31
C GLY B 25 8.12 -12.18 -4.83
N GLU B 26 7.42 -11.35 -5.60
CA GLU B 26 7.98 -10.12 -6.18
C GLU B 26 7.38 -8.92 -5.43
N ILE B 27 8.23 -7.97 -5.03
CA ILE B 27 7.75 -6.80 -4.29
C ILE B 27 7.79 -5.54 -5.16
N VAL B 28 6.63 -4.87 -5.21
CA VAL B 28 6.42 -3.64 -6.00
C VAL B 28 6.31 -2.40 -5.10
N TYR B 29 6.87 -1.28 -5.61
CA TYR B 29 6.81 0.02 -4.92
C TYR B 29 6.20 1.05 -5.85
N LEU B 30 5.15 1.75 -5.39
CA LEU B 30 4.49 2.78 -6.21
C LEU B 30 4.49 4.15 -5.49
N PRO B 31 5.64 4.64 -5.07
CA PRO B 31 5.75 5.97 -4.37
C PRO B 31 5.30 7.11 -5.29
N ASN B 32 5.24 6.81 -6.57
CA ASN B 32 4.87 7.79 -7.59
C ASN B 32 3.35 7.88 -7.78
N LEU B 33 2.59 6.99 -7.12
CA LEU B 33 1.14 7.01 -7.26
C LEU B 33 0.47 7.81 -6.15
N ASN B 34 -0.39 8.74 -6.55
CA ASN B 34 -1.13 9.57 -5.60
C ASN B 34 -2.13 8.72 -4.82
N PRO B 35 -2.58 9.18 -3.65
CA PRO B 35 -3.54 8.40 -2.81
C PRO B 35 -4.78 7.97 -3.59
N ASP B 36 -5.23 8.83 -4.50
CA ASP B 36 -6.40 8.52 -5.31
C ASP B 36 -6.09 7.32 -6.22
N GLN B 37 -4.93 7.36 -6.88
CA GLN B 37 -4.53 6.28 -7.77
C GLN B 37 -4.32 4.99 -6.98
N LEU B 38 -3.67 5.09 -5.80
CA LEU B 38 -3.45 3.91 -4.97
C LEU B 38 -4.80 3.34 -4.52
N CYS B 39 -5.74 4.21 -4.17
CA CYS B 39 -7.08 3.78 -3.75
C CYS B 39 -7.78 3.09 -4.93
N ALA B 40 -7.62 3.68 -6.12
CA ALA B 40 -8.22 3.14 -7.34
C ALA B 40 -7.67 1.74 -7.62
N PHE B 41 -6.35 1.63 -7.51
CA PHE B 41 -5.65 0.37 -7.74
C PHE B 41 -6.02 -0.65 -6.65
N ILE B 42 -5.87 -0.25 -5.39
CA ILE B 42 -6.15 -1.11 -4.25
C ILE B 42 -7.60 -1.61 -4.23
N HIS B 43 -8.55 -0.76 -4.62
CA HIS B 43 -9.96 -1.15 -4.63
C HIS B 43 -10.19 -2.29 -5.62
N SER B 44 -9.70 -2.09 -6.84
CA SER B 44 -9.83 -3.07 -7.91
C SER B 44 -8.98 -4.31 -7.62
N LEU B 45 -7.77 -4.07 -7.10
CA LEU B 45 -6.82 -5.15 -6.77
C LEU B 45 -7.44 -6.13 -5.78
N HIS B 46 -8.16 -5.58 -4.79
CA HIS B 46 -8.81 -6.39 -3.77
C HIS B 46 -10.09 -7.04 -4.30
N ASP B 47 -10.95 -6.22 -4.91
CA ASP B 47 -12.24 -6.70 -5.45
C ASP B 47 -12.06 -7.80 -6.50
N ASP B 48 -11.03 -7.64 -7.35
CA ASP B 48 -10.77 -8.61 -8.43
C ASP B 48 -9.35 -9.21 -8.29
N PRO B 49 -9.19 -10.20 -7.44
CA PRO B 49 -7.86 -10.86 -7.22
C PRO B 49 -7.43 -11.68 -8.45
N SER B 50 -8.41 -12.19 -9.20
CA SER B 50 -8.14 -12.98 -10.40
C SER B 50 -7.34 -12.16 -11.42
N GLN B 51 -7.65 -10.86 -11.49
CA GLN B 51 -6.98 -9.94 -12.42
C GLN B 51 -5.82 -9.20 -11.73
N SER B 52 -5.41 -9.68 -10.56
CA SER B 52 -4.35 -9.03 -9.79
C SER B 52 -3.10 -8.75 -10.64
N ALA B 53 -2.69 -9.70 -11.46
CA ALA B 53 -1.50 -9.50 -12.30
C ALA B 53 -1.74 -8.41 -13.34
N ASN B 54 -2.88 -8.49 -14.04
CA ASN B 54 -3.22 -7.50 -15.06
C ASN B 54 -3.38 -6.11 -14.43
N LEU B 55 -4.09 -6.07 -13.31
CA LEU B 55 -4.34 -4.81 -12.59
C LEU B 55 -3.01 -4.18 -12.17
N LEU B 56 -2.08 -5.02 -11.72
CA LEU B 56 -0.77 -4.53 -11.29
C LEU B 56 -0.04 -3.89 -12.46
N ALA B 57 -0.19 -4.48 -13.65
CA ALA B 57 0.44 -3.95 -14.88
C ALA B 57 0.00 -2.50 -15.13
N GLU B 58 -1.25 -2.22 -14.75
CA GLU B 58 -1.82 -0.89 -14.91
C GLU B 58 -1.17 0.07 -13.95
N ALA B 59 -1.00 -0.39 -12.70
CA ALA B 59 -0.42 0.44 -11.68
C ALA B 59 1.05 0.65 -11.97
N LYS B 60 1.68 -0.36 -12.57
CA LYS B 60 3.08 -0.25 -12.92
C LYS B 60 3.23 0.73 -14.07
N LYS B 61 2.31 0.65 -15.03
CA LYS B 61 2.31 1.60 -16.13
C LYS B 61 2.08 2.99 -15.52
N LEU B 62 1.32 2.99 -14.41
CA LEU B 62 1.05 4.21 -13.64
C LEU B 62 2.33 4.66 -12.94
N ASN B 63 3.08 3.67 -12.41
CA ASN B 63 4.35 3.92 -11.72
C ASN B 63 5.26 4.68 -12.67
N ASP B 64 5.21 4.27 -13.94
CA ASP B 64 5.99 4.91 -15.00
C ASP B 64 5.30 6.22 -15.46
N ALA B 65 3.97 6.21 -15.42
CA ALA B 65 3.17 7.37 -15.85
C ALA B 65 3.34 8.57 -14.91
N GLN B 66 3.55 8.29 -13.62
CA GLN B 66 3.70 9.33 -12.60
C GLN B 66 5.13 9.35 -12.06
N ALA B 67 5.99 8.58 -12.70
CA ALA B 67 7.38 8.45 -12.33
C ALA B 67 8.09 9.79 -12.34
N GLY C 25 12.80 3.30 8.76
CA GLY C 25 13.39 2.00 8.40
C GLY C 25 12.49 0.84 8.80
N GLU C 26 11.39 1.16 9.46
CA GLU C 26 10.46 0.15 9.90
C GLU C 26 9.42 -0.10 8.83
N ILE C 27 9.03 -1.37 8.68
CA ILE C 27 8.04 -1.78 7.70
C ILE C 27 6.79 -2.33 8.39
N VAL C 28 5.64 -2.06 7.79
CA VAL C 28 4.34 -2.50 8.31
C VAL C 28 3.54 -3.19 7.21
N TYR C 29 3.26 -4.49 7.40
CA TYR C 29 2.49 -5.27 6.43
C TYR C 29 1.01 -5.27 6.79
N LEU C 30 0.16 -5.07 5.76
CA LEU C 30 -1.29 -5.02 5.96
C LEU C 30 -2.00 -6.07 5.08
N PRO C 31 -1.95 -7.34 5.47
CA PRO C 31 -2.61 -8.45 4.70
C PRO C 31 -4.08 -8.64 5.07
N ASN C 32 -4.37 -8.73 6.38
CA ASN C 32 -5.73 -8.94 6.87
C ASN C 32 -6.53 -7.62 6.90
N LEU C 33 -5.95 -6.57 6.32
CA LEU C 33 -6.60 -5.26 6.28
C LEU C 33 -7.58 -5.18 5.12
N ASN C 34 -8.60 -4.31 5.27
CA ASN C 34 -9.60 -4.12 4.22
C ASN C 34 -9.14 -3.00 3.27
N PRO C 35 -9.52 -3.03 2.01
CA PRO C 35 -9.10 -1.97 1.05
C PRO C 35 -9.63 -0.61 1.48
N ASP C 36 -10.80 -0.62 2.12
CA ASP C 36 -11.40 0.61 2.64
C ASP C 36 -10.43 1.24 3.63
N GLN C 37 -9.87 0.37 4.48
CA GLN C 37 -8.90 0.79 5.47
C GLN C 37 -7.61 1.24 4.80
N LEU C 38 -7.21 0.57 3.70
CA LEU C 38 -5.99 0.95 2.99
C LEU C 38 -6.13 2.36 2.40
N CYS C 39 -7.29 2.66 1.81
CA CYS C 39 -7.52 3.99 1.23
C CYS C 39 -7.44 5.05 2.32
N ALA C 40 -8.12 4.79 3.44
CA ALA C 40 -8.12 5.71 4.59
C ALA C 40 -6.69 5.84 5.14
N PHE C 41 -6.00 4.71 5.16
CA PHE C 41 -4.63 4.65 5.67
C PHE C 41 -3.68 5.45 4.78
N ILE C 42 -3.69 5.15 3.48
CA ILE C 42 -2.83 5.84 2.51
C ILE C 42 -3.13 7.33 2.43
N HIS C 43 -4.41 7.70 2.53
CA HIS C 43 -4.81 9.10 2.46
C HIS C 43 -4.16 9.89 3.60
N SER C 44 -4.25 9.36 4.82
CA SER C 44 -3.68 10.01 6.01
C SER C 44 -2.16 9.88 5.99
N LEU C 45 -1.70 8.70 5.55
CA LEU C 45 -0.26 8.39 5.46
C LEU C 45 0.45 9.38 4.55
N HIS C 46 -0.19 9.71 3.43
CA HIS C 46 0.39 10.65 2.46
C HIS C 46 0.14 12.10 2.89
N ASP C 47 -1.10 12.40 3.29
CA ASP C 47 -1.47 13.76 3.71
C ASP C 47 -0.63 14.24 4.89
N ASP C 48 -0.33 13.33 5.83
CA ASP C 48 0.47 13.67 7.01
C ASP C 48 1.72 12.78 7.10
N PRO C 49 2.81 13.17 6.45
CA PRO C 49 4.07 12.38 6.47
C PRO C 49 4.64 12.22 7.88
N SER C 50 4.53 13.27 8.68
CA SER C 50 5.02 13.25 10.06
C SER C 50 4.25 12.20 10.89
N GLN C 51 2.96 12.06 10.61
CA GLN C 51 2.09 11.14 11.33
C GLN C 51 2.00 9.78 10.61
N SER C 52 2.62 9.68 9.42
CA SER C 52 2.60 8.43 8.64
C SER C 52 3.11 7.27 9.51
N ALA C 53 4.16 7.54 10.27
CA ALA C 53 4.74 6.55 11.19
C ALA C 53 3.71 6.16 12.25
N ASN C 54 3.01 7.17 12.80
CA ASN C 54 1.99 6.92 13.82
C ASN C 54 0.87 6.08 13.21
N LEU C 55 0.52 6.40 11.96
CA LEU C 55 -0.51 5.65 11.24
C LEU C 55 -0.05 4.22 11.03
N LEU C 56 1.26 4.04 10.86
CA LEU C 56 1.84 2.71 10.67
C LEU C 56 1.57 1.85 11.90
N ALA C 57 1.68 2.46 13.08
CA ALA C 57 1.45 1.76 14.33
C ALA C 57 0.00 1.30 14.43
N GLU C 58 -0.94 2.22 14.21
CA GLU C 58 -2.36 1.88 14.27
C GLU C 58 -2.76 0.95 13.13
N ALA C 59 -2.22 1.20 11.93
CA ALA C 59 -2.52 0.38 10.76
C ALA C 59 -2.04 -1.04 11.01
N LYS C 60 -0.80 -1.13 11.50
CA LYS C 60 -0.22 -2.42 11.82
C LYS C 60 -1.01 -3.07 12.96
N LYS C 61 -1.52 -2.23 13.88
CA LYS C 61 -2.32 -2.72 15.00
C LYS C 61 -3.65 -3.19 14.45
N LEU C 62 -4.12 -2.49 13.42
CA LEU C 62 -5.37 -2.81 12.78
C LEU C 62 -5.26 -4.17 12.12
N ASN C 63 -4.10 -4.44 11.51
CA ASN C 63 -3.84 -5.72 10.88
C ASN C 63 -3.98 -6.82 11.94
N ASP C 64 -3.45 -6.53 13.14
CA ASP C 64 -3.54 -7.45 14.26
C ASP C 64 -4.98 -7.54 14.78
N ALA C 65 -5.68 -6.40 14.72
CA ALA C 65 -7.06 -6.30 15.18
C ALA C 65 -8.04 -7.01 14.25
N GLN C 66 -7.75 -6.97 12.95
CA GLN C 66 -8.61 -7.61 11.94
C GLN C 66 -8.11 -9.00 11.59
N ALA C 67 -6.95 -9.35 12.16
CA ALA C 67 -6.32 -10.63 11.92
C ALA C 67 -7.19 -11.79 12.39
N LYS A 16 -0.43 -13.87 -4.99
CA LYS A 16 -0.67 -13.36 -3.65
C LYS A 16 -0.09 -11.97 -3.50
N LEU A 17 -0.97 -10.97 -3.36
CA LEU A 17 -0.51 -9.59 -3.20
C LEU A 17 -0.75 -9.09 -1.79
N VAL A 18 0.18 -8.24 -1.33
CA VAL A 18 0.12 -7.68 0.02
C VAL A 18 0.54 -6.21 -0.03
N PHE A 19 -0.21 -5.34 0.67
CA PHE A 19 0.12 -3.92 0.71
C PHE A 19 0.82 -3.59 2.01
N PHE A 20 1.96 -2.92 1.88
CA PHE A 20 2.76 -2.54 3.06
C PHE A 20 3.35 -1.14 2.92
N ALA A 21 3.67 -0.53 4.07
CA ALA A 21 4.27 0.79 4.11
C ALA A 21 5.61 0.70 4.82
N GLU A 22 6.63 1.39 4.29
CA GLU A 22 7.97 1.38 4.89
C GLU A 22 8.32 2.75 5.42
N ASP A 23 8.85 2.81 6.65
CA ASP A 23 9.26 4.08 7.20
C ASP A 23 10.59 4.45 6.55
N VAL A 24 10.55 5.49 5.72
CA VAL A 24 11.75 5.91 4.96
C VAL A 24 12.23 7.30 5.39
N GLY A 25 11.41 8.02 6.16
CA GLY A 25 11.75 9.37 6.59
C GLY A 25 11.89 10.29 5.38
N SER A 26 13.02 11.00 5.28
CA SER A 26 13.27 11.90 4.14
C SER A 26 12.11 12.87 3.89
N ASN A 27 11.32 13.13 4.94
CA ASN A 27 10.15 14.02 4.85
C ASN A 27 9.06 13.37 3.97
N LYS A 28 9.33 12.14 3.54
CA LYS A 28 8.39 11.37 2.72
C LYS A 28 7.53 10.47 3.60
N GLY A 29 7.83 10.44 4.90
CA GLY A 29 7.10 9.60 5.83
C GLY A 29 7.38 8.14 5.50
N ALA A 30 6.40 7.48 4.87
CA ALA A 30 6.54 6.10 4.46
C ALA A 30 6.22 5.93 2.97
N ILE A 31 6.65 4.80 2.39
CA ILE A 31 6.41 4.51 0.98
C ILE A 31 5.44 3.36 0.83
N ILE A 32 4.44 3.54 -0.02
CA ILE A 32 3.49 2.47 -0.29
C ILE A 32 4.08 1.53 -1.31
N GLY A 33 4.29 0.30 -0.86
CA GLY A 33 4.84 -0.75 -1.72
C GLY A 33 4.07 -2.02 -1.47
N LEU A 34 3.92 -2.83 -2.50
CA LEU A 34 3.17 -4.08 -2.37
C LEU A 34 4.02 -5.25 -2.80
N MET A 35 3.67 -6.39 -2.27
CA MET A 35 4.35 -7.65 -2.55
C MET A 35 3.54 -8.43 -3.59
N VAL A 36 4.21 -9.18 -4.46
CA VAL A 36 3.54 -9.95 -5.51
C VAL A 36 3.96 -11.42 -5.44
N GLY A 37 2.98 -12.32 -5.34
CA GLY A 37 3.26 -13.76 -5.27
C GLY A 37 4.08 -14.09 -4.04
N GLY A 38 3.82 -13.36 -2.96
CA GLY A 38 4.54 -13.54 -1.70
C GLY A 38 3.87 -14.56 -0.81
N VAL A 39 4.34 -14.60 0.42
CA VAL A 39 3.81 -15.52 1.41
C VAL A 39 3.72 -14.81 2.77
N VAL A 40 2.49 -14.67 3.27
CA VAL A 40 2.24 -14.00 4.54
C VAL A 40 1.03 -14.63 5.23
N GLY B 25 8.94 -13.02 -2.81
CA GLY B 25 8.20 -12.72 -4.04
C GLY B 25 8.67 -11.41 -4.67
N GLU B 26 8.06 -11.05 -5.81
CA GLU B 26 8.38 -9.80 -6.49
C GLU B 26 7.70 -8.66 -5.75
N ILE B 27 8.48 -7.65 -5.34
CA ILE B 27 7.92 -6.52 -4.61
C ILE B 27 7.91 -5.24 -5.45
N VAL B 28 6.73 -4.62 -5.51
CA VAL B 28 6.47 -3.40 -6.28
C VAL B 28 6.34 -2.17 -5.37
N TYR B 29 6.79 -1.02 -5.89
CA TYR B 29 6.70 0.26 -5.17
C TYR B 29 6.01 1.29 -6.06
N LEU B 30 4.98 1.97 -5.52
CA LEU B 30 4.24 2.98 -6.28
C LEU B 30 4.23 4.35 -5.55
N PRO B 31 5.38 4.86 -5.16
CA PRO B 31 5.48 6.19 -4.46
C PRO B 31 5.01 7.31 -5.37
N ASN B 32 4.99 7.04 -6.67
CA ASN B 32 4.60 8.01 -7.67
C ASN B 32 3.09 8.07 -7.86
N LEU B 33 2.35 7.16 -7.21
CA LEU B 33 0.89 7.13 -7.35
C LEU B 33 0.22 7.92 -6.23
N ASN B 34 -0.74 8.76 -6.63
CA ASN B 34 -1.48 9.57 -5.68
C ASN B 34 -2.46 8.67 -4.89
N PRO B 35 -2.91 9.11 -3.72
CA PRO B 35 -3.83 8.29 -2.87
C PRO B 35 -5.05 7.82 -3.65
N ASP B 36 -5.53 8.65 -4.58
CA ASP B 36 -6.69 8.28 -5.39
C ASP B 36 -6.36 7.08 -6.28
N GLN B 37 -5.19 7.13 -6.93
CA GLN B 37 -4.76 6.05 -7.81
C GLN B 37 -4.48 4.78 -7.00
N LEU B 38 -3.81 4.93 -5.85
CA LEU B 38 -3.51 3.78 -5.00
C LEU B 38 -4.80 3.14 -4.51
N CYS B 39 -5.77 3.98 -4.12
CA CYS B 39 -7.07 3.48 -3.65
C CYS B 39 -7.80 2.80 -4.82
N ALA B 40 -7.69 3.38 -6.02
CA ALA B 40 -8.34 2.82 -7.20
C ALA B 40 -7.74 1.45 -7.52
N PHE B 41 -6.42 1.38 -7.46
CA PHE B 41 -5.69 0.13 -7.73
C PHE B 41 -6.01 -0.91 -6.66
N ILE B 42 -5.86 -0.51 -5.40
CA ILE B 42 -6.12 -1.40 -4.26
C ILE B 42 -7.55 -1.92 -4.23
N HIS B 43 -8.52 -1.07 -4.59
CA HIS B 43 -9.92 -1.48 -4.59
C HIS B 43 -10.16 -2.60 -5.60
N SER B 44 -9.68 -2.36 -6.82
CA SER B 44 -9.82 -3.34 -7.91
C SER B 44 -8.94 -4.57 -7.66
N LEU B 45 -7.73 -4.31 -7.15
CA LEU B 45 -6.76 -5.36 -6.86
C LEU B 45 -7.35 -6.38 -5.88
N HIS B 46 -8.09 -5.87 -4.89
CA HIS B 46 -8.71 -6.73 -3.89
C HIS B 46 -10.04 -7.32 -4.40
N ASP B 47 -10.76 -6.53 -5.23
CA ASP B 47 -12.05 -6.96 -5.78
C ASP B 47 -11.92 -8.28 -6.58
N ASP B 48 -10.83 -8.41 -7.34
CA ASP B 48 -10.60 -9.61 -8.16
C ASP B 48 -9.13 -10.02 -8.12
N PRO B 49 -8.74 -10.79 -7.12
CA PRO B 49 -7.33 -11.28 -6.99
C PRO B 49 -6.84 -12.01 -8.24
N SER B 50 -7.77 -12.58 -9.01
CA SER B 50 -7.43 -13.30 -10.24
C SER B 50 -6.79 -12.34 -11.25
N GLN B 51 -7.31 -11.10 -11.29
CA GLN B 51 -6.81 -10.06 -12.19
C GLN B 51 -5.69 -9.25 -11.55
N SER B 52 -5.20 -9.70 -10.38
CA SER B 52 -4.14 -8.97 -9.67
C SER B 52 -2.92 -8.70 -10.54
N ALA B 53 -2.53 -9.69 -11.36
CA ALA B 53 -1.38 -9.52 -12.25
C ALA B 53 -1.69 -8.51 -13.34
N ASN B 54 -2.85 -8.64 -13.97
CA ASN B 54 -3.27 -7.73 -15.04
C ASN B 54 -3.43 -6.31 -14.51
N LEU B 55 -4.16 -6.16 -13.41
CA LEU B 55 -4.40 -4.85 -12.79
C LEU B 55 -3.09 -4.17 -12.44
N LEU B 56 -2.18 -4.95 -11.84
CA LEU B 56 -0.87 -4.44 -11.47
C LEU B 56 -0.11 -4.01 -12.72
N ALA B 57 -0.25 -4.76 -13.81
CA ALA B 57 0.41 -4.41 -15.06
C ALA B 57 0.05 -2.96 -15.42
N GLU B 58 -1.18 -2.57 -15.09
CA GLU B 58 -1.66 -1.20 -15.34
C GLU B 58 -1.10 -0.22 -14.32
N ALA B 59 -1.05 -0.66 -13.07
CA ALA B 59 -0.56 0.19 -12.01
C ALA B 59 0.92 0.46 -12.21
N LYS B 60 1.60 -0.54 -12.79
CA LYS B 60 3.02 -0.41 -13.09
C LYS B 60 3.20 0.68 -14.15
N LYS B 61 2.32 0.61 -15.16
CA LYS B 61 2.29 1.63 -16.22
C LYS B 61 2.02 2.99 -15.56
N LEU B 62 1.17 2.95 -14.52
CA LEU B 62 0.83 4.15 -13.75
C LEU B 62 2.09 4.68 -13.06
N ASN B 63 2.92 3.74 -12.55
CA ASN B 63 4.16 4.10 -11.88
C ASN B 63 5.02 4.94 -12.82
N ASP B 64 5.02 4.54 -14.09
CA ASP B 64 5.76 5.26 -15.14
C ASP B 64 4.96 6.50 -15.59
N ALA B 65 3.64 6.40 -15.49
CA ALA B 65 2.74 7.48 -15.90
C ALA B 65 2.83 8.69 -14.97
N GLN B 66 3.12 8.44 -13.69
CA GLN B 66 3.22 9.51 -12.69
C GLN B 66 4.65 9.61 -12.16
N ALA B 67 5.54 8.87 -12.81
CA ALA B 67 6.94 8.82 -12.45
C ALA B 67 7.58 10.20 -12.45
N GLY C 25 13.00 3.07 8.85
CA GLY C 25 13.49 1.75 8.47
C GLY C 25 12.54 0.63 8.87
N GLU C 26 11.46 0.98 9.55
CA GLU C 26 10.50 -0.01 9.98
C GLU C 26 9.44 -0.20 8.91
N ILE C 27 9.08 -1.45 8.68
CA ILE C 27 8.08 -1.79 7.66
C ILE C 27 6.82 -2.38 8.30
N VAL C 28 5.68 -2.09 7.67
CA VAL C 28 4.38 -2.55 8.14
C VAL C 28 3.58 -3.18 7.00
N TYR C 29 3.20 -4.45 7.17
CA TYR C 29 2.41 -5.17 6.16
C TYR C 29 0.94 -5.18 6.53
N LEU C 30 0.08 -4.95 5.53
CA LEU C 30 -1.38 -4.92 5.73
C LEU C 30 -2.07 -6.07 4.95
N PRO C 31 -1.93 -7.31 5.40
CA PRO C 31 -2.56 -8.49 4.72
C PRO C 31 -4.03 -8.67 5.09
N ASN C 32 -4.33 -8.68 6.40
CA ASN C 32 -5.70 -8.87 6.89
C ASN C 32 -6.51 -7.56 6.95
N LEU C 33 -5.90 -6.46 6.48
CA LEU C 33 -6.58 -5.16 6.48
C LEU C 33 -7.59 -5.10 5.31
N ASN C 34 -8.65 -4.29 5.45
CA ASN C 34 -9.67 -4.18 4.39
C ASN C 34 -9.34 -2.98 3.49
N PRO C 35 -9.68 -3.03 2.21
CA PRO C 35 -9.37 -1.93 1.25
C PRO C 35 -9.87 -0.56 1.71
N ASP C 36 -11.07 -0.51 2.31
CA ASP C 36 -11.63 0.76 2.80
C ASP C 36 -10.71 1.35 3.87
N GLN C 37 -10.19 0.46 4.72
CA GLN C 37 -9.27 0.84 5.78
C GLN C 37 -7.90 1.19 5.19
N LEU C 38 -7.50 0.42 4.16
CA LEU C 38 -6.21 0.64 3.48
C LEU C 38 -6.21 1.99 2.75
N CYS C 39 -7.32 2.33 2.11
CA CYS C 39 -7.43 3.60 1.39
C CYS C 39 -7.27 4.76 2.37
N ALA C 40 -7.97 4.65 3.50
CA ALA C 40 -7.89 5.67 4.54
C ALA C 40 -6.47 5.76 5.08
N PHE C 41 -5.80 4.60 5.16
CA PHE C 41 -4.42 4.54 5.63
C PHE C 41 -3.50 5.35 4.71
N ILE C 42 -3.56 5.03 3.41
CA ILE C 42 -2.73 5.71 2.42
C ILE C 42 -3.02 7.21 2.42
N HIS C 43 -4.31 7.56 2.52
CA HIS C 43 -4.71 8.96 2.56
C HIS C 43 -4.04 9.66 3.74
N SER C 44 -3.97 8.95 4.87
CA SER C 44 -3.35 9.47 6.08
C SER C 44 -1.84 9.67 5.89
N LEU C 45 -1.16 8.70 5.23
CA LEU C 45 0.29 8.81 4.99
C LEU C 45 0.61 10.08 4.20
N HIS C 46 -0.23 10.36 3.20
CA HIS C 46 -0.06 11.54 2.34
C HIS C 46 -0.46 12.83 3.08
N ASP C 47 -1.54 12.75 3.88
CA ASP C 47 -2.03 13.91 4.64
C ASP C 47 -0.93 14.51 5.52
N ASP C 48 -0.12 13.64 6.11
CA ASP C 48 0.98 14.06 6.97
C ASP C 48 2.09 12.99 6.95
N PRO C 49 3.23 13.29 6.34
CA PRO C 49 4.36 12.31 6.25
C PRO C 49 4.94 11.96 7.63
N SER C 50 5.05 12.96 8.51
CA SER C 50 5.59 12.73 9.84
C SER C 50 4.73 11.72 10.61
N GLN C 51 3.42 11.81 10.42
CA GLN C 51 2.47 10.91 11.09
C GLN C 51 2.55 9.48 10.55
N SER C 52 3.09 9.29 9.34
CA SER C 52 3.16 7.96 8.73
C SER C 52 3.69 6.90 9.70
N ALA C 53 4.70 7.28 10.48
CA ALA C 53 5.29 6.37 11.47
C ALA C 53 4.25 5.95 12.52
N ASN C 54 3.57 6.93 13.13
CA ASN C 54 2.55 6.63 14.13
C ASN C 54 1.39 5.89 13.48
N LEU C 55 1.05 6.30 12.26
CA LEU C 55 -0.02 5.68 11.50
C LEU C 55 0.34 4.22 11.21
N LEU C 56 1.64 3.99 11.00
CA LEU C 56 2.13 2.64 10.72
C LEU C 56 1.82 1.72 11.91
N ALA C 57 1.97 2.26 13.12
CA ALA C 57 1.72 1.48 14.32
C ALA C 57 0.25 1.05 14.40
N GLU C 58 -0.66 2.01 14.22
CA GLU C 58 -2.10 1.72 14.26
C GLU C 58 -2.51 0.89 13.05
N ALA C 59 -1.97 1.23 11.88
CA ALA C 59 -2.28 0.51 10.65
C ALA C 59 -1.85 -0.94 10.80
N LYS C 60 -0.68 -1.13 11.39
CA LYS C 60 -0.17 -2.46 11.65
C LYS C 60 -1.06 -3.13 12.70
N LYS C 61 -1.50 -2.33 13.69
CA LYS C 61 -2.38 -2.84 14.74
C LYS C 61 -3.69 -3.34 14.15
N LEU C 62 -4.17 -2.66 13.10
CA LEU C 62 -5.40 -3.08 12.42
C LEU C 62 -5.24 -4.46 11.83
N ASN C 63 -4.06 -4.72 11.26
CA ASN C 63 -3.78 -6.03 10.68
C ASN C 63 -4.00 -7.09 11.78
N ASP C 64 -3.63 -6.71 13.01
CA ASP C 64 -3.79 -7.58 14.17
C ASP C 64 -5.26 -7.58 14.65
N ALA C 65 -5.89 -6.40 14.56
CA ALA C 65 -7.29 -6.22 14.98
C ALA C 65 -8.26 -6.90 14.01
N GLN C 66 -7.89 -6.93 12.74
CA GLN C 66 -8.73 -7.53 11.69
C GLN C 66 -8.30 -8.97 11.40
N ALA C 67 -7.19 -9.37 12.01
CA ALA C 67 -6.64 -10.70 11.82
C ALA C 67 -7.62 -11.79 12.26
N LYS A 16 -1.20 -14.21 -4.23
CA LYS A 16 -1.50 -13.37 -3.08
C LYS A 16 -0.70 -12.08 -3.11
N LEU A 17 -1.40 -10.98 -2.86
CA LEU A 17 -0.81 -9.65 -2.83
C LEU A 17 -0.89 -9.09 -1.42
N VAL A 18 0.08 -8.23 -1.07
CA VAL A 18 0.13 -7.65 0.26
C VAL A 18 0.53 -6.18 0.19
N PHE A 19 -0.28 -5.30 0.80
CA PHE A 19 0.03 -3.87 0.83
C PHE A 19 0.77 -3.56 2.11
N PHE A 20 1.95 -2.98 1.95
CA PHE A 20 2.79 -2.63 3.09
C PHE A 20 3.38 -1.23 2.93
N ALA A 21 3.72 -0.61 4.07
CA ALA A 21 4.30 0.73 4.07
C ALA A 21 5.65 0.72 4.77
N GLU A 22 6.62 1.43 4.18
CA GLU A 22 7.97 1.51 4.77
C GLU A 22 8.15 2.85 5.49
N ASP A 23 8.81 2.82 6.64
CA ASP A 23 9.06 4.05 7.39
C ASP A 23 10.21 4.81 6.74
N VAL A 24 9.87 5.94 6.14
CA VAL A 24 10.83 6.78 5.42
C VAL A 24 10.86 8.21 6.01
N GLY A 25 11.46 8.33 7.19
CA GLY A 25 11.55 9.62 7.89
C GLY A 25 12.43 10.64 7.14
N SER A 26 12.88 10.29 5.93
CA SER A 26 13.71 11.18 5.12
C SER A 26 12.85 12.25 4.43
N ASN A 27 11.96 12.87 5.21
CA ASN A 27 11.07 13.92 4.72
C ASN A 27 10.11 13.36 3.64
N LYS A 28 9.67 12.12 3.83
CA LYS A 28 8.74 11.46 2.89
C LYS A 28 7.70 10.61 3.63
N GLY A 29 7.81 10.57 4.96
CA GLY A 29 6.90 9.78 5.79
C GLY A 29 7.08 8.30 5.46
N ALA A 30 6.13 7.71 4.74
CA ALA A 30 6.24 6.31 4.34
C ALA A 30 5.89 6.13 2.86
N ILE A 31 6.40 5.05 2.27
CA ILE A 31 6.14 4.74 0.87
C ILE A 31 5.23 3.53 0.78
N ILE A 32 4.28 3.57 -0.15
CA ILE A 32 3.37 2.46 -0.35
C ILE A 32 3.94 1.50 -1.38
N GLY A 33 4.24 0.29 -0.91
CA GLY A 33 4.76 -0.77 -1.74
C GLY A 33 3.99 -2.04 -1.44
N LEU A 34 3.72 -2.81 -2.48
CA LEU A 34 2.98 -4.07 -2.30
C LEU A 34 3.81 -5.24 -2.73
N MET A 35 3.42 -6.40 -2.23
CA MET A 35 4.09 -7.65 -2.53
C MET A 35 3.21 -8.51 -3.40
N VAL A 36 3.85 -9.26 -4.30
CA VAL A 36 3.12 -10.12 -5.24
C VAL A 36 3.65 -11.56 -5.18
N GLY A 37 2.75 -12.51 -4.89
CA GLY A 37 3.13 -13.93 -4.82
C GLY A 37 4.22 -14.16 -3.78
N GLY A 38 3.89 -13.88 -2.52
CA GLY A 38 4.84 -14.03 -1.42
C GLY A 38 4.22 -14.83 -0.29
N VAL A 39 4.79 -14.69 0.90
CA VAL A 39 4.31 -15.41 2.08
C VAL A 39 4.27 -14.47 3.30
N VAL A 40 3.23 -14.63 4.13
CA VAL A 40 3.07 -13.81 5.33
C VAL A 40 2.39 -14.64 6.43
N GLY B 25 9.09 -13.22 -3.50
CA GLY B 25 8.00 -12.78 -4.38
C GLY B 25 8.40 -11.51 -5.11
N GLU B 26 7.53 -11.06 -6.03
CA GLU B 26 7.76 -9.84 -6.79
C GLU B 26 7.23 -8.68 -5.97
N ILE B 27 8.12 -7.75 -5.59
CA ILE B 27 7.72 -6.61 -4.77
C ILE B 27 7.63 -5.34 -5.62
N VAL B 28 6.48 -4.67 -5.54
CA VAL B 28 6.19 -3.44 -6.30
C VAL B 28 6.08 -2.21 -5.39
N TYR B 29 6.58 -1.07 -5.89
CA TYR B 29 6.52 0.21 -5.19
C TYR B 29 5.84 1.26 -6.08
N LEU B 30 4.82 1.94 -5.54
CA LEU B 30 4.10 2.97 -6.30
C LEU B 30 4.13 4.33 -5.55
N PRO B 31 5.32 4.86 -5.30
CA PRO B 31 5.49 6.18 -4.60
C PRO B 31 5.05 7.34 -5.50
N ASN B 32 5.04 7.06 -6.81
CA ASN B 32 4.68 8.06 -7.80
C ASN B 32 3.17 8.17 -7.98
N LEU B 33 2.41 7.31 -7.31
CA LEU B 33 0.94 7.34 -7.41
C LEU B 33 0.35 8.14 -6.26
N ASN B 34 -0.74 8.86 -6.56
CA ASN B 34 -1.44 9.67 -5.56
C ASN B 34 -2.45 8.80 -4.83
N PRO B 35 -2.93 9.22 -3.66
CA PRO B 35 -3.92 8.41 -2.87
C PRO B 35 -5.12 7.98 -3.71
N ASP B 36 -5.50 8.82 -4.67
CA ASP B 36 -6.62 8.51 -5.56
C ASP B 36 -6.27 7.28 -6.40
N GLN B 37 -5.07 7.30 -6.97
CA GLN B 37 -4.58 6.22 -7.81
C GLN B 37 -4.38 4.94 -7.00
N LEU B 38 -3.72 5.05 -5.84
CA LEU B 38 -3.48 3.88 -4.98
C LEU B 38 -4.82 3.30 -4.51
N CYS B 39 -5.76 4.18 -4.16
CA CYS B 39 -7.08 3.74 -3.70
C CYS B 39 -7.83 3.07 -4.86
N ALA B 40 -7.75 3.68 -6.05
CA ALA B 40 -8.41 3.14 -7.23
C ALA B 40 -7.83 1.78 -7.58
N PHE B 41 -6.50 1.71 -7.54
CA PHE B 41 -5.78 0.48 -7.83
C PHE B 41 -6.15 -0.59 -6.80
N ILE B 42 -6.07 -0.22 -5.53
CA ILE B 42 -6.40 -1.13 -4.43
C ILE B 42 -7.87 -1.58 -4.52
N HIS B 43 -8.74 -0.70 -5.02
CA HIS B 43 -10.16 -1.04 -5.15
C HIS B 43 -10.34 -2.12 -6.21
N SER B 44 -9.73 -1.89 -7.38
CA SER B 44 -9.79 -2.83 -8.49
C SER B 44 -9.05 -4.13 -8.16
N LEU B 45 -7.87 -3.96 -7.55
CA LEU B 45 -7.02 -5.09 -7.15
C LEU B 45 -7.79 -6.03 -6.22
N HIS B 46 -8.56 -5.45 -5.30
CA HIS B 46 -9.34 -6.24 -4.34
C HIS B 46 -10.57 -6.87 -5.02
N ASP B 47 -11.30 -6.07 -5.79
CA ASP B 47 -12.51 -6.53 -6.48
C ASP B 47 -12.23 -7.72 -7.40
N ASP B 48 -11.11 -7.68 -8.11
CA ASP B 48 -10.72 -8.74 -9.04
C ASP B 48 -9.34 -9.31 -8.67
N PRO B 49 -9.29 -10.26 -7.74
CA PRO B 49 -8.01 -10.87 -7.29
C PRO B 49 -7.36 -11.76 -8.36
N SER B 50 -8.20 -12.46 -9.12
CA SER B 50 -7.71 -13.37 -10.18
C SER B 50 -6.90 -12.60 -11.24
N GLN B 51 -7.32 -11.36 -11.51
CA GLN B 51 -6.66 -10.50 -12.50
C GLN B 51 -5.61 -9.60 -11.86
N SER B 52 -5.31 -9.84 -10.57
CA SER B 52 -4.34 -9.03 -9.84
C SER B 52 -3.05 -8.81 -10.60
N ALA B 53 -2.54 -9.84 -11.26
CA ALA B 53 -1.29 -9.73 -12.02
C ALA B 53 -1.45 -8.75 -13.18
N ASN B 54 -2.56 -8.87 -13.91
CA ASN B 54 -2.82 -7.99 -15.05
C ASN B 54 -3.06 -6.56 -14.57
N LEU B 55 -3.90 -6.43 -13.52
CA LEU B 55 -4.21 -5.12 -12.95
C LEU B 55 -2.94 -4.42 -12.47
N LEU B 56 -2.03 -5.20 -11.88
CA LEU B 56 -0.78 -4.64 -11.40
C LEU B 56 0.03 -4.09 -12.56
N ALA B 57 -0.01 -4.79 -13.69
CA ALA B 57 0.71 -4.35 -14.88
C ALA B 57 0.31 -2.92 -15.22
N GLU B 58 -0.98 -2.63 -15.02
CA GLU B 58 -1.54 -1.31 -15.27
C GLU B 58 -1.00 -0.31 -14.26
N ALA B 59 -0.90 -0.75 -13.01
CA ALA B 59 -0.41 0.12 -11.97
C ALA B 59 1.06 0.39 -12.20
N LYS B 60 1.75 -0.60 -12.77
CA LYS B 60 3.17 -0.45 -13.09
C LYS B 60 3.29 0.62 -14.20
N LYS B 61 2.35 0.55 -15.17
CA LYS B 61 2.32 1.55 -16.24
C LYS B 61 2.06 2.90 -15.59
N LEU B 62 1.22 2.89 -14.54
CA LEU B 62 0.91 4.10 -13.78
C LEU B 62 2.17 4.58 -13.09
N ASN B 63 2.96 3.62 -12.58
CA ASN B 63 4.22 3.92 -11.90
C ASN B 63 5.11 4.73 -12.85
N ASP B 64 5.10 4.33 -14.12
CA ASP B 64 5.85 5.03 -15.16
C ASP B 64 5.09 6.27 -15.64
N ALA B 65 3.75 6.21 -15.53
CA ALA B 65 2.87 7.31 -15.97
C ALA B 65 3.03 8.55 -15.10
N GLN B 66 3.34 8.34 -13.81
CA GLN B 66 3.48 9.44 -12.85
C GLN B 66 4.92 9.51 -12.33
N ALA B 67 5.78 8.70 -12.94
CA ALA B 67 7.17 8.61 -12.58
C ALA B 67 7.86 9.97 -12.63
N GLY C 25 13.37 2.45 6.60
CA GLY C 25 13.11 2.20 8.02
C GLY C 25 12.26 0.96 8.21
N GLU C 26 11.49 0.96 9.31
CA GLU C 26 10.61 -0.15 9.63
C GLU C 26 9.56 -0.30 8.57
N ILE C 27 9.21 -1.54 8.27
CA ILE C 27 8.18 -1.82 7.28
C ILE C 27 6.98 -2.48 7.95
N VAL C 28 5.80 -2.08 7.51
CA VAL C 28 4.54 -2.58 8.05
C VAL C 28 3.74 -3.31 6.96
N TYR C 29 3.50 -4.61 7.18
CA TYR C 29 2.72 -5.42 6.23
C TYR C 29 1.27 -5.48 6.68
N LEU C 30 0.36 -5.25 5.71
CA LEU C 30 -1.08 -5.22 6.00
C LEU C 30 -1.85 -6.25 5.15
N PRO C 31 -1.79 -7.52 5.53
CA PRO C 31 -2.49 -8.63 4.79
C PRO C 31 -3.96 -8.79 5.21
N ASN C 32 -4.20 -8.87 6.53
CA ASN C 32 -5.56 -9.06 7.06
C ASN C 32 -6.34 -7.74 7.17
N LEU C 33 -5.75 -6.65 6.68
CA LEU C 33 -6.41 -5.33 6.73
C LEU C 33 -7.48 -5.25 5.64
N ASN C 34 -8.51 -4.42 5.87
CA ASN C 34 -9.58 -4.26 4.89
C ASN C 34 -9.15 -3.24 3.83
N PRO C 35 -9.56 -3.41 2.58
CA PRO C 35 -9.18 -2.45 1.50
C PRO C 35 -9.65 -1.04 1.84
N ASP C 36 -10.80 -0.96 2.52
CA ASP C 36 -11.34 0.32 2.96
C ASP C 36 -10.33 1.00 3.88
N GLN C 37 -9.77 0.19 4.76
CA GLN C 37 -8.77 0.65 5.71
C GLN C 37 -7.50 1.08 4.98
N LEU C 38 -7.16 0.37 3.88
CA LEU C 38 -5.96 0.73 3.09
C LEU C 38 -6.13 2.11 2.47
N CYS C 39 -7.32 2.38 1.92
CA CYS C 39 -7.59 3.68 1.30
C CYS C 39 -7.46 4.79 2.34
N ALA C 40 -8.09 4.58 3.50
CA ALA C 40 -8.04 5.55 4.60
C ALA C 40 -6.59 5.69 5.09
N PHE C 41 -5.89 4.55 5.15
CA PHE C 41 -4.50 4.52 5.61
C PHE C 41 -3.61 5.33 4.67
N ILE C 42 -3.67 5.00 3.37
CA ILE C 42 -2.86 5.70 2.36
C ILE C 42 -3.17 7.19 2.36
N HIS C 43 -4.45 7.53 2.51
CA HIS C 43 -4.86 8.94 2.55
C HIS C 43 -4.19 9.65 3.73
N SER C 44 -4.12 8.94 4.86
CA SER C 44 -3.50 9.48 6.07
C SER C 44 -2.00 9.71 5.86
N LEU C 45 -1.32 8.77 5.16
CA LEU C 45 0.12 8.91 4.90
C LEU C 45 0.41 10.21 4.15
N HIS C 46 -0.47 10.53 3.19
CA HIS C 46 -0.34 11.72 2.36
C HIS C 46 -0.69 13.00 3.14
N ASP C 47 -1.72 12.94 3.98
CA ASP C 47 -2.16 14.11 4.76
C ASP C 47 -1.02 14.70 5.60
N ASP C 48 -0.24 13.82 6.24
CA ASP C 48 0.87 14.27 7.08
C ASP C 48 2.01 13.23 7.06
N PRO C 49 3.09 13.48 6.34
CA PRO C 49 4.23 12.52 6.26
C PRO C 49 4.76 12.14 7.65
N SER C 50 4.78 13.10 8.58
CA SER C 50 5.26 12.85 9.94
C SER C 50 4.39 11.79 10.63
N GLN C 51 3.08 11.86 10.40
CA GLN C 51 2.14 10.92 11.00
C GLN C 51 2.28 9.51 10.45
N SER C 52 2.83 9.36 9.24
CA SER C 52 2.97 8.03 8.61
C SER C 52 3.54 6.99 9.58
N ALA C 53 4.55 7.41 10.34
CA ALA C 53 5.19 6.52 11.32
C ALA C 53 4.16 6.06 12.37
N ASN C 54 3.42 7.01 12.95
CA ASN C 54 2.40 6.67 13.94
C ASN C 54 1.29 5.86 13.31
N LEU C 55 0.89 6.28 12.10
CA LEU C 55 -0.15 5.59 11.34
C LEU C 55 0.27 4.16 11.06
N LEU C 56 1.58 3.97 10.84
CA LEU C 56 2.13 2.65 10.57
C LEU C 56 1.89 1.73 11.77
N ALA C 57 2.01 2.29 12.98
CA ALA C 57 1.81 1.51 14.20
C ALA C 57 0.35 1.03 14.30
N GLU C 58 -0.59 1.97 14.18
CA GLU C 58 -2.02 1.62 14.26
C GLU C 58 -2.44 0.77 13.07
N ALA C 59 -1.91 1.11 11.88
CA ALA C 59 -2.23 0.37 10.64
C ALA C 59 -1.75 -1.08 10.80
N LYS C 60 -0.54 -1.21 11.33
CA LYS C 60 0.03 -2.52 11.59
C LYS C 60 -0.81 -3.21 12.68
N LYS C 61 -1.25 -2.42 13.67
CA LYS C 61 -2.06 -2.94 14.78
C LYS C 61 -3.38 -3.49 14.24
N LEU C 62 -3.94 -2.82 13.22
CA LEU C 62 -5.18 -3.27 12.60
C LEU C 62 -5.00 -4.65 12.00
N ASN C 63 -3.84 -4.86 11.38
CA ASN C 63 -3.54 -6.15 10.78
C ASN C 63 -3.66 -7.23 11.87
N ASP C 64 -3.23 -6.86 13.08
CA ASP C 64 -3.31 -7.74 14.25
C ASP C 64 -4.74 -7.79 14.80
N ALA C 65 -5.42 -6.64 14.75
CA ALA C 65 -6.80 -6.51 15.24
C ALA C 65 -7.81 -7.21 14.32
N GLN C 66 -7.50 -7.22 13.02
CA GLN C 66 -8.37 -7.81 12.00
C GLN C 66 -7.91 -9.24 11.66
N ALA C 67 -6.77 -9.62 12.22
CA ALA C 67 -6.18 -10.92 11.98
C ALA C 67 -7.12 -12.05 12.43
N LYS A 16 -1.63 -14.07 -4.08
CA LYS A 16 -2.14 -13.24 -3.01
C LYS A 16 -1.35 -11.92 -2.93
N LEU A 17 -2.06 -10.79 -3.08
CA LEU A 17 -1.43 -9.46 -3.01
C LEU A 17 -1.33 -9.00 -1.56
N VAL A 18 -0.26 -8.29 -1.24
CA VAL A 18 -0.06 -7.78 0.12
C VAL A 18 0.39 -6.32 0.05
N PHE A 19 -0.25 -5.46 0.85
CA PHE A 19 0.09 -4.03 0.88
C PHE A 19 0.85 -3.70 2.15
N PHE A 20 1.99 -3.06 2.00
CA PHE A 20 2.80 -2.67 3.15
C PHE A 20 3.38 -1.26 2.98
N ALA A 21 3.70 -0.61 4.11
CA ALA A 21 4.27 0.72 4.09
C ALA A 21 5.68 0.69 4.66
N GLU A 22 6.63 1.32 3.96
CA GLU A 22 8.02 1.36 4.38
C GLU A 22 8.35 2.73 4.95
N ASP A 23 8.92 2.75 6.16
CA ASP A 23 9.31 4.00 6.81
C ASP A 23 10.58 4.51 6.14
N VAL A 24 10.48 5.67 5.51
CA VAL A 24 11.61 6.25 4.78
C VAL A 24 11.96 7.66 5.27
N GLY A 25 11.07 8.25 6.08
CA GLY A 25 11.29 9.60 6.59
C GLY A 25 11.44 10.56 5.41
N SER A 26 12.54 11.29 5.38
CA SER A 26 12.83 12.23 4.29
C SER A 26 11.64 13.16 3.99
N ASN A 27 10.82 13.42 5.02
CA ASN A 27 9.63 14.26 4.89
C ASN A 27 8.55 13.57 4.04
N LYS A 28 8.85 12.36 3.57
CA LYS A 28 7.93 11.56 2.77
C LYS A 28 7.14 10.60 3.67
N GLY A 29 7.49 10.57 4.96
CA GLY A 29 6.83 9.67 5.90
C GLY A 29 7.18 8.23 5.56
N ALA A 30 6.26 7.57 4.85
CA ALA A 30 6.46 6.18 4.43
C ALA A 30 6.09 6.01 2.96
N ILE A 31 6.55 4.89 2.37
CA ILE A 31 6.28 4.59 0.96
C ILE A 31 5.38 3.38 0.86
N ILE A 32 4.38 3.47 -0.02
CA ILE A 32 3.47 2.36 -0.25
C ILE A 32 4.05 1.40 -1.26
N GLY A 33 4.32 0.18 -0.79
CA GLY A 33 4.86 -0.89 -1.62
C GLY A 33 4.08 -2.15 -1.34
N LEU A 34 3.89 -2.97 -2.35
CA LEU A 34 3.14 -4.21 -2.19
C LEU A 34 3.97 -5.41 -2.61
N MET A 35 3.50 -6.57 -2.17
CA MET A 35 4.16 -7.83 -2.47
C MET A 35 3.25 -8.67 -3.38
N VAL A 36 3.87 -9.41 -4.31
CA VAL A 36 3.14 -10.23 -5.26
C VAL A 36 3.62 -11.68 -5.20
N GLY A 37 2.71 -12.61 -4.87
CA GLY A 37 3.04 -14.04 -4.80
C GLY A 37 3.34 -14.50 -3.39
N GLY A 38 2.36 -15.24 -2.82
CA GLY A 38 2.49 -15.77 -1.47
C GLY A 38 2.80 -14.67 -0.47
N VAL A 39 3.42 -15.06 0.64
CA VAL A 39 3.78 -14.12 1.68
C VAL A 39 5.16 -14.48 2.25
N VAL A 40 5.89 -13.46 2.72
CA VAL A 40 7.23 -13.65 3.31
C VAL A 40 7.14 -13.55 4.84
N GLY B 25 8.18 -13.53 -3.16
CA GLY B 25 7.31 -12.89 -4.15
C GLY B 25 7.89 -11.58 -4.66
N GLU B 26 7.44 -11.18 -5.86
CA GLU B 26 7.88 -9.92 -6.47
C GLU B 26 7.35 -8.76 -5.65
N ILE B 27 8.23 -7.82 -5.29
CA ILE B 27 7.82 -6.67 -4.49
C ILE B 27 7.81 -5.39 -5.35
N VAL B 28 6.67 -4.71 -5.31
CA VAL B 28 6.42 -3.48 -6.08
C VAL B 28 6.27 -2.25 -5.18
N TYR B 29 6.76 -1.11 -5.68
CA TYR B 29 6.68 0.18 -4.97
C TYR B 29 5.99 1.21 -5.87
N LEU B 30 4.97 1.89 -5.32
CA LEU B 30 4.24 2.92 -6.09
C LEU B 30 4.23 4.27 -5.34
N PRO B 31 5.40 4.83 -5.06
CA PRO B 31 5.50 6.16 -4.36
C PRO B 31 5.03 7.30 -5.25
N ASN B 32 5.02 7.03 -6.55
CA ASN B 32 4.65 8.02 -7.55
C ASN B 32 3.14 8.06 -7.81
N LEU B 33 2.38 7.17 -7.15
CA LEU B 33 0.93 7.14 -7.34
C LEU B 33 0.22 7.90 -6.24
N ASN B 34 -0.74 8.73 -6.65
CA ASN B 34 -1.52 9.53 -5.71
C ASN B 34 -2.47 8.63 -4.91
N PRO B 35 -2.97 9.07 -3.77
CA PRO B 35 -3.92 8.24 -2.95
C PRO B 35 -5.11 7.75 -3.79
N ASP B 36 -5.49 8.58 -4.76
CA ASP B 36 -6.59 8.24 -5.67
C ASP B 36 -6.20 7.04 -6.52
N GLN B 37 -5.00 7.12 -7.10
CA GLN B 37 -4.47 6.06 -7.95
C GLN B 37 -4.31 4.76 -7.15
N LEU B 38 -3.72 4.88 -5.95
CA LEU B 38 -3.52 3.70 -5.10
C LEU B 38 -4.88 3.12 -4.70
N CYS B 39 -5.86 3.99 -4.44
CA CYS B 39 -7.21 3.54 -4.08
C CYS B 39 -7.87 2.84 -5.26
N ALA B 40 -7.71 3.43 -6.46
CA ALA B 40 -8.28 2.86 -7.68
C ALA B 40 -7.70 1.48 -7.92
N PHE B 41 -6.39 1.38 -7.75
CA PHE B 41 -5.66 0.13 -7.93
C PHE B 41 -6.07 -0.90 -6.86
N ILE B 42 -5.97 -0.49 -5.59
CA ILE B 42 -6.32 -1.36 -4.45
C ILE B 42 -7.78 -1.81 -4.48
N HIS B 43 -8.68 -0.95 -4.99
CA HIS B 43 -10.09 -1.30 -5.05
C HIS B 43 -10.32 -2.45 -6.03
N SER B 44 -9.77 -2.30 -7.24
CA SER B 44 -9.89 -3.31 -8.27
C SER B 44 -9.03 -4.53 -7.97
N LEU B 45 -7.85 -4.29 -7.40
CA LEU B 45 -6.91 -5.37 -7.05
C LEU B 45 -7.57 -6.36 -6.09
N HIS B 46 -8.37 -5.83 -5.16
CA HIS B 46 -9.05 -6.66 -4.17
C HIS B 46 -10.35 -7.26 -4.74
N ASP B 47 -11.22 -6.40 -5.28
CA ASP B 47 -12.52 -6.82 -5.83
C ASP B 47 -12.38 -7.73 -7.05
N ASP B 48 -11.37 -7.48 -7.90
CA ASP B 48 -11.17 -8.27 -9.13
C ASP B 48 -9.82 -9.01 -9.09
N PRO B 49 -9.73 -10.09 -8.33
CA PRO B 49 -8.47 -10.90 -8.24
C PRO B 49 -8.18 -11.62 -9.56
N SER B 50 -9.23 -11.74 -10.39
CA SER B 50 -9.10 -12.39 -11.71
C SER B 50 -8.06 -11.65 -12.56
N GLN B 51 -7.96 -10.33 -12.32
CA GLN B 51 -7.01 -9.47 -13.01
C GLN B 51 -5.91 -9.02 -12.05
N SER B 52 -5.62 -9.88 -11.05
CA SER B 52 -4.61 -9.57 -10.03
C SER B 52 -3.27 -9.13 -10.63
N ALA B 53 -2.75 -9.92 -11.58
CA ALA B 53 -1.49 -9.60 -12.23
C ALA B 53 -1.67 -8.50 -13.28
N ASN B 54 -2.79 -8.56 -14.02
CA ASN B 54 -3.07 -7.59 -15.08
C ASN B 54 -3.18 -6.17 -14.54
N LEU B 55 -4.00 -5.96 -13.50
CA LEU B 55 -4.19 -4.63 -12.91
C LEU B 55 -2.87 -4.04 -12.45
N LEU B 56 -2.08 -4.85 -11.77
CA LEU B 56 -0.78 -4.41 -11.28
C LEU B 56 0.13 -4.05 -12.44
N ALA B 57 0.03 -4.80 -13.54
CA ALA B 57 0.83 -4.50 -14.72
C ALA B 57 0.57 -3.05 -15.15
N GLU B 58 -0.69 -2.63 -14.98
CA GLU B 58 -1.11 -1.27 -15.31
C GLU B 58 -0.60 -0.29 -14.27
N ALA B 59 -0.62 -0.72 -13.01
CA ALA B 59 -0.16 0.14 -11.93
C ALA B 59 1.34 0.36 -12.07
N LYS B 60 2.01 -0.65 -12.65
CA LYS B 60 3.43 -0.56 -12.89
C LYS B 60 3.64 0.49 -13.99
N LYS B 61 2.73 0.51 -14.97
CA LYS B 61 2.76 1.51 -16.04
C LYS B 61 2.52 2.88 -15.41
N LEU B 62 1.62 2.90 -14.40
CA LEU B 62 1.33 4.12 -13.66
C LEU B 62 2.57 4.58 -12.92
N ASN B 63 3.32 3.60 -12.39
CA ASN B 63 4.56 3.89 -11.66
C ASN B 63 5.48 4.72 -12.56
N ASP B 64 5.50 4.36 -13.85
CA ASP B 64 6.28 5.06 -14.86
C ASP B 64 5.53 6.31 -15.35
N ALA B 65 4.19 6.23 -15.35
CA ALA B 65 3.33 7.32 -15.82
C ALA B 65 3.40 8.56 -14.92
N GLN B 66 3.58 8.34 -13.62
CA GLN B 66 3.65 9.44 -12.64
C GLN B 66 5.04 9.54 -12.03
N ALA B 67 5.96 8.76 -12.60
CA ALA B 67 7.33 8.70 -12.16
C ALA B 67 8.00 10.08 -12.19
N GLY C 25 13.89 2.16 6.82
CA GLY C 25 13.23 2.26 8.12
C GLY C 25 12.38 1.05 8.41
N GLU C 26 11.49 1.19 9.39
CA GLU C 26 10.60 0.11 9.78
C GLU C 26 9.56 -0.12 8.70
N ILE C 27 9.19 -1.38 8.50
CA ILE C 27 8.20 -1.74 7.52
C ILE C 27 6.97 -2.33 8.21
N VAL C 28 5.80 -2.02 7.65
CA VAL C 28 4.52 -2.48 8.18
C VAL C 28 3.70 -3.15 7.08
N TYR C 29 3.35 -4.43 7.30
CA TYR C 29 2.55 -5.19 6.33
C TYR C 29 1.08 -5.22 6.72
N LEU C 30 0.23 -5.01 5.71
CA LEU C 30 -1.23 -5.02 5.91
C LEU C 30 -1.87 -6.17 5.10
N PRO C 31 -1.69 -7.42 5.53
CA PRO C 31 -2.26 -8.61 4.83
C PRO C 31 -3.74 -8.85 5.17
N ASN C 32 -4.04 -8.93 6.47
CA ASN C 32 -5.41 -9.17 6.95
C ASN C 32 -6.20 -7.86 7.07
N LEU C 33 -5.62 -6.76 6.61
CA LEU C 33 -6.27 -5.45 6.69
C LEU C 33 -7.31 -5.33 5.56
N ASN C 34 -8.37 -4.55 5.79
CA ASN C 34 -9.41 -4.34 4.78
C ASN C 34 -8.90 -3.36 3.72
N PRO C 35 -9.27 -3.52 2.46
CA PRO C 35 -8.80 -2.60 1.38
C PRO C 35 -9.33 -1.19 1.60
N ASP C 36 -10.56 -1.09 2.13
CA ASP C 36 -11.14 0.22 2.44
C ASP C 36 -10.26 0.87 3.50
N GLN C 37 -9.75 0.02 4.40
CA GLN C 37 -8.87 0.45 5.46
C GLN C 37 -7.56 0.96 4.87
N LEU C 38 -7.07 0.27 3.80
CA LEU C 38 -5.83 0.68 3.12
C LEU C 38 -6.02 2.08 2.54
N CYS C 39 -7.20 2.34 1.95
CA CYS C 39 -7.47 3.66 1.35
C CYS C 39 -7.37 4.75 2.41
N ALA C 40 -8.01 4.51 3.55
CA ALA C 40 -7.97 5.46 4.67
C ALA C 40 -6.53 5.59 5.17
N PHE C 41 -5.83 4.45 5.20
CA PHE C 41 -4.44 4.41 5.65
C PHE C 41 -3.53 5.21 4.71
N ILE C 42 -3.58 4.89 3.42
CA ILE C 42 -2.76 5.58 2.41
C ILE C 42 -3.05 7.08 2.41
N HIS C 43 -4.33 7.42 2.55
CA HIS C 43 -4.75 8.82 2.59
C HIS C 43 -4.11 9.52 3.79
N SER C 44 -4.08 8.81 4.94
CA SER C 44 -3.49 9.37 6.16
C SER C 44 -1.98 9.59 5.99
N LEU C 45 -1.30 8.63 5.35
CA LEU C 45 0.15 8.73 5.13
C LEU C 45 0.47 9.99 4.31
N HIS C 46 -0.38 10.27 3.32
CA HIS C 46 -0.19 11.43 2.45
C HIS C 46 -0.72 12.73 3.09
N ASP C 47 -1.78 12.60 3.89
CA ASP C 47 -2.39 13.77 4.56
C ASP C 47 -1.37 14.46 5.48
N ASP C 48 -0.59 13.65 6.21
CA ASP C 48 0.41 14.18 7.12
C ASP C 48 1.58 13.18 7.28
N PRO C 49 2.53 13.22 6.37
CA PRO C 49 3.72 12.30 6.38
C PRO C 49 4.48 12.31 7.70
N SER C 50 4.35 13.40 8.46
CA SER C 50 5.06 13.52 9.73
C SER C 50 4.60 12.45 10.72
N GLN C 51 3.32 12.05 10.62
CA GLN C 51 2.77 11.02 11.52
C GLN C 51 2.60 9.67 10.83
N SER C 52 3.13 9.55 9.62
CA SER C 52 3.03 8.30 8.86
C SER C 52 3.56 7.13 9.70
N ALA C 53 4.64 7.38 10.44
CA ALA C 53 5.22 6.38 11.31
C ALA C 53 4.21 5.99 12.39
N ASN C 54 3.53 7.00 12.96
CA ASN C 54 2.51 6.75 13.98
C ASN C 54 1.36 5.96 13.38
N LEU C 55 0.97 6.34 12.15
CA LEU C 55 -0.10 5.66 11.43
C LEU C 55 0.28 4.21 11.18
N LEU C 56 1.58 4.00 10.91
CA LEU C 56 2.12 2.67 10.67
C LEU C 56 1.91 1.79 11.90
N ALA C 57 2.12 2.36 13.07
CA ALA C 57 1.96 1.62 14.32
C ALA C 57 0.51 1.15 14.47
N GLU C 58 -0.44 2.08 14.48
CA GLU C 58 -1.85 1.71 14.62
C GLU C 58 -2.32 0.84 13.46
N ALA C 59 -1.89 1.19 12.24
CA ALA C 59 -2.27 0.42 11.06
C ALA C 59 -1.80 -1.03 11.22
N LYS C 60 -0.58 -1.15 11.72
CA LYS C 60 0.00 -2.46 11.96
C LYS C 60 -0.76 -3.15 13.10
N LYS C 61 -1.15 -2.38 14.13
CA LYS C 61 -1.92 -2.96 15.25
C LYS C 61 -3.27 -3.38 14.73
N LEU C 62 -3.76 -2.62 13.76
CA LEU C 62 -5.05 -2.87 13.15
C LEU C 62 -5.04 -4.23 12.46
N ASN C 63 -3.90 -4.55 11.83
CA ASN C 63 -3.72 -5.84 11.17
C ASN C 63 -3.92 -6.94 12.23
N ASP C 64 -3.38 -6.69 13.43
CA ASP C 64 -3.49 -7.63 14.54
C ASP C 64 -4.92 -7.60 15.13
N ALA C 65 -5.54 -6.41 15.11
CA ALA C 65 -6.89 -6.22 15.63
C ALA C 65 -7.95 -6.84 14.72
N GLN C 66 -7.69 -6.80 13.41
CA GLN C 66 -8.62 -7.35 12.40
C GLN C 66 -8.12 -8.70 11.88
N ALA C 67 -7.04 -9.17 12.49
CA ALA C 67 -6.42 -10.43 12.10
C ALA C 67 -7.38 -11.61 12.19
N LYS A 16 -1.04 -14.31 -4.47
CA LYS A 16 -1.41 -13.54 -3.28
C LYS A 16 -0.70 -12.20 -3.31
N LEU A 17 -1.46 -11.14 -2.99
CA LEU A 17 -0.92 -9.79 -2.95
C LEU A 17 -1.06 -9.22 -1.55
N VAL A 18 -0.11 -8.36 -1.18
CA VAL A 18 -0.12 -7.77 0.15
C VAL A 18 0.34 -6.31 0.07
N PHE A 19 -0.38 -5.41 0.76
CA PHE A 19 -0.02 -3.99 0.78
C PHE A 19 0.75 -3.69 2.05
N PHE A 20 1.88 -3.02 1.88
CA PHE A 20 2.73 -2.67 3.03
C PHE A 20 3.34 -1.28 2.85
N ALA A 21 3.68 -0.65 3.99
CA ALA A 21 4.30 0.67 3.97
C ALA A 21 5.71 0.58 4.56
N GLU A 22 6.68 1.14 3.84
CA GLU A 22 8.08 1.13 4.25
C GLU A 22 8.46 2.50 4.81
N ASP A 23 9.03 2.53 6.01
CA ASP A 23 9.46 3.77 6.62
C ASP A 23 10.74 4.25 5.93
N VAL A 24 10.65 5.41 5.30
CA VAL A 24 11.78 5.97 4.55
C VAL A 24 12.18 7.35 5.05
N GLY A 25 11.41 7.91 5.99
CA GLY A 25 11.70 9.24 6.51
C GLY A 25 11.76 10.24 5.37
N SER A 26 12.93 10.89 5.22
CA SER A 26 13.19 11.87 4.14
C SER A 26 11.98 12.79 3.86
N ASN A 27 11.24 13.12 4.92
CA ASN A 27 10.06 13.99 4.82
C ASN A 27 8.95 13.35 3.99
N LYS A 28 9.19 12.12 3.51
CA LYS A 28 8.20 11.37 2.72
C LYS A 28 7.41 10.42 3.63
N GLY A 29 7.82 10.34 4.90
CA GLY A 29 7.17 9.45 5.86
C GLY A 29 7.47 8.01 5.47
N ALA A 30 6.48 7.35 4.85
CA ALA A 30 6.64 5.96 4.40
C ALA A 30 6.25 5.84 2.93
N ILE A 31 6.60 4.69 2.32
CA ILE A 31 6.29 4.42 0.92
C ILE A 31 5.35 3.23 0.79
N ILE A 32 4.33 3.38 -0.05
CA ILE A 32 3.38 2.31 -0.30
C ILE A 32 3.93 1.37 -1.36
N GLY A 33 4.12 0.12 -0.94
CA GLY A 33 4.61 -0.92 -1.82
C GLY A 33 3.80 -2.18 -1.56
N LEU A 34 3.66 -3.02 -2.57
CA LEU A 34 2.89 -4.26 -2.43
C LEU A 34 3.70 -5.46 -2.86
N MET A 35 3.36 -6.58 -2.26
CA MET A 35 4.01 -7.86 -2.54
C MET A 35 3.16 -8.64 -3.53
N VAL A 36 3.82 -9.40 -4.41
CA VAL A 36 3.12 -10.22 -5.43
C VAL A 36 3.64 -11.66 -5.36
N GLY A 37 2.72 -12.62 -5.17
CA GLY A 37 3.11 -14.03 -5.11
C GLY A 37 4.21 -14.26 -4.07
N GLY A 38 3.93 -13.88 -2.83
CA GLY A 38 4.89 -14.02 -1.74
C GLY A 38 4.22 -14.57 -0.48
N VAL A 39 4.95 -14.51 0.63
CA VAL A 39 4.46 -15.01 1.91
C VAL A 39 4.78 -14.03 3.05
N VAL A 40 3.87 -13.91 4.01
CA VAL A 40 4.06 -13.01 5.16
C VAL A 40 3.08 -13.35 6.28
N GLY B 25 8.97 -13.26 -3.35
CA GLY B 25 7.95 -12.84 -4.31
C GLY B 25 8.33 -11.51 -4.96
N GLU B 26 7.64 -11.17 -6.06
CA GLU B 26 7.89 -9.91 -6.76
C GLU B 26 7.26 -8.79 -5.94
N ILE B 27 8.08 -7.83 -5.50
CA ILE B 27 7.58 -6.71 -4.70
C ILE B 27 7.60 -5.41 -5.51
N VAL B 28 6.43 -4.76 -5.53
CA VAL B 28 6.21 -3.52 -6.28
C VAL B 28 6.11 -2.30 -5.34
N TYR B 29 6.59 -1.16 -5.83
CA TYR B 29 6.54 0.11 -5.10
C TYR B 29 5.86 1.17 -5.96
N LEU B 30 4.85 1.87 -5.39
CA LEU B 30 4.13 2.91 -6.12
C LEU B 30 4.16 4.25 -5.36
N PRO B 31 5.34 4.77 -5.06
CA PRO B 31 5.50 6.08 -4.35
C PRO B 31 5.01 7.26 -5.18
N ASN B 32 4.94 7.02 -6.50
CA ASN B 32 4.54 8.05 -7.45
C ASN B 32 3.03 8.09 -7.67
N LEU B 33 2.26 7.20 -7.01
CA LEU B 33 0.82 7.18 -7.18
C LEU B 33 0.13 7.96 -6.09
N ASN B 34 -0.73 8.89 -6.52
CA ASN B 34 -1.49 9.73 -5.58
C ASN B 34 -2.51 8.88 -4.82
N PRO B 35 -3.02 9.35 -3.69
CA PRO B 35 -4.01 8.58 -2.88
C PRO B 35 -5.20 8.11 -3.71
N ASP B 36 -5.64 8.94 -4.66
CA ASP B 36 -6.76 8.57 -5.53
C ASP B 36 -6.38 7.35 -6.38
N GLN B 37 -5.15 7.37 -6.91
CA GLN B 37 -4.66 6.26 -7.72
C GLN B 37 -4.50 4.99 -6.89
N LEU B 38 -3.84 5.12 -5.71
CA LEU B 38 -3.65 3.96 -4.84
C LEU B 38 -5.00 3.39 -4.40
N CYS B 39 -5.96 4.27 -4.12
CA CYS B 39 -7.30 3.82 -3.71
C CYS B 39 -8.00 3.14 -4.89
N ALA B 40 -7.87 3.74 -6.07
CA ALA B 40 -8.48 3.20 -7.29
C ALA B 40 -7.91 1.81 -7.57
N PHE B 41 -6.59 1.71 -7.46
CA PHE B 41 -5.87 0.47 -7.69
C PHE B 41 -6.23 -0.57 -6.62
N ILE B 42 -6.08 -0.18 -5.36
CA ILE B 42 -6.37 -1.07 -4.22
C ILE B 42 -7.83 -1.54 -4.21
N HIS B 43 -8.75 -0.72 -4.71
CA HIS B 43 -10.16 -1.08 -4.75
C HIS B 43 -10.41 -2.22 -5.73
N SER B 44 -9.89 -2.06 -6.94
CA SER B 44 -10.04 -3.06 -8.00
C SER B 44 -9.13 -4.27 -7.80
N LEU B 45 -7.91 -4.01 -7.33
CA LEU B 45 -6.91 -5.06 -7.10
C LEU B 45 -7.45 -6.16 -6.18
N HIS B 46 -8.14 -5.73 -5.13
CA HIS B 46 -8.71 -6.66 -4.16
C HIS B 46 -9.97 -7.32 -4.72
N ASP B 47 -10.78 -6.55 -5.45
CA ASP B 47 -12.03 -7.06 -6.03
C ASP B 47 -11.77 -8.21 -7.01
N ASP B 48 -10.71 -8.09 -7.81
CA ASP B 48 -10.35 -9.11 -8.80
C ASP B 48 -8.89 -9.57 -8.62
N PRO B 49 -8.64 -10.47 -7.70
CA PRO B 49 -7.26 -10.98 -7.41
C PRO B 49 -6.71 -11.86 -8.56
N SER B 50 -7.62 -12.53 -9.26
CA SER B 50 -7.23 -13.39 -10.39
C SER B 50 -6.55 -12.56 -11.49
N GLN B 51 -7.05 -11.34 -11.69
CA GLN B 51 -6.52 -10.42 -12.69
C GLN B 51 -5.48 -9.48 -12.08
N SER B 52 -5.12 -9.72 -10.81
CA SER B 52 -4.16 -8.87 -10.09
C SER B 52 -2.90 -8.61 -10.89
N ALA B 53 -2.37 -9.65 -11.56
CA ALA B 53 -1.13 -9.48 -12.34
C ALA B 53 -1.33 -8.47 -13.47
N ASN B 54 -2.42 -8.62 -14.23
CA ASN B 54 -2.72 -7.70 -15.32
C ASN B 54 -2.96 -6.30 -14.79
N LEU B 55 -3.80 -6.21 -13.74
CA LEU B 55 -4.12 -4.94 -13.12
C LEU B 55 -2.86 -4.25 -12.59
N LEU B 56 -1.95 -5.05 -12.02
CA LEU B 56 -0.70 -4.50 -11.50
C LEU B 56 0.13 -3.92 -12.64
N ALA B 57 0.07 -4.60 -13.79
CA ALA B 57 0.81 -4.15 -14.98
C ALA B 57 0.42 -2.70 -15.27
N GLU B 58 -0.86 -2.40 -15.08
CA GLU B 58 -1.38 -1.05 -15.31
C GLU B 58 -0.85 -0.09 -14.26
N ALA B 59 -0.78 -0.56 -13.02
CA ALA B 59 -0.30 0.28 -11.95
C ALA B 59 1.19 0.51 -12.13
N LYS B 60 1.86 -0.47 -12.72
CA LYS B 60 3.29 -0.35 -13.00
C LYS B 60 3.46 0.73 -14.07
N LYS B 61 2.54 0.73 -15.04
CA LYS B 61 2.54 1.77 -16.09
C LYS B 61 2.30 3.12 -15.41
N LEU B 62 1.40 3.10 -14.40
CA LEU B 62 1.10 4.31 -13.63
C LEU B 62 2.35 4.75 -12.88
N ASN B 63 3.11 3.77 -12.38
CA ASN B 63 4.35 4.05 -11.65
C ASN B 63 5.25 4.91 -12.54
N ASP B 64 5.28 4.56 -13.83
CA ASP B 64 6.05 5.30 -14.83
C ASP B 64 5.28 6.56 -15.29
N ALA B 65 3.95 6.46 -15.30
CA ALA B 65 3.08 7.56 -15.74
C ALA B 65 3.14 8.77 -14.81
N GLN B 66 3.32 8.51 -13.50
CA GLN B 66 3.37 9.58 -12.50
C GLN B 66 4.77 9.70 -11.91
N ALA B 67 5.70 8.95 -12.51
CA ALA B 67 7.08 8.93 -12.10
C ALA B 67 7.72 10.32 -12.09
N GLY C 25 13.99 1.74 6.43
CA GLY C 25 13.40 1.87 7.76
C GLY C 25 12.49 0.69 8.08
N GLU C 26 11.67 0.86 9.12
CA GLU C 26 10.75 -0.18 9.54
C GLU C 26 9.70 -0.38 8.47
N ILE C 27 9.30 -1.64 8.30
CA ILE C 27 8.28 -1.99 7.32
C ILE C 27 7.05 -2.57 8.01
N VAL C 28 5.88 -2.22 7.48
CA VAL C 28 4.60 -2.67 8.02
C VAL C 28 3.73 -3.27 6.92
N TYR C 29 3.32 -4.53 7.10
CA TYR C 29 2.47 -5.22 6.12
C TYR C 29 1.02 -5.21 6.56
N LEU C 30 0.11 -5.06 5.58
CA LEU C 30 -1.33 -5.03 5.84
C LEU C 30 -2.02 -6.21 5.12
N PRO C 31 -1.95 -7.42 5.68
CA PRO C 31 -2.56 -8.64 5.06
C PRO C 31 -4.04 -8.80 5.40
N ASN C 32 -4.37 -8.83 6.69
CA ASN C 32 -5.76 -9.02 7.15
C ASN C 32 -6.56 -7.72 7.09
N LEU C 33 -5.91 -6.63 6.65
CA LEU C 33 -6.58 -5.34 6.55
C LEU C 33 -7.53 -5.32 5.34
N ASN C 34 -8.54 -4.46 5.39
CA ASN C 34 -9.51 -4.35 4.29
C ASN C 34 -9.21 -3.08 3.48
N PRO C 35 -9.55 -3.05 2.21
CA PRO C 35 -9.27 -1.87 1.33
C PRO C 35 -9.80 -0.56 1.91
N ASP C 36 -10.93 -0.64 2.63
CA ASP C 36 -11.51 0.55 3.25
C ASP C 36 -10.50 1.17 4.20
N GLN C 37 -9.83 0.29 4.96
CA GLN C 37 -8.81 0.71 5.90
C GLN C 37 -7.54 1.17 5.16
N LEU C 38 -7.21 0.49 4.05
CA LEU C 38 -6.03 0.87 3.27
C LEU C 38 -6.18 2.29 2.71
N CYS C 39 -7.40 2.63 2.29
CA CYS C 39 -7.66 3.97 1.75
C CYS C 39 -7.48 5.02 2.83
N ALA C 40 -8.11 4.77 3.99
CA ALA C 40 -8.01 5.69 5.12
C ALA C 40 -6.56 5.78 5.59
N PHE C 41 -5.88 4.64 5.52
CA PHE C 41 -4.47 4.54 5.91
C PHE C 41 -3.58 5.34 4.96
N ILE C 42 -3.70 5.05 3.66
CA ILE C 42 -2.89 5.74 2.65
C ILE C 42 -3.23 7.23 2.57
N HIS C 43 -4.49 7.57 2.84
CA HIS C 43 -4.91 8.97 2.80
C HIS C 43 -4.16 9.77 3.87
N SER C 44 -4.13 9.23 5.09
CA SER C 44 -3.44 9.88 6.21
C SER C 44 -1.93 9.81 6.02
N LEU C 45 -1.48 8.63 5.59
CA LEU C 45 -0.06 8.34 5.33
C LEU C 45 0.52 9.35 4.33
N HIS C 46 -0.24 9.62 3.26
CA HIS C 46 0.21 10.55 2.21
C HIS C 46 -0.01 12.01 2.61
N ASP C 47 -1.25 12.33 3.03
CA ASP C 47 -1.61 13.71 3.41
C ASP C 47 -0.72 14.23 4.55
N ASP C 48 -0.34 13.34 5.47
CA ASP C 48 0.49 13.73 6.62
C ASP C 48 1.70 12.78 6.75
N PRO C 49 2.77 13.05 6.01
CA PRO C 49 4.01 12.19 6.05
C PRO C 49 4.56 12.03 7.47
N SER C 50 4.39 13.07 8.29
CA SER C 50 4.87 13.02 9.67
C SER C 50 4.12 11.97 10.49
N GLN C 51 2.84 11.77 10.15
CA GLN C 51 1.99 10.81 10.85
C GLN C 51 2.15 9.39 10.32
N SER C 52 2.74 9.24 9.13
CA SER C 52 2.90 7.91 8.51
C SER C 52 3.45 6.88 9.50
N ALA C 53 4.46 7.28 10.25
CA ALA C 53 5.10 6.41 11.24
C ALA C 53 4.08 5.98 12.32
N ASN C 54 3.38 6.95 12.90
CA ASN C 54 2.37 6.66 13.93
C ASN C 54 1.23 5.84 13.31
N LEU C 55 0.87 6.19 12.09
CA LEU C 55 -0.19 5.50 11.36
C LEU C 55 0.22 4.06 11.11
N LEU C 56 1.53 3.86 10.90
CA LEU C 56 2.06 2.51 10.66
C LEU C 56 1.80 1.63 11.87
N ALA C 57 1.98 2.21 13.06
CA ALA C 57 1.76 1.48 14.31
C ALA C 57 0.30 1.08 14.45
N GLU C 58 -0.61 2.05 14.27
CA GLU C 58 -2.05 1.78 14.40
C GLU C 58 -2.51 0.87 13.26
N ALA C 59 -2.05 1.15 12.04
CA ALA C 59 -2.43 0.35 10.88
C ALA C 59 -2.00 -1.08 11.08
N LYS C 60 -0.75 -1.25 11.53
CA LYS C 60 -0.22 -2.56 11.82
C LYS C 60 -0.99 -3.18 12.99
N LYS C 61 -1.40 -2.34 13.95
CA LYS C 61 -2.16 -2.80 15.10
C LYS C 61 -3.55 -3.21 14.63
N LEU C 62 -4.03 -2.50 13.61
CA LEU C 62 -5.33 -2.77 13.04
C LEU C 62 -5.31 -4.13 12.38
N ASN C 63 -4.18 -4.46 11.74
CA ASN C 63 -4.02 -5.76 11.11
C ASN C 63 -4.16 -6.85 12.18
N ASP C 64 -3.62 -6.55 13.37
CA ASP C 64 -3.69 -7.46 14.52
C ASP C 64 -5.11 -7.45 15.11
N ALA C 65 -5.78 -6.30 15.02
CA ALA C 65 -7.13 -6.12 15.56
C ALA C 65 -8.19 -6.78 14.66
N GLN C 66 -7.93 -6.74 13.34
CA GLN C 66 -8.86 -7.32 12.35
C GLN C 66 -8.42 -8.74 11.96
N ALA C 67 -7.29 -9.15 12.53
CA ALA C 67 -6.72 -10.47 12.27
C ALA C 67 -7.68 -11.59 12.67
N LYS A 16 -0.91 -13.57 -4.96
CA LYS A 16 -1.41 -12.84 -3.79
C LYS A 16 -0.80 -11.43 -3.73
N LEU A 17 -1.66 -10.45 -3.44
CA LEU A 17 -1.23 -9.05 -3.34
C LEU A 17 -1.34 -8.56 -1.89
N VAL A 18 -0.25 -7.99 -1.38
CA VAL A 18 -0.20 -7.47 -0.02
C VAL A 18 0.29 -6.03 -0.03
N PHE A 19 -0.38 -5.15 0.73
CA PHE A 19 0.00 -3.76 0.81
C PHE A 19 0.74 -3.50 2.11
N PHE A 20 1.90 -2.88 1.99
CA PHE A 20 2.72 -2.55 3.15
C PHE A 20 3.35 -1.17 3.02
N ALA A 21 3.67 -0.56 4.17
CA ALA A 21 4.30 0.76 4.19
C ALA A 21 5.65 0.66 4.90
N GLU A 22 6.69 1.24 4.29
CA GLU A 22 8.03 1.21 4.89
C GLU A 22 8.41 2.59 5.42
N ASP A 23 8.99 2.62 6.62
CA ASP A 23 9.41 3.88 7.25
C ASP A 23 10.72 4.33 6.61
N VAL A 24 10.65 5.47 5.93
CA VAL A 24 11.82 6.00 5.21
C VAL A 24 12.17 7.43 5.65
N GLY A 25 11.26 8.06 6.40
CA GLY A 25 11.47 9.44 6.85
C GLY A 25 11.67 10.33 5.63
N SER A 26 12.82 11.02 5.58
CA SER A 26 13.17 11.90 4.46
C SER A 26 12.02 12.84 4.07
N ASN A 27 11.19 13.19 5.06
CA ASN A 27 10.03 14.06 4.84
C ASN A 27 8.96 13.36 3.99
N LYS A 28 9.24 12.10 3.63
CA LYS A 28 8.33 11.28 2.84
C LYS A 28 7.51 10.37 3.76
N GLY A 29 7.85 10.38 5.05
CA GLY A 29 7.17 9.52 6.02
C GLY A 29 7.44 8.07 5.69
N ALA A 30 6.49 7.44 4.98
CA ALA A 30 6.63 6.05 4.56
C ALA A 30 6.29 5.91 3.08
N ILE A 31 6.70 4.78 2.48
CA ILE A 31 6.45 4.52 1.05
C ILE A 31 5.47 3.37 0.90
N ILE A 32 4.46 3.57 0.04
CA ILE A 32 3.49 2.52 -0.23
C ILE A 32 4.09 1.56 -1.24
N GLY A 33 4.27 0.33 -0.80
CA GLY A 33 4.80 -0.74 -1.64
C GLY A 33 4.01 -2.00 -1.39
N LEU A 34 3.83 -2.80 -2.41
CA LEU A 34 3.07 -4.04 -2.27
C LEU A 34 3.87 -5.25 -2.69
N MET A 35 3.48 -6.39 -2.14
CA MET A 35 4.15 -7.66 -2.42
C MET A 35 3.28 -8.50 -3.35
N VAL A 36 3.93 -9.11 -4.35
CA VAL A 36 3.23 -9.92 -5.36
C VAL A 36 3.65 -11.39 -5.28
N GLY A 37 2.66 -12.28 -5.08
CA GLY A 37 2.89 -13.72 -5.02
C GLY A 37 4.05 -14.08 -4.08
N GLY A 38 3.78 -14.00 -2.77
CA GLY A 38 4.80 -14.31 -1.77
C GLY A 38 4.18 -14.98 -0.55
N VAL A 39 4.81 -14.77 0.61
CA VAL A 39 4.35 -15.35 1.87
C VAL A 39 4.35 -14.30 2.97
N VAL A 40 3.36 -14.37 3.87
CA VAL A 40 3.24 -13.43 4.98
C VAL A 40 2.71 -14.14 6.23
N GLY B 25 8.75 -13.91 -4.39
CA GLY B 25 7.73 -12.99 -4.92
C GLY B 25 8.35 -11.69 -5.41
N GLU B 26 7.57 -10.97 -6.22
CA GLU B 26 7.98 -9.68 -6.78
C GLU B 26 7.40 -8.57 -5.92
N ILE B 27 8.24 -7.64 -5.48
CA ILE B 27 7.78 -6.53 -4.64
C ILE B 27 7.75 -5.24 -5.45
N VAL B 28 6.57 -4.59 -5.45
CA VAL B 28 6.32 -3.36 -6.20
C VAL B 28 6.21 -2.13 -5.30
N TYR B 29 6.69 -1.00 -5.84
CA TYR B 29 6.63 0.29 -5.15
C TYR B 29 6.00 1.33 -6.08
N LEU B 30 4.92 1.97 -5.60
CA LEU B 30 4.22 3.00 -6.38
C LEU B 30 4.23 4.33 -5.60
N PRO B 31 5.42 4.88 -5.35
CA PRO B 31 5.57 6.16 -4.59
C PRO B 31 5.06 7.38 -5.35
N ASN B 32 5.05 7.28 -6.68
CA ASN B 32 4.61 8.37 -7.53
C ASN B 32 3.11 8.29 -7.84
N LEU B 33 2.41 7.33 -7.23
CA LEU B 33 0.97 7.20 -7.45
C LEU B 33 0.22 7.99 -6.38
N ASN B 34 -0.71 8.83 -6.83
CA ASN B 34 -1.50 9.65 -5.91
C ASN B 34 -2.41 8.75 -5.08
N PRO B 35 -2.85 9.21 -3.91
CA PRO B 35 -3.74 8.39 -3.02
C PRO B 35 -4.97 7.87 -3.77
N ASP B 36 -5.47 8.66 -4.71
CA ASP B 36 -6.62 8.26 -5.51
C ASP B 36 -6.28 7.03 -6.36
N GLN B 37 -5.12 7.07 -7.03
CA GLN B 37 -4.69 5.96 -7.85
C GLN B 37 -4.44 4.71 -7.01
N LEU B 38 -3.75 4.88 -5.87
CA LEU B 38 -3.48 3.75 -4.98
C LEU B 38 -4.79 3.17 -4.46
N CYS B 39 -5.76 4.05 -4.20
CA CYS B 39 -7.08 3.63 -3.72
C CYS B 39 -7.81 2.85 -4.83
N ALA B 40 -7.75 3.40 -6.05
CA ALA B 40 -8.37 2.79 -7.22
C ALA B 40 -7.78 1.40 -7.46
N PHE B 41 -6.47 1.34 -7.39
CA PHE B 41 -5.71 0.11 -7.59
C PHE B 41 -6.01 -0.90 -6.48
N ILE B 42 -5.87 -0.45 -5.24
CA ILE B 42 -6.10 -1.30 -4.07
C ILE B 42 -7.49 -1.93 -4.07
N HIS B 43 -8.50 -1.17 -4.48
CA HIS B 43 -9.85 -1.71 -4.55
C HIS B 43 -9.93 -2.75 -5.66
N SER B 44 -9.24 -2.46 -6.76
CA SER B 44 -9.22 -3.37 -7.92
C SER B 44 -8.59 -4.72 -7.57
N LEU B 45 -7.44 -4.70 -6.87
CA LEU B 45 -6.76 -5.95 -6.48
C LEU B 45 -7.67 -6.77 -5.58
N HIS B 46 -8.29 -6.07 -4.63
CA HIS B 46 -9.17 -6.69 -3.66
C HIS B 46 -10.44 -7.23 -4.30
N ASP B 47 -11.11 -6.40 -5.11
CA ASP B 47 -12.34 -6.83 -5.79
C ASP B 47 -12.09 -8.00 -6.75
N ASP B 48 -10.96 -7.93 -7.46
CA ASP B 48 -10.59 -8.98 -8.43
C ASP B 48 -9.13 -9.42 -8.23
N PRO B 49 -8.87 -10.29 -7.28
CA PRO B 49 -7.49 -10.79 -6.98
C PRO B 49 -6.97 -11.73 -8.07
N SER B 50 -7.90 -12.41 -8.76
CA SER B 50 -7.53 -13.33 -9.83
C SER B 50 -6.83 -12.58 -10.96
N GLN B 51 -7.31 -11.35 -11.21
CA GLN B 51 -6.75 -10.48 -12.25
C GLN B 51 -5.66 -9.55 -11.67
N SER B 52 -5.28 -9.78 -10.40
CA SER B 52 -4.28 -8.94 -9.72
C SER B 52 -3.00 -8.77 -10.53
N ALA B 53 -2.56 -9.84 -11.20
CA ALA B 53 -1.33 -9.76 -12.01
C ALA B 53 -1.50 -8.78 -13.16
N ASN B 54 -2.62 -8.90 -13.88
CA ASN B 54 -2.90 -8.01 -15.01
C ASN B 54 -3.10 -6.58 -14.52
N LEU B 55 -3.92 -6.44 -13.47
CA LEU B 55 -4.22 -5.13 -12.89
C LEU B 55 -2.95 -4.41 -12.46
N LEU B 56 -2.02 -5.17 -11.86
CA LEU B 56 -0.75 -4.60 -11.43
C LEU B 56 -0.02 -4.02 -12.63
N ALA B 57 -0.01 -4.78 -13.73
CA ALA B 57 0.65 -4.33 -14.96
C ALA B 57 0.19 -2.92 -15.32
N GLU B 58 -1.08 -2.64 -15.05
CA GLU B 58 -1.65 -1.32 -15.34
C GLU B 58 -1.09 -0.30 -14.37
N ALA B 59 -0.92 -0.71 -13.11
CA ALA B 59 -0.42 0.20 -12.11
C ALA B 59 1.04 0.48 -12.37
N LYS B 60 1.74 -0.50 -12.96
CA LYS B 60 3.17 -0.31 -13.28
C LYS B 60 3.26 0.75 -14.38
N LYS B 61 2.31 0.66 -15.32
CA LYS B 61 2.22 1.66 -16.39
C LYS B 61 1.97 3.01 -15.74
N LEU B 62 1.16 3.00 -14.67
CA LEU B 62 0.86 4.21 -13.89
C LEU B 62 2.13 4.69 -13.19
N ASN B 63 2.93 3.72 -12.69
CA ASN B 63 4.19 4.03 -12.01
C ASN B 63 5.05 4.86 -12.94
N ASP B 64 5.02 4.46 -14.22
CA ASP B 64 5.76 5.15 -15.26
C ASP B 64 5.01 6.41 -15.71
N ALA B 65 3.66 6.33 -15.70
CA ALA B 65 2.79 7.43 -16.11
C ALA B 65 2.89 8.64 -15.18
N GLN B 66 3.13 8.37 -13.89
CA GLN B 66 3.22 9.44 -12.88
C GLN B 66 4.64 9.57 -12.35
N ALA B 67 5.54 8.76 -12.90
CA ALA B 67 6.94 8.73 -12.53
C ALA B 67 7.56 10.12 -12.50
N GLY C 25 13.93 1.48 7.20
CA GLY C 25 13.25 1.62 8.50
C GLY C 25 12.28 0.48 8.71
N GLU C 26 11.41 0.63 9.71
CA GLU C 26 10.43 -0.39 10.02
C GLU C 26 9.42 -0.49 8.89
N ILE C 27 9.02 -1.72 8.59
CA ILE C 27 8.04 -1.96 7.55
C ILE C 27 6.79 -2.59 8.17
N VAL C 28 5.63 -2.16 7.66
CA VAL C 28 4.35 -2.63 8.16
C VAL C 28 3.55 -3.31 7.04
N TYR C 29 3.30 -4.61 7.20
CA TYR C 29 2.53 -5.37 6.20
C TYR C 29 1.08 -5.42 6.61
N LEU C 30 0.20 -5.15 5.63
CA LEU C 30 -1.24 -5.11 5.88
C LEU C 30 -2.01 -6.10 4.97
N PRO C 31 -2.00 -7.38 5.31
CA PRO C 31 -2.70 -8.44 4.51
C PRO C 31 -4.17 -8.62 4.94
N ASN C 32 -4.40 -8.68 6.26
CA ASN C 32 -5.76 -8.89 6.80
C ASN C 32 -6.53 -7.56 6.91
N LEU C 33 -5.94 -6.47 6.42
CA LEU C 33 -6.59 -5.16 6.47
C LEU C 33 -7.58 -5.01 5.30
N ASN C 34 -8.61 -4.19 5.50
CA ASN C 34 -9.62 -3.97 4.45
C ASN C 34 -9.09 -2.94 3.45
N PRO C 35 -9.50 -3.01 2.19
CA PRO C 35 -9.03 -2.04 1.16
C PRO C 35 -9.48 -0.63 1.52
N ASP C 36 -10.64 -0.53 2.17
CA ASP C 36 -11.18 0.75 2.62
C ASP C 36 -10.24 1.34 3.65
N GLN C 37 -9.76 0.45 4.53
CA GLN C 37 -8.81 0.82 5.56
C GLN C 37 -7.49 1.25 4.93
N LEU C 38 -7.11 0.56 3.83
CA LEU C 38 -5.88 0.92 3.10
C LEU C 38 -6.03 2.30 2.48
N CYS C 39 -7.20 2.58 1.92
CA CYS C 39 -7.47 3.88 1.29
C CYS C 39 -7.36 4.99 2.34
N ALA C 40 -8.02 4.78 3.47
CA ALA C 40 -7.98 5.76 4.56
C ALA C 40 -6.55 5.88 5.10
N PHE C 41 -5.88 4.73 5.19
CA PHE C 41 -4.50 4.68 5.67
C PHE C 41 -3.58 5.49 4.74
N ILE C 42 -3.62 5.17 3.44
CA ILE C 42 -2.78 5.86 2.47
C ILE C 42 -3.09 7.36 2.44
N HIS C 43 -4.37 7.70 2.59
CA HIS C 43 -4.79 9.11 2.62
C HIS C 43 -4.12 9.82 3.80
N SER C 44 -4.04 9.10 4.94
CA SER C 44 -3.42 9.64 6.15
C SER C 44 -1.90 9.84 5.95
N LEU C 45 -1.24 8.87 5.27
CA LEU C 45 0.21 8.96 5.02
C LEU C 45 0.52 10.24 4.24
N HIS C 46 -0.29 10.50 3.20
CA HIS C 46 -0.12 11.68 2.35
C HIS C 46 -0.49 12.96 3.11
N ASP C 47 -1.53 12.89 3.95
CA ASP C 47 -1.99 14.06 4.71
C ASP C 47 -0.87 14.67 5.56
N ASP C 48 -0.03 13.82 6.14
CA ASP C 48 1.09 14.30 6.97
C ASP C 48 2.20 13.24 7.02
N PRO C 49 3.37 13.51 6.43
CA PRO C 49 4.52 12.55 6.41
C PRO C 49 4.95 12.10 7.81
N SER C 50 4.95 13.04 8.78
CA SER C 50 5.36 12.72 10.14
C SER C 50 4.43 11.69 10.77
N GLN C 51 3.13 11.85 10.53
CA GLN C 51 2.12 10.93 11.08
C GLN C 51 2.26 9.52 10.53
N SER C 52 2.85 9.36 9.34
CA SER C 52 2.98 8.03 8.72
C SER C 52 3.49 6.99 9.72
N ALA C 53 4.45 7.38 10.55
CA ALA C 53 5.01 6.49 11.56
C ALA C 53 3.94 6.05 12.57
N ASN C 54 3.23 7.04 13.14
CA ASN C 54 2.17 6.73 14.11
C ASN C 54 1.05 5.95 13.42
N LEU C 55 0.77 6.34 12.18
CA LEU C 55 -0.26 5.69 11.38
C LEU C 55 0.13 4.25 11.12
N LEU C 56 1.45 4.02 10.93
CA LEU C 56 1.97 2.68 10.69
C LEU C 56 1.67 1.78 11.89
N ALA C 57 1.77 2.34 13.09
CA ALA C 57 1.52 1.58 14.31
C ALA C 57 0.07 1.10 14.36
N GLU C 58 -0.87 2.04 14.22
CA GLU C 58 -2.30 1.69 14.26
C GLU C 58 -2.67 0.84 13.05
N ALA C 59 -2.13 1.19 11.87
CA ALA C 59 -2.41 0.44 10.64
C ALA C 59 -1.94 -1.00 10.78
N LYS C 60 -0.74 -1.14 11.34
CA LYS C 60 -0.18 -2.44 11.60
C LYS C 60 -1.01 -3.14 12.67
N LYS C 61 -1.50 -2.36 13.65
CA LYS C 61 -2.32 -2.89 14.72
C LYS C 61 -3.62 -3.44 14.16
N LEU C 62 -4.17 -2.76 13.14
CA LEU C 62 -5.41 -3.21 12.50
C LEU C 62 -5.19 -4.57 11.86
N ASN C 63 -4.02 -4.73 11.23
CA ASN C 63 -3.69 -5.99 10.59
C ASN C 63 -3.78 -7.10 11.64
N ASP C 64 -3.37 -6.76 12.87
CA ASP C 64 -3.42 -7.69 14.01
C ASP C 64 -4.85 -7.79 14.56
N ALA C 65 -5.55 -6.64 14.58
CA ALA C 65 -6.92 -6.55 15.10
C ALA C 65 -7.91 -7.28 14.17
N GLN C 66 -7.61 -7.25 12.87
CA GLN C 66 -8.47 -7.88 11.86
C GLN C 66 -7.97 -9.30 11.54
N ALA C 67 -6.78 -9.61 12.04
CA ALA C 67 -6.15 -10.90 11.80
C ALA C 67 -7.00 -12.05 12.36
N LYS A 16 -1.13 -13.80 -4.72
CA LYS A 16 -1.46 -13.07 -3.49
C LYS A 16 -0.89 -11.65 -3.51
N LEU A 17 -1.76 -10.66 -3.28
CA LEU A 17 -1.34 -9.26 -3.24
C LEU A 17 -1.43 -8.75 -1.80
N VAL A 18 -0.33 -8.14 -1.32
CA VAL A 18 -0.27 -7.61 0.04
C VAL A 18 0.20 -6.16 -0.01
N PHE A 19 -0.45 -5.28 0.76
CA PHE A 19 -0.07 -3.88 0.80
C PHE A 19 0.68 -3.59 2.09
N PHE A 20 1.83 -2.94 1.95
CA PHE A 20 2.67 -2.60 3.10
C PHE A 20 3.26 -1.20 2.95
N ALA A 21 3.59 -0.57 4.08
CA ALA A 21 4.18 0.76 4.07
C ALA A 21 5.59 0.70 4.63
N GLU A 22 6.54 1.30 3.92
CA GLU A 22 7.93 1.32 4.33
C GLU A 22 8.29 2.68 4.91
N ASP A 23 8.84 2.69 6.13
CA ASP A 23 9.25 3.94 6.77
C ASP A 23 10.53 4.41 6.11
N VAL A 24 10.45 5.58 5.47
CA VAL A 24 11.60 6.14 4.74
C VAL A 24 11.99 7.52 5.25
N GLY A 25 11.19 8.08 6.17
CA GLY A 25 11.47 9.41 6.70
C GLY A 25 11.58 10.40 5.55
N SER A 26 12.77 11.01 5.41
CA SER A 26 13.08 11.97 4.33
C SER A 26 11.91 12.89 3.98
N ASN A 27 11.14 13.27 5.01
CA ASN A 27 9.98 14.16 4.84
C ASN A 27 8.89 13.52 3.98
N LYS A 28 9.11 12.27 3.55
CA LYS A 28 8.15 11.53 2.74
C LYS A 28 7.32 10.61 3.62
N GLY A 29 7.69 10.53 4.91
CA GLY A 29 7.00 9.65 5.86
C GLY A 29 7.28 8.20 5.49
N ALA A 30 6.31 7.55 4.86
CA ALA A 30 6.46 6.16 4.43
C ALA A 30 6.10 6.01 2.95
N ILE A 31 6.50 4.88 2.36
CA ILE A 31 6.24 4.60 0.94
C ILE A 31 5.31 3.41 0.81
N ILE A 32 4.30 3.53 -0.06
CA ILE A 32 3.36 2.45 -0.29
C ILE A 32 3.94 1.49 -1.32
N GLY A 33 4.17 0.25 -0.86
CA GLY A 33 4.70 -0.81 -1.70
C GLY A 33 3.90 -2.08 -1.41
N LEU A 34 3.71 -2.90 -2.44
CA LEU A 34 2.96 -4.14 -2.27
C LEU A 34 3.76 -5.35 -2.68
N MET A 35 3.37 -6.49 -2.14
CA MET A 35 4.03 -7.76 -2.41
C MET A 35 3.16 -8.62 -3.33
N VAL A 36 3.83 -9.27 -4.29
CA VAL A 36 3.14 -10.11 -5.29
C VAL A 36 3.62 -11.56 -5.20
N GLY A 37 2.68 -12.50 -5.14
CA GLY A 37 3.02 -13.93 -5.06
C GLY A 37 3.86 -14.21 -3.82
N GLY A 38 3.58 -13.48 -2.75
CA GLY A 38 4.31 -13.60 -1.49
C GLY A 38 3.67 -14.60 -0.55
N VAL A 39 4.24 -14.63 0.65
CA VAL A 39 3.77 -15.50 1.71
C VAL A 39 3.75 -14.73 3.03
N VAL A 40 2.72 -14.93 3.84
CA VAL A 40 2.59 -14.24 5.13
C VAL A 40 1.90 -15.15 6.15
N GLY B 25 9.00 -13.48 -3.68
CA GLY B 25 7.99 -12.94 -4.58
C GLY B 25 8.43 -11.62 -5.20
N GLU B 26 7.59 -11.08 -6.09
CA GLU B 26 7.87 -9.80 -6.75
C GLU B 26 7.27 -8.68 -5.90
N ILE B 27 8.12 -7.72 -5.51
CA ILE B 27 7.68 -6.62 -4.67
C ILE B 27 7.63 -5.32 -5.49
N VAL B 28 6.48 -4.65 -5.43
CA VAL B 28 6.24 -3.41 -6.17
C VAL B 28 6.14 -2.18 -5.25
N TYR B 29 6.65 -1.06 -5.74
CA TYR B 29 6.61 0.22 -5.03
C TYR B 29 5.98 1.28 -5.94
N LEU B 30 4.96 1.99 -5.43
CA LEU B 30 4.27 3.02 -6.24
C LEU B 30 4.27 4.38 -5.52
N PRO B 31 5.42 4.88 -5.11
CA PRO B 31 5.52 6.23 -4.45
C PRO B 31 5.07 7.35 -5.37
N ASN B 32 4.99 7.04 -6.67
CA ASN B 32 4.61 8.00 -7.68
C ASN B 32 3.10 8.04 -7.91
N LEU B 33 2.34 7.18 -7.21
CA LEU B 33 0.89 7.14 -7.38
C LEU B 33 0.18 7.94 -6.29
N ASN B 34 -0.71 8.84 -6.73
CA ASN B 34 -1.49 9.67 -5.81
C ASN B 34 -2.41 8.79 -4.98
N PRO B 35 -2.89 9.26 -3.84
CA PRO B 35 -3.80 8.46 -2.96
C PRO B 35 -5.02 7.97 -3.74
N ASP B 36 -5.49 8.79 -4.68
CA ASP B 36 -6.63 8.43 -5.50
C ASP B 36 -6.29 7.23 -6.38
N GLN B 37 -5.13 7.30 -7.04
CA GLN B 37 -4.70 6.21 -7.90
C GLN B 37 -4.45 4.94 -7.09
N LEU B 38 -3.80 5.07 -5.92
CA LEU B 38 -3.53 3.91 -5.07
C LEU B 38 -4.85 3.29 -4.62
N CYS B 39 -5.82 4.13 -4.26
CA CYS B 39 -7.14 3.66 -3.82
C CYS B 39 -7.85 2.98 -4.99
N ALA B 40 -7.75 3.58 -6.18
CA ALA B 40 -8.37 3.04 -7.39
C ALA B 40 -7.80 1.66 -7.69
N PHE B 41 -6.48 1.57 -7.62
CA PHE B 41 -5.76 0.32 -7.87
C PHE B 41 -6.10 -0.72 -6.81
N ILE B 42 -6.00 -0.33 -5.54
CA ILE B 42 -6.29 -1.20 -4.40
C ILE B 42 -7.72 -1.75 -4.43
N HIS B 43 -8.67 -0.96 -4.94
CA HIS B 43 -10.06 -1.40 -4.99
C HIS B 43 -10.21 -2.60 -5.93
N SER B 44 -9.65 -2.45 -7.13
CA SER B 44 -9.69 -3.50 -8.15
C SER B 44 -8.77 -4.67 -7.79
N LEU B 45 -7.59 -4.34 -7.27
CA LEU B 45 -6.58 -5.33 -6.88
C LEU B 45 -7.16 -6.32 -5.88
N HIS B 46 -7.96 -5.79 -4.95
CA HIS B 46 -8.58 -6.60 -3.90
C HIS B 46 -9.84 -7.31 -4.42
N ASP B 47 -10.70 -6.59 -5.14
CA ASP B 47 -11.94 -7.18 -5.67
C ASP B 47 -11.65 -8.32 -6.65
N ASP B 48 -10.61 -8.15 -7.46
CA ASP B 48 -10.24 -9.15 -8.47
C ASP B 48 -8.76 -9.56 -8.32
N PRO B 49 -8.46 -10.48 -7.41
CA PRO B 49 -7.06 -10.94 -7.18
C PRO B 49 -6.54 -11.84 -8.31
N SER B 50 -7.47 -12.52 -8.98
CA SER B 50 -7.09 -13.41 -10.10
C SER B 50 -6.45 -12.59 -11.22
N GLN B 51 -6.99 -11.39 -11.44
CA GLN B 51 -6.50 -10.47 -12.47
C GLN B 51 -5.44 -9.52 -11.88
N SER B 52 -5.03 -9.75 -10.63
CA SER B 52 -4.06 -8.88 -9.95
C SER B 52 -2.80 -8.64 -10.78
N ALA B 53 -2.34 -9.65 -11.52
CA ALA B 53 -1.14 -9.50 -12.34
C ALA B 53 -1.38 -8.47 -13.45
N ASN B 54 -2.51 -8.62 -14.14
CA ASN B 54 -2.86 -7.69 -15.22
C ASN B 54 -3.12 -6.31 -14.65
N LEU B 55 -3.84 -6.28 -13.52
CA LEU B 55 -4.17 -5.02 -12.85
C LEU B 55 -2.88 -4.31 -12.42
N LEU B 56 -1.90 -5.09 -11.95
CA LEU B 56 -0.61 -4.51 -11.56
C LEU B 56 0.07 -3.94 -12.78
N ALA B 57 -0.09 -4.62 -13.92
CA ALA B 57 0.50 -4.17 -15.18
C ALA B 57 0.10 -2.70 -15.44
N GLU B 58 -1.13 -2.38 -15.03
CA GLU B 58 -1.67 -1.04 -15.19
C GLU B 58 -1.06 -0.08 -14.19
N ALA B 59 -0.92 -0.54 -12.94
CA ALA B 59 -0.39 0.29 -11.88
C ALA B 59 1.10 0.54 -12.11
N LYS B 60 1.77 -0.46 -12.68
CA LYS B 60 3.19 -0.32 -12.96
C LYS B 60 3.36 0.69 -14.08
N LYS B 61 2.52 0.53 -15.11
CA LYS B 61 2.50 1.48 -16.21
C LYS B 61 2.17 2.86 -15.64
N LEU B 62 1.35 2.85 -14.57
CA LEU B 62 0.95 4.07 -13.86
C LEU B 62 2.18 4.63 -13.13
N ASN B 63 2.99 3.70 -12.55
CA ASN B 63 4.21 4.07 -11.85
C ASN B 63 5.11 4.88 -12.78
N ASP B 64 5.13 4.45 -14.04
CA ASP B 64 5.90 5.12 -15.08
C ASP B 64 5.14 6.37 -15.57
N ALA B 65 3.80 6.28 -15.56
CA ALA B 65 2.93 7.37 -16.01
C ALA B 65 3.01 8.59 -15.09
N GLN B 66 3.30 8.35 -13.81
CA GLN B 66 3.39 9.43 -12.81
C GLN B 66 4.80 9.52 -12.24
N ALA B 67 5.70 8.75 -12.83
CA ALA B 67 7.09 8.70 -12.43
C ALA B 67 7.74 10.09 -12.46
N GLY C 25 13.83 2.08 6.65
CA GLY C 25 13.24 2.14 7.98
C GLY C 25 12.36 0.92 8.24
N GLU C 26 11.51 1.03 9.26
CA GLU C 26 10.62 -0.06 9.63
C GLU C 26 9.55 -0.22 8.56
N ILE C 27 9.16 -1.47 8.35
CA ILE C 27 8.13 -1.79 7.37
C ILE C 27 6.91 -2.39 8.07
N VAL C 28 5.73 -2.06 7.55
CA VAL C 28 4.46 -2.54 8.10
C VAL C 28 3.61 -3.19 7.00
N TYR C 29 3.25 -4.47 7.19
CA TYR C 29 2.43 -5.19 6.21
C TYR C 29 0.96 -5.22 6.62
N LEU C 30 0.08 -4.98 5.64
CA LEU C 30 -1.37 -4.96 5.89
C LEU C 30 -2.07 -6.11 5.12
N PRO C 31 -1.89 -7.36 5.56
CA PRO C 31 -2.53 -8.54 4.91
C PRO C 31 -4.00 -8.71 5.27
N ASN C 32 -4.30 -8.77 6.58
CA ASN C 32 -5.68 -8.96 7.06
C ASN C 32 -6.46 -7.64 7.15
N LEU C 33 -5.83 -6.54 6.72
CA LEU C 33 -6.48 -5.24 6.76
C LEU C 33 -7.53 -5.14 5.64
N ASN C 34 -8.59 -4.36 5.88
CA ASN C 34 -9.65 -4.20 4.88
C ASN C 34 -9.20 -3.19 3.81
N PRO C 35 -9.63 -3.35 2.57
CA PRO C 35 -9.23 -2.40 1.48
C PRO C 35 -9.68 -0.98 1.83
N ASP C 36 -10.81 -0.89 2.53
CA ASP C 36 -11.34 0.40 2.97
C ASP C 36 -10.32 1.06 3.90
N GLN C 37 -9.79 0.23 4.80
CA GLN C 37 -8.79 0.67 5.76
C GLN C 37 -7.51 1.08 5.03
N LEU C 38 -7.16 0.38 3.94
CA LEU C 38 -5.96 0.71 3.16
C LEU C 38 -6.10 2.10 2.55
N CYS C 39 -7.27 2.37 1.95
CA CYS C 39 -7.52 3.67 1.32
C CYS C 39 -7.39 4.80 2.34
N ALA C 40 -8.04 4.61 3.50
CA ALA C 40 -7.97 5.60 4.58
C ALA C 40 -6.54 5.72 5.09
N PHE C 41 -5.86 4.57 5.17
CA PHE C 41 -4.49 4.51 5.63
C PHE C 41 -3.56 5.32 4.71
N ILE C 42 -3.64 5.04 3.40
CA ILE C 42 -2.80 5.75 2.42
C ILE C 42 -3.09 7.25 2.46
N HIS C 43 -4.37 7.60 2.60
CA HIS C 43 -4.78 9.00 2.66
C HIS C 43 -4.12 9.69 3.86
N SER C 44 -4.07 8.97 4.99
CA SER C 44 -3.46 9.49 6.21
C SER C 44 -1.94 9.68 6.04
N LEU C 45 -1.28 8.72 5.39
CA LEU C 45 0.18 8.79 5.17
C LEU C 45 0.53 10.04 4.37
N HIS C 46 -0.35 10.40 3.42
CA HIS C 46 -0.14 11.57 2.56
C HIS C 46 -0.55 12.87 3.27
N ASP C 47 -1.56 12.82 4.14
CA ASP C 47 -2.03 14.01 4.86
C ASP C 47 -0.89 14.63 5.69
N ASP C 48 -0.08 13.76 6.29
CA ASP C 48 1.05 14.20 7.10
C ASP C 48 2.15 13.12 7.09
N PRO C 49 3.29 13.35 6.44
CA PRO C 49 4.39 12.31 6.37
C PRO C 49 4.99 12.01 7.74
N SER C 50 5.13 13.03 8.59
CA SER C 50 5.71 12.85 9.92
C SER C 50 4.88 11.86 10.75
N GLN C 51 3.55 11.91 10.57
CA GLN C 51 2.63 11.03 11.31
C GLN C 51 2.58 9.62 10.70
N SER C 52 3.17 9.43 9.51
CA SER C 52 3.12 8.12 8.84
C SER C 52 3.64 7.01 9.76
N ALA C 53 4.69 7.33 10.52
CA ALA C 53 5.28 6.38 11.45
C ALA C 53 4.24 5.96 12.52
N ASN C 54 3.56 6.96 13.10
CA ASN C 54 2.54 6.67 14.11
C ASN C 54 1.38 5.92 13.46
N LEU C 55 1.03 6.33 12.24
CA LEU C 55 -0.05 5.69 11.49
C LEU C 55 0.31 4.24 11.22
N LEU C 56 1.60 3.99 10.99
CA LEU C 56 2.10 2.65 10.72
C LEU C 56 1.82 1.74 11.91
N ALA C 57 1.97 2.30 13.11
CA ALA C 57 1.74 1.54 14.34
C ALA C 57 0.28 1.08 14.40
N GLU C 58 -0.66 2.03 14.37
CA GLU C 58 -2.08 1.71 14.43
C GLU C 58 -2.51 0.89 13.21
N ALA C 59 -2.01 1.25 12.03
CA ALA C 59 -2.34 0.54 10.80
C ALA C 59 -1.90 -0.92 10.95
N LYS C 60 -0.72 -1.10 11.52
CA LYS C 60 -0.20 -2.42 11.76
C LYS C 60 -1.06 -3.12 12.82
N LYS C 61 -1.47 -2.37 13.86
CA LYS C 61 -2.31 -2.93 14.92
C LYS C 61 -3.61 -3.47 14.33
N LEU C 62 -4.13 -2.78 13.31
CA LEU C 62 -5.35 -3.21 12.64
C LEU C 62 -5.16 -4.58 12.02
N ASN C 63 -3.98 -4.79 11.45
CA ASN C 63 -3.67 -6.08 10.83
C ASN C 63 -3.82 -7.17 11.90
N ASP C 64 -3.47 -6.82 13.15
CA ASP C 64 -3.60 -7.73 14.28
C ASP C 64 -5.04 -7.75 14.79
N ALA C 65 -5.70 -6.59 14.69
CA ALA C 65 -7.10 -6.43 15.15
C ALA C 65 -8.10 -7.10 14.21
N GLN C 66 -7.82 -7.04 12.91
CA GLN C 66 -8.69 -7.63 11.88
C GLN C 66 -8.25 -9.04 11.54
N ALA C 67 -7.13 -9.45 12.13
CA ALA C 67 -6.56 -10.77 11.91
C ALA C 67 -7.52 -11.89 12.33
N LYS A 16 -1.27 -13.76 -4.39
CA LYS A 16 -1.71 -13.00 -3.21
C LYS A 16 -1.05 -11.62 -3.19
N LEU A 17 -1.87 -10.60 -2.96
CA LEU A 17 -1.41 -9.21 -2.91
C LEU A 17 -1.47 -8.70 -1.47
N VAL A 18 -0.38 -8.04 -1.04
CA VAL A 18 -0.30 -7.48 0.31
C VAL A 18 0.19 -6.05 0.22
N PHE A 19 -0.52 -5.13 0.90
CA PHE A 19 -0.13 -3.72 0.90
C PHE A 19 0.61 -3.42 2.18
N PHE A 20 1.78 -2.83 2.04
CA PHE A 20 2.62 -2.48 3.19
C PHE A 20 3.22 -1.10 3.04
N ALA A 21 3.58 -0.51 4.18
CA ALA A 21 4.21 0.80 4.20
C ALA A 21 5.52 0.71 4.97
N GLU A 22 6.57 1.29 4.39
CA GLU A 22 7.91 1.26 5.03
C GLU A 22 8.24 2.59 5.65
N ASP A 23 8.92 2.57 6.80
CA ASP A 23 9.34 3.80 7.45
C ASP A 23 10.62 4.25 6.76
N VAL A 24 10.53 5.34 6.00
CA VAL A 24 11.67 5.84 5.23
C VAL A 24 12.06 7.26 5.64
N GLY A 25 11.17 7.94 6.37
CA GLY A 25 11.43 9.31 6.80
C GLY A 25 11.66 10.18 5.57
N SER A 26 12.80 10.88 5.54
CA SER A 26 13.18 11.73 4.40
C SER A 26 12.05 12.71 4.00
N ASN A 27 11.22 13.07 4.98
CA ASN A 27 10.07 13.97 4.76
C ASN A 27 9.02 13.30 3.86
N LYS A 28 9.25 12.02 3.56
CA LYS A 28 8.33 11.22 2.75
C LYS A 28 7.44 10.34 3.63
N GLY A 29 7.72 10.36 4.93
CA GLY A 29 6.97 9.54 5.88
C GLY A 29 7.24 8.07 5.59
N ALA A 30 6.29 7.43 4.89
CA ALA A 30 6.42 6.04 4.51
C ALA A 30 6.12 5.86 3.01
N ILE A 31 6.59 4.74 2.44
CA ILE A 31 6.38 4.46 1.02
C ILE A 31 5.38 3.32 0.87
N ILE A 32 4.41 3.51 0.00
CA ILE A 32 3.42 2.47 -0.25
C ILE A 32 3.98 1.50 -1.28
N GLY A 33 4.14 0.27 -0.84
CA GLY A 33 4.63 -0.81 -1.69
C GLY A 33 3.81 -2.04 -1.41
N LEU A 34 3.66 -2.89 -2.41
CA LEU A 34 2.88 -4.11 -2.24
C LEU A 34 3.66 -5.34 -2.66
N MET A 35 3.27 -6.46 -2.09
CA MET A 35 3.90 -7.74 -2.37
C MET A 35 3.01 -8.53 -3.35
N VAL A 36 3.64 -9.28 -4.25
CA VAL A 36 2.90 -10.06 -5.25
C VAL A 36 3.26 -11.55 -5.18
N GLY A 37 2.23 -12.38 -4.94
CA GLY A 37 2.39 -13.84 -4.88
C GLY A 37 3.34 -14.33 -3.79
N GLY A 38 2.90 -15.38 -3.09
CA GLY A 38 3.71 -16.01 -2.04
C GLY A 38 3.67 -15.22 -0.73
N VAL A 39 4.51 -15.66 0.22
CA VAL A 39 4.60 -15.02 1.54
C VAL A 39 6.07 -14.71 1.86
N VAL A 40 6.29 -13.56 2.52
CA VAL A 40 7.64 -13.14 2.91
C VAL A 40 7.59 -12.44 4.28
N GLY B 25 8.47 -13.76 -3.19
CA GLY B 25 7.55 -13.10 -4.12
C GLY B 25 8.15 -11.80 -4.68
N GLU B 26 7.43 -11.22 -5.64
CA GLU B 26 7.83 -9.96 -6.27
C GLU B 26 7.20 -8.81 -5.50
N ILE B 27 8.01 -7.80 -5.15
CA ILE B 27 7.51 -6.65 -4.39
C ILE B 27 7.57 -5.37 -5.25
N VAL B 28 6.40 -4.71 -5.31
CA VAL B 28 6.20 -3.48 -6.09
C VAL B 28 6.13 -2.24 -5.21
N TYR B 29 6.64 -1.11 -5.74
CA TYR B 29 6.60 0.18 -5.06
C TYR B 29 5.98 1.22 -5.98
N LEU B 30 4.91 1.87 -5.51
CA LEU B 30 4.23 2.90 -6.30
C LEU B 30 4.24 4.26 -5.57
N PRO B 31 5.41 4.80 -5.28
CA PRO B 31 5.55 6.12 -4.59
C PRO B 31 5.07 7.27 -5.47
N ASN B 32 5.10 7.02 -6.78
CA ASN B 32 4.71 8.01 -7.77
C ASN B 32 3.20 8.09 -7.94
N LEU B 33 2.44 7.19 -7.29
CA LEU B 33 0.99 7.21 -7.41
C LEU B 33 0.35 7.99 -6.28
N ASN B 34 -0.60 8.85 -6.67
CA ASN B 34 -1.32 9.68 -5.72
C ASN B 34 -2.32 8.80 -4.95
N PRO B 35 -2.80 9.24 -3.80
CA PRO B 35 -3.75 8.45 -2.97
C PRO B 35 -4.96 7.99 -3.79
N ASP B 36 -5.36 8.77 -4.78
CA ASP B 36 -6.50 8.41 -5.62
C ASP B 36 -6.16 7.18 -6.47
N GLN B 37 -4.95 7.17 -7.08
CA GLN B 37 -4.54 6.05 -7.89
C GLN B 37 -4.31 4.80 -7.04
N LEU B 38 -3.66 4.98 -5.87
CA LEU B 38 -3.41 3.85 -4.97
C LEU B 38 -4.75 3.27 -4.50
N CYS B 39 -5.68 4.15 -4.13
CA CYS B 39 -7.00 3.73 -3.67
C CYS B 39 -7.74 3.00 -4.80
N ALA B 40 -7.68 3.58 -6.00
CA ALA B 40 -8.34 2.99 -7.17
C ALA B 40 -7.77 1.61 -7.47
N PHE B 41 -6.45 1.53 -7.45
CA PHE B 41 -5.73 0.28 -7.71
C PHE B 41 -6.04 -0.76 -6.62
N ILE B 42 -5.91 -0.34 -5.37
CA ILE B 42 -6.15 -1.23 -4.22
C ILE B 42 -7.55 -1.83 -4.21
N HIS B 43 -8.56 -1.05 -4.61
CA HIS B 43 -9.94 -1.56 -4.63
C HIS B 43 -10.07 -2.66 -5.69
N SER B 44 -9.60 -2.35 -6.90
CA SER B 44 -9.66 -3.30 -8.01
C SER B 44 -8.77 -4.51 -7.75
N LEU B 45 -7.59 -4.25 -7.21
CA LEU B 45 -6.60 -5.30 -6.90
C LEU B 45 -7.21 -6.34 -5.95
N HIS B 46 -7.99 -5.85 -4.99
CA HIS B 46 -8.66 -6.71 -4.01
C HIS B 46 -9.92 -7.36 -4.60
N ASP B 47 -10.76 -6.55 -5.24
CA ASP B 47 -12.02 -7.02 -5.81
C ASP B 47 -11.80 -8.13 -6.85
N ASP B 48 -10.74 -7.99 -7.65
CA ASP B 48 -10.41 -8.98 -8.69
C ASP B 48 -8.97 -9.48 -8.52
N PRO B 49 -8.74 -10.43 -7.64
CA PRO B 49 -7.37 -10.99 -7.40
C PRO B 49 -6.89 -11.89 -8.54
N SER B 50 -7.85 -12.47 -9.26
CA SER B 50 -7.55 -13.35 -10.40
C SER B 50 -6.73 -12.59 -11.45
N GLN B 51 -7.07 -11.32 -11.65
CA GLN B 51 -6.37 -10.45 -12.61
C GLN B 51 -5.38 -9.54 -11.90
N SER B 52 -5.05 -9.86 -10.64
CA SER B 52 -4.13 -9.04 -9.87
C SER B 52 -2.84 -8.75 -10.65
N ALA B 53 -2.41 -9.73 -11.44
CA ALA B 53 -1.20 -9.56 -12.26
C ALA B 53 -1.48 -8.56 -13.38
N ASN B 54 -2.61 -8.74 -14.06
CA ASN B 54 -2.99 -7.85 -15.16
C ASN B 54 -3.21 -6.42 -14.66
N LEU B 55 -3.99 -6.28 -13.58
CA LEU B 55 -4.28 -4.96 -12.99
C LEU B 55 -2.99 -4.27 -12.57
N LEU B 56 -2.12 -5.03 -11.92
CA LEU B 56 -0.83 -4.51 -11.46
C LEU B 56 0.00 -4.08 -12.66
N ALA B 57 -0.10 -4.81 -13.77
CA ALA B 57 0.63 -4.46 -14.98
C ALA B 57 0.26 -3.03 -15.38
N GLU B 58 -1.00 -2.67 -15.13
CA GLU B 58 -1.52 -1.34 -15.44
C GLU B 58 -1.01 -0.32 -14.43
N ALA B 59 -0.98 -0.72 -13.16
CA ALA B 59 -0.54 0.18 -12.11
C ALA B 59 0.92 0.51 -12.30
N LYS B 60 1.64 -0.43 -12.90
CA LYS B 60 3.04 -0.22 -13.20
C LYS B 60 3.16 0.76 -14.35
N LYS B 61 2.26 0.63 -15.34
CA LYS B 61 2.22 1.59 -16.45
C LYS B 61 1.87 2.95 -15.86
N LEU B 62 1.09 2.89 -14.76
CA LEU B 62 0.66 4.06 -14.02
C LEU B 62 1.86 4.62 -13.25
N ASN B 63 2.65 3.71 -12.66
CA ASN B 63 3.85 4.07 -11.89
C ASN B 63 4.75 4.91 -12.80
N ASP B 64 4.80 4.49 -14.06
CA ASP B 64 5.57 5.18 -15.10
C ASP B 64 4.82 6.42 -15.60
N ALA B 65 3.48 6.33 -15.60
CA ALA B 65 2.63 7.43 -16.06
C ALA B 65 2.78 8.66 -15.17
N GLN B 66 3.21 8.44 -13.92
CA GLN B 66 3.39 9.54 -12.96
C GLN B 66 4.83 9.57 -12.43
N ALA B 67 5.66 8.73 -13.03
CA ALA B 67 7.06 8.59 -12.65
C ALA B 67 7.79 9.93 -12.72
N GLY C 25 13.80 1.60 7.24
CA GLY C 25 13.18 1.67 8.57
C GLY C 25 12.22 0.51 8.79
N GLU C 26 11.38 0.66 9.82
CA GLU C 26 10.40 -0.35 10.14
C GLU C 26 9.41 -0.50 9.01
N ILE C 27 8.98 -1.73 8.79
CA ILE C 27 8.02 -2.03 7.74
C ILE C 27 6.74 -2.58 8.36
N VAL C 28 5.60 -2.19 7.77
CA VAL C 28 4.29 -2.61 8.24
C VAL C 28 3.49 -3.26 7.11
N TYR C 29 3.17 -4.56 7.27
CA TYR C 29 2.40 -5.31 6.26
C TYR C 29 0.92 -5.32 6.64
N LEU C 30 0.07 -5.04 5.64
CA LEU C 30 -1.38 -4.99 5.85
C LEU C 30 -2.13 -5.97 4.92
N PRO C 31 -2.13 -7.25 5.22
CA PRO C 31 -2.84 -8.28 4.41
C PRO C 31 -4.32 -8.42 4.81
N ASN C 32 -4.55 -8.79 6.07
CA ASN C 32 -5.90 -8.97 6.60
C ASN C 32 -6.71 -7.66 6.53
N LEU C 33 -6.01 -6.53 6.52
CA LEU C 33 -6.64 -5.20 6.46
C LEU C 33 -7.60 -5.13 5.26
N ASN C 34 -8.67 -4.33 5.39
CA ASN C 34 -9.64 -4.19 4.29
C ASN C 34 -9.20 -3.07 3.36
N PRO C 35 -9.47 -3.17 2.07
CA PRO C 35 -9.04 -2.13 1.08
C PRO C 35 -9.57 -0.75 1.44
N ASP C 36 -10.80 -0.69 1.97
CA ASP C 36 -11.38 0.58 2.38
C ASP C 36 -10.49 1.20 3.46
N GLN C 37 -9.98 0.35 4.35
CA GLN C 37 -9.07 0.80 5.40
C GLN C 37 -7.76 1.26 4.78
N LEU C 38 -7.28 0.54 3.75
CA LEU C 38 -6.04 0.90 3.06
C LEU C 38 -6.17 2.30 2.45
N CYS C 39 -7.34 2.60 1.90
CA CYS C 39 -7.59 3.90 1.30
C CYS C 39 -7.47 5.00 2.37
N ALA C 40 -8.11 4.75 3.52
CA ALA C 40 -8.05 5.69 4.63
C ALA C 40 -6.62 5.81 5.13
N PHE C 41 -5.94 4.67 5.22
CA PHE C 41 -4.55 4.61 5.68
C PHE C 41 -3.65 5.42 4.76
N ILE C 42 -3.69 5.13 3.46
CA ILE C 42 -2.86 5.83 2.49
C ILE C 42 -3.16 7.33 2.50
N HIS C 43 -4.45 7.67 2.66
CA HIS C 43 -4.84 9.08 2.72
C HIS C 43 -4.16 9.76 3.91
N SER C 44 -4.09 9.03 5.03
CA SER C 44 -3.45 9.54 6.24
C SER C 44 -1.94 9.73 6.03
N LEU C 45 -1.29 8.78 5.33
CA LEU C 45 0.16 8.88 5.06
C LEU C 45 0.46 10.17 4.29
N HIS C 46 -0.40 10.47 3.31
CA HIS C 46 -0.25 11.67 2.48
C HIS C 46 -0.59 12.95 3.27
N ASP C 47 -1.57 12.84 4.18
CA ASP C 47 -2.02 14.00 4.97
C ASP C 47 -0.85 14.66 5.71
N ASP C 48 0.06 13.85 6.24
CA ASP C 48 1.22 14.37 6.97
C ASP C 48 2.33 13.31 7.02
N PRO C 49 3.48 13.57 6.41
CA PRO C 49 4.63 12.59 6.40
C PRO C 49 5.05 12.14 7.80
N SER C 50 5.07 13.08 8.75
CA SER C 50 5.48 12.76 10.12
C SER C 50 4.53 11.75 10.77
N GLN C 51 3.24 11.86 10.46
CA GLN C 51 2.23 10.96 11.02
C GLN C 51 2.34 9.54 10.49
N SER C 52 2.93 9.36 9.29
CA SER C 52 3.03 8.02 8.68
C SER C 52 3.56 6.98 9.68
N ALA C 53 4.57 7.37 10.46
CA ALA C 53 5.15 6.47 11.46
C ALA C 53 4.10 6.06 12.50
N ASN C 54 3.39 7.04 13.06
CA ASN C 54 2.35 6.75 14.06
C ASN C 54 1.22 5.95 13.41
N LEU C 55 0.85 6.35 12.20
CA LEU C 55 -0.20 5.68 11.44
C LEU C 55 0.20 4.24 11.19
N LEU C 56 1.50 4.03 10.99
CA LEU C 56 2.03 2.68 10.74
C LEU C 56 1.77 1.80 11.95
N ALA C 57 1.92 2.38 13.14
CA ALA C 57 1.69 1.64 14.39
C ALA C 57 0.23 1.19 14.47
N GLU C 58 -0.70 2.16 14.34
CA GLU C 58 -2.12 1.85 14.41
C GLU C 58 -2.53 0.91 13.28
N ALA C 59 -2.05 1.21 12.06
CA ALA C 59 -2.38 0.39 10.89
C ALA C 59 -1.90 -1.05 11.10
N LYS C 60 -0.70 -1.17 11.66
CA LYS C 60 -0.12 -2.45 11.95
C LYS C 60 -0.89 -3.13 13.10
N LYS C 61 -1.38 -2.32 14.06
CA LYS C 61 -2.15 -2.87 15.18
C LYS C 61 -3.50 -3.31 14.66
N LEU C 62 -3.99 -2.54 13.69
CA LEU C 62 -5.27 -2.81 13.06
C LEU C 62 -5.19 -4.13 12.32
N ASN C 63 -4.04 -4.36 11.67
CA ASN C 63 -3.80 -5.59 10.94
C ASN C 63 -3.91 -6.77 11.92
N ASP C 64 -3.42 -6.54 13.15
CA ASP C 64 -3.50 -7.55 14.21
C ASP C 64 -4.94 -7.65 14.74
N ALA C 65 -5.61 -6.49 14.78
CA ALA C 65 -7.00 -6.41 15.26
C ALA C 65 -7.98 -7.09 14.30
N GLN C 66 -7.71 -6.98 12.99
CA GLN C 66 -8.58 -7.58 11.97
C GLN C 66 -8.07 -8.97 11.58
N ALA C 67 -6.89 -9.31 12.08
CA ALA C 67 -6.27 -10.59 11.81
C ALA C 67 -7.12 -11.75 12.30
N LYS A 16 -1.39 -14.52 -3.81
CA LYS A 16 -1.60 -13.63 -2.68
C LYS A 16 -0.90 -12.29 -2.88
N LEU A 17 -1.61 -11.21 -2.54
CA LEU A 17 -1.08 -9.86 -2.64
C LEU A 17 -1.20 -9.18 -1.29
N VAL A 18 -0.23 -8.31 -0.98
CA VAL A 18 -0.22 -7.62 0.31
C VAL A 18 0.22 -6.17 0.13
N PHE A 19 -0.43 -5.26 0.84
CA PHE A 19 -0.09 -3.84 0.79
C PHE A 19 0.64 -3.46 2.06
N PHE A 20 1.80 -2.85 1.91
CA PHE A 20 2.60 -2.44 3.06
C PHE A 20 3.24 -1.07 2.86
N ALA A 21 3.57 -0.42 3.98
CA ALA A 21 4.22 0.89 3.94
C ALA A 21 5.64 0.76 4.50
N GLU A 22 6.61 1.42 3.84
CA GLU A 22 8.00 1.36 4.27
C GLU A 22 8.41 2.69 4.87
N ASP A 23 8.80 2.68 6.15
CA ASP A 23 9.24 3.90 6.83
C ASP A 23 10.56 4.31 6.20
N VAL A 24 10.62 5.56 5.80
CA VAL A 24 11.82 6.09 5.12
C VAL A 24 12.51 7.22 5.91
N GLY A 25 11.98 7.53 7.10
CA GLY A 25 12.59 8.55 7.97
C GLY A 25 12.40 9.98 7.43
N SER A 26 12.66 10.17 6.13
CA SER A 26 12.55 11.48 5.49
C SER A 26 11.14 12.06 5.66
N ASN A 27 11.01 13.36 5.33
CA ASN A 27 9.72 14.07 5.44
C ASN A 27 8.61 13.34 4.70
N LYS A 28 9.01 12.54 3.71
CA LYS A 28 8.08 11.75 2.91
C LYS A 28 7.23 10.84 3.80
N GLY A 29 7.79 10.44 4.94
CA GLY A 29 7.09 9.56 5.88
C GLY A 29 7.37 8.09 5.56
N ALA A 30 6.46 7.49 4.77
CA ALA A 30 6.60 6.09 4.37
C ALA A 30 6.24 5.93 2.88
N ILE A 31 6.62 4.79 2.29
CA ILE A 31 6.34 4.51 0.87
C ILE A 31 5.37 3.36 0.76
N ILE A 32 4.38 3.51 -0.11
CA ILE A 32 3.41 2.45 -0.34
C ILE A 32 3.95 1.47 -1.37
N GLY A 33 4.03 0.22 -0.95
CA GLY A 33 4.51 -0.86 -1.81
C GLY A 33 3.72 -2.11 -1.51
N LEU A 34 3.63 -3.02 -2.48
CA LEU A 34 2.89 -4.26 -2.29
C LEU A 34 3.70 -5.46 -2.70
N MET A 35 3.33 -6.59 -2.11
CA MET A 35 3.99 -7.86 -2.39
C MET A 35 3.10 -8.67 -3.36
N VAL A 36 3.72 -9.44 -4.26
CA VAL A 36 2.97 -10.23 -5.24
C VAL A 36 3.33 -11.70 -5.18
N GLY A 37 2.32 -12.53 -4.89
CA GLY A 37 2.48 -13.99 -4.83
C GLY A 37 3.41 -14.49 -3.74
N GLY A 38 3.05 -15.64 -3.15
CA GLY A 38 3.85 -16.27 -2.11
C GLY A 38 3.94 -15.44 -0.84
N VAL A 39 4.63 -15.99 0.17
CA VAL A 39 4.81 -15.32 1.46
C VAL A 39 6.29 -15.02 1.69
N VAL A 40 6.59 -13.82 2.19
CA VAL A 40 7.97 -13.41 2.46
C VAL A 40 8.49 -14.06 3.76
N GLY B 25 8.48 -13.77 -3.21
CA GLY B 25 7.53 -13.15 -4.13
C GLY B 25 8.11 -11.88 -4.78
N GLU B 26 7.36 -11.32 -5.72
CA GLU B 26 7.74 -10.09 -6.41
C GLU B 26 7.12 -8.91 -5.68
N ILE B 27 7.96 -7.98 -5.23
CA ILE B 27 7.46 -6.81 -4.50
C ILE B 27 7.52 -5.54 -5.36
N VAL B 28 6.36 -4.87 -5.42
CA VAL B 28 6.16 -3.65 -6.21
C VAL B 28 6.10 -2.40 -5.33
N TYR B 29 6.62 -1.29 -5.87
CA TYR B 29 6.59 0.00 -5.20
C TYR B 29 6.00 1.05 -6.15
N LEU B 30 4.97 1.78 -5.70
CA LEU B 30 4.34 2.82 -6.53
C LEU B 30 4.39 4.20 -5.84
N PRO B 31 5.57 4.66 -5.49
CA PRO B 31 5.74 6.01 -4.83
C PRO B 31 5.28 7.13 -5.73
N ASN B 32 5.13 6.82 -7.02
CA ASN B 32 4.72 7.81 -8.02
C ASN B 32 3.20 7.93 -8.10
N LEU B 33 2.45 7.07 -7.39
CA LEU B 33 1.00 7.10 -7.44
C LEU B 33 0.43 7.91 -6.28
N ASN B 34 -0.55 8.76 -6.62
CA ASN B 34 -1.22 9.60 -5.62
C ASN B 34 -2.22 8.76 -4.82
N PRO B 35 -2.67 9.23 -3.67
CA PRO B 35 -3.65 8.46 -2.83
C PRO B 35 -4.87 8.04 -3.63
N ASP B 36 -5.27 8.89 -4.58
CA ASP B 36 -6.41 8.60 -5.45
C ASP B 36 -6.09 7.38 -6.31
N GLN B 37 -4.90 7.40 -6.92
CA GLN B 37 -4.45 6.32 -7.78
C GLN B 37 -4.26 5.03 -6.98
N LEU B 38 -3.61 5.12 -5.82
CA LEU B 38 -3.38 3.95 -4.97
C LEU B 38 -4.73 3.37 -4.51
N CYS B 39 -5.65 4.24 -4.09
CA CYS B 39 -6.96 3.81 -3.64
C CYS B 39 -7.72 3.15 -4.79
N ALA B 40 -7.64 3.75 -5.98
CA ALA B 40 -8.31 3.23 -7.17
C ALA B 40 -7.74 1.85 -7.53
N PHE B 41 -6.42 1.76 -7.51
CA PHE B 41 -5.72 0.51 -7.81
C PHE B 41 -6.10 -0.57 -6.79
N ILE B 42 -5.97 -0.23 -5.51
CA ILE B 42 -6.28 -1.14 -4.41
C ILE B 42 -7.74 -1.63 -4.46
N HIS B 43 -8.66 -0.75 -4.88
CA HIS B 43 -10.07 -1.13 -4.96
C HIS B 43 -10.26 -2.21 -6.01
N SER B 44 -9.72 -1.96 -7.20
CA SER B 44 -9.82 -2.90 -8.32
C SER B 44 -8.99 -4.16 -8.05
N LEU B 45 -7.80 -3.95 -7.50
CA LEU B 45 -6.87 -5.04 -7.18
C LEU B 45 -7.53 -6.04 -6.23
N HIS B 46 -8.27 -5.52 -5.26
CA HIS B 46 -8.96 -6.36 -4.28
C HIS B 46 -10.17 -7.08 -4.92
N ASP B 47 -10.90 -6.36 -5.79
CA ASP B 47 -12.10 -6.92 -6.44
C ASP B 47 -11.79 -8.19 -7.25
N ASP B 48 -10.68 -8.18 -7.98
CA ASP B 48 -10.31 -9.33 -8.83
C ASP B 48 -8.85 -9.75 -8.60
N PRO B 49 -8.58 -10.60 -7.62
CA PRO B 49 -7.19 -11.09 -7.34
C PRO B 49 -6.67 -11.95 -8.49
N SER B 50 -7.58 -12.62 -9.19
CA SER B 50 -7.22 -13.47 -10.32
C SER B 50 -6.57 -12.63 -11.42
N GLN B 51 -7.10 -11.41 -11.61
CA GLN B 51 -6.59 -10.47 -12.61
C GLN B 51 -5.54 -9.53 -12.00
N SER B 52 -5.12 -9.82 -10.76
CA SER B 52 -4.14 -8.96 -10.06
C SER B 52 -2.88 -8.72 -10.89
N ALA B 53 -2.39 -9.75 -11.59
CA ALA B 53 -1.19 -9.60 -12.41
C ALA B 53 -1.42 -8.57 -13.52
N ASN B 54 -2.54 -8.70 -14.23
CA ASN B 54 -2.87 -7.78 -15.31
C ASN B 54 -3.12 -6.38 -14.75
N LEU B 55 -3.90 -6.32 -13.67
CA LEU B 55 -4.23 -5.05 -13.02
C LEU B 55 -2.96 -4.35 -12.55
N LEU B 56 -2.00 -5.14 -12.06
CA LEU B 56 -0.73 -4.57 -11.60
C LEU B 56 0.02 -3.94 -12.77
N ALA B 57 -0.07 -4.57 -13.94
CA ALA B 57 0.58 -4.06 -15.14
C ALA B 57 0.13 -2.63 -15.42
N GLU B 58 -1.13 -2.37 -15.07
CA GLU B 58 -1.74 -1.05 -15.24
C GLU B 58 -1.20 -0.08 -14.21
N ALA B 59 -1.05 -0.57 -12.99
CA ALA B 59 -0.57 0.27 -11.92
C ALA B 59 0.91 0.56 -12.13
N LYS B 60 1.61 -0.41 -12.73
CA LYS B 60 3.01 -0.26 -13.04
C LYS B 60 3.11 0.73 -14.19
N LYS B 61 2.17 0.59 -15.13
CA LYS B 61 2.09 1.51 -16.25
C LYS B 61 1.81 2.90 -15.68
N LEU B 62 1.09 2.92 -14.55
CA LEU B 62 0.78 4.15 -13.82
C LEU B 62 2.07 4.64 -13.15
N ASN B 63 2.83 3.67 -12.59
CA ASN B 63 4.11 3.97 -11.94
C ASN B 63 4.99 4.68 -12.95
N ASP B 64 4.88 4.22 -14.21
CA ASP B 64 5.60 4.80 -15.34
C ASP B 64 4.90 6.08 -15.83
N ALA B 65 3.57 6.08 -15.76
CA ALA B 65 2.75 7.22 -16.21
C ALA B 65 2.98 8.45 -15.35
N GLN B 66 3.24 8.23 -14.07
CA GLN B 66 3.49 9.30 -13.13
C GLN B 66 4.98 9.57 -13.12
N ALA B 67 5.72 8.62 -12.56
CA ALA B 67 7.17 8.64 -12.51
C ALA B 67 7.76 9.94 -11.93
N GLY C 25 13.84 2.01 6.90
CA GLY C 25 13.07 2.15 8.15
C GLY C 25 12.20 0.93 8.40
N GLU C 26 11.31 1.05 9.39
CA GLU C 26 10.41 -0.02 9.74
C GLU C 26 9.38 -0.23 8.65
N ILE C 27 8.96 -1.46 8.48
CA ILE C 27 7.97 -1.81 7.47
C ILE C 27 6.71 -2.35 8.15
N VAL C 28 5.55 -1.98 7.60
CA VAL C 28 4.25 -2.40 8.12
C VAL C 28 3.42 -3.05 7.02
N TYR C 29 3.06 -4.32 7.22
CA TYR C 29 2.25 -5.07 6.25
C TYR C 29 0.78 -5.04 6.63
N LEU C 30 -0.07 -4.83 5.62
CA LEU C 30 -1.53 -4.78 5.84
C LEU C 30 -2.25 -5.91 5.08
N PRO C 31 -2.11 -7.16 5.53
CA PRO C 31 -2.77 -8.34 4.87
C PRO C 31 -4.24 -8.51 5.30
N ASN C 32 -4.47 -8.58 6.61
CA ASN C 32 -5.83 -8.77 7.16
C ASN C 32 -6.59 -7.45 7.28
N LEU C 33 -6.00 -6.37 6.75
CA LEU C 33 -6.63 -5.04 6.81
C LEU C 33 -7.72 -4.92 5.74
N ASN C 34 -8.77 -4.14 6.02
CA ASN C 34 -9.86 -3.96 5.06
C ASN C 34 -9.41 -2.99 3.96
N PRO C 35 -9.77 -3.23 2.71
CA PRO C 35 -9.36 -2.34 1.58
C PRO C 35 -9.75 -0.89 1.85
N ASP C 36 -10.94 -0.69 2.44
CA ASP C 36 -11.41 0.65 2.78
C ASP C 36 -10.47 1.26 3.81
N GLN C 37 -10.04 0.43 4.77
CA GLN C 37 -9.10 0.84 5.79
C GLN C 37 -7.78 1.21 5.14
N LEU C 38 -7.42 0.45 4.08
CA LEU C 38 -6.18 0.70 3.34
C LEU C 38 -6.24 2.06 2.64
N CYS C 39 -7.40 2.35 2.04
CA CYS C 39 -7.59 3.63 1.34
C CYS C 39 -7.45 4.78 2.33
N ALA C 40 -8.11 4.65 3.48
CA ALA C 40 -8.03 5.67 4.53
C ALA C 40 -6.59 5.77 5.04
N PHE C 41 -5.92 4.62 5.12
CA PHE C 41 -4.53 4.55 5.59
C PHE C 41 -3.62 5.35 4.66
N ILE C 42 -3.68 5.08 3.36
CA ILE C 42 -2.84 5.78 2.39
C ILE C 42 -3.09 7.29 2.43
N HIS C 43 -4.37 7.68 2.58
CA HIS C 43 -4.72 9.09 2.66
C HIS C 43 -4.08 9.72 3.90
N SER C 44 -4.05 8.96 5.00
CA SER C 44 -3.46 9.43 6.25
C SER C 44 -1.94 9.62 6.08
N LEU C 45 -1.28 8.70 5.36
CA LEU C 45 0.17 8.80 5.12
C LEU C 45 0.48 10.07 4.34
N HIS C 46 -0.39 10.40 3.37
CA HIS C 46 -0.22 11.59 2.53
C HIS C 46 -0.54 12.86 3.32
N ASP C 47 -1.73 12.90 3.93
CA ASP C 47 -2.18 14.07 4.68
C ASP C 47 -1.25 14.39 5.85
N ASP C 48 -0.71 13.34 6.50
CA ASP C 48 0.19 13.52 7.64
C ASP C 48 1.49 12.72 7.42
N PRO C 49 2.41 13.24 6.62
CA PRO C 49 3.71 12.54 6.33
C PRO C 49 4.53 12.25 7.59
N SER C 50 4.72 13.28 8.42
CA SER C 50 5.48 13.13 9.66
C SER C 50 4.81 12.12 10.59
N GLN C 51 3.48 12.07 10.55
CA GLN C 51 2.70 11.17 11.38
C GLN C 51 2.56 9.78 10.73
N SER C 52 3.13 9.59 9.54
CA SER C 52 3.05 8.30 8.83
C SER C 52 3.57 7.17 9.72
N ALA C 53 4.63 7.45 10.47
CA ALA C 53 5.22 6.49 11.39
C ALA C 53 4.20 6.08 12.45
N ASN C 54 3.52 7.09 13.03
CA ASN C 54 2.50 6.82 14.04
C ASN C 54 1.34 6.07 13.42
N LEU C 55 0.98 6.47 12.19
CA LEU C 55 -0.10 5.82 11.45
C LEU C 55 0.26 4.37 11.18
N LEU C 56 1.56 4.14 10.94
CA LEU C 56 2.05 2.79 10.67
C LEU C 56 1.83 1.90 11.88
N ALA C 57 2.02 2.46 13.07
CA ALA C 57 1.83 1.70 14.30
C ALA C 57 0.38 1.22 14.45
N GLU C 58 -0.58 2.16 14.32
CA GLU C 58 -1.99 1.81 14.43
C GLU C 58 -2.46 1.00 13.22
N ALA C 59 -1.97 1.36 12.03
CA ALA C 59 -2.33 0.65 10.81
C ALA C 59 -1.87 -0.79 10.93
N LYS C 60 -0.66 -0.96 11.45
CA LYS C 60 -0.11 -2.28 11.69
C LYS C 60 -0.94 -2.98 12.76
N LYS C 61 -1.36 -2.20 13.77
CA LYS C 61 -2.18 -2.71 14.86
C LYS C 61 -3.52 -3.22 14.31
N LEU C 62 -4.06 -2.54 13.28
CA LEU C 62 -5.31 -2.97 12.67
C LEU C 62 -5.17 -4.35 12.07
N ASN C 63 -4.00 -4.60 11.47
CA ASN C 63 -3.74 -5.90 10.87
C ASN C 63 -3.89 -6.97 11.96
N ASP C 64 -3.45 -6.60 13.18
CA ASP C 64 -3.56 -7.47 14.35
C ASP C 64 -4.99 -7.45 14.91
N ALA C 65 -5.63 -6.28 14.86
CA ALA C 65 -6.99 -6.09 15.37
C ALA C 65 -8.04 -6.74 14.46
N GLN C 66 -7.75 -6.76 13.16
CA GLN C 66 -8.64 -7.33 12.15
C GLN C 66 -8.23 -8.75 11.78
N ALA C 67 -7.12 -9.19 12.37
CA ALA C 67 -6.57 -10.52 12.12
C ALA C 67 -7.56 -11.62 12.54
N LYS A 16 -1.29 -13.82 -4.41
CA LYS A 16 -1.64 -13.09 -3.20
C LYS A 16 -0.99 -11.72 -3.17
N LEU A 17 -1.82 -10.68 -3.05
CA LEU A 17 -1.34 -9.30 -2.98
C LEU A 17 -1.33 -8.81 -1.55
N VAL A 18 -0.23 -8.16 -1.14
CA VAL A 18 -0.11 -7.62 0.21
C VAL A 18 0.33 -6.17 0.14
N PHE A 19 -0.38 -5.29 0.85
CA PHE A 19 -0.04 -3.87 0.87
C PHE A 19 0.71 -3.56 2.15
N PHE A 20 1.88 -2.98 2.00
CA PHE A 20 2.72 -2.63 3.15
C PHE A 20 3.33 -1.23 2.99
N ALA A 21 3.67 -0.62 4.12
CA ALA A 21 4.26 0.71 4.12
C ALA A 21 5.68 0.63 4.69
N GLU A 22 6.62 1.30 4.01
CA GLU A 22 8.01 1.33 4.42
C GLU A 22 8.34 2.70 4.99
N ASP A 23 8.89 2.73 6.20
CA ASP A 23 9.26 4.00 6.84
C ASP A 23 10.56 4.48 6.21
N VAL A 24 10.47 5.59 5.47
CA VAL A 24 11.62 6.15 4.76
C VAL A 24 12.00 7.55 5.28
N GLY A 25 11.12 8.14 6.09
CA GLY A 25 11.37 9.49 6.61
C GLY A 25 11.53 10.45 5.44
N SER A 26 12.68 11.13 5.38
CA SER A 26 13.00 12.06 4.30
C SER A 26 11.83 13.02 3.99
N ASN A 27 11.02 13.31 5.00
CA ASN A 27 9.84 14.18 4.86
C ASN A 27 8.74 13.51 4.03
N LYS A 28 9.06 12.34 3.49
CA LYS A 28 8.11 11.56 2.69
C LYS A 28 7.32 10.61 3.59
N GLY A 29 7.68 10.58 4.88
CA GLY A 29 7.00 9.70 5.83
C GLY A 29 7.31 8.26 5.46
N ALA A 30 6.32 7.56 4.89
CA ALA A 30 6.51 6.17 4.47
C ALA A 30 6.14 6.01 3.00
N ILE A 31 6.57 4.89 2.41
CA ILE A 31 6.30 4.59 1.00
C ILE A 31 5.38 3.39 0.88
N ILE A 32 4.38 3.50 -0.01
CA ILE A 32 3.45 2.41 -0.24
C ILE A 32 4.04 1.46 -1.27
N GLY A 33 4.26 0.23 -0.81
CA GLY A 33 4.78 -0.83 -1.65
C GLY A 33 3.98 -2.09 -1.38
N LEU A 34 3.77 -2.90 -2.41
CA LEU A 34 3.00 -4.14 -2.24
C LEU A 34 3.80 -5.34 -2.68
N MET A 35 3.35 -6.48 -2.19
CA MET A 35 3.97 -7.77 -2.50
C MET A 35 3.05 -8.55 -3.43
N VAL A 36 3.64 -9.30 -4.36
CA VAL A 36 2.86 -10.09 -5.33
C VAL A 36 3.25 -11.57 -5.25
N GLY A 37 2.25 -12.43 -5.02
CA GLY A 37 2.45 -13.87 -4.95
C GLY A 37 3.12 -14.31 -3.65
N GLY A 38 2.55 -15.36 -3.05
CA GLY A 38 3.08 -15.93 -1.81
C GLY A 38 3.07 -14.91 -0.68
N VAL A 39 3.69 -15.29 0.44
CA VAL A 39 3.75 -14.43 1.62
C VAL A 39 5.13 -14.52 2.29
N VAL A 40 5.56 -13.40 2.88
CA VAL A 40 6.85 -13.33 3.57
C VAL A 40 6.93 -14.38 4.69
N GLY B 25 8.03 -14.04 -4.11
CA GLY B 25 7.06 -13.11 -4.70
C GLY B 25 7.76 -11.89 -5.31
N GLU B 26 6.98 -11.08 -6.03
CA GLU B 26 7.48 -9.86 -6.66
C GLU B 26 7.01 -8.67 -5.83
N ILE B 27 7.94 -7.83 -5.37
CA ILE B 27 7.58 -6.67 -4.55
C ILE B 27 7.61 -5.39 -5.40
N VAL B 28 6.47 -4.68 -5.38
CA VAL B 28 6.27 -3.44 -6.14
C VAL B 28 6.17 -2.22 -5.22
N TYR B 29 6.69 -1.09 -5.71
CA TYR B 29 6.63 0.19 -4.99
C TYR B 29 5.96 1.25 -5.87
N LEU B 30 4.91 1.89 -5.34
CA LEU B 30 4.18 2.93 -6.10
C LEU B 30 4.20 4.28 -5.34
N PRO B 31 5.37 4.82 -5.08
CA PRO B 31 5.52 6.14 -4.38
C PRO B 31 5.07 7.30 -5.25
N ASN B 32 5.08 7.04 -6.57
CA ASN B 32 4.71 8.06 -7.54
C ASN B 32 3.21 8.14 -7.76
N LEU B 33 2.44 7.22 -7.16
CA LEU B 33 0.98 7.23 -7.32
C LEU B 33 0.32 8.03 -6.21
N ASN B 34 -0.75 8.74 -6.57
CA ASN B 34 -1.50 9.56 -5.61
C ASN B 34 -2.52 8.68 -4.87
N PRO B 35 -3.02 9.13 -3.73
CA PRO B 35 -4.01 8.33 -2.93
C PRO B 35 -5.19 7.85 -3.76
N ASP B 36 -5.65 8.68 -4.70
CA ASP B 36 -6.77 8.31 -5.57
C ASP B 36 -6.38 7.11 -6.42
N GLN B 37 -5.17 7.15 -6.99
CA GLN B 37 -4.65 6.09 -7.82
C GLN B 37 -4.41 4.81 -7.01
N LEU B 38 -3.77 4.95 -5.84
CA LEU B 38 -3.50 3.78 -4.99
C LEU B 38 -4.83 3.16 -4.53
N CYS B 39 -5.81 4.01 -4.20
CA CYS B 39 -7.13 3.53 -3.77
C CYS B 39 -7.84 2.86 -4.95
N ALA B 40 -7.73 3.47 -6.13
CA ALA B 40 -8.36 2.93 -7.35
C ALA B 40 -7.79 1.55 -7.66
N PHE B 41 -6.46 1.46 -7.57
CA PHE B 41 -5.75 0.22 -7.83
C PHE B 41 -6.06 -0.83 -6.76
N ILE B 42 -5.95 -0.41 -5.50
CA ILE B 42 -6.20 -1.30 -4.35
C ILE B 42 -7.60 -1.91 -4.34
N HIS B 43 -8.63 -1.13 -4.72
CA HIS B 43 -9.99 -1.67 -4.72
C HIS B 43 -10.12 -2.79 -5.74
N SER B 44 -9.67 -2.52 -6.96
CA SER B 44 -9.73 -3.50 -8.05
C SER B 44 -8.80 -4.69 -7.77
N LEU B 45 -7.60 -4.38 -7.29
CA LEU B 45 -6.59 -5.40 -6.98
C LEU B 45 -7.13 -6.40 -5.96
N HIS B 46 -7.87 -5.88 -4.98
CA HIS B 46 -8.45 -6.72 -3.93
C HIS B 46 -9.75 -7.39 -4.38
N ASP B 47 -10.65 -6.63 -4.99
CA ASP B 47 -11.94 -7.16 -5.46
C ASP B 47 -11.77 -8.29 -6.47
N ASP B 48 -10.75 -8.18 -7.35
CA ASP B 48 -10.51 -9.19 -8.37
C ASP B 48 -9.04 -9.66 -8.35
N PRO B 49 -8.70 -10.55 -7.43
CA PRO B 49 -7.31 -11.08 -7.31
C PRO B 49 -6.87 -11.83 -8.57
N SER B 50 -7.83 -12.39 -9.31
CA SER B 50 -7.53 -13.14 -10.53
C SER B 50 -6.83 -12.22 -11.55
N GLN B 51 -7.29 -10.97 -11.62
CA GLN B 51 -6.71 -9.97 -12.55
C GLN B 51 -5.61 -9.16 -11.86
N SER B 52 -5.16 -9.62 -10.69
CA SER B 52 -4.11 -8.89 -9.93
C SER B 52 -2.86 -8.64 -10.77
N ALA B 53 -2.44 -9.63 -11.55
CA ALA B 53 -1.25 -9.48 -12.39
C ALA B 53 -1.48 -8.44 -13.47
N ASN B 54 -2.62 -8.55 -14.17
CA ASN B 54 -2.95 -7.60 -15.23
C ASN B 54 -3.12 -6.19 -14.68
N LEU B 55 -3.95 -6.08 -13.63
CA LEU B 55 -4.22 -4.78 -12.99
C LEU B 55 -2.93 -4.12 -12.52
N LEU B 56 -2.08 -4.91 -11.87
CA LEU B 56 -0.81 -4.40 -11.38
C LEU B 56 0.07 -3.98 -12.54
N ALA B 57 -0.02 -4.69 -13.66
CA ALA B 57 0.76 -4.32 -14.84
C ALA B 57 0.43 -2.89 -15.22
N GLU B 58 -0.84 -2.53 -15.04
CA GLU B 58 -1.32 -1.17 -15.33
C GLU B 58 -0.81 -0.21 -14.28
N ALA B 59 -0.77 -0.67 -13.03
CA ALA B 59 -0.32 0.19 -11.95
C ALA B 59 1.17 0.46 -12.13
N LYS B 60 1.87 -0.54 -12.69
CA LYS B 60 3.29 -0.39 -12.96
C LYS B 60 3.44 0.67 -14.05
N LYS B 61 2.54 0.65 -15.05
CA LYS B 61 2.53 1.65 -16.09
C LYS B 61 2.27 3.01 -15.45
N LEU B 62 1.41 2.99 -14.41
CA LEU B 62 1.09 4.20 -13.65
C LEU B 62 2.34 4.68 -12.93
N ASN B 63 3.13 3.71 -12.42
CA ASN B 63 4.37 4.02 -11.71
C ASN B 63 5.25 4.88 -12.62
N ASP B 64 5.26 4.52 -13.91
CA ASP B 64 6.01 5.26 -14.93
C ASP B 64 5.23 6.50 -15.38
N ALA B 65 3.89 6.40 -15.36
CA ALA B 65 3.00 7.49 -15.77
C ALA B 65 3.11 8.70 -14.85
N GLN B 66 3.40 8.45 -13.56
CA GLN B 66 3.50 9.53 -12.57
C GLN B 66 4.92 9.61 -12.01
N ALA B 67 5.81 8.82 -12.61
CA ALA B 67 7.20 8.75 -12.22
C ALA B 67 7.88 10.12 -12.24
N GLY C 25 13.17 2.91 8.22
CA GLY C 25 13.61 1.58 7.80
C GLY C 25 12.68 0.49 8.30
N GLU C 26 11.61 0.89 8.96
CA GLU C 26 10.65 -0.06 9.48
C GLU C 26 9.55 -0.28 8.46
N ILE C 27 9.19 -1.55 8.28
CA ILE C 27 8.15 -1.91 7.33
C ILE C 27 6.96 -2.54 8.06
N VAL C 28 5.78 -2.25 7.53
CA VAL C 28 4.52 -2.73 8.09
C VAL C 28 3.68 -3.41 7.01
N TYR C 29 3.44 -4.73 7.16
CA TYR C 29 2.64 -5.49 6.19
C TYR C 29 1.18 -5.53 6.63
N LEU C 30 0.28 -5.22 5.69
CA LEU C 30 -1.16 -5.17 6.00
C LEU C 30 -1.97 -6.12 5.06
N PRO C 31 -2.04 -7.40 5.38
CA PRO C 31 -2.81 -8.39 4.57
C PRO C 31 -4.28 -8.48 5.00
N ASN C 32 -4.51 -8.80 6.28
CA ASN C 32 -5.85 -8.94 6.84
C ASN C 32 -6.65 -7.64 6.73
N LEU C 33 -5.94 -6.51 6.68
CA LEU C 33 -6.57 -5.19 6.60
C LEU C 33 -7.55 -5.09 5.41
N ASN C 34 -8.64 -4.33 5.59
CA ASN C 34 -9.64 -4.18 4.53
C ASN C 34 -9.12 -3.18 3.48
N PRO C 35 -9.50 -3.35 2.22
CA PRO C 35 -9.03 -2.42 1.16
C PRO C 35 -9.49 -0.99 1.41
N ASP C 36 -10.71 -0.85 1.94
CA ASP C 36 -11.24 0.46 2.29
C ASP C 36 -10.36 1.08 3.36
N GLN C 37 -9.92 0.23 4.30
CA GLN C 37 -9.03 0.65 5.37
C GLN C 37 -7.71 1.12 4.78
N LEU C 38 -7.22 0.41 3.73
CA LEU C 38 -5.97 0.79 3.07
C LEU C 38 -6.09 2.18 2.46
N CYS C 39 -7.25 2.48 1.85
CA CYS C 39 -7.46 3.79 1.24
C CYS C 39 -7.35 4.90 2.29
N ALA C 40 -8.01 4.68 3.44
CA ALA C 40 -7.96 5.64 4.54
C ALA C 40 -6.54 5.74 5.07
N PHE C 41 -5.86 4.59 5.15
CA PHE C 41 -4.48 4.52 5.63
C PHE C 41 -3.56 5.32 4.72
N ILE C 42 -3.59 5.01 3.42
CA ILE C 42 -2.75 5.68 2.44
C ILE C 42 -3.02 7.19 2.44
N HIS C 43 -4.29 7.57 2.56
CA HIS C 43 -4.68 8.98 2.60
C HIS C 43 -4.03 9.66 3.81
N SER C 44 -3.98 8.94 4.93
CA SER C 44 -3.37 9.46 6.16
C SER C 44 -1.87 9.66 5.97
N LEU C 45 -1.19 8.68 5.33
CA LEU C 45 0.25 8.78 5.09
C LEU C 45 0.57 10.04 4.26
N HIS C 46 -0.24 10.25 3.21
CA HIS C 46 -0.04 11.41 2.33
C HIS C 46 -0.41 12.72 3.03
N ASP C 47 -1.59 12.75 3.66
CA ASP C 47 -2.07 13.95 4.35
C ASP C 47 -1.09 14.41 5.44
N ASP C 48 -0.52 13.44 6.18
CA ASP C 48 0.42 13.75 7.26
C ASP C 48 1.63 12.81 7.21
N PRO C 49 2.64 13.14 6.42
CA PRO C 49 3.87 12.29 6.30
C PRO C 49 4.55 12.07 7.65
N SER C 50 4.54 13.11 8.49
CA SER C 50 5.15 13.02 9.82
C SER C 50 4.45 11.95 10.65
N GLN C 51 3.13 11.83 10.47
CA GLN C 51 2.33 10.84 11.20
C GLN C 51 2.46 9.44 10.60
N SER C 52 3.04 9.31 9.41
CA SER C 52 3.16 8.00 8.75
C SER C 52 3.69 6.92 9.70
N ALA C 53 4.73 7.27 10.46
CA ALA C 53 5.33 6.33 11.41
C ALA C 53 4.31 5.91 12.48
N ASN C 54 3.65 6.90 13.09
CA ASN C 54 2.63 6.60 14.12
C ASN C 54 1.47 5.83 13.51
N LEU C 55 1.10 6.24 12.29
CA LEU C 55 0.01 5.59 11.56
C LEU C 55 0.37 4.15 11.27
N LEU C 56 1.66 3.89 11.02
CA LEU C 56 2.14 2.55 10.75
C LEU C 56 1.89 1.65 11.96
N ALA C 57 2.10 2.21 13.15
CA ALA C 57 1.88 1.47 14.39
C ALA C 57 0.41 1.08 14.54
N GLU C 58 -0.48 2.06 14.37
CA GLU C 58 -1.91 1.80 14.49
C GLU C 58 -2.42 0.94 13.35
N ALA C 59 -1.92 1.19 12.13
CA ALA C 59 -2.32 0.42 10.96
C ALA C 59 -1.90 -1.03 11.13
N LYS C 60 -0.65 -1.20 11.56
CA LYS C 60 -0.11 -2.52 11.82
C LYS C 60 -0.87 -3.17 12.97
N LYS C 61 -1.29 -2.34 13.93
CA LYS C 61 -2.07 -2.82 15.07
C LYS C 61 -3.47 -3.20 14.60
N LEU C 62 -3.95 -2.42 13.63
CA LEU C 62 -5.25 -2.65 13.06
C LEU C 62 -5.28 -4.00 12.35
N ASN C 63 -4.15 -4.31 11.70
CA ASN C 63 -4.00 -5.60 11.01
C ASN C 63 -4.16 -6.72 12.05
N ASP C 64 -3.64 -6.48 13.25
CA ASP C 64 -3.76 -7.43 14.35
C ASP C 64 -5.19 -7.42 14.90
N ALA C 65 -5.80 -6.23 14.94
CA ALA C 65 -7.16 -6.05 15.45
C ALA C 65 -8.20 -6.67 14.50
N GLN C 66 -7.90 -6.62 13.20
CA GLN C 66 -8.82 -7.16 12.17
C GLN C 66 -8.40 -8.57 11.77
N ALA C 67 -7.29 -9.03 12.34
CA ALA C 67 -6.75 -10.35 12.06
C ALA C 67 -7.74 -11.45 12.45
N LYS A 16 -1.26 -14.44 -3.63
CA LYS A 16 -1.59 -13.62 -2.49
C LYS A 16 -0.79 -12.30 -2.55
N LEU A 17 -1.53 -11.18 -2.64
CA LEU A 17 -0.93 -9.85 -2.68
C LEU A 17 -1.00 -9.21 -1.30
N VAL A 18 -0.01 -8.38 -0.97
CA VAL A 18 0.04 -7.72 0.33
C VAL A 18 0.44 -6.26 0.19
N PHE A 19 -0.28 -5.37 0.89
CA PHE A 19 0.03 -3.95 0.87
C PHE A 19 0.74 -3.58 2.16
N PHE A 20 1.91 -2.99 2.02
CA PHE A 20 2.71 -2.60 3.18
C PHE A 20 3.30 -1.20 3.01
N ALA A 21 3.63 -0.58 4.14
CA ALA A 21 4.22 0.75 4.13
C ALA A 21 5.63 0.69 4.73
N GLU A 22 6.58 1.30 4.02
CA GLU A 22 7.97 1.31 4.45
C GLU A 22 8.34 2.67 5.03
N ASP A 23 8.96 2.67 6.22
CA ASP A 23 9.39 3.90 6.86
C ASP A 23 10.67 4.38 6.18
N VAL A 24 10.59 5.54 5.54
CA VAL A 24 11.74 6.08 4.79
C VAL A 24 12.16 7.45 5.28
N GLY A 25 11.28 8.14 6.02
CA GLY A 25 11.57 9.49 6.50
C GLY A 25 11.71 10.42 5.31
N SER A 26 12.84 11.14 5.24
CA SER A 26 13.12 12.06 4.12
C SER A 26 11.94 13.01 3.86
N ASN A 27 11.16 13.29 4.92
CA ASN A 27 9.98 14.16 4.82
C ASN A 27 8.90 13.53 3.92
N LYS A 28 9.15 12.28 3.52
CA LYS A 28 8.23 11.51 2.69
C LYS A 28 7.38 10.59 3.57
N GLY A 29 7.68 10.56 4.87
CA GLY A 29 6.97 9.70 5.80
C GLY A 29 7.30 8.26 5.47
N ALA A 30 6.33 7.56 4.88
CA ALA A 30 6.52 6.16 4.46
C ALA A 30 6.16 6.00 2.99
N ILE A 31 6.57 4.86 2.41
CA ILE A 31 6.31 4.57 0.99
C ILE A 31 5.38 3.37 0.89
N ILE A 32 4.38 3.49 0.01
CA ILE A 32 3.44 2.40 -0.21
C ILE A 32 4.02 1.44 -1.24
N GLY A 33 4.27 0.23 -0.76
CA GLY A 33 4.79 -0.84 -1.60
C GLY A 33 4.02 -2.11 -1.30
N LEU A 34 3.83 -2.94 -2.31
CA LEU A 34 3.09 -4.19 -2.12
C LEU A 34 3.90 -5.37 -2.60
N MET A 35 3.54 -6.54 -2.09
CA MET A 35 4.21 -7.79 -2.44
C MET A 35 3.31 -8.62 -3.36
N VAL A 36 3.93 -9.36 -4.29
CA VAL A 36 3.17 -10.18 -5.25
C VAL A 36 3.66 -11.64 -5.23
N GLY A 37 2.73 -12.57 -4.95
CA GLY A 37 3.04 -13.99 -4.96
C GLY A 37 3.46 -14.52 -3.59
N GLY A 38 2.71 -15.53 -3.10
CA GLY A 38 2.97 -16.18 -1.83
C GLY A 38 3.04 -15.17 -0.69
N VAL A 39 3.70 -15.57 0.39
CA VAL A 39 3.84 -14.70 1.55
C VAL A 39 5.25 -14.82 2.16
N VAL A 40 5.77 -13.71 2.66
CA VAL A 40 7.11 -13.69 3.29
C VAL A 40 7.38 -12.34 3.97
N GLY B 25 8.41 -13.69 -3.73
CA GLY B 25 7.46 -12.96 -4.56
C GLY B 25 8.08 -11.68 -5.14
N GLU B 26 7.33 -11.03 -6.04
CA GLU B 26 7.74 -9.79 -6.67
C GLU B 26 7.18 -8.62 -5.87
N ILE B 27 8.07 -7.76 -5.36
CA ILE B 27 7.62 -6.61 -4.57
C ILE B 27 7.64 -5.32 -5.40
N VAL B 28 6.48 -4.65 -5.37
CA VAL B 28 6.25 -3.41 -6.12
C VAL B 28 6.16 -2.19 -5.19
N TYR B 29 6.68 -1.06 -5.67
CA TYR B 29 6.63 0.22 -4.94
C TYR B 29 5.96 1.27 -5.84
N LEU B 30 4.92 1.93 -5.30
CA LEU B 30 4.19 2.95 -6.07
C LEU B 30 4.20 4.33 -5.36
N PRO B 31 5.36 4.84 -4.98
CA PRO B 31 5.46 6.19 -4.32
C PRO B 31 5.00 7.28 -5.27
N ASN B 32 5.14 6.99 -6.57
CA ASN B 32 4.78 7.91 -7.63
C ASN B 32 3.27 8.15 -7.66
N LEU B 33 2.49 7.16 -7.19
CA LEU B 33 1.04 7.25 -7.19
C LEU B 33 0.55 8.01 -5.96
N ASN B 34 -0.61 8.64 -6.10
CA ASN B 34 -1.22 9.40 -5.00
C ASN B 34 -2.38 8.60 -4.38
N PRO B 35 -2.91 9.01 -3.24
CA PRO B 35 -4.02 8.26 -2.57
C PRO B 35 -5.18 7.94 -3.51
N ASP B 36 -5.45 8.84 -4.46
CA ASP B 36 -6.53 8.60 -5.42
C ASP B 36 -6.18 7.41 -6.31
N GLN B 37 -4.97 7.44 -6.86
CA GLN B 37 -4.49 6.36 -7.74
C GLN B 37 -4.31 5.05 -6.96
N LEU B 38 -3.69 5.12 -5.78
CA LEU B 38 -3.48 3.91 -4.98
C LEU B 38 -4.82 3.31 -4.54
N CYS B 39 -5.75 4.17 -4.11
CA CYS B 39 -7.07 3.71 -3.68
C CYS B 39 -7.82 3.06 -4.84
N ALA B 40 -7.76 3.69 -6.02
CA ALA B 40 -8.42 3.17 -7.22
C ALA B 40 -7.85 1.81 -7.58
N PHE B 41 -6.52 1.73 -7.55
CA PHE B 41 -5.80 0.49 -7.84
C PHE B 41 -6.14 -0.59 -6.81
N ILE B 42 -6.01 -0.25 -5.54
CA ILE B 42 -6.27 -1.17 -4.44
C ILE B 42 -7.71 -1.69 -4.44
N HIS B 43 -8.68 -0.86 -4.86
CA HIS B 43 -10.07 -1.30 -4.90
C HIS B 43 -10.25 -2.36 -5.97
N SER B 44 -9.77 -2.07 -7.17
CA SER B 44 -9.87 -3.00 -8.29
C SER B 44 -9.03 -4.26 -8.04
N LEU B 45 -7.82 -4.04 -7.53
CA LEU B 45 -6.89 -5.12 -7.21
C LEU B 45 -7.57 -6.18 -6.32
N HIS B 46 -8.31 -5.67 -5.33
CA HIS B 46 -9.03 -6.54 -4.41
C HIS B 46 -10.33 -7.06 -5.00
N ASP B 47 -10.98 -6.22 -5.83
CA ASP B 47 -12.26 -6.58 -6.45
C ASP B 47 -12.13 -7.83 -7.35
N ASP B 48 -11.00 -7.94 -8.07
CA ASP B 48 -10.77 -9.07 -8.97
C ASP B 48 -9.35 -9.63 -8.79
N PRO B 49 -9.12 -10.45 -7.77
CA PRO B 49 -7.77 -11.05 -7.51
C PRO B 49 -7.30 -11.93 -8.67
N SER B 50 -8.25 -12.45 -9.46
CA SER B 50 -7.92 -13.31 -10.60
C SER B 50 -6.98 -12.59 -11.58
N GLN B 51 -7.27 -11.30 -11.82
CA GLN B 51 -6.45 -10.48 -12.72
C GLN B 51 -5.47 -9.61 -11.94
N SER B 52 -5.23 -9.96 -10.68
CA SER B 52 -4.33 -9.18 -9.83
C SER B 52 -3.01 -8.86 -10.53
N ALA B 53 -2.50 -9.82 -11.31
CA ALA B 53 -1.25 -9.61 -12.04
C ALA B 53 -1.45 -8.58 -13.16
N ASN B 54 -2.53 -8.75 -13.93
CA ASN B 54 -2.85 -7.82 -15.03
C ASN B 54 -3.11 -6.42 -14.49
N LEU B 55 -3.89 -6.35 -13.42
CA LEU B 55 -4.22 -5.07 -12.78
C LEU B 55 -2.96 -4.38 -12.31
N LEU B 56 -2.02 -5.16 -11.77
CA LEU B 56 -0.76 -4.59 -11.29
C LEU B 56 0.01 -3.99 -12.45
N ALA B 57 -0.04 -4.65 -13.61
CA ALA B 57 0.65 -4.16 -14.80
C ALA B 57 0.22 -2.72 -15.09
N GLU B 58 -1.05 -2.45 -14.83
CA GLU B 58 -1.63 -1.11 -15.04
C GLU B 58 -1.04 -0.16 -14.04
N ALA B 59 -0.88 -0.63 -12.80
CA ALA B 59 -0.34 0.20 -11.74
C ALA B 59 1.14 0.42 -11.99
N LYS B 60 1.81 -0.59 -12.55
CA LYS B 60 3.22 -0.47 -12.87
C LYS B 60 3.39 0.57 -13.96
N LYS B 61 2.50 0.51 -14.97
CA LYS B 61 2.51 1.48 -16.04
C LYS B 61 2.19 2.85 -15.44
N LEU B 62 1.33 2.82 -14.41
CA LEU B 62 0.95 4.03 -13.67
C LEU B 62 2.19 4.58 -12.96
N ASN B 63 3.01 3.65 -12.43
CA ASN B 63 4.24 4.01 -11.74
C ASN B 63 5.10 4.88 -12.65
N ASP B 64 5.11 4.51 -13.94
CA ASP B 64 5.85 5.25 -14.97
C ASP B 64 5.02 6.46 -15.44
N ALA B 65 3.69 6.30 -15.42
CA ALA B 65 2.78 7.36 -15.86
C ALA B 65 2.89 8.57 -14.96
N GLN B 66 3.15 8.31 -13.67
CA GLN B 66 3.31 9.36 -12.68
C GLN B 66 4.78 9.72 -12.63
N ALA B 67 5.57 8.76 -12.11
CA ALA B 67 7.02 8.86 -12.01
C ALA B 67 7.52 10.16 -11.37
N GLY C 25 13.77 1.82 6.59
CA GLY C 25 13.26 1.87 7.97
C GLY C 25 12.33 0.72 8.26
N GLU C 26 11.52 0.89 9.31
CA GLU C 26 10.56 -0.13 9.71
C GLU C 26 9.54 -0.33 8.62
N ILE C 27 9.13 -1.57 8.45
CA ILE C 27 8.12 -1.92 7.45
C ILE C 27 6.89 -2.50 8.14
N VAL C 28 5.72 -2.14 7.61
CA VAL C 28 4.45 -2.60 8.16
C VAL C 28 3.63 -3.31 7.08
N TYR C 29 3.40 -4.62 7.27
CA TYR C 29 2.61 -5.41 6.32
C TYR C 29 1.15 -5.44 6.74
N LEU C 30 0.27 -5.25 5.75
CA LEU C 30 -1.18 -5.21 5.99
C LEU C 30 -1.92 -6.27 5.15
N PRO C 31 -1.92 -7.52 5.59
CA PRO C 31 -2.60 -8.65 4.87
C PRO C 31 -4.09 -8.76 5.21
N ASN C 32 -4.41 -8.84 6.51
CA ASN C 32 -5.80 -8.99 6.96
C ASN C 32 -6.55 -7.64 6.94
N LEU C 33 -5.88 -6.60 6.47
CA LEU C 33 -6.48 -5.26 6.41
C LEU C 33 -7.42 -5.16 5.21
N ASN C 34 -8.57 -4.50 5.40
CA ASN C 34 -9.53 -4.35 4.31
C ASN C 34 -9.02 -3.31 3.31
N PRO C 35 -9.35 -3.43 2.04
CA PRO C 35 -8.87 -2.46 1.00
C PRO C 35 -9.42 -1.07 1.28
N ASP C 36 -10.65 -1.01 1.79
CA ASP C 36 -11.26 0.27 2.15
C ASP C 36 -10.41 0.90 3.25
N GLN C 37 -9.91 0.03 4.14
CA GLN C 37 -9.04 0.46 5.23
C GLN C 37 -7.73 1.01 4.65
N LEU C 38 -7.22 0.35 3.58
CA LEU C 38 -5.98 0.79 2.93
C LEU C 38 -6.15 2.20 2.36
N CYS C 39 -7.31 2.48 1.77
CA CYS C 39 -7.55 3.81 1.18
C CYS C 39 -7.48 4.88 2.27
N ALA C 40 -8.11 4.60 3.41
CA ALA C 40 -8.10 5.52 4.54
C ALA C 40 -6.66 5.64 5.09
N PHE C 41 -5.97 4.51 5.13
CA PHE C 41 -4.60 4.45 5.62
C PHE C 41 -3.66 5.28 4.73
N ILE C 42 -3.67 4.99 3.42
CA ILE C 42 -2.82 5.69 2.46
C ILE C 42 -3.12 7.19 2.48
N HIS C 43 -4.41 7.54 2.57
CA HIS C 43 -4.81 8.94 2.61
C HIS C 43 -4.15 9.64 3.80
N SER C 44 -4.08 8.92 4.93
CA SER C 44 -3.46 9.45 6.14
C SER C 44 -1.95 9.69 5.94
N LEU C 45 -1.29 8.77 5.21
CA LEU C 45 0.16 8.90 4.95
C LEU C 45 0.43 10.22 4.20
N HIS C 46 -0.45 10.54 3.26
CA HIS C 46 -0.32 11.76 2.44
C HIS C 46 -0.67 13.02 3.24
N ASP C 47 -1.69 12.93 4.10
CA ASP C 47 -2.14 14.09 4.90
C ASP C 47 -1.00 14.69 5.72
N ASP C 48 -0.12 13.84 6.25
CA ASP C 48 1.01 14.31 7.06
C ASP C 48 2.14 13.26 7.06
N PRO C 49 3.24 13.54 6.39
CA PRO C 49 4.40 12.58 6.33
C PRO C 49 4.89 12.15 7.71
N SER C 50 4.90 13.08 8.67
CA SER C 50 5.36 12.77 10.02
C SER C 50 4.45 11.73 10.70
N GLN C 51 3.14 11.83 10.42
CA GLN C 51 2.16 10.90 11.00
C GLN C 51 2.30 9.49 10.46
N SER C 52 2.87 9.34 9.25
CA SER C 52 3.00 8.01 8.62
C SER C 52 3.55 6.97 9.61
N ALA C 53 4.55 7.35 10.37
CA ALA C 53 5.16 6.46 11.37
C ALA C 53 4.13 6.03 12.43
N ASN C 54 3.45 7.01 13.03
CA ASN C 54 2.42 6.72 14.04
C ASN C 54 1.27 5.92 13.41
N LEU C 55 0.92 6.30 12.18
CA LEU C 55 -0.15 5.64 11.45
C LEU C 55 0.25 4.19 11.18
N LEU C 56 1.54 3.98 10.96
CA LEU C 56 2.06 2.63 10.71
C LEU C 56 1.82 1.75 11.92
N ALA C 57 1.99 2.32 13.11
CA ALA C 57 1.77 1.58 14.35
C ALA C 57 0.32 1.17 14.48
N GLU C 58 -0.59 2.13 14.29
CA GLU C 58 -2.03 1.84 14.40
C GLU C 58 -2.49 0.95 13.25
N ALA C 59 -1.97 1.20 12.04
CA ALA C 59 -2.33 0.41 10.86
C ALA C 59 -1.91 -1.03 11.08
N LYS C 60 -0.67 -1.18 11.55
CA LYS C 60 -0.12 -2.49 11.85
C LYS C 60 -0.92 -3.13 12.99
N LYS C 61 -1.34 -2.28 13.95
CA LYS C 61 -2.16 -2.74 15.08
C LYS C 61 -3.51 -3.16 14.54
N LEU C 62 -3.96 -2.44 13.51
CA LEU C 62 -5.23 -2.70 12.88
C LEU C 62 -5.20 -4.07 12.22
N ASN C 63 -4.04 -4.39 11.63
CA ASN C 63 -3.84 -5.70 11.00
C ASN C 63 -4.04 -6.78 12.07
N ASP C 64 -3.53 -6.49 13.27
CA ASP C 64 -3.65 -7.40 14.41
C ASP C 64 -5.10 -7.39 14.94
N ALA C 65 -5.75 -6.23 14.83
CA ALA C 65 -7.14 -6.07 15.30
C ALA C 65 -8.15 -6.74 14.36
N GLN C 66 -7.85 -6.70 13.05
CA GLN C 66 -8.73 -7.29 12.04
C GLN C 66 -8.30 -8.72 11.71
N ALA C 67 -7.17 -9.12 12.29
CA ALA C 67 -6.60 -10.45 12.09
C ALA C 67 -7.57 -11.55 12.53
N LYS A 16 -1.28 -14.48 -3.96
CA LYS A 16 -1.51 -13.56 -2.86
C LYS A 16 -0.78 -12.22 -3.03
N LEU A 17 -1.48 -11.15 -2.65
CA LEU A 17 -0.93 -9.79 -2.72
C LEU A 17 -1.07 -9.14 -1.34
N VAL A 18 -0.11 -8.30 -0.99
CA VAL A 18 -0.11 -7.64 0.32
C VAL A 18 0.32 -6.18 0.19
N PHE A 19 -0.40 -5.27 0.86
CA PHE A 19 -0.05 -3.86 0.85
C PHE A 19 0.68 -3.53 2.14
N PHE A 20 1.85 -2.92 2.00
CA PHE A 20 2.66 -2.57 3.16
C PHE A 20 3.28 -1.19 3.01
N ALA A 21 3.62 -0.57 4.14
CA ALA A 21 4.24 0.74 4.16
C ALA A 21 5.58 0.65 4.89
N GLU A 22 6.62 1.22 4.30
CA GLU A 22 7.96 1.21 4.91
C GLU A 22 8.35 2.59 5.41
N ASP A 23 8.89 2.65 6.63
CA ASP A 23 9.31 3.92 7.23
C ASP A 23 10.63 4.34 6.59
N VAL A 24 10.59 5.46 5.88
CA VAL A 24 11.78 5.99 5.17
C VAL A 24 12.11 7.41 5.59
N GLY A 25 11.20 8.05 6.34
CA GLY A 25 11.41 9.43 6.77
C GLY A 25 11.62 10.31 5.54
N SER A 26 12.77 11.00 5.48
CA SER A 26 13.11 11.85 4.34
C SER A 26 11.96 12.79 3.94
N ASN A 27 11.12 13.14 4.92
CA ASN A 27 9.96 14.01 4.70
C ASN A 27 8.92 13.31 3.83
N LYS A 28 9.20 12.05 3.47
CA LYS A 28 8.30 11.22 2.67
C LYS A 28 7.46 10.33 3.57
N GLY A 29 7.78 10.34 4.87
CA GLY A 29 7.07 9.50 5.84
C GLY A 29 7.36 8.04 5.53
N ALA A 30 6.42 7.38 4.84
CA ALA A 30 6.58 5.99 4.44
C ALA A 30 6.28 5.81 2.95
N ILE A 31 6.69 4.67 2.40
CA ILE A 31 6.48 4.37 0.97
C ILE A 31 5.48 3.24 0.82
N ILE A 32 4.47 3.45 -0.03
CA ILE A 32 3.48 2.40 -0.28
C ILE A 32 4.04 1.43 -1.29
N GLY A 33 4.17 0.19 -0.85
CA GLY A 33 4.66 -0.88 -1.69
C GLY A 33 3.84 -2.12 -1.42
N LEU A 34 3.69 -2.96 -2.43
CA LEU A 34 2.92 -4.19 -2.28
C LEU A 34 3.72 -5.38 -2.72
N MET A 35 3.41 -6.51 -2.11
CA MET A 35 4.08 -7.77 -2.44
C MET A 35 3.20 -8.56 -3.41
N VAL A 36 3.83 -9.29 -4.33
CA VAL A 36 3.09 -10.06 -5.33
C VAL A 36 3.49 -11.53 -5.31
N GLY A 37 2.52 -12.42 -4.99
CA GLY A 37 2.74 -13.85 -4.98
C GLY A 37 3.71 -14.30 -3.90
N GLY A 38 3.33 -15.39 -3.22
CA GLY A 38 4.16 -15.96 -2.16
C GLY A 38 4.06 -15.15 -0.88
N VAL A 39 4.73 -15.63 0.16
CA VAL A 39 4.74 -14.95 1.47
C VAL A 39 6.18 -14.82 1.99
N VAL A 40 6.44 -13.70 2.68
CA VAL A 40 7.77 -13.44 3.24
C VAL A 40 7.64 -12.91 4.69
N GLY B 25 8.82 -13.72 -3.58
CA GLY B 25 7.76 -12.96 -4.24
C GLY B 25 8.31 -11.67 -4.86
N GLU B 26 7.53 -11.11 -5.79
CA GLU B 26 7.89 -9.86 -6.46
C GLU B 26 7.26 -8.70 -5.70
N ILE B 27 8.09 -7.73 -5.28
CA ILE B 27 7.59 -6.58 -4.53
C ILE B 27 7.60 -5.32 -5.38
N VAL B 28 6.44 -4.67 -5.41
CA VAL B 28 6.18 -3.45 -6.19
C VAL B 28 6.07 -2.20 -5.29
N TYR B 29 6.53 -1.06 -5.82
CA TYR B 29 6.44 0.23 -5.11
C TYR B 29 5.76 1.26 -6.01
N LEU B 30 4.69 1.89 -5.49
CA LEU B 30 3.93 2.90 -6.25
C LEU B 30 3.87 4.25 -5.50
N PRO B 31 4.97 4.76 -4.96
CA PRO B 31 4.95 6.08 -4.24
C PRO B 31 4.64 7.21 -5.21
N ASN B 32 4.88 6.94 -6.49
CA ASN B 32 4.65 7.90 -7.55
C ASN B 32 3.15 8.11 -7.78
N LEU B 33 2.34 7.15 -7.32
CA LEU B 33 0.89 7.23 -7.50
C LEU B 33 0.23 8.07 -6.42
N ASN B 34 -0.75 8.86 -6.85
CA ASN B 34 -1.52 9.70 -5.94
C ASN B 34 -2.37 8.82 -5.03
N PRO B 35 -2.76 9.29 -3.85
CA PRO B 35 -3.60 8.48 -2.91
C PRO B 35 -4.88 7.99 -3.60
N ASP B 36 -5.38 8.83 -4.52
CA ASP B 36 -6.58 8.49 -5.27
C ASP B 36 -6.30 7.29 -6.18
N GLN B 37 -5.18 7.33 -6.90
CA GLN B 37 -4.80 6.25 -7.79
C GLN B 37 -4.56 4.97 -7.00
N LEU B 38 -3.85 5.08 -5.86
CA LEU B 38 -3.57 3.90 -5.02
C LEU B 38 -4.90 3.33 -4.51
N CYS B 39 -5.83 4.22 -4.17
CA CYS B 39 -7.16 3.81 -3.69
C CYS B 39 -7.90 3.08 -4.80
N ALA B 40 -7.84 3.66 -6.01
CA ALA B 40 -8.51 3.08 -7.18
C ALA B 40 -7.95 1.69 -7.49
N PHE B 41 -6.62 1.60 -7.46
CA PHE B 41 -5.92 0.35 -7.72
C PHE B 41 -6.21 -0.68 -6.63
N ILE B 42 -6.07 -0.27 -5.38
CA ILE B 42 -6.30 -1.15 -4.23
C ILE B 42 -7.73 -1.72 -4.20
N HIS B 43 -8.72 -0.94 -4.61
CA HIS B 43 -10.11 -1.43 -4.60
C HIS B 43 -10.29 -2.48 -5.69
N SER B 44 -9.87 -2.15 -6.91
CA SER B 44 -9.98 -3.07 -8.04
C SER B 44 -9.12 -4.32 -7.84
N LEU B 45 -7.90 -4.10 -7.33
CA LEU B 45 -6.94 -5.17 -7.07
C LEU B 45 -7.55 -6.22 -6.14
N HIS B 46 -8.24 -5.74 -5.10
CA HIS B 46 -8.88 -6.62 -4.13
C HIS B 46 -10.15 -7.25 -4.72
N ASP B 47 -10.93 -6.42 -5.44
CA ASP B 47 -12.19 -6.87 -6.04
C ASP B 47 -11.98 -8.08 -6.95
N ASP B 48 -10.88 -8.08 -7.72
CA ASP B 48 -10.57 -9.18 -8.64
C ASP B 48 -9.12 -9.65 -8.46
N PRO B 49 -8.88 -10.62 -7.60
CA PRO B 49 -7.50 -11.15 -7.35
C PRO B 49 -6.95 -11.93 -8.55
N SER B 50 -7.86 -12.55 -9.33
CA SER B 50 -7.46 -13.33 -10.51
C SER B 50 -6.75 -12.42 -11.52
N GLN B 51 -7.24 -11.18 -11.65
CA GLN B 51 -6.66 -10.21 -12.59
C GLN B 51 -5.61 -9.34 -11.90
N SER B 52 -5.17 -9.74 -10.71
CA SER B 52 -4.16 -8.97 -9.95
C SER B 52 -2.89 -8.73 -10.78
N ALA B 53 -2.50 -9.70 -11.59
CA ALA B 53 -1.30 -9.57 -12.41
C ALA B 53 -1.53 -8.53 -13.51
N ASN B 54 -2.67 -8.64 -14.21
CA ASN B 54 -3.00 -7.69 -15.28
C ASN B 54 -3.21 -6.29 -14.72
N LEU B 55 -4.01 -6.19 -13.66
CA LEU B 55 -4.30 -4.90 -13.02
C LEU B 55 -3.01 -4.24 -12.55
N LEU B 56 -2.13 -5.04 -11.97
CA LEU B 56 -0.85 -4.55 -11.50
C LEU B 56 -0.03 -4.03 -12.66
N ALA B 57 -0.13 -4.70 -13.81
CA ALA B 57 0.59 -4.26 -15.01
C ALA B 57 0.21 -2.82 -15.32
N GLU B 58 -1.08 -2.52 -15.09
CA GLU B 58 -1.61 -1.17 -15.32
C GLU B 58 -1.08 -0.21 -14.28
N ALA B 59 -0.99 -0.69 -13.04
CA ALA B 59 -0.50 0.16 -11.97
C ALA B 59 0.99 0.43 -12.21
N LYS B 60 1.65 -0.52 -12.86
CA LYS B 60 3.04 -0.38 -13.21
C LYS B 60 3.15 0.71 -14.26
N LYS B 61 2.22 0.68 -15.23
CA LYS B 61 2.17 1.72 -16.26
C LYS B 61 1.95 3.06 -15.56
N LEU B 62 1.14 3.01 -14.50
CA LEU B 62 0.85 4.19 -13.68
C LEU B 62 2.14 4.62 -12.99
N ASN B 63 2.91 3.62 -12.52
CA ASN B 63 4.18 3.88 -11.84
C ASN B 63 5.08 4.72 -12.75
N ASP B 64 5.04 4.39 -14.05
CA ASP B 64 5.79 5.12 -15.06
C ASP B 64 5.05 6.40 -15.45
N ALA B 65 3.71 6.34 -15.40
CA ALA B 65 2.86 7.47 -15.76
C ALA B 65 3.03 8.66 -14.80
N GLN B 66 3.38 8.36 -13.54
CA GLN B 66 3.56 9.40 -12.53
C GLN B 66 4.99 9.40 -11.99
N ALA B 67 5.83 8.60 -12.64
CA ALA B 67 7.22 8.45 -12.27
C ALA B 67 7.95 9.79 -12.26
N GLY C 25 13.85 1.76 7.25
CA GLY C 25 13.17 1.84 8.55
C GLY C 25 12.22 0.68 8.74
N GLU C 26 11.38 0.78 9.77
CA GLU C 26 10.42 -0.26 10.08
C GLU C 26 9.42 -0.39 8.95
N ILE C 27 9.00 -1.62 8.70
CA ILE C 27 8.02 -1.90 7.66
C ILE C 27 6.77 -2.50 8.29
N VAL C 28 5.62 -2.12 7.73
CA VAL C 28 4.32 -2.57 8.22
C VAL C 28 3.52 -3.24 7.10
N TYR C 29 3.21 -4.53 7.28
CA TYR C 29 2.44 -5.30 6.30
C TYR C 29 0.96 -5.31 6.67
N LEU C 30 0.12 -5.08 5.66
CA LEU C 30 -1.33 -5.02 5.88
C LEU C 30 -2.09 -6.03 5.00
N PRO C 31 -2.08 -7.30 5.37
CA PRO C 31 -2.79 -8.37 4.61
C PRO C 31 -4.27 -8.48 5.02
N ASN C 32 -4.50 -8.78 6.31
CA ASN C 32 -5.85 -8.92 6.85
C ASN C 32 -6.66 -7.64 6.70
N LEU C 33 -5.96 -6.50 6.62
CA LEU C 33 -6.60 -5.18 6.50
C LEU C 33 -7.53 -5.14 5.28
N ASN C 34 -8.60 -4.35 5.38
CA ASN C 34 -9.55 -4.20 4.28
C ASN C 34 -9.08 -3.11 3.32
N PRO C 35 -9.39 -3.20 2.04
CA PRO C 35 -8.96 -2.18 1.05
C PRO C 35 -9.47 -0.78 1.42
N ASP C 36 -10.67 -0.76 2.01
CA ASP C 36 -11.27 0.50 2.47
C ASP C 36 -10.35 1.14 3.50
N GLN C 37 -9.85 0.28 4.40
CA GLN C 37 -8.94 0.70 5.44
C GLN C 37 -7.62 1.16 4.81
N LEU C 38 -7.19 0.47 3.73
CA LEU C 38 -5.94 0.84 3.04
C LEU C 38 -6.08 2.23 2.44
N CYS C 39 -7.26 2.53 1.90
CA CYS C 39 -7.52 3.84 1.29
C CYS C 39 -7.39 4.94 2.35
N ALA C 40 -8.06 4.73 3.48
CA ALA C 40 -7.99 5.69 4.59
C ALA C 40 -6.57 5.78 5.12
N PHE C 41 -5.89 4.63 5.13
CA PHE C 41 -4.51 4.55 5.61
C PHE C 41 -3.57 5.36 4.70
N ILE C 42 -3.61 5.07 3.41
CA ILE C 42 -2.76 5.76 2.44
C ILE C 42 -3.03 7.27 2.44
N HIS C 43 -4.31 7.64 2.62
CA HIS C 43 -4.69 9.05 2.66
C HIS C 43 -3.97 9.77 3.81
N SER C 44 -3.92 9.10 4.96
CA SER C 44 -3.27 9.68 6.15
C SER C 44 -1.74 9.79 5.96
N LEU C 45 -1.13 8.78 5.29
CA LEU C 45 0.32 8.80 5.05
C LEU C 45 0.70 10.04 4.23
N HIS C 46 -0.10 10.31 3.19
CA HIS C 46 0.12 11.45 2.30
C HIS C 46 -0.21 12.78 2.99
N ASP C 47 -1.40 12.86 3.59
CA ASP C 47 -1.85 14.10 4.25
C ASP C 47 -0.91 14.52 5.37
N ASP C 48 -0.40 13.54 6.13
CA ASP C 48 0.51 13.81 7.25
C ASP C 48 1.73 12.88 7.20
N PRO C 49 2.74 13.22 6.41
CA PRO C 49 3.98 12.37 6.29
C PRO C 49 4.62 12.08 7.64
N SER C 50 4.68 13.10 8.50
CA SER C 50 5.27 12.96 9.83
C SER C 50 4.53 11.88 10.64
N GLN C 51 3.20 11.85 10.49
CA GLN C 51 2.37 10.88 11.20
C GLN C 51 2.48 9.48 10.62
N SER C 52 3.05 9.34 9.41
CA SER C 52 3.13 8.02 8.76
C SER C 52 3.66 6.95 9.72
N ALA C 53 4.69 7.30 10.49
CA ALA C 53 5.29 6.38 11.46
C ALA C 53 4.26 5.96 12.52
N ASN C 54 3.56 6.95 13.09
CA ASN C 54 2.54 6.65 14.12
C ASN C 54 1.38 5.89 13.50
N LEU C 55 1.00 6.30 12.28
CA LEU C 55 -0.08 5.66 11.54
C LEU C 55 0.29 4.22 11.25
N LEU C 56 1.58 3.99 11.01
CA LEU C 56 2.08 2.64 10.75
C LEU C 56 1.83 1.74 11.94
N ALA C 57 2.02 2.28 13.15
CA ALA C 57 1.81 1.53 14.37
C ALA C 57 0.34 1.13 14.50
N GLU C 58 -0.56 2.10 14.33
CA GLU C 58 -2.00 1.82 14.43
C GLU C 58 -2.46 0.94 13.28
N ALA C 59 -1.97 1.23 12.06
CA ALA C 59 -2.34 0.45 10.87
C ALA C 59 -1.92 -1.00 11.05
N LYS C 60 -0.69 -1.17 11.54
CA LYS C 60 -0.17 -2.49 11.81
C LYS C 60 -0.98 -3.12 12.95
N LYS C 61 -1.41 -2.29 13.91
CA LYS C 61 -2.21 -2.76 15.03
C LYS C 61 -3.58 -3.16 14.51
N LEU C 62 -4.04 -2.41 13.52
CA LEU C 62 -5.32 -2.64 12.90
C LEU C 62 -5.30 -3.99 12.20
N ASN C 63 -4.16 -4.31 11.58
CA ASN C 63 -3.98 -5.60 10.92
C ASN C 63 -4.18 -6.71 11.97
N ASP C 64 -3.62 -6.47 13.16
CA ASP C 64 -3.75 -7.40 14.28
C ASP C 64 -5.18 -7.39 14.82
N ALA C 65 -5.81 -6.21 14.78
CA ALA C 65 -7.18 -6.04 15.28
C ALA C 65 -8.21 -6.69 14.35
N GLN C 66 -7.94 -6.66 13.04
CA GLN C 66 -8.85 -7.24 12.04
C GLN C 66 -8.45 -8.67 11.71
N ALA C 67 -7.33 -9.09 12.28
CA ALA C 67 -6.79 -10.43 12.06
C ALA C 67 -7.76 -11.51 12.53
N LYS A 16 -1.22 -14.09 -4.65
CA LYS A 16 -1.64 -13.35 -3.46
C LYS A 16 -0.98 -11.96 -3.40
N LEU A 17 -1.80 -10.90 -3.27
CA LEU A 17 -1.29 -9.51 -3.18
C LEU A 17 -1.33 -9.03 -1.73
N VAL A 18 -0.29 -8.27 -1.34
CA VAL A 18 -0.20 -7.71 0.01
C VAL A 18 0.28 -6.26 -0.05
N PHE A 19 -0.37 -5.37 0.73
CA PHE A 19 0.01 -3.95 0.77
C PHE A 19 0.72 -3.65 2.06
N PHE A 20 1.89 -3.00 1.96
CA PHE A 20 2.67 -2.63 3.15
C PHE A 20 3.30 -1.25 2.99
N ALA A 21 3.63 -0.63 4.13
CA ALA A 21 4.27 0.69 4.13
C ALA A 21 5.60 0.62 4.86
N GLU A 22 6.66 1.15 4.25
CA GLU A 22 7.99 1.15 4.88
C GLU A 22 8.32 2.55 5.37
N ASP A 23 8.67 2.65 6.66
CA ASP A 23 8.99 3.93 7.29
C ASP A 23 10.24 4.55 6.67
N VAL A 24 10.04 5.70 6.04
CA VAL A 24 11.12 6.45 5.40
C VAL A 24 11.04 7.94 5.77
N GLY A 25 12.08 8.41 6.45
CA GLY A 25 12.16 9.82 6.87
C GLY A 25 12.68 10.71 5.74
N SER A 26 12.66 10.18 4.50
CA SER A 26 13.13 10.92 3.33
C SER A 26 12.07 11.92 2.85
N ASN A 27 11.46 12.63 3.80
CA ASN A 27 10.42 13.62 3.49
C ASN A 27 9.21 12.93 2.82
N LYS A 28 8.93 11.70 3.27
CA LYS A 28 7.81 10.91 2.74
C LYS A 28 7.06 10.20 3.88
N GLY A 29 7.74 10.02 5.01
CA GLY A 29 7.17 9.33 6.17
C GLY A 29 7.25 7.83 5.95
N ALA A 30 6.46 7.32 4.98
CA ALA A 30 6.48 5.91 4.64
C ALA A 30 6.18 5.73 3.14
N ILE A 31 6.70 4.63 2.54
CA ILE A 31 6.48 4.37 1.10
C ILE A 31 5.50 3.23 0.93
N ILE A 32 4.51 3.43 0.06
CA ILE A 32 3.54 2.39 -0.21
C ILE A 32 4.11 1.44 -1.25
N GLY A 33 4.23 0.19 -0.85
CA GLY A 33 4.72 -0.86 -1.72
C GLY A 33 3.95 -2.12 -1.44
N LEU A 34 3.80 -2.97 -2.45
CA LEU A 34 3.05 -4.21 -2.29
C LEU A 34 3.88 -5.40 -2.68
N MET A 35 3.48 -6.55 -2.17
CA MET A 35 4.16 -7.82 -2.44
C MET A 35 3.34 -8.64 -3.43
N VAL A 36 4.04 -9.38 -4.29
CA VAL A 36 3.38 -10.20 -5.33
C VAL A 36 3.93 -11.63 -5.36
N GLY A 37 3.04 -12.62 -5.21
CA GLY A 37 3.43 -14.04 -5.29
C GLY A 37 3.92 -14.61 -3.98
N GLY A 38 3.09 -15.48 -3.39
CA GLY A 38 3.42 -16.11 -2.11
C GLY A 38 3.57 -15.06 -1.03
N VAL A 39 3.94 -15.49 0.16
CA VAL A 39 4.11 -14.57 1.27
C VAL A 39 5.46 -14.81 1.96
N VAL A 40 6.06 -13.73 2.49
CA VAL A 40 7.35 -13.82 3.18
C VAL A 40 7.57 -12.62 4.09
N GLY B 25 8.68 -13.63 -3.08
CA GLY B 25 7.81 -12.96 -4.03
C GLY B 25 8.40 -11.66 -4.56
N GLU B 26 7.80 -11.15 -5.64
CA GLU B 26 8.21 -9.89 -6.25
C GLU B 26 7.55 -8.74 -5.52
N ILE B 27 8.34 -7.72 -5.16
CA ILE B 27 7.80 -6.58 -4.42
C ILE B 27 7.80 -5.32 -5.29
N VAL B 28 6.62 -4.68 -5.35
CA VAL B 28 6.38 -3.47 -6.15
C VAL B 28 6.22 -2.22 -5.28
N TYR B 29 6.71 -1.08 -5.80
CA TYR B 29 6.60 0.21 -5.11
C TYR B 29 5.99 1.25 -6.07
N LEU B 30 4.91 1.91 -5.62
CA LEU B 30 4.25 2.94 -6.44
C LEU B 30 4.17 4.28 -5.68
N PRO B 31 5.28 4.80 -5.18
CA PRO B 31 5.30 6.11 -4.46
C PRO B 31 4.89 7.26 -5.38
N ASN B 32 4.90 6.98 -6.69
CA ASN B 32 4.56 7.98 -7.69
C ASN B 32 3.05 8.07 -7.90
N LEU B 33 2.29 7.18 -7.24
CA LEU B 33 0.83 7.16 -7.39
C LEU B 33 0.17 7.96 -6.28
N ASN B 34 -0.77 8.81 -6.66
CA ASN B 34 -1.51 9.64 -5.70
C ASN B 34 -2.44 8.75 -4.87
N PRO B 35 -2.89 9.20 -3.71
CA PRO B 35 -3.83 8.40 -2.86
C PRO B 35 -5.05 7.92 -3.64
N ASP B 36 -5.47 8.74 -4.61
CA ASP B 36 -6.60 8.40 -5.47
C ASP B 36 -6.23 7.20 -6.33
N GLN B 37 -5.05 7.26 -6.95
CA GLN B 37 -4.56 6.20 -7.81
C GLN B 37 -4.33 4.92 -7.02
N LEU B 38 -3.72 5.04 -5.84
CA LEU B 38 -3.45 3.87 -5.00
C LEU B 38 -4.78 3.25 -4.54
N CYS B 39 -5.72 4.11 -4.13
CA CYS B 39 -7.04 3.63 -3.69
C CYS B 39 -7.78 2.94 -4.84
N ALA B 40 -7.66 3.53 -6.04
CA ALA B 40 -8.31 2.98 -7.23
C ALA B 40 -7.73 1.59 -7.54
N PHE B 41 -6.41 1.51 -7.49
CA PHE B 41 -5.69 0.27 -7.75
C PHE B 41 -6.00 -0.78 -6.67
N ILE B 42 -5.84 -0.37 -5.41
CA ILE B 42 -6.06 -1.26 -4.26
C ILE B 42 -7.48 -1.83 -4.23
N HIS B 43 -8.48 -1.04 -4.65
CA HIS B 43 -9.86 -1.52 -4.64
C HIS B 43 -10.03 -2.66 -5.64
N SER B 44 -9.56 -2.42 -6.86
CA SER B 44 -9.64 -3.42 -7.92
C SER B 44 -8.75 -4.62 -7.61
N LEU B 45 -7.56 -4.34 -7.06
CA LEU B 45 -6.60 -5.37 -6.70
C LEU B 45 -7.20 -6.33 -5.68
N HIS B 46 -7.99 -5.79 -4.76
CA HIS B 46 -8.63 -6.59 -3.71
C HIS B 46 -9.91 -7.26 -4.21
N ASP B 47 -10.82 -6.45 -4.79
CA ASP B 47 -12.10 -6.96 -5.29
C ASP B 47 -11.92 -8.03 -6.38
N ASP B 48 -10.93 -7.83 -7.25
CA ASP B 48 -10.67 -8.77 -8.35
C ASP B 48 -9.23 -9.30 -8.30
N PRO B 49 -8.95 -10.28 -7.45
CA PRO B 49 -7.58 -10.86 -7.31
C PRO B 49 -7.20 -11.72 -8.52
N SER B 50 -8.21 -12.22 -9.23
CA SER B 50 -7.98 -13.07 -10.41
C SER B 50 -7.18 -12.31 -11.46
N GLN B 51 -7.49 -11.02 -11.61
CA GLN B 51 -6.80 -10.15 -12.57
C GLN B 51 -5.70 -9.34 -11.89
N SER B 52 -5.34 -9.71 -10.66
CA SER B 52 -4.32 -8.98 -9.89
C SER B 52 -3.01 -8.75 -10.68
N ALA B 53 -2.62 -9.75 -11.48
CA ALA B 53 -1.40 -9.62 -12.27
C ALA B 53 -1.59 -8.58 -13.38
N ASN B 54 -2.71 -8.69 -14.10
CA ASN B 54 -3.01 -7.74 -15.18
C ASN B 54 -3.20 -6.33 -14.62
N LEU B 55 -3.95 -6.26 -13.52
CA LEU B 55 -4.23 -4.99 -12.85
C LEU B 55 -2.93 -4.32 -12.43
N LEU B 56 -1.97 -5.12 -11.98
CA LEU B 56 -0.68 -4.59 -11.55
C LEU B 56 0.03 -3.94 -12.73
N ALA B 57 -0.11 -4.54 -13.91
CA ALA B 57 0.51 -4.00 -15.12
C ALA B 57 0.05 -2.57 -15.34
N GLU B 58 -1.22 -2.33 -15.00
CA GLU B 58 -1.83 -1.01 -15.14
C GLU B 58 -1.24 -0.04 -14.14
N ALA B 59 -1.07 -0.51 -12.90
CA ALA B 59 -0.54 0.34 -11.86
C ALA B 59 0.94 0.59 -12.10
N LYS B 60 1.62 -0.41 -12.68
CA LYS B 60 3.03 -0.26 -13.00
C LYS B 60 3.18 0.75 -14.12
N LYS B 61 2.28 0.65 -15.10
CA LYS B 61 2.27 1.61 -16.20
C LYS B 61 1.98 2.98 -15.60
N LEU B 62 1.18 2.97 -14.52
CA LEU B 62 0.84 4.18 -13.77
C LEU B 62 2.09 4.67 -13.03
N ASN B 63 2.86 3.71 -12.50
CA ASN B 63 4.10 4.01 -11.77
C ASN B 63 5.02 4.80 -12.69
N ASP B 64 5.02 4.39 -13.97
CA ASP B 64 5.81 5.06 -15.00
C ASP B 64 5.08 6.33 -15.48
N ALA B 65 3.75 6.29 -15.45
CA ALA B 65 2.91 7.42 -15.90
C ALA B 65 3.06 8.64 -14.99
N GLN B 66 3.36 8.39 -13.71
CA GLN B 66 3.51 9.47 -12.73
C GLN B 66 4.93 9.49 -12.15
N ALA B 67 5.79 8.67 -12.75
CA ALA B 67 7.17 8.54 -12.36
C ALA B 67 7.90 9.87 -12.38
N GLY C 25 13.39 2.23 7.25
CA GLY C 25 13.01 2.06 8.65
C GLY C 25 12.10 0.85 8.83
N GLU C 26 11.26 0.91 9.85
CA GLU C 26 10.33 -0.16 10.15
C GLU C 26 9.33 -0.31 9.02
N ILE C 27 8.93 -1.54 8.77
CA ILE C 27 7.95 -1.82 7.72
C ILE C 27 6.70 -2.43 8.34
N VAL C 28 5.55 -2.02 7.78
CA VAL C 28 4.24 -2.47 8.25
C VAL C 28 3.46 -3.13 7.11
N TYR C 29 3.05 -4.38 7.31
CA TYR C 29 2.28 -5.11 6.32
C TYR C 29 0.79 -5.10 6.65
N LEU C 30 -0.03 -4.89 5.62
CA LEU C 30 -1.49 -4.85 5.78
C LEU C 30 -2.16 -6.00 4.99
N PRO C 31 -2.04 -7.23 5.45
CA PRO C 31 -2.64 -8.42 4.78
C PRO C 31 -4.15 -8.59 5.07
N ASN C 32 -4.49 -8.67 6.36
CA ASN C 32 -5.89 -8.85 6.79
C ASN C 32 -6.65 -7.52 6.80
N LEU C 33 -5.99 -6.44 6.39
CA LEU C 33 -6.60 -5.12 6.37
C LEU C 33 -7.55 -4.99 5.18
N ASN C 34 -8.65 -4.25 5.35
CA ASN C 34 -9.63 -4.06 4.28
C ASN C 34 -9.08 -3.01 3.29
N PRO C 35 -9.40 -3.12 2.02
CA PRO C 35 -8.91 -2.14 1.01
C PRO C 35 -9.41 -0.73 1.31
N ASP C 36 -10.64 -0.66 1.85
CA ASP C 36 -11.22 0.62 2.23
C ASP C 36 -10.34 1.23 3.33
N GLN C 37 -9.87 0.35 4.22
CA GLN C 37 -9.00 0.75 5.30
C GLN C 37 -7.66 1.22 4.73
N LEU C 38 -7.20 0.55 3.65
CA LEU C 38 -5.93 0.92 2.99
C LEU C 38 -6.04 2.32 2.41
N CYS C 39 -7.20 2.65 1.82
CA CYS C 39 -7.39 3.97 1.23
C CYS C 39 -7.28 5.05 2.31
N ALA C 40 -7.94 4.80 3.44
CA ALA C 40 -7.88 5.74 4.57
C ALA C 40 -6.45 5.81 5.09
N PHE C 41 -5.79 4.65 5.13
CA PHE C 41 -4.41 4.56 5.60
C PHE C 41 -3.48 5.38 4.71
N ILE C 42 -3.53 5.11 3.41
CA ILE C 42 -2.68 5.81 2.44
C ILE C 42 -2.98 7.32 2.45
N HIS C 43 -4.26 7.66 2.60
CA HIS C 43 -4.68 9.07 2.66
C HIS C 43 -4.02 9.77 3.84
N SER C 44 -4.00 9.09 5.00
CA SER C 44 -3.39 9.65 6.20
C SER C 44 -1.86 9.75 6.05
N LEU C 45 -1.24 8.76 5.39
CA LEU C 45 0.22 8.78 5.17
C LEU C 45 0.60 10.01 4.35
N HIS C 46 -0.15 10.25 3.28
CA HIS C 46 0.10 11.38 2.39
C HIS C 46 -0.27 12.72 3.04
N ASP C 47 -1.46 12.79 3.64
CA ASP C 47 -1.94 14.02 4.27
C ASP C 47 -0.99 14.49 5.38
N ASP C 48 -0.49 13.55 6.19
CA ASP C 48 0.42 13.87 7.29
C ASP C 48 1.66 12.93 7.29
N PRO C 49 2.71 13.22 6.51
CA PRO C 49 3.93 12.35 6.47
C PRO C 49 4.56 12.18 7.85
N SER C 50 4.49 13.23 8.66
CA SER C 50 5.04 13.22 10.02
C SER C 50 4.35 12.16 10.87
N GLN C 51 3.04 12.00 10.64
CA GLN C 51 2.24 11.03 11.40
C GLN C 51 2.27 9.63 10.78
N SER C 52 2.91 9.49 9.60
CA SER C 52 2.96 8.17 8.91
C SER C 52 3.47 7.06 9.83
N ALA C 53 4.49 7.38 10.62
CA ALA C 53 5.07 6.43 11.56
C ALA C 53 4.03 6.00 12.59
N ASN C 54 3.34 6.99 13.18
CA ASN C 54 2.30 6.71 14.18
C ASN C 54 1.15 5.94 13.53
N LEU C 55 0.82 6.34 12.29
CA LEU C 55 -0.24 5.69 11.53
C LEU C 55 0.15 4.24 11.27
N LEU C 56 1.45 4.03 11.01
CA LEU C 56 1.96 2.70 10.75
C LEU C 56 1.74 1.79 11.95
N ALA C 57 1.91 2.35 13.16
CA ALA C 57 1.73 1.59 14.38
C ALA C 57 0.28 1.11 14.53
N GLU C 58 -0.68 2.05 14.45
CA GLU C 58 -2.09 1.67 14.57
C GLU C 58 -2.55 0.85 13.37
N ALA C 59 -2.07 1.20 12.18
CA ALA C 59 -2.43 0.46 10.95
C ALA C 59 -1.97 -0.98 11.07
N LYS C 60 -0.73 -1.13 11.53
CA LYS C 60 -0.16 -2.45 11.76
C LYS C 60 -0.94 -3.15 12.87
N LYS C 61 -1.33 -2.38 13.90
CA LYS C 61 -2.12 -2.91 15.01
C LYS C 61 -3.46 -3.34 14.47
N LEU C 62 -3.95 -2.58 13.51
CA LEU C 62 -5.23 -2.84 12.88
C LEU C 62 -5.19 -4.19 12.17
N ASN C 63 -4.05 -4.47 11.54
CA ASN C 63 -3.86 -5.76 10.86
C ASN C 63 -4.01 -6.88 11.89
N ASP C 64 -3.49 -6.61 13.09
CA ASP C 64 -3.57 -7.55 14.22
C ASP C 64 -4.98 -7.57 14.80
N ALA C 65 -5.66 -6.42 14.73
CA ALA C 65 -7.02 -6.27 15.26
C ALA C 65 -8.06 -6.92 14.34
N GLN C 66 -7.81 -6.84 13.03
CA GLN C 66 -8.72 -7.41 12.02
C GLN C 66 -8.31 -8.83 11.65
N ALA C 67 -7.15 -9.23 12.17
CA ALA C 67 -6.58 -10.55 11.90
C ALA C 67 -7.52 -11.67 12.37
N LYS A 16 -1.20 -13.74 -4.49
CA LYS A 16 -1.70 -12.99 -3.34
C LYS A 16 -1.05 -11.60 -3.27
N LEU A 17 -1.90 -10.59 -3.05
CA LEU A 17 -1.44 -9.20 -2.96
C LEU A 17 -1.51 -8.71 -1.52
N VAL A 18 -0.41 -8.11 -1.05
CA VAL A 18 -0.34 -7.56 0.31
C VAL A 18 0.14 -6.11 0.25
N PHE A 19 -0.57 -5.21 0.93
CA PHE A 19 -0.19 -3.81 0.94
C PHE A 19 0.56 -3.50 2.22
N PHE A 20 1.73 -2.92 2.06
CA PHE A 20 2.58 -2.58 3.21
C PHE A 20 3.18 -1.19 3.04
N ALA A 21 3.59 -0.59 4.15
CA ALA A 21 4.20 0.72 4.14
C ALA A 21 5.61 0.65 4.72
N GLU A 22 6.56 1.29 4.04
CA GLU A 22 7.94 1.31 4.45
C GLU A 22 8.29 2.69 5.00
N ASP A 23 8.82 2.73 6.23
CA ASP A 23 9.20 4.01 6.83
C ASP A 23 10.52 4.46 6.21
N VAL A 24 10.45 5.55 5.47
CA VAL A 24 11.63 6.08 4.76
C VAL A 24 12.05 7.46 5.26
N GLY A 25 11.20 8.09 6.08
CA GLY A 25 11.49 9.42 6.58
C GLY A 25 11.66 10.38 5.41
N SER A 26 12.81 11.06 5.35
CA SER A 26 13.12 11.98 4.24
C SER A 26 11.96 12.96 3.97
N ASN A 27 11.17 13.25 5.00
CA ASN A 27 10.01 14.15 4.88
C ASN A 27 8.91 13.54 4.02
N LYS A 28 9.15 12.30 3.57
CA LYS A 28 8.19 11.55 2.75
C LYS A 28 7.36 10.62 3.63
N GLY A 29 7.71 10.55 4.92
CA GLY A 29 7.02 9.67 5.86
C GLY A 29 7.33 8.23 5.49
N ALA A 30 6.34 7.54 4.92
CA ALA A 30 6.51 6.16 4.49
C ALA A 30 6.15 6.01 3.00
N ILE A 31 6.56 4.87 2.42
CA ILE A 31 6.29 4.58 1.01
C ILE A 31 5.35 3.40 0.91
N ILE A 32 4.39 3.50 -0.02
CA ILE A 32 3.44 2.42 -0.25
C ILE A 32 4.00 1.44 -1.25
N GLY A 33 4.19 0.21 -0.79
CA GLY A 33 4.68 -0.87 -1.61
C GLY A 33 3.84 -2.11 -1.34
N LEU A 34 3.65 -2.94 -2.34
CA LEU A 34 2.85 -4.15 -2.19
C LEU A 34 3.60 -5.39 -2.64
N MET A 35 3.19 -6.51 -2.08
CA MET A 35 3.77 -7.81 -2.38
C MET A 35 2.91 -8.51 -3.41
N VAL A 36 3.58 -9.22 -4.33
CA VAL A 36 2.86 -9.96 -5.38
C VAL A 36 3.23 -11.45 -5.33
N GLY A 37 2.25 -12.28 -4.97
CA GLY A 37 2.43 -13.72 -4.90
C GLY A 37 3.37 -14.15 -3.78
N GLY A 38 2.98 -15.21 -3.07
CA GLY A 38 3.79 -15.76 -1.99
C GLY A 38 3.64 -14.97 -0.69
N VAL A 39 4.50 -15.32 0.29
CA VAL A 39 4.48 -14.66 1.60
C VAL A 39 5.91 -14.28 2.02
N VAL A 40 5.99 -13.26 2.90
CA VAL A 40 7.27 -12.77 3.42
C VAL A 40 8.10 -13.92 4.04
N GLY B 25 8.29 -14.13 -3.70
CA GLY B 25 7.32 -13.18 -4.24
C GLY B 25 7.96 -11.91 -4.78
N GLU B 26 7.31 -11.32 -5.78
CA GLU B 26 7.77 -10.06 -6.39
C GLU B 26 7.14 -8.91 -5.61
N ILE B 27 7.96 -7.95 -5.19
CA ILE B 27 7.47 -6.82 -4.41
C ILE B 27 7.55 -5.51 -5.20
N VAL B 28 6.40 -4.83 -5.27
CA VAL B 28 6.22 -3.57 -6.01
C VAL B 28 6.16 -2.35 -5.09
N TYR B 29 6.70 -1.23 -5.59
CA TYR B 29 6.67 0.04 -4.88
C TYR B 29 6.04 1.10 -5.78
N LEU B 30 4.95 1.74 -5.30
CA LEU B 30 4.26 2.76 -6.08
C LEU B 30 4.30 4.13 -5.36
N PRO B 31 5.49 4.67 -5.10
CA PRO B 31 5.65 5.99 -4.42
C PRO B 31 5.18 7.14 -5.32
N ASN B 32 5.21 6.88 -6.63
CA ASN B 32 4.84 7.88 -7.62
C ASN B 32 3.32 7.96 -7.82
N LEU B 33 2.54 7.10 -7.13
CA LEU B 33 1.09 7.14 -7.28
C LEU B 33 0.45 7.94 -6.16
N ASN B 34 -0.48 8.80 -6.57
CA ASN B 34 -1.23 9.64 -5.63
C ASN B 34 -2.24 8.78 -4.87
N PRO B 35 -2.73 9.24 -3.73
CA PRO B 35 -3.72 8.46 -2.93
C PRO B 35 -4.92 8.02 -3.77
N ASP B 36 -5.27 8.82 -4.77
CA ASP B 36 -6.38 8.49 -5.65
C ASP B 36 -6.07 7.25 -6.47
N GLN B 37 -4.87 7.22 -7.10
CA GLN B 37 -4.47 6.09 -7.91
C GLN B 37 -4.30 4.85 -7.04
N LEU B 38 -3.68 5.00 -5.86
CA LEU B 38 -3.47 3.86 -4.96
C LEU B 38 -4.81 3.31 -4.50
N CYS B 39 -5.75 4.21 -4.15
CA CYS B 39 -7.08 3.77 -3.72
C CYS B 39 -7.81 3.09 -4.87
N ALA B 40 -7.69 3.68 -6.07
CA ALA B 40 -8.34 3.14 -7.27
C ALA B 40 -7.80 1.74 -7.59
N PHE B 41 -6.48 1.62 -7.52
CA PHE B 41 -5.80 0.36 -7.80
C PHE B 41 -6.14 -0.69 -6.73
N ILE B 42 -6.00 -0.30 -5.46
CA ILE B 42 -6.27 -1.19 -4.32
C ILE B 42 -7.71 -1.72 -4.33
N HIS B 43 -8.66 -0.90 -4.80
CA HIS B 43 -10.06 -1.33 -4.83
C HIS B 43 -10.22 -2.49 -5.81
N SER B 44 -9.71 -2.29 -7.02
CA SER B 44 -9.76 -3.30 -8.07
C SER B 44 -8.91 -4.52 -7.71
N LEU B 45 -7.72 -4.25 -7.16
CA LEU B 45 -6.78 -5.29 -6.76
C LEU B 45 -7.43 -6.26 -5.78
N HIS B 46 -8.17 -5.70 -4.83
CA HIS B 46 -8.86 -6.49 -3.81
C HIS B 46 -10.07 -7.23 -4.40
N ASP B 47 -10.89 -6.51 -5.16
CA ASP B 47 -12.10 -7.09 -5.76
C ASP B 47 -11.78 -8.27 -6.70
N ASP B 48 -10.70 -8.13 -7.49
CA ASP B 48 -10.32 -9.17 -8.45
C ASP B 48 -8.84 -9.59 -8.27
N PRO B 49 -8.56 -10.49 -7.34
CA PRO B 49 -7.17 -10.97 -7.07
C PRO B 49 -6.65 -11.84 -8.22
N SER B 50 -7.56 -12.54 -8.90
CA SER B 50 -7.19 -13.42 -10.02
C SER B 50 -6.55 -12.61 -11.14
N GLN B 51 -7.04 -11.38 -11.33
CA GLN B 51 -6.53 -10.48 -12.37
C GLN B 51 -5.49 -9.52 -11.79
N SER B 52 -5.08 -9.75 -10.53
CA SER B 52 -4.11 -8.88 -9.87
C SER B 52 -2.84 -8.68 -10.70
N ALA B 53 -2.43 -9.72 -11.43
CA ALA B 53 -1.23 -9.62 -12.27
C ALA B 53 -1.44 -8.60 -13.38
N ASN B 54 -2.58 -8.70 -14.06
CA ASN B 54 -2.91 -7.76 -15.16
C ASN B 54 -3.18 -6.37 -14.60
N LEU B 55 -3.97 -6.31 -13.51
CA LEU B 55 -4.32 -5.03 -12.88
C LEU B 55 -3.05 -4.30 -12.44
N LEU B 56 -2.12 -5.06 -11.88
CA LEU B 56 -0.85 -4.52 -11.44
C LEU B 56 -0.07 -4.00 -12.65
N ALA B 57 -0.19 -4.70 -13.78
CA ALA B 57 0.49 -4.29 -15.00
C ALA B 57 0.10 -2.84 -15.33
N GLU B 58 -1.17 -2.52 -15.05
CA GLU B 58 -1.70 -1.18 -15.28
C GLU B 58 -1.10 -0.20 -14.29
N ALA B 59 -1.02 -0.63 -13.03
CA ALA B 59 -0.51 0.23 -11.99
C ALA B 59 0.98 0.45 -12.20
N LYS B 60 1.64 -0.52 -12.82
CA LYS B 60 3.05 -0.40 -13.12
C LYS B 60 3.21 0.64 -14.21
N LYS B 61 2.38 0.51 -15.24
CA LYS B 61 2.36 1.47 -16.34
C LYS B 61 1.99 2.84 -15.76
N LEU B 62 1.17 2.80 -14.70
CA LEU B 62 0.75 3.99 -13.98
C LEU B 62 1.94 4.55 -13.19
N ASN B 63 2.71 3.61 -12.60
CA ASN B 63 3.90 3.96 -11.83
C ASN B 63 4.83 4.78 -12.71
N ASP B 64 4.90 4.37 -13.97
CA ASP B 64 5.73 5.05 -14.97
C ASP B 64 5.01 6.30 -15.49
N ALA B 65 3.67 6.25 -15.47
CA ALA B 65 2.83 7.37 -15.96
C ALA B 65 2.99 8.60 -15.06
N GLN B 66 3.39 8.38 -13.80
CA GLN B 66 3.57 9.48 -12.84
C GLN B 66 4.99 9.49 -12.30
N ALA B 67 5.84 8.64 -12.88
CA ALA B 67 7.22 8.51 -12.50
C ALA B 67 7.96 9.85 -12.59
N GLY C 25 12.95 3.10 8.45
CA GLY C 25 13.51 1.82 8.02
C GLY C 25 12.61 0.66 8.44
N GLU C 26 11.53 0.98 9.12
CA GLU C 26 10.60 -0.05 9.57
C GLU C 26 9.50 -0.25 8.54
N ILE C 27 9.12 -1.50 8.36
CA ILE C 27 8.07 -1.86 7.41
C ILE C 27 6.87 -2.46 8.14
N VAL C 28 5.69 -2.19 7.59
CA VAL C 28 4.43 -2.65 8.17
C VAL C 28 3.56 -3.33 7.09
N TYR C 29 3.31 -4.64 7.26
CA TYR C 29 2.48 -5.39 6.29
C TYR C 29 1.02 -5.40 6.73
N LEU C 30 0.14 -5.18 5.75
CA LEU C 30 -1.31 -5.12 6.02
C LEU C 30 -2.08 -6.15 5.16
N PRO C 31 -2.00 -7.42 5.50
CA PRO C 31 -2.70 -8.52 4.75
C PRO C 31 -4.19 -8.66 5.14
N ASN C 32 -4.46 -8.71 6.46
CA ASN C 32 -5.84 -8.88 6.96
C ASN C 32 -6.60 -7.53 7.03
N LEU C 33 -5.98 -6.47 6.51
CA LEU C 33 -6.62 -5.15 6.50
C LEU C 33 -7.59 -5.06 5.33
N ASN C 34 -8.64 -4.23 5.46
CA ASN C 34 -9.62 -4.07 4.38
C ASN C 34 -9.18 -2.92 3.45
N PRO C 35 -9.48 -2.99 2.17
CA PRO C 35 -9.06 -1.93 1.20
C PRO C 35 -9.62 -0.57 1.59
N ASP C 36 -10.82 -0.56 2.18
CA ASP C 36 -11.43 0.69 2.64
C ASP C 36 -10.50 1.34 3.66
N GLN C 37 -9.91 0.49 4.51
CA GLN C 37 -8.95 0.95 5.51
C GLN C 37 -7.67 1.43 4.83
N LEU C 38 -7.23 0.71 3.78
CA LEU C 38 -6.01 1.08 3.06
C LEU C 38 -6.13 2.47 2.46
N CYS C 39 -7.30 2.80 1.89
CA CYS C 39 -7.50 4.13 1.29
C CYS C 39 -7.36 5.21 2.35
N ALA C 40 -7.97 4.97 3.52
CA ALA C 40 -7.88 5.89 4.64
C ALA C 40 -6.44 5.98 5.12
N PHE C 41 -5.79 4.82 5.21
CA PHE C 41 -4.41 4.72 5.65
C PHE C 41 -3.47 5.50 4.71
N ILE C 42 -3.54 5.19 3.41
CA ILE C 42 -2.69 5.85 2.42
C ILE C 42 -2.92 7.36 2.43
N HIS C 43 -4.19 7.77 2.57
CA HIS C 43 -4.54 9.19 2.62
C HIS C 43 -3.84 9.85 3.81
N SER C 44 -3.80 9.13 4.94
CA SER C 44 -3.17 9.64 6.15
C SER C 44 -1.65 9.77 5.98
N LEU C 45 -1.01 8.79 5.33
CA LEU C 45 0.44 8.82 5.10
C LEU C 45 0.82 10.08 4.31
N HIS C 46 0.00 10.39 3.30
CA HIS C 46 0.23 11.55 2.43
C HIS C 46 -0.14 12.86 3.14
N ASP C 47 -1.35 12.91 3.70
CA ASP C 47 -1.85 14.10 4.39
C ASP C 47 -0.97 14.49 5.57
N ASP C 48 -0.49 13.49 6.32
CA ASP C 48 0.36 13.74 7.50
C ASP C 48 1.62 12.85 7.45
N PRO C 49 2.62 13.25 6.68
CA PRO C 49 3.89 12.47 6.56
C PRO C 49 4.57 12.27 7.92
N SER C 50 4.45 13.30 8.78
CA SER C 50 5.03 13.24 10.11
C SER C 50 4.44 12.10 10.93
N GLN C 51 3.14 11.83 10.73
CA GLN C 51 2.45 10.77 11.45
C GLN C 51 2.50 9.44 10.71
N SER C 52 3.17 9.37 9.55
CA SER C 52 3.22 8.11 8.79
C SER C 52 3.66 6.97 9.69
N ALA C 53 4.66 7.24 10.53
CA ALA C 53 5.16 6.25 11.48
C ALA C 53 4.08 5.87 12.51
N ASN C 54 3.41 6.88 13.08
CA ASN C 54 2.35 6.64 14.07
C ASN C 54 1.21 5.85 13.41
N LEU C 55 0.86 6.28 12.20
CA LEU C 55 -0.19 5.64 11.42
C LEU C 55 0.19 4.19 11.14
N LEU C 56 1.49 3.96 10.94
CA LEU C 56 2.01 2.62 10.69
C LEU C 56 1.73 1.72 11.88
N ALA C 57 1.85 2.29 13.08
CA ALA C 57 1.60 1.53 14.30
C ALA C 57 0.15 1.07 14.35
N GLU C 58 -0.80 2.01 14.31
CA GLU C 58 -2.22 1.66 14.35
C GLU C 58 -2.62 0.83 13.14
N ALA C 59 -2.09 1.17 11.96
CA ALA C 59 -2.40 0.44 10.73
C ALA C 59 -1.92 -1.01 10.87
N LYS C 60 -0.77 -1.17 11.51
CA LYS C 60 -0.23 -2.48 11.76
C LYS C 60 -1.09 -3.19 12.80
N LYS C 61 -1.56 -2.43 13.82
CA LYS C 61 -2.42 -3.00 14.87
C LYS C 61 -3.71 -3.52 14.25
N LEU C 62 -4.22 -2.83 13.23
CA LEU C 62 -5.45 -3.27 12.55
C LEU C 62 -5.23 -4.63 11.91
N ASN C 63 -4.06 -4.83 11.34
CA ASN C 63 -3.74 -6.10 10.70
C ASN C 63 -3.88 -7.21 11.76
N ASP C 64 -3.50 -6.88 13.00
CA ASP C 64 -3.61 -7.81 14.13
C ASP C 64 -5.05 -7.85 14.66
N ALA C 65 -5.73 -6.70 14.60
CA ALA C 65 -7.11 -6.56 15.07
C ALA C 65 -8.11 -7.26 14.13
N GLN C 66 -7.84 -7.16 12.83
CA GLN C 66 -8.70 -7.76 11.80
C GLN C 66 -8.28 -9.19 11.50
N ALA C 67 -7.12 -9.55 12.04
CA ALA C 67 -6.55 -10.87 11.85
C ALA C 67 -7.47 -11.98 12.37
N LYS A 16 -2.01 -13.75 -5.00
CA LYS A 16 -2.13 -12.91 -3.81
C LYS A 16 -1.28 -11.62 -3.84
N LEU A 17 -1.94 -10.52 -3.42
CA LEU A 17 -1.32 -9.20 -3.31
C LEU A 17 -1.36 -8.76 -1.84
N VAL A 18 -0.30 -8.10 -1.38
CA VAL A 18 -0.23 -7.62 0.00
C VAL A 18 0.26 -6.18 0.02
N PHE A 19 -0.47 -5.29 0.70
CA PHE A 19 -0.09 -3.89 0.78
C PHE A 19 0.64 -3.62 2.08
N PHE A 20 1.77 -2.94 1.97
CA PHE A 20 2.59 -2.60 3.13
C PHE A 20 3.19 -1.20 2.98
N ALA A 21 3.53 -0.58 4.11
CA ALA A 21 4.14 0.75 4.11
C ALA A 21 5.54 0.66 4.73
N GLU A 22 6.52 1.23 4.05
CA GLU A 22 7.91 1.21 4.52
C GLU A 22 8.31 2.60 5.02
N ASP A 23 8.89 2.66 6.22
CA ASP A 23 9.34 3.92 6.81
C ASP A 23 10.63 4.33 6.11
N VAL A 24 10.58 5.49 5.48
CA VAL A 24 11.74 6.00 4.71
C VAL A 24 12.19 7.38 5.20
N GLY A 25 11.37 8.02 6.05
CA GLY A 25 11.69 9.36 6.55
C GLY A 25 11.83 10.30 5.36
N SER A 26 12.97 10.99 5.28
CA SER A 26 13.25 11.92 4.16
C SER A 26 12.11 12.91 3.92
N ASN A 27 11.33 13.20 4.98
CA ASN A 27 10.18 14.10 4.91
C ASN A 27 9.07 13.48 4.05
N LYS A 28 9.28 12.24 3.60
CA LYS A 28 8.31 11.50 2.79
C LYS A 28 7.49 10.57 3.68
N GLY A 29 7.86 10.50 4.97
CA GLY A 29 7.18 9.62 5.92
C GLY A 29 7.44 8.17 5.54
N ALA A 30 6.43 7.52 4.95
CA ALA A 30 6.56 6.13 4.52
C ALA A 30 6.17 6.00 3.04
N ILE A 31 6.53 4.87 2.44
CA ILE A 31 6.24 4.60 1.03
C ILE A 31 5.31 3.42 0.89
N ILE A 32 4.35 3.52 -0.02
CA ILE A 32 3.40 2.44 -0.26
C ILE A 32 4.00 1.44 -1.25
N GLY A 33 4.09 0.20 -0.81
CA GLY A 33 4.59 -0.89 -1.62
C GLY A 33 3.67 -2.08 -1.45
N LEU A 34 3.63 -2.94 -2.47
CA LEU A 34 2.78 -4.12 -2.44
C LEU A 34 3.52 -5.34 -2.96
N MET A 35 3.33 -6.45 -2.25
CA MET A 35 3.99 -7.72 -2.59
C MET A 35 3.14 -8.52 -3.55
N VAL A 36 3.80 -9.27 -4.44
CA VAL A 36 3.11 -10.08 -5.45
C VAL A 36 3.54 -11.54 -5.39
N GLY A 37 2.57 -12.45 -5.28
CA GLY A 37 2.82 -13.89 -5.28
C GLY A 37 3.43 -14.42 -4.00
N GLY A 38 2.65 -15.31 -3.36
CA GLY A 38 3.10 -15.95 -2.13
C GLY A 38 3.10 -14.98 -0.98
N VAL A 39 3.48 -15.45 0.18
CA VAL A 39 3.53 -14.61 1.37
C VAL A 39 4.90 -14.69 2.04
N VAL A 40 5.35 -13.57 2.62
CA VAL A 40 6.65 -13.51 3.30
C VAL A 40 6.49 -12.90 4.69
N GLY B 25 8.30 -13.59 -3.30
CA GLY B 25 7.47 -12.94 -4.31
C GLY B 25 8.10 -11.64 -4.82
N GLU B 26 7.47 -11.07 -5.86
CA GLU B 26 7.92 -9.81 -6.46
C GLU B 26 7.31 -8.66 -5.67
N ILE B 27 8.15 -7.73 -5.22
CA ILE B 27 7.67 -6.59 -4.44
C ILE B 27 7.68 -5.30 -5.28
N VAL B 28 6.52 -4.65 -5.29
CA VAL B 28 6.26 -3.42 -6.05
C VAL B 28 6.18 -2.19 -5.15
N TYR B 29 6.63 -1.05 -5.68
CA TYR B 29 6.58 0.22 -4.96
C TYR B 29 5.91 1.28 -5.86
N LEU B 30 4.86 1.92 -5.33
CA LEU B 30 4.13 2.96 -6.08
C LEU B 30 4.17 4.29 -5.30
N PRO B 31 5.36 4.84 -5.11
CA PRO B 31 5.56 6.12 -4.35
C PRO B 31 5.03 7.35 -5.09
N ASN B 32 5.05 7.28 -6.41
CA ASN B 32 4.60 8.41 -7.24
C ASN B 32 3.10 8.34 -7.56
N LEU B 33 2.39 7.36 -6.99
CA LEU B 33 0.95 7.25 -7.23
C LEU B 33 0.18 8.04 -6.18
N ASN B 34 -0.74 8.89 -6.64
CA ASN B 34 -1.56 9.70 -5.74
C ASN B 34 -2.52 8.80 -4.95
N PRO B 35 -2.97 9.21 -3.78
CA PRO B 35 -3.89 8.38 -2.94
C PRO B 35 -5.10 7.89 -3.73
N ASP B 36 -5.55 8.71 -4.68
CA ASP B 36 -6.70 8.34 -5.52
C ASP B 36 -6.34 7.14 -6.38
N GLN B 37 -5.15 7.18 -7.00
CA GLN B 37 -4.69 6.09 -7.85
C GLN B 37 -4.45 4.82 -7.03
N LEU B 38 -3.81 4.97 -5.86
CA LEU B 38 -3.54 3.80 -5.00
C LEU B 38 -4.87 3.18 -4.56
N CYS B 39 -5.83 4.03 -4.19
CA CYS B 39 -7.14 3.57 -3.75
C CYS B 39 -7.85 2.86 -4.92
N ALA B 40 -7.75 3.46 -6.11
CA ALA B 40 -8.36 2.89 -7.32
C ALA B 40 -7.77 1.52 -7.63
N PHE B 41 -6.44 1.44 -7.55
CA PHE B 41 -5.71 0.21 -7.81
C PHE B 41 -6.07 -0.86 -6.78
N ILE B 42 -5.95 -0.49 -5.50
CA ILE B 42 -6.24 -1.39 -4.38
C ILE B 42 -7.67 -1.93 -4.41
N HIS B 43 -8.62 -1.11 -4.84
CA HIS B 43 -10.02 -1.53 -4.90
C HIS B 43 -10.19 -2.66 -5.91
N SER B 44 -9.67 -2.45 -7.11
CA SER B 44 -9.74 -3.44 -8.18
C SER B 44 -8.86 -4.64 -7.87
N LEU B 45 -7.66 -4.37 -7.37
CA LEU B 45 -6.69 -5.40 -7.02
C LEU B 45 -7.27 -6.39 -6.02
N HIS B 46 -8.08 -5.88 -5.08
CA HIS B 46 -8.70 -6.73 -4.06
C HIS B 46 -9.94 -7.45 -4.63
N ASP B 47 -10.87 -6.68 -5.21
CA ASP B 47 -12.11 -7.24 -5.76
C ASP B 47 -11.86 -8.27 -6.85
N ASP B 48 -10.84 -8.03 -7.69
CA ASP B 48 -10.52 -8.95 -8.80
C ASP B 48 -9.08 -9.47 -8.68
N PRO B 49 -8.86 -10.46 -7.83
CA PRO B 49 -7.50 -11.06 -7.63
C PRO B 49 -7.06 -11.87 -8.84
N SER B 50 -8.03 -12.36 -9.62
CA SER B 50 -7.72 -13.15 -10.82
C SER B 50 -6.91 -12.29 -11.81
N GLN B 51 -7.25 -11.00 -11.85
CA GLN B 51 -6.58 -10.03 -12.74
C GLN B 51 -5.44 -9.33 -12.00
N SER B 52 -4.99 -9.91 -10.89
CA SER B 52 -3.92 -9.33 -10.08
C SER B 52 -2.72 -8.87 -10.92
N ALA B 53 -2.22 -9.77 -11.77
CA ALA B 53 -1.07 -9.45 -12.61
C ALA B 53 -1.41 -8.36 -13.62
N ASN B 54 -2.55 -8.50 -14.30
CA ASN B 54 -2.97 -7.52 -15.30
C ASN B 54 -3.17 -6.14 -14.70
N LEU B 55 -3.96 -6.06 -13.62
CA LEU B 55 -4.23 -4.79 -12.94
C LEU B 55 -2.94 -4.14 -12.46
N LEU B 56 -2.09 -4.94 -11.82
CA LEU B 56 -0.81 -4.45 -11.33
C LEU B 56 0.06 -4.00 -12.50
N ALA B 57 -0.04 -4.69 -13.63
CA ALA B 57 0.75 -4.32 -14.80
C ALA B 57 0.42 -2.87 -15.15
N GLU B 58 -0.86 -2.51 -14.99
CA GLU B 58 -1.34 -1.16 -15.27
C GLU B 58 -0.81 -0.20 -14.21
N ALA B 59 -0.78 -0.68 -12.96
CA ALA B 59 -0.31 0.16 -11.87
C ALA B 59 1.17 0.40 -12.05
N LYS B 60 1.87 -0.58 -12.64
CA LYS B 60 3.28 -0.44 -12.90
C LYS B 60 3.46 0.61 -13.98
N LYS B 61 2.58 0.56 -15.00
CA LYS B 61 2.60 1.57 -16.06
C LYS B 61 2.30 2.92 -15.43
N LEU B 62 1.42 2.89 -14.42
CA LEU B 62 1.04 4.07 -13.66
C LEU B 62 2.26 4.59 -12.90
N ASN B 63 3.05 3.65 -12.37
CA ASN B 63 4.27 3.98 -11.63
C ASN B 63 5.18 4.83 -12.51
N ASP B 64 5.24 4.45 -13.79
CA ASP B 64 6.03 5.18 -14.78
C ASP B 64 5.25 6.41 -15.26
N ALA B 65 3.92 6.29 -15.28
CA ALA B 65 3.04 7.38 -15.74
C ALA B 65 3.12 8.61 -14.83
N GLN B 66 3.47 8.38 -13.56
CA GLN B 66 3.57 9.48 -12.57
C GLN B 66 4.97 9.56 -12.01
N ALA B 67 5.85 8.68 -12.51
CA ALA B 67 7.24 8.60 -12.09
C ALA B 67 7.90 9.98 -12.04
N GLY C 25 13.78 1.80 6.61
CA GLY C 25 13.25 1.93 7.96
C GLY C 25 12.31 0.79 8.30
N GLU C 26 11.50 0.99 9.34
CA GLU C 26 10.55 -0.01 9.78
C GLU C 26 9.52 -0.23 8.70
N ILE C 27 9.09 -1.48 8.57
CA ILE C 27 8.09 -1.85 7.57
C ILE C 27 6.84 -2.40 8.25
N VAL C 28 5.69 -2.11 7.63
CA VAL C 28 4.39 -2.53 8.15
C VAL C 28 3.55 -3.17 7.04
N TYR C 29 3.17 -4.44 7.24
CA TYR C 29 2.35 -5.17 6.26
C TYR C 29 0.89 -5.19 6.65
N LEU C 30 0.01 -4.97 5.67
CA LEU C 30 -1.44 -4.95 5.89
C LEU C 30 -2.16 -6.05 5.08
N PRO C 31 -2.04 -7.32 5.48
CA PRO C 31 -2.71 -8.45 4.78
C PRO C 31 -4.17 -8.61 5.23
N ASN C 32 -4.37 -8.86 6.52
CA ASN C 32 -5.71 -9.02 7.10
C ASN C 32 -6.56 -7.76 6.91
N LEU C 33 -5.88 -6.61 6.80
CA LEU C 33 -6.54 -5.31 6.63
C LEU C 33 -7.44 -5.33 5.38
N ASN C 34 -8.55 -4.58 5.43
CA ASN C 34 -9.48 -4.51 4.29
C ASN C 34 -9.06 -3.37 3.36
N PRO C 35 -9.37 -3.45 2.07
CA PRO C 35 -8.98 -2.39 1.10
C PRO C 35 -9.56 -1.03 1.48
N ASP C 36 -10.76 -1.03 2.06
CA ASP C 36 -11.40 0.21 2.50
C ASP C 36 -10.49 0.87 3.54
N GLN C 37 -9.92 0.03 4.42
CA GLN C 37 -9.00 0.50 5.45
C GLN C 37 -7.69 0.98 4.80
N LEU C 38 -7.21 0.24 3.79
CA LEU C 38 -5.97 0.61 3.07
C LEU C 38 -6.12 2.00 2.45
N CYS C 39 -7.31 2.27 1.90
CA CYS C 39 -7.58 3.57 1.28
C CYS C 39 -7.46 4.68 2.31
N ALA C 40 -8.13 4.50 3.46
CA ALA C 40 -8.08 5.48 4.54
C ALA C 40 -6.64 5.60 5.06
N PHE C 41 -5.97 4.46 5.14
CA PHE C 41 -4.59 4.40 5.62
C PHE C 41 -3.68 5.20 4.69
N ILE C 42 -3.72 4.90 3.40
CA ILE C 42 -2.88 5.60 2.41
C ILE C 42 -3.15 7.10 2.43
N HIS C 43 -4.42 7.49 2.58
CA HIS C 43 -4.78 8.90 2.65
C HIS C 43 -4.10 9.55 3.86
N SER C 44 -4.09 8.83 4.98
CA SER C 44 -3.46 9.30 6.21
C SER C 44 -1.94 9.51 5.99
N LEU C 45 -1.30 8.57 5.28
CA LEU C 45 0.14 8.67 5.00
C LEU C 45 0.42 9.94 4.19
N HIS C 46 -0.48 10.25 3.26
CA HIS C 46 -0.33 11.43 2.38
C HIS C 46 -0.69 12.74 3.10
N ASP C 47 -1.68 12.70 4.00
CA ASP C 47 -2.13 13.90 4.72
C ASP C 47 -0.96 14.57 5.46
N ASP C 48 -0.08 13.74 6.03
CA ASP C 48 1.09 14.25 6.74
C ASP C 48 2.15 13.14 6.83
N PRO C 49 3.29 13.29 6.17
CA PRO C 49 4.37 12.27 6.19
C PRO C 49 4.90 12.03 7.61
N SER C 50 4.81 13.05 8.46
CA SER C 50 5.27 12.92 9.85
C SER C 50 4.44 11.88 10.59
N GLN C 51 3.13 11.88 10.30
CA GLN C 51 2.19 10.95 10.95
C GLN C 51 2.32 9.52 10.42
N SER C 52 2.91 9.34 9.23
CA SER C 52 3.02 8.00 8.63
C SER C 52 3.55 6.96 9.62
N ALA C 53 4.58 7.34 10.38
CA ALA C 53 5.17 6.45 11.39
C ALA C 53 4.13 6.06 12.43
N ASN C 54 3.44 7.06 13.00
CA ASN C 54 2.42 6.79 14.02
C ASN C 54 1.26 5.99 13.42
N LEU C 55 0.90 6.36 12.18
CA LEU C 55 -0.17 5.68 11.47
C LEU C 55 0.21 4.22 11.23
N LEU C 56 1.50 3.99 11.00
CA LEU C 56 2.01 2.64 10.78
C LEU C 56 1.76 1.78 12.02
N ALA C 57 1.95 2.37 13.19
CA ALA C 57 1.74 1.66 14.46
C ALA C 57 0.27 1.27 14.61
N GLU C 58 -0.64 2.23 14.38
CA GLU C 58 -2.07 1.96 14.51
C GLU C 58 -2.54 1.02 13.41
N ALA C 59 -2.02 1.21 12.18
CA ALA C 59 -2.39 0.38 11.05
C ALA C 59 -1.93 -1.05 11.31
N LYS C 60 -0.68 -1.17 11.75
CA LYS C 60 -0.12 -2.45 12.09
C LYS C 60 -0.86 -3.03 13.30
N LYS C 61 -1.27 -2.15 14.22
CA LYS C 61 -2.04 -2.57 15.38
C LYS C 61 -3.41 -3.04 14.89
N LEU C 62 -3.88 -2.36 13.85
CA LEU C 62 -5.17 -2.69 13.23
C LEU C 62 -5.06 -4.08 12.63
N ASN C 63 -3.89 -4.36 12.04
CA ASN C 63 -3.60 -5.67 11.46
C ASN C 63 -3.82 -6.74 12.53
N ASP C 64 -3.41 -6.40 13.76
CA ASP C 64 -3.56 -7.29 14.91
C ASP C 64 -5.03 -7.29 15.38
N ALA C 65 -5.66 -6.12 15.33
CA ALA C 65 -7.06 -5.96 15.75
C ALA C 65 -8.04 -6.63 14.78
N GLN C 66 -7.68 -6.65 13.50
CA GLN C 66 -8.52 -7.25 12.45
C GLN C 66 -8.10 -8.68 12.17
N ALA C 67 -6.97 -9.08 12.74
CA ALA C 67 -6.43 -10.41 12.54
C ALA C 67 -7.39 -11.50 13.03
N LYS A 16 -1.42 -14.40 -4.14
CA LYS A 16 -1.86 -13.40 -3.16
C LYS A 16 -1.04 -12.12 -3.19
N LEU A 17 -1.74 -10.99 -3.13
CA LEU A 17 -1.11 -9.67 -3.12
C LEU A 17 -1.18 -9.09 -1.71
N VAL A 18 -0.15 -8.33 -1.34
CA VAL A 18 -0.08 -7.75 0.01
C VAL A 18 0.32 -6.28 -0.08
N PHE A 19 -0.33 -5.42 0.73
CA PHE A 19 -0.01 -3.99 0.76
C PHE A 19 0.75 -3.67 2.03
N PHE A 20 1.87 -2.99 1.88
CA PHE A 20 2.70 -2.62 3.03
C PHE A 20 3.27 -1.20 2.87
N ALA A 21 3.60 -0.58 4.01
CA ALA A 21 4.18 0.76 4.01
C ALA A 21 5.59 0.72 4.61
N GLU A 22 6.54 1.35 3.93
CA GLU A 22 7.92 1.39 4.38
C GLU A 22 8.25 2.76 4.95
N ASP A 23 8.86 2.77 6.14
CA ASP A 23 9.26 4.02 6.79
C ASP A 23 10.53 4.53 6.12
N VAL A 24 10.43 5.68 5.47
CA VAL A 24 11.56 6.26 4.74
C VAL A 24 11.93 7.66 5.23
N GLY A 25 11.01 8.28 6.01
CA GLY A 25 11.25 9.63 6.49
C GLY A 25 11.44 10.57 5.31
N SER A 26 12.56 11.29 5.28
CA SER A 26 12.88 12.20 4.17
C SER A 26 11.73 13.17 3.84
N ASN A 27 10.90 13.46 4.85
CA ASN A 27 9.73 14.33 4.68
C ASN A 27 8.68 13.68 3.78
N LYS A 28 8.95 12.43 3.38
CA LYS A 28 8.03 11.64 2.54
C LYS A 28 7.20 10.70 3.43
N GLY A 29 7.49 10.70 4.72
CA GLY A 29 6.80 9.81 5.65
C GLY A 29 7.14 8.37 5.31
N ALA A 30 6.16 7.63 4.79
CA ALA A 30 6.37 6.25 4.40
C ALA A 30 6.03 6.07 2.91
N ILE A 31 6.50 4.95 2.33
CA ILE A 31 6.25 4.64 0.93
C ILE A 31 5.34 3.43 0.81
N ILE A 32 4.37 3.53 -0.09
CA ILE A 32 3.43 2.43 -0.33
C ILE A 32 4.01 1.46 -1.35
N GLY A 33 4.24 0.24 -0.89
CA GLY A 33 4.75 -0.83 -1.73
C GLY A 33 3.93 -2.08 -1.45
N LEU A 34 3.78 -2.91 -2.48
CA LEU A 34 2.99 -4.14 -2.32
C LEU A 34 3.79 -5.34 -2.76
N MET A 35 3.37 -6.49 -2.25
CA MET A 35 4.02 -7.74 -2.58
C MET A 35 3.11 -8.58 -3.45
N VAL A 36 3.72 -9.22 -4.45
CA VAL A 36 2.98 -10.05 -5.40
C VAL A 36 3.31 -11.53 -5.12
N GLY A 37 2.30 -12.29 -4.69
CA GLY A 37 2.51 -13.69 -4.34
C GLY A 37 3.42 -13.73 -3.15
N GLY A 38 3.27 -12.69 -2.32
CA GLY A 38 4.07 -12.52 -1.14
C GLY A 38 3.69 -13.52 -0.09
N VAL A 39 4.19 -14.75 -0.25
CA VAL A 39 3.89 -15.82 0.68
C VAL A 39 4.21 -15.38 2.11
N VAL A 40 3.17 -15.26 2.93
CA VAL A 40 3.32 -14.82 4.33
C VAL A 40 1.97 -14.87 5.06
N GLY B 25 8.92 -13.35 -3.12
CA GLY B 25 7.93 -12.88 -4.09
C GLY B 25 8.36 -11.57 -4.72
N GLU B 26 7.68 -11.18 -5.81
CA GLU B 26 7.99 -9.92 -6.49
C GLU B 26 7.42 -8.78 -5.66
N ILE B 27 8.28 -7.79 -5.35
CA ILE B 27 7.85 -6.66 -4.54
C ILE B 27 7.81 -5.37 -5.38
N VAL B 28 6.65 -4.73 -5.36
CA VAL B 28 6.39 -3.49 -6.13
C VAL B 28 6.27 -2.26 -5.23
N TYR B 29 6.78 -1.12 -5.73
CA TYR B 29 6.71 0.16 -5.03
C TYR B 29 6.04 1.21 -5.93
N LEU B 30 5.01 1.88 -5.39
CA LEU B 30 4.29 2.92 -6.15
C LEU B 30 4.32 4.25 -5.36
N PRO B 31 5.50 4.80 -5.12
CA PRO B 31 5.66 6.08 -4.35
C PRO B 31 5.12 7.30 -5.11
N ASN B 32 5.12 7.20 -6.44
CA ASN B 32 4.67 8.30 -7.29
C ASN B 32 3.17 8.24 -7.59
N LEU B 33 2.46 7.25 -7.02
CA LEU B 33 1.02 7.14 -7.26
C LEU B 33 0.25 7.91 -6.18
N ASN B 34 -0.66 8.77 -6.63
CA ASN B 34 -1.47 9.58 -5.72
C ASN B 34 -2.40 8.69 -4.90
N PRO B 35 -2.91 9.15 -3.76
CA PRO B 35 -3.84 8.33 -2.91
C PRO B 35 -5.02 7.83 -3.73
N ASP B 36 -5.44 8.64 -4.70
CA ASP B 36 -6.53 8.30 -5.60
C ASP B 36 -6.15 7.09 -6.44
N GLN B 37 -4.93 7.15 -7.00
CA GLN B 37 -4.40 6.09 -7.83
C GLN B 37 -4.20 4.81 -7.01
N LEU B 38 -3.60 4.93 -5.83
CA LEU B 38 -3.36 3.76 -4.97
C LEU B 38 -4.69 3.15 -4.53
N CYS B 39 -5.65 4.01 -4.18
CA CYS B 39 -6.97 3.55 -3.76
C CYS B 39 -7.72 2.92 -4.95
N ALA B 40 -7.58 3.55 -6.13
CA ALA B 40 -8.22 3.03 -7.35
C ALA B 40 -7.66 1.66 -7.69
N PHE B 41 -6.33 1.56 -7.59
CA PHE B 41 -5.62 0.33 -7.85
C PHE B 41 -6.02 -0.74 -6.83
N ILE B 42 -5.89 -0.39 -5.56
CA ILE B 42 -6.24 -1.29 -4.46
C ILE B 42 -7.69 -1.74 -4.55
N HIS B 43 -8.56 -0.84 -5.01
CA HIS B 43 -9.98 -1.17 -5.17
C HIS B 43 -10.12 -2.24 -6.24
N SER B 44 -9.32 -2.10 -7.28
CA SER B 44 -9.34 -3.05 -8.39
C SER B 44 -8.83 -4.44 -7.95
N LEU B 45 -7.76 -4.46 -7.15
CA LEU B 45 -7.19 -5.73 -6.67
C LEU B 45 -8.22 -6.45 -5.81
N HIS B 46 -8.89 -5.65 -4.98
CA HIS B 46 -9.90 -6.14 -4.06
C HIS B 46 -11.12 -6.67 -4.83
N ASP B 47 -11.64 -5.88 -5.77
CA ASP B 47 -12.81 -6.26 -6.55
C ASP B 47 -12.50 -7.46 -7.46
N ASP B 48 -11.30 -7.49 -8.04
CA ASP B 48 -10.90 -8.59 -8.94
C ASP B 48 -9.45 -9.04 -8.63
N PRO B 49 -9.26 -9.82 -7.57
CA PRO B 49 -7.90 -10.31 -7.18
C PRO B 49 -7.31 -11.25 -8.23
N SER B 50 -8.19 -11.94 -8.97
CA SER B 50 -7.76 -12.87 -10.01
C SER B 50 -6.98 -12.13 -11.10
N GLN B 51 -7.42 -10.89 -11.38
CA GLN B 51 -6.80 -10.04 -12.39
C GLN B 51 -5.71 -9.14 -11.78
N SER B 52 -5.38 -9.37 -10.49
CA SER B 52 -4.39 -8.55 -9.79
C SER B 52 -3.06 -8.48 -10.56
N ALA B 53 -2.66 -9.58 -11.19
CA ALA B 53 -1.42 -9.62 -11.95
C ALA B 53 -1.49 -8.66 -13.14
N ASN B 54 -2.59 -8.73 -13.90
CA ASN B 54 -2.77 -7.85 -15.05
C ASN B 54 -2.95 -6.40 -14.62
N LEU B 55 -3.81 -6.19 -13.63
CA LEU B 55 -4.08 -4.84 -13.10
C LEU B 55 -2.80 -4.17 -12.62
N LEU B 56 -1.98 -4.95 -11.92
CA LEU B 56 -0.72 -4.46 -11.41
C LEU B 56 0.20 -4.07 -12.56
N ALA B 57 0.15 -4.83 -13.65
CA ALA B 57 0.98 -4.51 -14.81
C ALA B 57 0.67 -3.08 -15.25
N GLU B 58 -0.60 -2.69 -15.10
CA GLU B 58 -1.05 -1.34 -15.44
C GLU B 58 -0.58 -0.35 -14.39
N ALA B 59 -0.57 -0.79 -13.13
CA ALA B 59 -0.15 0.06 -12.05
C ALA B 59 1.34 0.35 -12.19
N LYS B 60 2.05 -0.64 -12.74
CA LYS B 60 3.48 -0.48 -12.99
C LYS B 60 3.66 0.56 -14.08
N LYS B 61 2.74 0.55 -15.08
CA LYS B 61 2.75 1.56 -16.13
C LYS B 61 2.45 2.92 -15.49
N LEU B 62 1.58 2.89 -14.47
CA LEU B 62 1.23 4.09 -13.70
C LEU B 62 2.46 4.57 -12.97
N ASN B 63 3.26 3.61 -12.47
CA ASN B 63 4.48 3.92 -11.74
C ASN B 63 5.37 4.80 -12.62
N ASP B 64 5.42 4.45 -13.90
CA ASP B 64 6.18 5.20 -14.89
C ASP B 64 5.40 6.44 -15.34
N ALA B 65 4.06 6.30 -15.35
CA ALA B 65 3.17 7.38 -15.80
C ALA B 65 3.23 8.60 -14.87
N GLN B 66 3.53 8.35 -13.59
CA GLN B 66 3.61 9.44 -12.60
C GLN B 66 5.01 9.53 -12.00
N ALA B 67 5.92 8.70 -12.52
CA ALA B 67 7.29 8.63 -12.08
C ALA B 67 7.96 10.01 -12.04
N GLY C 25 13.85 2.05 6.59
CA GLY C 25 13.25 2.14 7.93
C GLY C 25 12.36 0.94 8.21
N GLU C 26 11.52 1.08 9.24
CA GLU C 26 10.62 0.01 9.63
C GLU C 26 9.57 -0.19 8.55
N ILE C 27 9.19 -1.44 8.37
CA ILE C 27 8.19 -1.79 7.37
C ILE C 27 6.96 -2.40 8.06
N VAL C 28 5.79 -2.10 7.51
CA VAL C 28 4.51 -2.58 8.05
C VAL C 28 3.67 -3.22 6.94
N TYR C 29 3.34 -4.51 7.13
CA TYR C 29 2.52 -5.25 6.16
C TYR C 29 1.06 -5.27 6.58
N LEU C 30 0.17 -5.08 5.58
CA LEU C 30 -1.28 -5.07 5.83
C LEU C 30 -1.96 -6.26 5.10
N PRO C 31 -1.77 -7.49 5.57
CA PRO C 31 -2.39 -8.69 4.94
C PRO C 31 -3.85 -8.91 5.38
N ASN C 32 -4.07 -8.90 6.70
CA ASN C 32 -5.41 -9.11 7.27
C ASN C 32 -6.23 -7.80 7.32
N LEU C 33 -5.66 -6.71 6.81
CA LEU C 33 -6.34 -5.42 6.81
C LEU C 33 -7.38 -5.36 5.68
N ASN C 34 -8.44 -4.57 5.88
CA ASN C 34 -9.48 -4.45 4.85
C ASN C 34 -9.05 -3.43 3.80
N PRO C 35 -9.41 -3.62 2.54
CA PRO C 35 -9.04 -2.65 1.46
C PRO C 35 -9.55 -1.24 1.79
N ASP C 36 -10.71 -1.20 2.45
CA ASP C 36 -11.30 0.06 2.87
C ASP C 36 -10.33 0.78 3.79
N GLN C 37 -9.75 -0.01 4.70
CA GLN C 37 -8.78 0.49 5.65
C GLN C 37 -7.50 0.93 4.94
N LEU C 38 -7.14 0.22 3.85
CA LEU C 38 -5.94 0.58 3.07
C LEU C 38 -6.09 1.97 2.47
N CYS C 39 -7.24 2.22 1.82
CA CYS C 39 -7.49 3.52 1.19
C CYS C 39 -7.42 4.65 2.23
N ALA C 40 -8.06 4.43 3.38
CA ALA C 40 -8.05 5.41 4.46
C ALA C 40 -6.63 5.56 5.00
N PHE C 41 -5.93 4.43 5.11
CA PHE C 41 -4.56 4.41 5.60
C PHE C 41 -3.63 5.21 4.69
N ILE C 42 -3.67 4.90 3.39
CA ILE C 42 -2.84 5.61 2.40
C ILE C 42 -3.15 7.11 2.41
N HIS C 43 -4.44 7.44 2.55
CA HIS C 43 -4.87 8.83 2.60
C HIS C 43 -4.21 9.53 3.79
N SER C 44 -4.15 8.82 4.92
CA SER C 44 -3.53 9.35 6.14
C SER C 44 -2.03 9.59 5.95
N LEU C 45 -1.34 8.64 5.27
CA LEU C 45 0.11 8.77 5.02
C LEU C 45 0.40 10.06 4.25
N HIS C 46 -0.50 10.41 3.33
CA HIS C 46 -0.36 11.61 2.51
C HIS C 46 -0.76 12.88 3.28
N ASP C 47 -1.84 12.79 4.08
CA ASP C 47 -2.33 13.95 4.84
C ASP C 47 -1.28 14.50 5.77
N ASP C 48 -0.49 13.62 6.39
CA ASP C 48 0.55 14.03 7.33
C ASP C 48 1.75 13.08 7.26
N PRO C 49 2.74 13.38 6.44
CA PRO C 49 3.96 12.53 6.27
C PRO C 49 4.65 12.16 7.59
N SER C 50 4.81 13.14 8.49
CA SER C 50 5.48 12.87 9.76
C SER C 50 4.71 11.84 10.60
N GLN C 51 3.39 11.81 10.44
CA GLN C 51 2.56 10.85 11.18
C GLN C 51 2.55 9.48 10.53
N SER C 52 3.10 9.35 9.32
CA SER C 52 3.11 8.04 8.62
C SER C 52 3.59 6.94 9.55
N ALA C 53 4.61 7.25 10.35
CA ALA C 53 5.17 6.29 11.31
C ALA C 53 4.10 5.93 12.36
N ASN C 54 3.46 6.96 12.93
CA ASN C 54 2.41 6.74 13.93
C ASN C 54 1.26 5.96 13.31
N LEU C 55 0.93 6.32 12.06
CA LEU C 55 -0.14 5.66 11.32
C LEU C 55 0.25 4.21 11.06
N LEU C 56 1.55 3.98 10.87
CA LEU C 56 2.06 2.63 10.64
C LEU C 56 1.80 1.76 11.87
N ALA C 57 1.95 2.36 13.05
CA ALA C 57 1.72 1.64 14.30
C ALA C 57 0.25 1.18 14.40
N GLU C 58 -0.68 2.11 14.16
CA GLU C 58 -2.10 1.79 14.22
C GLU C 58 -2.51 0.89 13.05
N ALA C 59 -1.98 1.19 11.86
CA ALA C 59 -2.29 0.40 10.65
C ALA C 59 -1.82 -1.03 10.86
N LYS C 60 -0.61 -1.16 11.41
CA LYS C 60 -0.06 -2.46 11.72
C LYS C 60 -0.90 -3.10 12.84
N LYS C 61 -1.33 -2.25 13.80
CA LYS C 61 -2.13 -2.74 14.92
C LYS C 61 -3.45 -3.32 14.40
N LEU C 62 -4.00 -2.71 13.34
CA LEU C 62 -5.23 -3.20 12.73
C LEU C 62 -4.99 -4.58 12.16
N ASN C 63 -3.82 -4.77 11.55
CA ASN C 63 -3.47 -6.06 10.98
C ASN C 63 -3.55 -7.11 12.09
N ASP C 64 -3.19 -6.70 13.33
CA ASP C 64 -3.26 -7.57 14.49
C ASP C 64 -4.71 -7.64 15.02
N ALA C 65 -5.41 -6.50 14.97
CA ALA C 65 -6.80 -6.39 15.44
C ALA C 65 -7.75 -7.19 14.53
N GLN C 66 -7.44 -7.20 13.23
CA GLN C 66 -8.25 -7.90 12.25
C GLN C 66 -7.77 -9.34 12.06
N ALA C 67 -6.55 -9.59 12.53
CA ALA C 67 -5.91 -10.89 12.42
C ALA C 67 -6.72 -11.97 13.15
N LYS A 16 -0.62 -14.02 -4.46
CA LYS A 16 -0.91 -13.44 -3.16
C LYS A 16 -0.32 -12.03 -3.05
N LEU A 17 -1.20 -11.05 -2.87
CA LEU A 17 -0.75 -9.65 -2.75
C LEU A 17 -0.95 -9.12 -1.34
N VAL A 18 -0.03 -8.26 -0.92
CA VAL A 18 -0.08 -7.65 0.41
C VAL A 18 0.35 -6.19 0.33
N PHE A 19 -0.43 -5.29 0.94
CA PHE A 19 -0.10 -3.87 0.94
C PHE A 19 0.66 -3.54 2.22
N PHE A 20 1.79 -2.89 2.04
CA PHE A 20 2.64 -2.53 3.16
C PHE A 20 3.23 -1.13 3.00
N ALA A 21 3.67 -0.56 4.12
CA ALA A 21 4.28 0.76 4.12
C ALA A 21 5.69 0.67 4.70
N GLU A 22 6.66 1.24 3.98
CA GLU A 22 8.05 1.22 4.41
C GLU A 22 8.44 2.60 4.96
N ASP A 23 8.98 2.63 6.18
CA ASP A 23 9.41 3.87 6.79
C ASP A 23 10.70 4.32 6.12
N VAL A 24 10.64 5.48 5.48
CA VAL A 24 11.79 6.02 4.74
C VAL A 24 12.20 7.40 5.24
N GLY A 25 11.36 8.02 6.07
CA GLY A 25 11.65 9.35 6.59
C GLY A 25 11.77 10.33 5.41
N SER A 26 12.91 11.03 5.35
CA SER A 26 13.17 11.97 4.25
C SER A 26 12.00 12.92 4.00
N ASN A 27 11.23 13.21 5.06
CA ASN A 27 10.06 14.08 4.98
C ASN A 27 8.95 13.45 4.13
N LYS A 28 9.19 12.21 3.68
CA LYS A 28 8.22 11.45 2.88
C LYS A 28 7.42 10.51 3.77
N GLY A 29 7.80 10.43 5.06
CA GLY A 29 7.14 9.55 6.00
C GLY A 29 7.43 8.10 5.63
N ALA A 30 6.48 7.47 4.95
CA ALA A 30 6.63 6.08 4.51
C ALA A 30 6.25 5.95 3.03
N ILE A 31 6.62 4.81 2.43
CA ILE A 31 6.32 4.54 1.02
C ILE A 31 5.39 3.34 0.89
N ILE A 32 4.37 3.49 0.04
CA ILE A 32 3.43 2.41 -0.19
C ILE A 32 4.01 1.47 -1.23
N GLY A 33 4.20 0.22 -0.79
CA GLY A 33 4.70 -0.84 -1.64
C GLY A 33 3.88 -2.08 -1.37
N LEU A 34 3.73 -2.92 -2.38
CA LEU A 34 2.94 -4.14 -2.22
C LEU A 34 3.73 -5.37 -2.64
N MET A 35 3.38 -6.46 -2.00
CA MET A 35 3.99 -7.77 -2.25
C MET A 35 3.20 -8.46 -3.34
N VAL A 36 3.87 -9.26 -4.16
CA VAL A 36 3.20 -9.97 -5.25
C VAL A 36 3.66 -11.43 -5.30
N GLY A 37 2.73 -12.36 -5.06
CA GLY A 37 3.03 -13.79 -5.11
C GLY A 37 3.77 -14.26 -3.87
N GLY A 38 3.42 -15.47 -3.40
CA GLY A 38 4.06 -16.07 -2.23
C GLY A 38 3.87 -15.22 -0.99
N VAL A 39 4.51 -15.66 0.10
CA VAL A 39 4.43 -14.97 1.38
C VAL A 39 5.81 -14.87 2.03
N VAL A 40 6.06 -13.76 2.73
CA VAL A 40 7.36 -13.55 3.41
C VAL A 40 7.30 -14.01 4.87
N GLY B 25 8.65 -14.03 -3.83
CA GLY B 25 7.62 -13.09 -4.26
C GLY B 25 8.21 -11.78 -4.78
N GLU B 26 7.56 -11.21 -5.80
CA GLU B 26 7.98 -9.93 -6.37
C GLU B 26 7.38 -8.81 -5.54
N ILE B 27 8.18 -7.79 -5.23
CA ILE B 27 7.70 -6.66 -4.42
C ILE B 27 7.71 -5.38 -5.25
N VAL B 28 6.53 -4.72 -5.28
CA VAL B 28 6.30 -3.50 -6.05
C VAL B 28 6.21 -2.25 -5.16
N TYR B 29 6.71 -1.13 -5.69
CA TYR B 29 6.66 0.16 -5.00
C TYR B 29 6.04 1.19 -5.94
N LEU B 30 4.97 1.87 -5.49
CA LEU B 30 4.30 2.90 -6.31
C LEU B 30 4.31 4.27 -5.58
N PRO B 31 5.47 4.77 -5.20
CA PRO B 31 5.58 6.10 -4.50
C PRO B 31 5.11 7.23 -5.41
N ASN B 32 5.05 6.94 -6.71
CA ASN B 32 4.66 7.92 -7.71
C ASN B 32 3.14 7.99 -7.88
N LEU B 33 2.40 7.13 -7.18
CA LEU B 33 0.94 7.11 -7.28
C LEU B 33 0.29 7.89 -6.13
N ASN B 34 -0.66 8.74 -6.48
CA ASN B 34 -1.38 9.56 -5.50
C ASN B 34 -2.35 8.67 -4.69
N PRO B 35 -2.85 9.15 -3.57
CA PRO B 35 -3.80 8.36 -2.72
C PRO B 35 -5.00 7.90 -3.54
N ASP B 36 -5.39 8.74 -4.50
CA ASP B 36 -6.51 8.41 -5.39
C ASP B 36 -6.12 7.22 -6.26
N GLN B 37 -4.94 7.30 -6.87
CA GLN B 37 -4.44 6.24 -7.72
C GLN B 37 -4.24 4.95 -6.93
N LEU B 38 -3.63 5.07 -5.74
CA LEU B 38 -3.40 3.88 -4.89
C LEU B 38 -4.74 3.29 -4.45
N CYS B 39 -5.67 4.16 -4.04
CA CYS B 39 -6.99 3.70 -3.60
C CYS B 39 -7.74 3.04 -4.76
N ALA B 40 -7.61 3.63 -5.96
CA ALA B 40 -8.27 3.09 -7.16
C ALA B 40 -7.72 1.69 -7.46
N PHE B 41 -6.40 1.58 -7.41
CA PHE B 41 -5.70 0.32 -7.67
C PHE B 41 -6.06 -0.70 -6.59
N ILE B 42 -5.93 -0.29 -5.33
CA ILE B 42 -6.22 -1.15 -4.18
C ILE B 42 -7.66 -1.67 -4.19
N HIS B 43 -8.61 -0.82 -4.59
CA HIS B 43 -10.02 -1.23 -4.61
C HIS B 43 -10.24 -2.34 -5.64
N SER B 44 -9.75 -2.10 -6.85
CA SER B 44 -9.89 -3.06 -7.95
C SER B 44 -9.03 -4.30 -7.72
N LEU B 45 -7.83 -4.09 -7.19
CA LEU B 45 -6.88 -5.19 -6.91
C LEU B 45 -7.52 -6.23 -5.98
N HIS B 46 -8.26 -5.73 -4.99
CA HIS B 46 -8.93 -6.59 -4.02
C HIS B 46 -10.26 -7.10 -4.56
N ASP B 47 -10.88 -6.34 -5.47
CA ASP B 47 -12.18 -6.71 -6.06
C ASP B 47 -12.13 -8.10 -6.70
N ASP B 48 -10.99 -8.41 -7.35
CA ASP B 48 -10.82 -9.72 -8.00
C ASP B 48 -9.33 -10.06 -8.13
N PRO B 49 -8.78 -10.80 -7.18
CA PRO B 49 -7.34 -11.19 -7.18
C PRO B 49 -6.91 -11.90 -8.48
N SER B 50 -7.89 -12.45 -9.20
CA SER B 50 -7.60 -13.15 -10.47
C SER B 50 -6.95 -12.18 -11.47
N GLN B 51 -7.41 -10.93 -11.43
CA GLN B 51 -6.90 -9.88 -12.32
C GLN B 51 -5.76 -9.09 -11.67
N SER B 52 -5.25 -9.58 -10.53
CA SER B 52 -4.17 -8.88 -9.81
C SER B 52 -2.96 -8.61 -10.71
N ALA B 53 -2.56 -9.60 -11.50
CA ALA B 53 -1.42 -9.44 -12.39
C ALA B 53 -1.71 -8.38 -13.45
N ASN B 54 -2.88 -8.46 -14.08
CA ASN B 54 -3.27 -7.51 -15.12
C ASN B 54 -3.39 -6.10 -14.53
N LEU B 55 -4.15 -5.99 -13.43
CA LEU B 55 -4.38 -4.70 -12.77
C LEU B 55 -3.04 -4.08 -12.35
N LEU B 56 -2.15 -4.90 -11.82
CA LEU B 56 -0.83 -4.44 -11.40
C LEU B 56 -0.05 -3.95 -12.61
N ALA B 57 -0.23 -4.60 -13.76
CA ALA B 57 0.45 -4.19 -14.98
C ALA B 57 0.08 -2.73 -15.27
N GLU B 58 -1.17 -2.39 -14.98
CA GLU B 58 -1.68 -1.03 -15.18
C GLU B 58 -1.08 -0.09 -14.16
N ALA B 59 -0.96 -0.57 -12.92
CA ALA B 59 -0.42 0.25 -11.85
C ALA B 59 1.04 0.51 -12.11
N LYS B 60 1.72 -0.48 -12.69
CA LYS B 60 3.13 -0.33 -13.00
C LYS B 60 3.27 0.67 -14.14
N LYS B 61 2.37 0.57 -15.12
CA LYS B 61 2.36 1.53 -16.21
C LYS B 61 2.06 2.91 -15.61
N LEU B 62 1.28 2.88 -14.50
CA LEU B 62 0.93 4.08 -13.76
C LEU B 62 2.18 4.60 -13.04
N ASN B 63 2.97 3.65 -12.50
CA ASN B 63 4.21 3.98 -11.80
C ASN B 63 5.11 4.78 -12.74
N ASP B 64 5.10 4.36 -14.01
CA ASP B 64 5.87 5.03 -15.05
C ASP B 64 5.12 6.28 -15.53
N ALA B 65 3.79 6.21 -15.48
CA ALA B 65 2.93 7.32 -15.92
C ALA B 65 3.07 8.55 -15.03
N GLN B 66 3.43 8.31 -13.75
CA GLN B 66 3.58 9.39 -12.78
C GLN B 66 5.00 9.43 -12.21
N ALA B 67 5.87 8.65 -12.85
CA ALA B 67 7.26 8.55 -12.46
C ALA B 67 7.96 9.91 -12.46
N GLY C 25 13.92 1.78 6.76
CA GLY C 25 13.29 1.95 8.07
C GLY C 25 12.38 0.78 8.39
N GLU C 26 11.48 0.99 9.36
CA GLU C 26 10.55 -0.04 9.78
C GLU C 26 9.53 -0.28 8.68
N ILE C 27 9.15 -1.54 8.52
CA ILE C 27 8.17 -1.92 7.52
C ILE C 27 6.93 -2.52 8.19
N VAL C 28 5.77 -2.24 7.60
CA VAL C 28 4.49 -2.69 8.13
C VAL C 28 3.65 -3.36 7.02
N TYR C 29 3.39 -4.67 7.16
CA TYR C 29 2.58 -5.41 6.17
C TYR C 29 1.14 -5.48 6.65
N LEU C 30 0.22 -5.22 5.71
CA LEU C 30 -1.21 -5.20 6.02
C LEU C 30 -2.01 -6.20 5.15
N PRO C 31 -2.03 -7.47 5.52
CA PRO C 31 -2.76 -8.53 4.76
C PRO C 31 -4.22 -8.69 5.19
N ASN C 32 -4.47 -8.68 6.51
CA ASN C 32 -5.82 -8.86 7.05
C ASN C 32 -6.61 -7.55 7.12
N LEU C 33 -6.03 -6.47 6.56
CA LEU C 33 -6.69 -5.16 6.55
C LEU C 33 -7.70 -5.09 5.38
N ASN C 34 -8.70 -4.21 5.50
CA ASN C 34 -9.70 -4.07 4.42
C ASN C 34 -9.33 -2.90 3.50
N PRO C 35 -9.66 -2.97 2.23
CA PRO C 35 -9.32 -1.88 1.25
C PRO C 35 -9.85 -0.52 1.69
N ASP C 36 -11.05 -0.52 2.28
CA ASP C 36 -11.63 0.73 2.76
C ASP C 36 -10.68 1.39 3.75
N GLN C 37 -10.05 0.53 4.57
CA GLN C 37 -9.08 0.98 5.55
C GLN C 37 -7.79 1.44 4.85
N LEU C 38 -7.37 0.71 3.80
CA LEU C 38 -6.15 1.06 3.06
C LEU C 38 -6.25 2.47 2.47
N CYS C 39 -7.41 2.81 1.87
CA CYS C 39 -7.59 4.13 1.29
C CYS C 39 -7.50 5.20 2.38
N ALA C 40 -8.11 4.91 3.54
CA ALA C 40 -8.07 5.83 4.68
C ALA C 40 -6.65 5.95 5.21
N PHE C 41 -5.96 4.80 5.22
CA PHE C 41 -4.58 4.71 5.70
C PHE C 41 -3.64 5.51 4.80
N ILE C 42 -3.69 5.21 3.51
CA ILE C 42 -2.83 5.88 2.53
C ILE C 42 -3.12 7.39 2.47
N HIS C 43 -4.39 7.76 2.60
CA HIS C 43 -4.77 9.17 2.56
C HIS C 43 -4.08 9.96 3.68
N SER C 44 -4.16 9.42 4.90
CA SER C 44 -3.54 10.06 6.06
C SER C 44 -2.01 9.91 6.00
N LEU C 45 -1.56 8.74 5.58
CA LEU C 45 -0.14 8.40 5.43
C LEU C 45 0.56 9.40 4.51
N HIS C 46 -0.10 9.71 3.39
CA HIS C 46 0.46 10.64 2.40
C HIS C 46 0.32 12.11 2.85
N ASP C 47 -0.92 12.51 3.20
CA ASP C 47 -1.19 13.90 3.62
C ASP C 47 -0.37 14.31 4.85
N ASP C 48 -0.18 13.37 5.79
CA ASP C 48 0.58 13.66 7.02
C ASP C 48 1.82 12.77 7.10
N PRO C 49 2.89 13.15 6.44
CA PRO C 49 4.16 12.37 6.44
C PRO C 49 4.76 12.22 7.84
N SER C 50 4.55 13.23 8.69
CA SER C 50 5.08 13.19 10.07
C SER C 50 4.29 12.18 10.92
N GLN C 51 3.01 11.97 10.57
CA GLN C 51 2.15 11.06 11.29
C GLN C 51 2.07 9.70 10.58
N SER C 52 2.71 9.60 9.40
CA SER C 52 2.70 8.34 8.63
C SER C 52 3.21 7.19 9.50
N ALA C 53 4.25 7.48 10.27
CA ALA C 53 4.84 6.50 11.18
C ALA C 53 3.80 6.10 12.24
N ASN C 54 3.12 7.10 12.80
CA ASN C 54 2.07 6.84 13.80
C ASN C 54 0.96 6.01 13.18
N LEU C 55 0.63 6.33 11.94
CA LEU C 55 -0.40 5.61 11.21
C LEU C 55 0.03 4.17 10.99
N LEU C 56 1.35 3.96 10.83
CA LEU C 56 1.89 2.62 10.63
C LEU C 56 1.60 1.75 11.85
N ALA C 57 1.69 2.36 13.04
CA ALA C 57 1.43 1.65 14.28
C ALA C 57 -0.03 1.19 14.35
N GLU C 58 -0.96 2.12 14.13
CA GLU C 58 -2.39 1.79 14.18
C GLU C 58 -2.78 0.89 13.01
N ALA C 59 -2.24 1.21 11.82
CA ALA C 59 -2.53 0.42 10.61
C ALA C 59 -2.07 -1.01 10.84
N LYS C 60 -0.87 -1.13 11.39
CA LYS C 60 -0.31 -2.44 11.71
C LYS C 60 -1.17 -3.10 12.80
N LYS C 61 -1.65 -2.27 13.75
CA LYS C 61 -2.49 -2.76 14.84
C LYS C 61 -3.79 -3.33 14.26
N LEU C 62 -4.33 -2.69 13.23
CA LEU C 62 -5.55 -3.18 12.58
C LEU C 62 -5.31 -4.54 11.97
N ASN C 63 -4.13 -4.71 11.38
CA ASN C 63 -3.79 -5.99 10.77
C ASN C 63 -3.90 -7.08 11.86
N ASP C 64 -3.53 -6.70 13.09
CA ASP C 64 -3.61 -7.59 14.25
C ASP C 64 -5.06 -7.67 14.77
N ALA C 65 -5.75 -6.52 14.74
CA ALA C 65 -7.14 -6.42 15.20
C ALA C 65 -8.11 -7.15 14.26
N GLN C 66 -7.79 -7.13 12.96
CA GLN C 66 -8.61 -7.77 11.94
C GLN C 66 -8.13 -9.19 11.66
N ALA C 67 -6.96 -9.51 12.22
CA ALA C 67 -6.34 -10.81 12.05
C ALA C 67 -7.23 -11.94 12.59
N LYS A 16 -1.54 -14.37 -3.70
CA LYS A 16 -1.73 -13.54 -2.54
C LYS A 16 -0.89 -12.26 -2.60
N LEU A 17 -1.58 -11.11 -2.53
CA LEU A 17 -0.93 -9.80 -2.54
C LEU A 17 -1.02 -9.18 -1.14
N VAL A 18 -0.01 -8.37 -0.78
CA VAL A 18 0.02 -7.73 0.54
C VAL A 18 0.45 -6.28 0.41
N PHE A 19 -0.26 -5.38 1.09
CA PHE A 19 0.07 -3.96 1.08
C PHE A 19 0.83 -3.63 2.35
N PHE A 20 2.01 -3.06 2.18
CA PHE A 20 2.85 -2.68 3.33
C PHE A 20 3.42 -1.28 3.15
N ALA A 21 3.74 -0.64 4.27
CA ALA A 21 4.31 0.70 4.23
C ALA A 21 5.73 0.67 4.78
N GLU A 22 6.66 1.28 4.04
CA GLU A 22 8.05 1.34 4.42
C GLU A 22 8.36 2.68 5.05
N ASP A 23 8.94 2.67 6.25
CA ASP A 23 9.29 3.91 6.93
C ASP A 23 10.57 4.46 6.30
N VAL A 24 10.42 5.59 5.62
CA VAL A 24 11.55 6.22 4.91
C VAL A 24 11.86 7.61 5.45
N GLY A 25 11.07 8.06 6.43
CA GLY A 25 11.25 9.39 7.01
C GLY A 25 10.98 10.43 5.95
N SER A 26 11.81 11.49 5.92
CA SER A 26 11.69 12.56 4.93
C SER A 26 10.27 13.16 4.93
N ASN A 27 9.99 14.00 3.92
CA ASN A 27 8.66 14.61 3.79
C ASN A 27 7.70 13.59 3.17
N LYS A 28 8.23 12.40 2.88
CA LYS A 28 7.48 11.31 2.29
C LYS A 28 6.82 10.44 3.36
N GLY A 29 7.29 10.58 4.61
CA GLY A 29 6.76 9.76 5.72
C GLY A 29 7.13 8.31 5.47
N ALA A 30 6.18 7.57 4.85
CA ALA A 30 6.40 6.17 4.50
C ALA A 30 6.07 5.96 3.01
N ILE A 31 6.54 4.84 2.46
CA ILE A 31 6.30 4.50 1.05
C ILE A 31 5.37 3.30 0.94
N ILE A 32 4.38 3.42 0.07
CA ILE A 32 3.45 2.32 -0.15
C ILE A 32 4.05 1.34 -1.16
N GLY A 33 4.31 0.14 -0.66
CA GLY A 33 4.85 -0.94 -1.47
C GLY A 33 4.05 -2.19 -1.17
N LEU A 34 3.84 -3.01 -2.18
CA LEU A 34 3.07 -4.25 -2.01
C LEU A 34 3.88 -5.45 -2.46
N MET A 35 3.50 -6.59 -1.91
CA MET A 35 4.14 -7.86 -2.25
C MET A 35 3.21 -8.66 -3.15
N VAL A 36 3.80 -9.40 -4.09
CA VAL A 36 3.03 -10.21 -5.03
C VAL A 36 3.37 -11.69 -4.86
N GLY A 37 2.34 -12.51 -4.63
CA GLY A 37 2.54 -13.96 -4.47
C GLY A 37 2.67 -14.38 -3.01
N GLY A 38 2.32 -15.66 -2.75
CA GLY A 38 2.39 -16.29 -1.42
C GLY A 38 3.35 -15.61 -0.44
N VAL A 39 4.65 -15.83 -0.63
CA VAL A 39 5.65 -15.23 0.24
C VAL A 39 6.89 -14.79 -0.55
N VAL A 40 7.52 -13.70 -0.11
CA VAL A 40 8.71 -13.17 -0.78
C VAL A 40 9.84 -14.22 -0.82
N GLY B 25 8.07 -14.40 -4.12
CA GLY B 25 7.16 -13.31 -4.46
C GLY B 25 7.89 -12.07 -4.99
N GLU B 26 7.18 -11.32 -5.83
CA GLU B 26 7.71 -10.08 -6.41
C GLU B 26 7.17 -8.89 -5.61
N ILE B 27 8.05 -7.98 -5.20
CA ILE B 27 7.63 -6.82 -4.41
C ILE B 27 7.65 -5.54 -5.25
N VAL B 28 6.51 -4.86 -5.25
CA VAL B 28 6.28 -3.61 -6.01
C VAL B 28 6.20 -2.39 -5.09
N TYR B 29 6.72 -1.27 -5.59
CA TYR B 29 6.68 0.02 -4.87
C TYR B 29 6.00 1.05 -5.77
N LEU B 30 4.95 1.72 -5.24
CA LEU B 30 4.23 2.74 -6.01
C LEU B 30 4.24 4.10 -5.28
N PRO B 31 5.42 4.65 -5.02
CA PRO B 31 5.57 5.98 -4.34
C PRO B 31 5.15 7.12 -5.25
N ASN B 32 5.16 6.83 -6.55
CA ASN B 32 4.80 7.82 -7.57
C ASN B 32 3.30 7.92 -7.77
N LEU B 33 2.52 7.06 -7.08
CA LEU B 33 1.07 7.08 -7.21
C LEU B 33 0.45 7.86 -6.06
N ASN B 34 -0.56 8.67 -6.39
CA ASN B 34 -1.26 9.47 -5.38
C ASN B 34 -2.32 8.60 -4.67
N PRO B 35 -2.82 9.02 -3.53
CA PRO B 35 -3.82 8.22 -2.75
C PRO B 35 -5.03 7.80 -3.60
N ASP B 36 -5.43 8.66 -4.54
CA ASP B 36 -6.56 8.34 -5.42
C ASP B 36 -6.21 7.14 -6.29
N GLN B 37 -5.00 7.18 -6.87
CA GLN B 37 -4.52 6.12 -7.73
C GLN B 37 -4.30 4.83 -6.95
N LEU B 38 -3.66 4.92 -5.78
CA LEU B 38 -3.41 3.74 -4.95
C LEU B 38 -4.74 3.14 -4.49
N CYS B 39 -5.70 4.02 -4.14
CA CYS B 39 -7.02 3.59 -3.71
C CYS B 39 -7.76 2.92 -4.86
N ALA B 40 -7.63 3.50 -6.06
CA ALA B 40 -8.26 2.97 -7.27
C ALA B 40 -7.71 1.59 -7.57
N PHE B 41 -6.38 1.48 -7.48
CA PHE B 41 -5.68 0.24 -7.72
C PHE B 41 -6.05 -0.81 -6.66
N ILE B 42 -6.00 -0.40 -5.39
CA ILE B 42 -6.33 -1.28 -4.26
C ILE B 42 -7.78 -1.78 -4.31
N HIS B 43 -8.70 -0.95 -4.79
CA HIS B 43 -10.11 -1.36 -4.86
C HIS B 43 -10.24 -2.42 -5.95
N SER B 44 -9.70 -2.12 -7.11
CA SER B 44 -9.72 -3.03 -8.25
C SER B 44 -8.98 -4.32 -7.92
N LEU B 45 -7.81 -4.15 -7.29
CA LEU B 45 -6.96 -5.28 -6.89
C LEU B 45 -7.72 -6.23 -5.97
N HIS B 46 -8.49 -5.65 -5.05
CA HIS B 46 -9.28 -6.43 -4.10
C HIS B 46 -10.51 -7.06 -4.77
N ASP B 47 -11.25 -6.25 -5.54
CA ASP B 47 -12.47 -6.72 -6.21
C ASP B 47 -12.20 -7.88 -7.16
N ASP B 48 -11.07 -7.83 -7.88
CA ASP B 48 -10.73 -8.87 -8.85
C ASP B 48 -9.34 -9.47 -8.54
N PRO B 49 -9.25 -10.42 -7.62
CA PRO B 49 -7.96 -11.06 -7.25
C PRO B 49 -7.36 -11.88 -8.39
N SER B 50 -8.23 -12.48 -9.21
CA SER B 50 -7.79 -13.29 -10.35
C SER B 50 -6.98 -12.45 -11.34
N GLN B 51 -7.37 -11.18 -11.48
CA GLN B 51 -6.69 -10.26 -12.39
C GLN B 51 -5.58 -9.48 -11.68
N SER B 52 -5.20 -9.93 -10.48
CA SER B 52 -4.17 -9.26 -9.69
C SER B 52 -2.92 -8.90 -10.51
N ALA B 53 -2.45 -9.85 -11.34
CA ALA B 53 -1.27 -9.60 -12.15
C ALA B 53 -1.53 -8.53 -13.21
N ASN B 54 -2.65 -8.66 -13.92
CA ASN B 54 -3.01 -7.69 -14.97
C ASN B 54 -3.23 -6.31 -14.38
N LEU B 55 -3.99 -6.26 -13.28
CA LEU B 55 -4.29 -4.99 -12.61
C LEU B 55 -3.02 -4.30 -12.14
N LEU B 56 -2.07 -5.11 -11.63
CA LEU B 56 -0.80 -4.56 -11.17
C LEU B 56 -0.05 -3.96 -12.35
N ALA B 57 -0.06 -4.69 -13.48
CA ALA B 57 0.63 -4.22 -14.69
C ALA B 57 0.20 -2.79 -15.00
N GLU B 58 -1.07 -2.48 -14.77
CA GLU B 58 -1.59 -1.14 -15.00
C GLU B 58 -0.97 -0.16 -14.03
N ALA B 59 -0.82 -0.62 -12.79
CA ALA B 59 -0.27 0.22 -11.75
C ALA B 59 1.21 0.46 -12.03
N LYS B 60 1.87 -0.56 -12.60
CA LYS B 60 3.29 -0.43 -12.92
C LYS B 60 3.43 0.62 -14.01
N LYS B 61 2.54 0.52 -15.01
CA LYS B 61 2.49 1.52 -16.08
C LYS B 61 2.25 2.88 -15.46
N LEU B 62 1.44 2.88 -14.39
CA LEU B 62 1.12 4.09 -13.63
C LEU B 62 2.38 4.59 -12.93
N ASN B 63 3.17 3.62 -12.39
CA ASN B 63 4.41 3.94 -11.69
C ASN B 63 5.32 4.73 -12.63
N ASP B 64 5.29 4.33 -13.91
CA ASP B 64 6.06 5.00 -14.95
C ASP B 64 5.32 6.27 -15.42
N ALA B 65 3.98 6.21 -15.37
CA ALA B 65 3.13 7.34 -15.80
C ALA B 65 3.26 8.55 -14.88
N GLN B 66 3.54 8.29 -13.59
CA GLN B 66 3.66 9.36 -12.59
C GLN B 66 5.07 9.41 -12.02
N ALA B 67 5.96 8.65 -12.66
CA ALA B 67 7.34 8.55 -12.25
C ALA B 67 8.03 9.92 -12.25
N GLY C 25 13.78 2.01 6.42
CA GLY C 25 13.48 2.02 7.85
C GLY C 25 12.61 0.83 8.23
N GLU C 26 11.70 1.06 9.18
CA GLU C 26 10.79 0.03 9.64
C GLU C 26 9.73 -0.23 8.60
N ILE C 27 9.36 -1.49 8.45
CA ILE C 27 8.33 -1.89 7.50
C ILE C 27 7.14 -2.48 8.23
N VAL C 28 5.94 -2.16 7.72
CA VAL C 28 4.68 -2.63 8.30
C VAL C 28 3.85 -3.33 7.22
N TYR C 29 3.57 -4.63 7.43
CA TYR C 29 2.76 -5.40 6.47
C TYR C 29 1.30 -5.38 6.88
N LEU C 30 0.43 -5.16 5.89
CA LEU C 30 -1.02 -5.07 6.11
C LEU C 30 -1.79 -6.10 5.27
N PRO C 31 -1.81 -7.35 5.68
CA PRO C 31 -2.53 -8.44 4.95
C PRO C 31 -4.04 -8.48 5.23
N ASN C 32 -4.41 -8.49 6.52
CA ASN C 32 -5.82 -8.54 6.94
C ASN C 32 -6.49 -7.16 6.92
N LEU C 33 -5.78 -6.16 6.38
CA LEU C 33 -6.30 -4.79 6.30
C LEU C 33 -7.37 -4.72 5.20
N ASN C 34 -8.47 -3.99 5.46
CA ASN C 34 -9.55 -3.87 4.47
C ASN C 34 -9.13 -2.87 3.39
N PRO C 35 -9.56 -3.03 2.16
CA PRO C 35 -9.17 -2.10 1.07
C PRO C 35 -9.70 -0.69 1.31
N ASP C 36 -10.97 -0.60 1.74
CA ASP C 36 -11.56 0.70 2.06
C ASP C 36 -10.76 1.34 3.19
N GLN C 37 -10.33 0.48 4.10
CA GLN C 37 -9.52 0.90 5.23
C GLN C 37 -8.12 1.32 4.74
N LEU C 38 -7.59 0.60 3.74
CA LEU C 38 -6.28 0.94 3.17
C LEU C 38 -6.30 2.33 2.54
N CYS C 39 -7.39 2.65 1.83
CA CYS C 39 -7.51 3.97 1.19
C CYS C 39 -7.38 5.07 2.25
N ALA C 40 -7.99 4.82 3.41
CA ALA C 40 -7.92 5.76 4.52
C ALA C 40 -6.49 5.82 5.06
N PHE C 41 -5.85 4.66 5.13
CA PHE C 41 -4.47 4.56 5.61
C PHE C 41 -3.53 5.34 4.69
N ILE C 42 -3.58 5.05 3.39
CA ILE C 42 -2.74 5.72 2.42
C ILE C 42 -2.99 7.24 2.43
N HIS C 43 -4.27 7.62 2.56
CA HIS C 43 -4.63 9.03 2.60
C HIS C 43 -3.98 9.70 3.81
N SER C 44 -4.06 9.05 4.98
CA SER C 44 -3.48 9.60 6.20
C SER C 44 -1.95 9.74 6.08
N LEU C 45 -1.29 8.76 5.42
CA LEU C 45 0.18 8.82 5.24
C LEU C 45 0.56 10.08 4.47
N HIS C 46 -0.20 10.35 3.40
CA HIS C 46 0.04 11.53 2.56
C HIS C 46 -0.36 12.82 3.31
N ASP C 47 -1.50 12.75 4.01
CA ASP C 47 -2.00 13.91 4.75
C ASP C 47 -0.99 14.38 5.79
N ASP C 48 -0.33 13.42 6.46
CA ASP C 48 0.68 13.74 7.46
C ASP C 48 1.89 12.80 7.32
N PRO C 49 2.99 13.27 6.76
CA PRO C 49 4.21 12.43 6.55
C PRO C 49 4.93 12.10 7.88
N SER C 50 5.10 13.11 8.72
CA SER C 50 5.78 12.93 10.00
C SER C 50 5.03 11.93 10.89
N GLN C 51 3.70 11.91 10.75
CA GLN C 51 2.85 11.03 11.53
C GLN C 51 2.65 9.67 10.82
N SER C 52 3.28 9.49 9.64
CA SER C 52 3.15 8.23 8.89
C SER C 52 3.62 7.05 9.74
N ALA C 53 4.67 7.30 10.54
CA ALA C 53 5.21 6.29 11.44
C ALA C 53 4.15 5.92 12.48
N ASN C 54 3.47 6.95 13.02
CA ASN C 54 2.41 6.74 14.00
C ASN C 54 1.26 5.97 13.35
N LEU C 55 0.94 6.35 12.11
CA LEU C 55 -0.11 5.68 11.35
C LEU C 55 0.27 4.22 11.11
N LEU C 56 1.57 3.99 10.96
CA LEU C 56 2.09 2.64 10.74
C LEU C 56 1.80 1.77 11.97
N ALA C 57 1.94 2.37 13.15
CA ALA C 57 1.70 1.65 14.39
C ALA C 57 0.24 1.22 14.49
N GLU C 58 -0.68 2.16 14.24
CA GLU C 58 -2.11 1.85 14.29
C GLU C 58 -2.51 0.93 13.14
N ALA C 59 -1.98 1.21 11.93
CA ALA C 59 -2.28 0.40 10.75
C ALA C 59 -1.82 -1.02 10.98
N LYS C 60 -0.62 -1.16 11.52
CA LYS C 60 -0.07 -2.45 11.85
C LYS C 60 -0.93 -3.10 12.93
N LYS C 61 -1.41 -2.27 13.88
CA LYS C 61 -2.29 -2.75 14.95
C LYS C 61 -3.63 -3.12 14.35
N LEU C 62 -4.00 -2.39 13.31
CA LEU C 62 -5.24 -2.59 12.60
C LEU C 62 -5.24 -3.97 11.96
N ASN C 63 -4.06 -4.37 11.46
CA ASN C 63 -3.87 -5.68 10.85
C ASN C 63 -4.20 -6.74 11.91
N ASP C 64 -3.75 -6.47 13.15
CA ASP C 64 -4.00 -7.36 14.29
C ASP C 64 -5.47 -7.26 14.73
N ALA C 65 -6.03 -6.04 14.62
CA ALA C 65 -7.42 -5.79 15.01
C ALA C 65 -8.42 -6.44 14.06
N GLN C 66 -8.06 -6.52 12.78
CA GLN C 66 -8.93 -7.10 11.74
C GLN C 66 -8.53 -8.55 11.45
N ALA C 67 -7.45 -8.99 12.09
CA ALA C 67 -6.93 -10.33 11.91
C ALA C 67 -7.94 -11.40 12.32
N LYS A 16 -1.34 -13.74 -4.12
CA LYS A 16 -1.38 -13.12 -2.81
C LYS A 16 -0.83 -11.69 -2.84
N LEU A 17 -1.74 -10.70 -2.77
CA LEU A 17 -1.35 -9.28 -2.77
C LEU A 17 -1.35 -8.73 -1.35
N VAL A 18 -0.28 -8.03 -0.99
CA VAL A 18 -0.16 -7.43 0.34
C VAL A 18 0.28 -5.97 0.21
N PHE A 19 -0.36 -5.08 0.95
CA PHE A 19 0.00 -3.66 0.92
C PHE A 19 0.78 -3.33 2.18
N PHE A 20 1.96 -2.77 2.00
CA PHE A 20 2.82 -2.40 3.12
C PHE A 20 3.45 -1.02 2.92
N ALA A 21 3.80 -0.39 4.04
CA ALA A 21 4.42 0.92 3.99
C ALA A 21 5.87 0.80 4.49
N GLU A 22 6.80 1.47 3.80
CA GLU A 22 8.21 1.41 4.16
C GLU A 22 8.64 2.73 4.78
N ASP A 23 9.08 2.68 6.05
CA ASP A 23 9.55 3.89 6.72
C ASP A 23 10.86 4.29 6.06
N VAL A 24 10.93 5.55 5.68
CA VAL A 24 12.09 6.07 4.96
C VAL A 24 12.85 7.14 5.77
N GLY A 25 12.40 7.39 7.00
CA GLY A 25 13.04 8.37 7.89
C GLY A 25 12.84 9.82 7.44
N SER A 26 13.03 10.07 6.14
CA SER A 26 12.89 11.42 5.59
C SER A 26 11.50 12.01 5.88
N ASN A 27 11.36 13.31 5.67
CA ASN A 27 10.10 14.02 5.89
C ASN A 27 8.96 13.34 5.13
N LYS A 28 9.32 12.63 4.08
CA LYS A 28 8.38 11.89 3.24
C LYS A 28 7.53 10.92 4.07
N GLY A 29 8.09 10.45 5.19
CA GLY A 29 7.39 9.52 6.07
C GLY A 29 7.65 8.07 5.65
N ALA A 30 6.70 7.49 4.91
CA ALA A 30 6.83 6.11 4.44
C ALA A 30 6.42 6.02 2.96
N ILE A 31 6.72 4.86 2.33
CA ILE A 31 6.39 4.64 0.92
C ILE A 31 5.41 3.48 0.80
N ILE A 32 4.41 3.65 -0.06
CA ILE A 32 3.44 2.59 -0.29
C ILE A 32 3.99 1.61 -1.32
N GLY A 33 4.16 0.37 -0.89
CA GLY A 33 4.64 -0.70 -1.75
C GLY A 33 3.87 -1.96 -1.44
N LEU A 34 3.70 -2.83 -2.42
CA LEU A 34 2.95 -4.06 -2.21
C LEU A 34 3.75 -5.29 -2.63
N MET A 35 3.36 -6.41 -2.06
CA MET A 35 3.99 -7.71 -2.35
C MET A 35 3.06 -8.56 -3.20
N VAL A 36 3.65 -9.32 -4.13
CA VAL A 36 2.89 -10.16 -5.05
C VAL A 36 3.29 -11.63 -4.93
N GLY A 37 2.29 -12.53 -4.79
CA GLY A 37 2.55 -13.97 -4.68
C GLY A 37 3.51 -14.28 -3.54
N GLY A 38 3.41 -13.48 -2.48
CA GLY A 38 4.25 -13.64 -1.30
C GLY A 38 3.64 -14.57 -0.29
N VAL A 39 4.27 -14.60 0.88
CA VAL A 39 3.83 -15.44 1.98
C VAL A 39 3.90 -14.65 3.30
N VAL A 40 2.83 -14.74 4.10
CA VAL A 40 2.76 -14.03 5.39
C VAL A 40 1.94 -14.85 6.39
N GLY B 25 8.92 -13.39 -3.50
CA GLY B 25 7.94 -12.96 -4.50
C GLY B 25 8.31 -11.62 -5.12
N GLU B 26 7.48 -11.15 -6.05
CA GLU B 26 7.70 -9.86 -6.71
C GLU B 26 7.14 -8.75 -5.82
N ILE B 27 7.97 -7.74 -5.56
CA ILE B 27 7.56 -6.62 -4.73
C ILE B 27 7.49 -5.34 -5.56
N VAL B 28 6.32 -4.69 -5.51
CA VAL B 28 6.06 -3.47 -6.28
C VAL B 28 5.99 -2.23 -5.38
N TYR B 29 6.47 -1.10 -5.92
CA TYR B 29 6.44 0.19 -5.21
C TYR B 29 5.75 1.23 -6.10
N LEU B 30 4.75 1.92 -5.54
CA LEU B 30 4.01 2.95 -6.29
C LEU B 30 4.09 4.31 -5.57
N PRO B 31 5.28 4.85 -5.40
CA PRO B 31 5.49 6.18 -4.73
C PRO B 31 5.02 7.34 -5.59
N ASN B 32 4.96 7.08 -6.89
CA ASN B 32 4.56 8.09 -7.87
C ASN B 32 3.05 8.17 -8.05
N LEU B 33 2.29 7.34 -7.32
CA LEU B 33 0.83 7.32 -7.45
C LEU B 33 0.18 8.11 -6.32
N ASN B 34 -0.81 8.92 -6.70
CA ASN B 34 -1.55 9.75 -5.74
C ASN B 34 -2.52 8.86 -4.95
N PRO B 35 -3.04 9.33 -3.82
CA PRO B 35 -4.00 8.52 -3.00
C PRO B 35 -5.18 8.03 -3.83
N ASP B 36 -5.59 8.84 -4.81
CA ASP B 36 -6.68 8.49 -5.70
C ASP B 36 -6.30 7.26 -6.52
N GLN B 37 -5.08 7.31 -7.07
CA GLN B 37 -4.56 6.23 -7.90
C GLN B 37 -4.36 4.96 -7.07
N LEU B 38 -3.74 5.10 -5.89
CA LEU B 38 -3.49 3.95 -5.01
C LEU B 38 -4.82 3.35 -4.55
N CYS B 39 -5.76 4.22 -4.15
CA CYS B 39 -7.08 3.77 -3.71
C CYS B 39 -7.82 3.08 -4.86
N ALA B 40 -7.76 3.69 -6.04
CA ALA B 40 -8.43 3.14 -7.23
C ALA B 40 -7.86 1.77 -7.57
N PHE B 41 -6.53 1.68 -7.55
CA PHE B 41 -5.83 0.43 -7.85
C PHE B 41 -6.14 -0.64 -6.79
N ILE B 42 -6.02 -0.25 -5.52
CA ILE B 42 -6.28 -1.15 -4.39
C ILE B 42 -7.72 -1.68 -4.42
N HIS B 43 -8.66 -0.88 -4.91
CA HIS B 43 -10.06 -1.32 -4.98
C HIS B 43 -10.18 -2.47 -5.99
N SER B 44 -9.63 -2.26 -7.18
CA SER B 44 -9.67 -3.25 -8.26
C SER B 44 -8.83 -4.49 -7.91
N LEU B 45 -7.62 -4.24 -7.39
CA LEU B 45 -6.68 -5.30 -7.00
C LEU B 45 -7.33 -6.29 -6.04
N HIS B 46 -8.15 -5.75 -5.14
CA HIS B 46 -8.87 -6.57 -4.16
C HIS B 46 -10.14 -7.16 -4.77
N ASP B 47 -10.79 -6.39 -5.65
CA ASP B 47 -12.03 -6.82 -6.30
C ASP B 47 -11.84 -8.11 -7.12
N ASP B 48 -10.73 -8.19 -7.86
CA ASP B 48 -10.46 -9.37 -8.70
C ASP B 48 -8.99 -9.83 -8.56
N PRO B 49 -8.69 -10.59 -7.51
CA PRO B 49 -7.31 -11.10 -7.27
C PRO B 49 -6.80 -11.98 -8.40
N SER B 50 -7.73 -12.64 -9.11
CA SER B 50 -7.36 -13.51 -10.23
C SER B 50 -6.63 -12.71 -11.32
N GLN B 51 -7.09 -11.46 -11.52
CA GLN B 51 -6.49 -10.56 -12.52
C GLN B 51 -5.45 -9.65 -11.86
N SER B 52 -5.10 -9.92 -10.60
CA SER B 52 -4.14 -9.10 -9.88
C SER B 52 -2.87 -8.80 -10.69
N ALA B 53 -2.40 -9.78 -11.46
CA ALA B 53 -1.19 -9.57 -12.26
C ALA B 53 -1.45 -8.54 -13.37
N ASN B 54 -2.55 -8.74 -14.10
CA ASN B 54 -2.93 -7.82 -15.18
C ASN B 54 -3.21 -6.44 -14.61
N LEU B 55 -3.94 -6.42 -13.50
CA LEU B 55 -4.29 -5.17 -12.83
C LEU B 55 -3.02 -4.46 -12.36
N LEU B 56 -2.05 -5.23 -11.86
CA LEU B 56 -0.80 -4.64 -11.40
C LEU B 56 -0.06 -4.04 -12.57
N ALA B 57 -0.13 -4.70 -13.74
CA ALA B 57 0.54 -4.20 -14.94
C ALA B 57 0.09 -2.77 -15.23
N GLU B 58 -1.19 -2.52 -14.96
CA GLU B 58 -1.77 -1.19 -15.16
C GLU B 58 -1.18 -0.21 -14.17
N ALA B 59 -1.04 -0.68 -12.93
CA ALA B 59 -0.50 0.17 -11.88
C ALA B 59 0.98 0.40 -12.12
N LYS B 60 1.65 -0.62 -12.69
CA LYS B 60 3.06 -0.51 -13.00
C LYS B 60 3.22 0.51 -14.11
N LYS B 61 2.34 0.43 -15.11
CA LYS B 61 2.34 1.39 -16.20
C LYS B 61 2.02 2.77 -15.62
N LEU B 62 1.18 2.76 -14.58
CA LEU B 62 0.80 3.97 -13.87
C LEU B 62 2.03 4.52 -13.15
N ASN B 63 2.83 3.59 -12.59
CA ASN B 63 4.06 3.94 -11.88
C ASN B 63 4.95 4.75 -12.82
N ASP B 64 4.99 4.31 -14.08
CA ASP B 64 5.76 5.00 -15.13
C ASP B 64 4.98 6.22 -15.65
N ALA B 65 3.65 6.15 -15.57
CA ALA B 65 2.78 7.22 -16.05
C ALA B 65 2.90 8.47 -15.18
N GLN B 66 3.31 8.29 -13.93
CA GLN B 66 3.46 9.41 -12.99
C GLN B 66 4.89 9.46 -12.45
N ALA B 67 5.74 8.63 -13.04
CA ALA B 67 7.14 8.53 -12.68
C ALA B 67 7.84 9.89 -12.72
N GLY C 25 14.13 1.97 6.51
CA GLY C 25 13.48 2.09 7.82
C GLY C 25 12.61 0.89 8.14
N GLU C 26 11.75 1.06 9.13
CA GLU C 26 10.84 0.00 9.54
C GLU C 26 9.79 -0.22 8.48
N ILE C 27 9.40 -1.48 8.32
CA ILE C 27 8.37 -1.83 7.35
C ILE C 27 7.14 -2.41 8.06
N VAL C 28 5.97 -2.04 7.54
CA VAL C 28 4.69 -2.49 8.09
C VAL C 28 3.84 -3.15 7.01
N TYR C 29 3.55 -4.44 7.18
CA TYR C 29 2.74 -5.19 6.22
C TYR C 29 1.29 -5.24 6.66
N LEU C 30 0.38 -5.00 5.70
CA LEU C 30 -1.07 -4.99 5.96
C LEU C 30 -1.79 -6.03 5.10
N PRO C 31 -1.64 -7.32 5.41
CA PRO C 31 -2.29 -8.43 4.66
C PRO C 31 -3.77 -8.64 5.03
N ASN C 32 -4.04 -8.75 6.34
CA ASN C 32 -5.42 -8.98 6.81
C ASN C 32 -6.24 -7.68 6.90
N LEU C 33 -5.63 -6.57 6.48
CA LEU C 33 -6.32 -5.27 6.49
C LEU C 33 -7.33 -5.22 5.34
N ASN C 34 -8.41 -4.44 5.50
CA ASN C 34 -9.41 -4.33 4.44
C ASN C 34 -9.09 -3.12 3.55
N PRO C 35 -9.45 -3.16 2.28
CA PRO C 35 -9.15 -2.05 1.33
C PRO C 35 -9.65 -0.70 1.84
N ASP C 36 -10.80 -0.70 2.54
CA ASP C 36 -11.35 0.54 3.09
C ASP C 36 -10.32 1.16 4.03
N GLN C 37 -9.70 0.30 4.84
CA GLN C 37 -8.67 0.72 5.77
C GLN C 37 -7.42 1.18 5.00
N LEU C 38 -7.08 0.48 3.90
CA LEU C 38 -5.91 0.84 3.09
C LEU C 38 -6.10 2.23 2.49
N CYS C 39 -7.28 2.48 1.92
CA CYS C 39 -7.57 3.78 1.30
C CYS C 39 -7.46 4.89 2.34
N ALA C 40 -8.09 4.67 3.50
CA ALA C 40 -8.05 5.63 4.60
C ALA C 40 -6.61 5.79 5.09
N PHE C 41 -5.90 4.67 5.15
CA PHE C 41 -4.51 4.65 5.61
C PHE C 41 -3.63 5.47 4.68
N ILE C 42 -3.68 5.14 3.38
CA ILE C 42 -2.88 5.85 2.39
C ILE C 42 -3.23 7.34 2.38
N HIS C 43 -4.50 7.66 2.59
CA HIS C 43 -4.95 9.06 2.62
C HIS C 43 -4.26 9.77 3.79
N SER C 44 -4.19 9.08 4.93
CA SER C 44 -3.55 9.63 6.14
C SER C 44 -2.05 9.87 5.92
N LEU C 45 -1.37 8.91 5.24
CA LEU C 45 0.08 9.04 4.97
C LEU C 45 0.35 10.33 4.18
N HIS C 46 -0.56 10.66 3.26
CA HIS C 46 -0.42 11.84 2.41
C HIS C 46 -0.88 13.12 3.13
N ASP C 47 -1.95 13.02 3.95
CA ASP C 47 -2.46 14.18 4.68
C ASP C 47 -1.39 14.79 5.59
N ASP C 48 -0.59 13.93 6.21
CA ASP C 48 0.47 14.37 7.12
C ASP C 48 1.63 13.37 7.09
N PRO C 49 2.64 13.63 6.29
CA PRO C 49 3.83 12.73 6.15
C PRO C 49 4.45 12.33 7.50
N SER C 50 4.52 13.27 8.44
CA SER C 50 5.10 12.99 9.76
C SER C 50 4.30 11.92 10.51
N GLN C 51 2.97 11.98 10.36
CA GLN C 51 2.08 11.02 11.03
C GLN C 51 2.24 9.61 10.49
N SER C 52 2.81 9.45 9.28
CA SER C 52 2.96 8.13 8.66
C SER C 52 3.53 7.09 9.63
N ALA C 53 4.51 7.51 10.42
CA ALA C 53 5.15 6.62 11.41
C ALA C 53 4.12 6.15 12.44
N ASN C 54 3.39 7.10 13.04
CA ASN C 54 2.36 6.75 14.04
C ASN C 54 1.26 5.93 13.39
N LEU C 55 0.87 6.35 12.17
CA LEU C 55 -0.16 5.66 11.41
C LEU C 55 0.26 4.23 11.12
N LEU C 56 1.58 4.05 10.91
CA LEU C 56 2.14 2.73 10.64
C LEU C 56 1.88 1.81 11.83
N ALA C 57 1.96 2.36 13.04
CA ALA C 57 1.73 1.57 14.24
C ALA C 57 0.29 1.06 14.29
N GLU C 58 -0.68 1.99 14.26
CA GLU C 58 -2.09 1.62 14.31
C GLU C 58 -2.47 0.79 13.07
N ALA C 59 -1.94 1.17 11.91
CA ALA C 59 -2.23 0.44 10.67
C ALA C 59 -1.75 -1.00 10.82
N LYS C 60 -0.58 -1.14 11.44
CA LYS C 60 -0.03 -2.45 11.69
C LYS C 60 -0.90 -3.18 12.72
N LYS C 61 -1.38 -2.44 13.74
CA LYS C 61 -2.23 -3.04 14.78
C LYS C 61 -3.51 -3.58 14.16
N LEU C 62 -4.02 -2.89 13.13
CA LEU C 62 -5.24 -3.33 12.44
C LEU C 62 -5.02 -4.69 11.80
N ASN C 63 -3.83 -4.88 11.24
CA ASN C 63 -3.49 -6.15 10.61
C ASN C 63 -3.65 -7.26 11.67
N ASP C 64 -3.29 -6.93 12.92
CA ASP C 64 -3.42 -7.85 14.05
C ASP C 64 -4.88 -7.92 14.52
N ALA C 65 -5.57 -6.77 14.48
CA ALA C 65 -6.96 -6.67 14.91
C ALA C 65 -7.91 -7.38 13.93
N GLN C 66 -7.55 -7.35 12.64
CA GLN C 66 -8.36 -7.97 11.59
C GLN C 66 -7.88 -9.39 11.31
N ALA C 67 -6.72 -9.73 11.86
CA ALA C 67 -6.11 -11.03 11.68
C ALA C 67 -7.03 -12.16 12.17
N LYS A 16 -0.74 -14.10 -4.93
CA LYS A 16 -1.15 -13.40 -3.71
C LYS A 16 -0.50 -12.03 -3.65
N LEU A 17 -1.29 -11.02 -3.31
CA LEU A 17 -0.79 -9.65 -3.20
C LEU A 17 -0.98 -9.12 -1.80
N VAL A 18 -0.05 -8.28 -1.38
CA VAL A 18 -0.08 -7.70 -0.04
C VAL A 18 0.36 -6.24 -0.08
N PHE A 19 -0.35 -5.36 0.63
CA PHE A 19 -0.02 -3.94 0.68
C PHE A 19 0.71 -3.64 1.96
N PHE A 20 1.84 -2.96 1.85
CA PHE A 20 2.65 -2.59 3.02
C PHE A 20 3.26 -1.21 2.87
N ALA A 21 3.59 -0.60 4.01
CA ALA A 21 4.22 0.72 4.04
C ALA A 21 5.56 0.61 4.76
N GLU A 22 6.60 1.26 4.20
CA GLU A 22 7.93 1.21 4.83
C GLU A 22 8.36 2.59 5.30
N ASP A 23 8.84 2.66 6.55
CA ASP A 23 9.32 3.90 7.13
C ASP A 23 10.63 4.26 6.46
N VAL A 24 10.66 5.42 5.84
CA VAL A 24 11.85 5.88 5.10
C VAL A 24 12.39 7.20 5.65
N GLY A 25 12.23 7.38 6.98
CA GLY A 25 12.71 8.56 7.75
C GLY A 25 13.05 9.77 6.87
N SER A 26 12.01 10.37 6.28
CA SER A 26 12.17 11.54 5.42
C SER A 26 10.83 12.23 5.23
N ASN A 27 10.81 13.33 4.48
CA ASN A 27 9.57 14.06 4.21
C ASN A 27 8.53 13.12 3.58
N LYS A 28 9.05 12.09 2.94
CA LYS A 28 8.25 11.06 2.30
C LYS A 28 7.40 10.30 3.33
N GLY A 29 7.90 10.23 4.57
CA GLY A 29 7.21 9.50 5.64
C GLY A 29 7.43 8.01 5.40
N ALA A 30 6.42 7.37 4.79
CA ALA A 30 6.51 5.96 4.44
C ALA A 30 6.20 5.78 2.95
N ILE A 31 6.66 4.66 2.37
CA ILE A 31 6.43 4.39 0.95
C ILE A 31 5.45 3.25 0.79
N ILE A 32 4.42 3.47 -0.04
CA ILE A 32 3.44 2.43 -0.30
C ILE A 32 4.00 1.48 -1.34
N GLY A 33 4.16 0.23 -0.94
CA GLY A 33 4.65 -0.81 -1.81
C GLY A 33 3.84 -2.06 -1.57
N LEU A 34 3.72 -2.89 -2.59
CA LEU A 34 2.96 -4.12 -2.48
C LEU A 34 3.78 -5.31 -2.93
N MET A 35 3.45 -6.44 -2.33
CA MET A 35 4.12 -7.70 -2.62
C MET A 35 3.29 -8.49 -3.64
N VAL A 36 3.97 -9.22 -4.53
CA VAL A 36 3.30 -10.04 -5.56
C VAL A 36 3.81 -11.48 -5.47
N GLY A 37 2.89 -12.44 -5.29
CA GLY A 37 3.27 -13.85 -5.17
C GLY A 37 4.32 -14.03 -4.08
N GLY A 38 4.11 -13.33 -2.97
CA GLY A 38 5.04 -13.36 -1.85
C GLY A 38 4.67 -14.39 -0.79
N VAL A 39 5.27 -14.23 0.38
CA VAL A 39 5.05 -15.15 1.51
C VAL A 39 4.51 -14.38 2.72
N VAL A 40 3.36 -14.83 3.24
CA VAL A 40 2.74 -14.21 4.42
C VAL A 40 1.91 -15.25 5.18
N GLY B 25 9.10 -13.22 -3.52
CA GLY B 25 8.05 -12.66 -4.38
C GLY B 25 8.47 -11.31 -4.96
N GLU B 26 7.84 -10.93 -6.07
CA GLU B 26 8.12 -9.65 -6.72
C GLU B 26 7.47 -8.54 -5.90
N ILE B 27 8.28 -7.58 -5.46
CA ILE B 27 7.76 -6.46 -4.67
C ILE B 27 7.75 -5.17 -5.50
N VAL B 28 6.56 -4.54 -5.53
CA VAL B 28 6.31 -3.32 -6.29
C VAL B 28 6.17 -2.09 -5.37
N TYR B 29 6.61 -0.94 -5.90
CA TYR B 29 6.50 0.34 -5.18
C TYR B 29 5.81 1.37 -6.07
N LEU B 30 4.75 2.00 -5.53
CA LEU B 30 3.99 3.01 -6.30
C LEU B 30 3.92 4.36 -5.56
N PRO B 31 5.03 4.89 -5.07
CA PRO B 31 5.03 6.21 -4.38
C PRO B 31 4.65 7.33 -5.34
N ASN B 32 4.74 7.03 -6.64
CA ASN B 32 4.43 8.00 -7.68
C ASN B 32 2.93 8.08 -7.95
N LEU B 33 2.15 7.19 -7.31
CA LEU B 33 0.70 7.19 -7.50
C LEU B 33 0.02 7.96 -6.39
N ASN B 34 -0.94 8.79 -6.79
CA ASN B 34 -1.70 9.61 -5.83
C ASN B 34 -2.59 8.70 -4.98
N PRO B 35 -3.04 9.16 -3.82
CA PRO B 35 -3.92 8.33 -2.93
C PRO B 35 -5.14 7.82 -3.71
N ASP B 36 -5.59 8.64 -4.67
CA ASP B 36 -6.72 8.27 -5.52
C ASP B 36 -6.33 7.07 -6.39
N GLN B 37 -5.16 7.17 -7.02
CA GLN B 37 -4.66 6.13 -7.89
C GLN B 37 -4.42 4.83 -7.09
N LEU B 38 -3.83 4.96 -5.90
CA LEU B 38 -3.56 3.80 -5.05
C LEU B 38 -4.88 3.18 -4.60
N CYS B 39 -5.84 4.03 -4.19
CA CYS B 39 -7.15 3.54 -3.74
C CYS B 39 -7.87 2.86 -4.90
N ALA B 40 -7.74 3.43 -6.10
CA ALA B 40 -8.37 2.87 -7.30
C ALA B 40 -7.78 1.49 -7.58
N PHE B 41 -6.46 1.41 -7.46
CA PHE B 41 -5.73 0.16 -7.69
C PHE B 41 -6.09 -0.87 -6.62
N ILE B 42 -5.95 -0.48 -5.36
CA ILE B 42 -6.25 -1.35 -4.23
C ILE B 42 -7.68 -1.86 -4.28
N HIS B 43 -8.62 -1.00 -4.69
CA HIS B 43 -10.01 -1.40 -4.80
C HIS B 43 -10.15 -2.43 -5.91
N SER B 44 -9.46 -2.16 -7.02
CA SER B 44 -9.48 -3.04 -8.18
C SER B 44 -8.86 -4.42 -7.88
N LEU B 45 -7.71 -4.43 -7.20
CA LEU B 45 -7.04 -5.71 -6.86
C LEU B 45 -7.96 -6.58 -6.02
N HIS B 46 -8.60 -5.94 -5.06
CA HIS B 46 -9.50 -6.62 -4.14
C HIS B 46 -10.77 -7.13 -4.86
N ASP B 47 -11.26 -6.36 -5.84
CA ASP B 47 -12.47 -6.78 -6.59
C ASP B 47 -12.24 -8.09 -7.33
N ASP B 48 -11.05 -8.24 -7.93
CA ASP B 48 -10.72 -9.44 -8.70
C ASP B 48 -9.23 -9.79 -8.56
N PRO B 49 -8.82 -10.41 -7.47
CA PRO B 49 -7.39 -10.79 -7.24
C PRO B 49 -6.83 -11.65 -8.38
N SER B 50 -7.73 -12.36 -9.07
CA SER B 50 -7.31 -13.21 -10.18
C SER B 50 -6.67 -12.38 -11.29
N GLN B 51 -7.21 -11.17 -11.49
CA GLN B 51 -6.71 -10.24 -12.51
C GLN B 51 -5.64 -9.30 -11.93
N SER B 52 -5.21 -9.56 -10.69
CA SER B 52 -4.22 -8.71 -10.02
C SER B 52 -2.95 -8.53 -10.87
N ALA B 53 -2.54 -9.60 -11.56
CA ALA B 53 -1.34 -9.54 -12.40
C ALA B 53 -1.51 -8.53 -13.53
N ASN B 54 -2.65 -8.61 -14.24
CA ASN B 54 -2.93 -7.70 -15.34
C ASN B 54 -3.12 -6.29 -14.83
N LEU B 55 -3.94 -6.14 -13.77
CA LEU B 55 -4.21 -4.84 -13.17
C LEU B 55 -2.92 -4.18 -12.70
N LEU B 56 -2.06 -4.98 -12.09
CA LEU B 56 -0.77 -4.49 -11.60
C LEU B 56 0.09 -4.01 -12.77
N ALA B 57 -0.04 -4.66 -13.93
CA ALA B 57 0.72 -4.24 -15.10
C ALA B 57 0.36 -2.80 -15.44
N GLU B 58 -0.92 -2.48 -15.22
CA GLU B 58 -1.45 -1.13 -15.45
C GLU B 58 -0.90 -0.18 -14.41
N ALA B 59 -0.82 -0.67 -13.16
CA ALA B 59 -0.34 0.16 -12.09
C ALA B 59 1.15 0.40 -12.27
N LYS B 60 1.85 -0.60 -12.84
CA LYS B 60 3.27 -0.45 -13.10
C LYS B 60 3.46 0.59 -14.18
N LYS B 61 2.57 0.56 -15.18
CA LYS B 61 2.58 1.55 -16.25
C LYS B 61 2.25 2.91 -15.65
N LEU B 62 1.39 2.91 -14.62
CA LEU B 62 1.03 4.13 -13.89
C LEU B 62 2.26 4.64 -13.15
N ASN B 63 3.04 3.69 -12.61
CA ASN B 63 4.27 4.02 -11.88
C ASN B 63 5.17 4.85 -12.78
N ASP B 64 5.21 4.47 -14.07
CA ASP B 64 5.98 5.18 -15.08
C ASP B 64 5.20 6.42 -15.56
N ALA B 65 3.87 6.29 -15.57
CA ALA B 65 2.98 7.38 -16.03
C ALA B 65 3.05 8.60 -15.11
N GLN B 66 3.32 8.36 -13.82
CA GLN B 66 3.39 9.44 -12.83
C GLN B 66 4.77 9.53 -12.21
N ALA B 67 5.70 8.78 -12.80
CA ALA B 67 7.08 8.72 -12.35
C ALA B 67 7.73 10.11 -12.35
N GLY C 25 13.82 1.74 7.11
CA GLY C 25 13.17 1.84 8.42
C GLY C 25 12.22 0.67 8.64
N GLU C 26 11.38 0.81 9.67
CA GLU C 26 10.42 -0.23 9.99
C GLU C 26 9.42 -0.37 8.87
N ILE C 27 9.00 -1.60 8.62
CA ILE C 27 8.03 -1.88 7.58
C ILE C 27 6.77 -2.50 8.19
N VAL C 28 5.62 -2.13 7.62
CA VAL C 28 4.32 -2.59 8.09
C VAL C 28 3.52 -3.21 6.94
N TYR C 29 3.13 -4.48 7.11
CA TYR C 29 2.32 -5.19 6.10
C TYR C 29 0.87 -5.20 6.50
N LEU C 30 -0.01 -4.98 5.50
CA LEU C 30 -1.46 -4.94 5.73
C LEU C 30 -2.19 -6.06 4.95
N PRO C 31 -2.15 -7.31 5.42
CA PRO C 31 -2.83 -8.44 4.75
C PRO C 31 -4.29 -8.57 5.20
N ASN C 32 -4.48 -8.84 6.48
CA ASN C 32 -5.82 -8.99 7.07
C ASN C 32 -6.65 -7.70 6.91
N LEU C 33 -5.95 -6.57 6.85
CA LEU C 33 -6.60 -5.25 6.72
C LEU C 33 -7.55 -5.21 5.53
N ASN C 34 -8.62 -4.42 5.66
CA ASN C 34 -9.61 -4.27 4.58
C ASN C 34 -9.11 -3.23 3.56
N PRO C 35 -9.52 -3.34 2.30
CA PRO C 35 -9.07 -2.37 1.27
C PRO C 35 -9.57 -0.96 1.57
N ASP C 36 -10.79 -0.88 2.13
CA ASP C 36 -11.36 0.40 2.51
C ASP C 36 -10.45 1.03 3.56
N GLN C 37 -9.94 0.18 4.46
CA GLN C 37 -9.04 0.60 5.50
C GLN C 37 -7.71 1.04 4.87
N LEU C 38 -7.26 0.31 3.84
CA LEU C 38 -6.01 0.65 3.14
C LEU C 38 -6.12 2.04 2.52
N CYS C 39 -7.27 2.33 1.91
CA CYS C 39 -7.48 3.64 1.28
C CYS C 39 -7.37 4.75 2.32
N ALA C 40 -8.04 4.55 3.46
CA ALA C 40 -7.99 5.53 4.55
C ALA C 40 -6.56 5.64 5.07
N PHE C 41 -5.88 4.49 5.15
CA PHE C 41 -4.50 4.43 5.62
C PHE C 41 -3.59 5.26 4.71
N ILE C 42 -3.65 4.98 3.41
CA ILE C 42 -2.82 5.70 2.43
C ILE C 42 -3.12 7.19 2.47
N HIS C 43 -4.40 7.55 2.63
CA HIS C 43 -4.79 8.96 2.72
C HIS C 43 -4.14 9.60 3.94
N SER C 44 -4.08 8.83 5.04
CA SER C 44 -3.48 9.32 6.28
C SER C 44 -1.96 9.54 6.10
N LEU C 45 -1.30 8.58 5.42
CA LEU C 45 0.14 8.68 5.17
C LEU C 45 0.45 9.95 4.37
N HIS C 46 -0.38 10.18 3.34
CA HIS C 46 -0.22 11.35 2.47
C HIS C 46 -0.55 12.64 3.22
N ASP C 47 -1.67 12.63 3.95
CA ASP C 47 -2.13 13.81 4.70
C ASP C 47 -1.09 14.26 5.74
N ASP C 48 -0.49 13.29 6.44
CA ASP C 48 0.52 13.61 7.47
C ASP C 48 1.76 12.72 7.30
N PRO C 49 2.73 13.17 6.52
CA PRO C 49 3.99 12.39 6.28
C PRO C 49 4.77 12.14 7.57
N SER C 50 4.91 13.19 8.40
CA SER C 50 5.65 13.09 9.65
C SER C 50 5.00 12.09 10.61
N GLN C 51 3.68 11.98 10.54
CA GLN C 51 2.91 11.07 11.38
C GLN C 51 2.73 9.72 10.69
N SER C 52 3.28 9.57 9.48
CA SER C 52 3.16 8.30 8.74
C SER C 52 3.65 7.12 9.59
N ALA C 53 4.74 7.35 10.32
CA ALA C 53 5.31 6.32 11.19
C ALA C 53 4.30 5.96 12.29
N ASN C 54 3.66 7.00 12.87
CA ASN C 54 2.66 6.78 13.90
C ASN C 54 1.47 6.01 13.32
N LEU C 55 1.11 6.36 12.08
CA LEU C 55 0.00 5.71 11.39
C LEU C 55 0.36 4.25 11.15
N LEU C 56 1.65 3.99 10.93
CA LEU C 56 2.12 2.62 10.71
C LEU C 56 1.87 1.79 11.96
N ALA C 57 2.10 2.39 13.12
CA ALA C 57 1.88 1.70 14.39
C ALA C 57 0.41 1.33 14.56
N GLU C 58 -0.49 2.30 14.34
CA GLU C 58 -1.93 2.05 14.47
C GLU C 58 -2.43 1.12 13.36
N ALA C 59 -1.94 1.33 12.13
CA ALA C 59 -2.33 0.51 10.99
C ALA C 59 -1.89 -0.93 11.23
N LYS C 60 -0.64 -1.08 11.64
CA LYS C 60 -0.09 -2.38 11.97
C LYS C 60 -0.83 -2.95 13.16
N LYS C 61 -1.23 -2.08 14.10
CA LYS C 61 -1.96 -2.51 15.26
C LYS C 61 -3.35 -2.95 14.82
N LEU C 62 -3.86 -2.24 13.82
CA LEU C 62 -5.17 -2.52 13.25
C LEU C 62 -5.15 -3.90 12.60
N ASN C 63 -4.03 -4.20 11.94
CA ASN C 63 -3.84 -5.50 11.32
C ASN C 63 -3.96 -6.59 12.38
N ASP C 64 -3.42 -6.28 13.57
CA ASP C 64 -3.50 -7.19 14.71
C ASP C 64 -4.94 -7.22 15.28
N ALA C 65 -5.59 -6.05 15.25
CA ALA C 65 -6.96 -5.90 15.75
C ALA C 65 -7.98 -6.61 14.85
N GLN C 66 -7.73 -6.56 13.53
CA GLN C 66 -8.63 -7.18 12.54
C GLN C 66 -8.17 -8.59 12.21
N ALA C 67 -7.03 -8.97 12.79
CA ALA C 67 -6.45 -10.29 12.59
C ALA C 67 -7.36 -11.41 13.12
#